data_1N2C
#
_entry.id   1N2C
#
_cell.length_a   79.000
_cell.length_b   299.700
_cell.length_c   334.500
_cell.angle_alpha   90.00
_cell.angle_beta   90.00
_cell.angle_gamma   90.00
#
_symmetry.space_group_name_H-M   'C 2 2 21'
#
loop_
_entity.id
_entity.type
_entity.pdbx_description
1 polymer 'NITROGENASE MOLYBDENUM-IRON PROTEIN'
2 polymer 'NITROGENASE MOLYBDENUM-IRON PROTEIN'
3 polymer 'NITROGENASE IRON PROTEIN'
4 non-polymer '3-HYDROXY-3-CARBOXY-ADIPIC ACID'
5 non-polymer 'FE-MO-S CLUSTER'
6 non-polymer 'CALCIUM ION'
7 non-polymer 'FE(8)-S(7) CLUSTER'
8 non-polymer 'MAGNESIUM ION'
9 non-polymer 'TETRAFLUOROALUMINATE ION'
10 non-polymer "ADENOSINE-5'-DIPHOSPHATE"
11 non-polymer 'IRON/SULFUR CLUSTER'
#
loop_
_entity_poly.entity_id
_entity_poly.type
_entity_poly.pdbx_seq_one_letter_code
_entity_poly.pdbx_strand_id
1 'polypeptide(L)'
;TGMSREEVESLIQEVLEVYPEKARKDRNKHLAVNDPAVTQSKKCIISNKKSQPGLMTIRGCAYAGSKGVVWGPIKDMIHI
SHGPVGCGQYSRAGRRNYYIGTTGVNAFVTMNFTSDFQEKDIVFGGDKKLAKLIDEVETLFPLNKGISVQSECPIGLIGD
DIESVSKVKGAELSKTIVPVRCEGFRGVSQSLGHHIANDAVRDWVLGKRDEDTTFASTPYDVAIIGDYNIGGDAWSSRIL
LEEMGLRCVAQWSGDGSISEIELTPKVKLNLVHCYRSMNYISRHMEEKYGIPWMEYNFFGPTKTIESLRAIAAKFDESIQ
KKCEEVIAKYKPEWEAVVAKYRPRLEGKRVMLYIGGLRPRHVIGAYEDLGMEVVGTGYEFAHNDDYDRTMKEMGDSTLLY
DDVTGYEFEEFVKRIKPDLIGSGIKEKFIFQKMGIPFREMHSWDYSGPYHGFDGFAIFARDMDMTLNNPCWKKLQAPWEA
SEGAEKVAASA
;
A,C
2 'polypeptide(L)'
;SQQVDKIKASYPLFLDQDYKDMLAKKRDGFEEKYPQDKIDEVFQWTTTKEYQELNFQREALTVNPAKACQPLGAVLCALG
FEKTMPYVHGSQGCVAYFRSYFNRHFREPVSCVSDSMTEDAAVFGGQQNMKDGLQNCKATYKPDMIAVSTTCMAEVIGDD
LNAFINNSKKEGFIPDEFPVPFAHTPSFVGSHVTGWDNMFEGIARYFTLKSMDDKVVGSNKKINIVPGFETYLGNFRVIK
RMLSEMGVGYSLLSDPEEVLDTPADGQFRMYAGGTTQEEMKDAPNALNTVLLQPWHLEKTKKFVEGTWKHEVPKLNIPMG
LDWTDEFLMKVSEISGQPIPASLTKERGRLVDMMTDSHTWLHGKRFALWGDPDFVMGLVKFLLELGCEPVHILCHNGNKR
WKKAVDAILAASPYGKNATVYIGKDLWHLRSLVFTDKPDFMIGNSYGKFIQRDTLHKGKEFEVPLIRIGFPIFDRHHLHR
STTLGYEGAMQILTTLVNSILERLDEETRGMQATDYNHDLVR
;
B,D
3 'polypeptide(L)'
;AMRQCAIYGKGGIGKSTTTQNLVAALAEMGKKVMIVGCDPKADSTRLILHSKAQNTIMEMAAEAGTVEDLELEDVLKAGY
GGVKCVESGGPEPGVGCAGRGVITAINFLEEEGAYEDDLDFVFYDVLGDVVCGGFAMPIRENKAQEIYIVCSGEMMAMYA
ANNISKGIVKYANSGSVRLGGLICNSRNTDREDELIIALANKLGTQMIHFVPRDNVVQRAEIRRMTVIEYDPKAKQADEY
RALARKVVDNKLLVIPNPITMDELEELLMEFGIMEVEDESIVGKTAEEV
;
E,F,G,H
#
loop_
_chem_comp.id
_chem_comp.type
_chem_comp.name
_chem_comp.formula
ADP non-polymer ADENOSINE-5'-DIPHOSPHATE 'C10 H15 N5 O10 P2'
ALF non-polymer 'TETRAFLUOROALUMINATE ION' 'Al F4 -1'
CA non-polymer 'CALCIUM ION' 'Ca 2'
CFM non-polymer 'FE-MO-S CLUSTER' 'Fe7 Mo S9'
CLF non-polymer 'FE(8)-S(7) CLUSTER' 'Fe8 S7'
HCA non-polymer '3-HYDROXY-3-CARBOXY-ADIPIC ACID' 'C7 H10 O7'
MG non-polymer 'MAGNESIUM ION' 'Mg 2'
SF4 non-polymer 'IRON/SULFUR CLUSTER' 'Fe4 S4'
#
# COMPACT_ATOMS: atom_id res chain seq x y z
N MET A 3 4.10 46.54 8.78
CA MET A 3 3.89 47.86 8.09
C MET A 3 4.70 48.89 8.85
N SER A 4 5.09 49.96 8.16
CA SER A 4 5.88 51.07 8.73
C SER A 4 7.27 50.65 9.22
N ARG A 5 8.31 51.28 8.67
CA ARG A 5 9.68 50.95 9.05
C ARG A 5 9.95 51.01 10.55
N GLU A 6 9.16 51.80 11.25
CA GLU A 6 9.33 51.94 12.69
C GLU A 6 8.90 50.65 13.39
N GLU A 7 7.76 50.10 12.99
CA GLU A 7 7.28 48.85 13.57
C GLU A 7 8.24 47.73 13.18
N VAL A 8 8.78 47.81 11.97
CA VAL A 8 9.74 46.81 11.47
C VAL A 8 11.07 46.87 12.23
N GLU A 9 11.65 48.06 12.31
CA GLU A 9 12.92 48.26 13.02
C GLU A 9 12.82 47.77 14.46
N SER A 10 11.64 47.93 15.05
CA SER A 10 11.40 47.48 16.42
C SER A 10 11.51 45.96 16.38
N LEU A 11 10.86 45.35 15.39
CA LEU A 11 10.86 43.89 15.22
C LEU A 11 12.30 43.37 15.15
N ILE A 12 13.08 43.92 14.22
CA ILE A 12 14.48 43.54 14.06
C ILE A 12 15.21 43.62 15.39
N GLN A 13 15.09 44.77 16.05
CA GLN A 13 15.74 45.00 17.34
C GLN A 13 15.29 44.04 18.44
N GLU A 14 14.04 43.61 18.38
CA GLU A 14 13.49 42.68 19.37
C GLU A 14 14.11 41.31 19.21
N VAL A 15 14.13 40.81 17.98
CA VAL A 15 14.69 39.49 17.67
C VAL A 15 16.16 39.44 18.09
N LEU A 16 16.91 40.48 17.75
CA LEU A 16 18.32 40.58 18.08
C LEU A 16 18.64 40.41 19.57
N GLU A 17 17.64 40.63 20.42
CA GLU A 17 17.80 40.53 21.87
C GLU A 17 18.33 39.21 22.44
N VAL A 18 18.00 38.08 21.82
CA VAL A 18 18.45 36.78 22.30
C VAL A 18 19.92 36.53 22.03
N TYR A 19 20.47 37.23 21.03
CA TYR A 19 21.86 37.05 20.64
C TYR A 19 22.88 37.59 21.61
N PRO A 20 23.94 36.80 21.88
CA PRO A 20 24.99 37.26 22.79
C PRO A 20 25.63 38.44 22.05
N GLU A 21 25.99 39.50 22.77
CA GLU A 21 26.56 40.70 22.17
C GLU A 21 27.31 40.53 20.84
N LYS A 22 28.27 39.61 20.79
CA LYS A 22 29.02 39.38 19.57
C LYS A 22 28.12 39.09 18.35
N ALA A 23 27.26 38.07 18.48
CA ALA A 23 26.35 37.69 17.42
C ALA A 23 25.32 38.77 17.12
N ARG A 24 24.87 39.47 18.17
CA ARG A 24 23.88 40.54 18.03
C ARG A 24 24.43 41.63 17.12
N LYS A 25 25.67 42.05 17.39
CA LYS A 25 26.35 43.08 16.62
C LYS A 25 26.38 42.73 15.13
N ASP A 26 26.80 41.51 14.81
CA ASP A 26 26.90 41.06 13.43
C ASP A 26 25.54 40.98 12.74
N ARG A 27 24.60 40.29 13.36
CA ARG A 27 23.27 40.12 12.77
C ARG A 27 22.54 41.39 12.39
N ASN A 28 22.68 42.44 13.21
CA ASN A 28 22.03 43.71 12.93
C ASN A 28 22.40 44.24 11.53
N LYS A 29 23.64 43.98 11.14
CA LYS A 29 24.14 44.42 9.83
C LYS A 29 23.51 43.68 8.66
N HIS A 30 22.80 42.59 8.94
CA HIS A 30 22.20 41.80 7.88
C HIS A 30 20.67 41.87 7.86
N LEU A 31 20.12 42.75 8.69
CA LEU A 31 18.68 42.93 8.76
C LEU A 31 18.49 44.40 8.45
N ALA A 32 17.61 44.71 7.51
CA ALA A 32 17.39 46.09 7.12
C ALA A 32 16.01 46.32 6.54
N VAL A 33 15.53 47.56 6.67
CA VAL A 33 14.23 47.93 6.14
C VAL A 33 14.48 48.58 4.78
N ASN A 34 13.89 48.00 3.75
CA ASN A 34 14.05 48.50 2.40
C ASN A 34 13.54 49.93 2.18
N ASP A 35 14.19 50.60 1.26
CA ASP A 35 13.86 51.97 0.85
C ASP A 35 14.38 52.08 -0.57
N PRO A 36 13.48 52.13 -1.57
CA PRO A 36 13.91 52.25 -2.96
C PRO A 36 14.82 53.47 -3.11
N ALA A 37 15.44 53.61 -4.28
CA ALA A 37 16.36 54.73 -4.55
C ALA A 37 17.72 54.48 -3.88
N VAL A 38 17.71 54.03 -2.62
CA VAL A 38 18.96 53.72 -1.94
C VAL A 38 19.63 52.62 -2.76
N THR A 39 20.86 52.85 -3.18
CA THR A 39 21.58 51.89 -3.99
C THR A 39 22.96 51.54 -3.42
N GLN A 40 22.98 50.75 -2.35
CA GLN A 40 24.23 50.33 -1.71
C GLN A 40 23.97 49.55 -0.42
N SER A 41 24.97 49.55 0.46
CA SER A 41 24.91 48.90 1.75
C SER A 41 24.54 49.93 2.81
N LYS A 42 24.66 51.21 2.44
CA LYS A 42 24.34 52.35 3.31
C LYS A 42 23.11 51.99 4.13
N LYS A 43 22.10 51.46 3.43
CA LYS A 43 20.85 51.06 4.06
C LYS A 43 21.10 49.77 4.83
N CYS A 44 21.75 49.93 5.99
CA CYS A 44 22.09 48.86 6.91
C CYS A 44 22.00 47.44 6.36
N ILE A 45 22.67 47.18 5.24
CA ILE A 45 22.62 45.85 4.66
C ILE A 45 23.95 45.37 4.08
N ILE A 46 24.60 44.48 4.83
CA ILE A 46 25.86 43.92 4.36
C ILE A 46 25.62 42.43 4.13
N SER A 47 26.19 41.91 3.05
CA SER A 47 26.01 40.52 2.68
C SER A 47 27.31 39.80 2.36
N ASN A 48 27.18 38.54 1.97
CA ASN A 48 28.32 37.69 1.59
C ASN A 48 29.43 37.63 2.65
N LYS A 49 29.04 37.39 3.89
CA LYS A 49 30.02 37.30 4.98
C LYS A 49 29.86 36.02 5.79
N LYS A 50 30.90 35.70 6.56
CA LYS A 50 30.92 34.51 7.40
C LYS A 50 29.62 34.38 8.17
N SER A 51 29.03 33.19 8.12
CA SER A 51 27.80 32.92 8.85
C SER A 51 28.14 32.67 10.31
N GLN A 52 27.37 33.27 11.22
CA GLN A 52 27.63 33.10 12.65
C GLN A 52 27.43 31.66 13.09
N PRO A 53 28.43 31.10 13.78
CA PRO A 53 28.37 29.72 14.27
C PRO A 53 27.26 29.52 15.28
N GLY A 54 26.54 28.40 15.14
CA GLY A 54 25.47 28.10 16.07
C GLY A 54 24.11 28.74 15.81
N LEU A 55 24.03 29.73 14.94
CA LEU A 55 22.74 30.38 14.70
C LEU A 55 21.85 29.66 13.69
N MET A 56 22.22 28.43 13.35
CA MET A 56 21.48 27.61 12.39
C MET A 56 21.09 28.37 11.13
N THR A 57 22.07 28.65 10.27
CA THR A 57 21.77 29.36 9.03
C THR A 57 21.30 28.35 8.00
N ILE A 58 20.84 28.83 6.86
CA ILE A 58 20.33 27.95 5.81
C ILE A 58 21.32 27.84 4.64
N ARG A 59 22.54 28.31 4.84
CA ARG A 59 23.56 28.27 3.78
C ARG A 59 24.10 26.88 3.49
N GLY A 60 24.82 26.76 2.37
CA GLY A 60 25.42 25.50 1.97
C GLY A 60 26.93 25.63 1.89
N CYS A 61 27.56 24.80 1.06
CA CYS A 61 29.02 24.82 0.91
C CYS A 61 29.42 25.01 -0.53
N ALA A 62 30.70 25.33 -0.74
CA ALA A 62 31.26 25.54 -2.07
C ALA A 62 30.96 24.35 -2.98
N TYR A 63 31.01 23.15 -2.42
CA TYR A 63 30.72 21.93 -3.18
C TYR A 63 29.34 22.04 -3.80
N ALA A 64 28.37 22.48 -3.01
CA ALA A 64 27.00 22.67 -3.47
C ALA A 64 26.98 23.68 -4.61
N GLY A 65 27.84 24.69 -4.51
CA GLY A 65 27.94 25.72 -5.52
C GLY A 65 28.42 25.17 -6.84
N SER A 66 29.39 24.25 -6.80
CA SER A 66 29.91 23.65 -8.03
C SER A 66 29.11 22.43 -8.45
N LYS A 67 29.26 21.32 -7.72
CA LYS A 67 28.53 20.10 -8.08
C LYS A 67 27.03 20.31 -8.04
N GLY A 68 26.56 20.88 -6.92
CA GLY A 68 25.13 21.11 -6.76
C GLY A 68 24.44 21.91 -7.84
N VAL A 69 24.86 23.16 -8.04
CA VAL A 69 24.19 24.02 -9.03
C VAL A 69 24.82 24.21 -10.41
N VAL A 70 26.13 24.42 -10.49
CA VAL A 70 26.78 24.66 -11.77
C VAL A 70 27.21 23.47 -12.62
N TRP A 71 28.07 22.62 -12.06
CA TRP A 71 28.58 21.46 -12.78
C TRP A 71 27.67 20.24 -12.89
N GLY A 72 26.96 19.93 -11.82
CA GLY A 72 26.07 18.78 -11.84
C GLY A 72 25.11 18.74 -13.01
N PRO A 73 24.38 19.82 -13.30
CA PRO A 73 23.41 19.93 -14.40
C PRO A 73 23.84 19.47 -15.80
N ILE A 74 25.14 19.45 -16.07
CA ILE A 74 25.64 19.05 -17.39
C ILE A 74 25.35 17.57 -17.64
N LYS A 75 24.53 17.31 -18.66
CA LYS A 75 24.09 15.96 -19.03
C LYS A 75 25.17 14.95 -19.39
N ASP A 76 25.70 15.08 -20.62
CA ASP A 76 26.72 14.18 -21.16
C ASP A 76 28.09 14.34 -20.54
N MET A 77 28.15 14.38 -19.22
CA MET A 77 29.41 14.54 -18.53
C MET A 77 29.29 13.88 -17.16
N ILE A 78 30.33 13.17 -16.75
CA ILE A 78 30.32 12.49 -15.46
C ILE A 78 31.01 13.36 -14.42
N HIS A 79 30.29 13.61 -13.33
CA HIS A 79 30.81 14.44 -12.24
C HIS A 79 31.08 13.59 -11.02
N ILE A 80 32.35 13.55 -10.62
CA ILE A 80 32.78 12.76 -9.48
C ILE A 80 32.81 13.55 -8.18
N SER A 81 32.00 13.14 -7.21
CA SER A 81 32.00 13.77 -5.91
C SER A 81 33.24 13.15 -5.28
N HIS A 82 34.35 13.88 -5.37
CA HIS A 82 35.63 13.43 -4.85
C HIS A 82 35.76 13.68 -3.36
N GLY A 83 35.72 12.61 -2.59
CA GLY A 83 35.81 12.70 -1.15
C GLY A 83 34.97 11.60 -0.53
N PRO A 84 34.69 11.68 0.77
CA PRO A 84 33.89 10.65 1.46
C PRO A 84 32.46 10.61 0.89
N VAL A 85 31.77 9.48 1.08
CA VAL A 85 30.40 9.39 0.60
C VAL A 85 29.62 10.37 1.49
N GLY A 86 28.50 10.87 1.01
CA GLY A 86 27.75 11.81 1.82
C GLY A 86 27.37 12.95 0.93
N CYS A 87 28.30 13.88 0.70
CA CYS A 87 28.05 15.02 -0.20
C CYS A 87 27.33 14.56 -1.44
N GLY A 88 27.90 13.57 -2.12
CA GLY A 88 27.30 13.03 -3.33
C GLY A 88 25.92 12.43 -3.08
N GLN A 89 25.82 11.59 -2.05
CA GLN A 89 24.56 10.93 -1.71
C GLN A 89 23.45 11.93 -1.40
N TYR A 90 23.69 12.79 -0.41
CA TYR A 90 22.72 13.80 0.00
C TYR A 90 22.36 14.69 -1.18
N SER A 91 23.32 14.88 -2.07
CA SER A 91 23.11 15.72 -3.24
C SER A 91 22.51 14.97 -4.43
N ARG A 92 22.56 13.64 -4.39
CA ARG A 92 22.03 12.85 -5.50
C ARG A 92 20.58 13.12 -5.82
N ALA A 93 20.36 13.65 -7.02
CA ALA A 93 19.04 13.96 -7.55
C ALA A 93 18.19 14.81 -6.62
N GLY A 94 18.82 15.77 -5.95
CA GLY A 94 18.11 16.65 -5.06
C GLY A 94 17.56 17.81 -5.87
N ARG A 95 18.45 18.49 -6.57
CA ARG A 95 18.09 19.62 -7.41
C ARG A 95 17.34 19.13 -8.65
N ARG A 96 16.29 19.84 -9.02
CA ARG A 96 15.49 19.45 -10.18
C ARG A 96 15.94 20.07 -11.49
N ASN A 97 17.25 20.01 -11.73
CA ASN A 97 17.83 20.53 -12.96
C ASN A 97 17.53 19.48 -14.02
N TYR A 98 16.37 19.63 -14.66
CA TYR A 98 15.91 18.70 -15.67
C TYR A 98 16.76 18.54 -16.94
N TYR A 99 16.71 17.36 -17.54
CA TYR A 99 17.48 17.07 -18.74
C TYR A 99 16.83 16.03 -19.66
N ILE A 100 17.39 15.86 -20.84
CA ILE A 100 16.89 14.93 -21.85
C ILE A 100 18.06 14.03 -22.23
N GLY A 101 18.00 12.79 -21.78
CA GLY A 101 19.05 11.85 -22.07
C GLY A 101 18.76 10.46 -21.52
N THR A 102 19.56 9.49 -21.95
CA THR A 102 19.39 8.13 -21.49
C THR A 102 20.33 8.01 -20.29
N THR A 103 19.78 8.25 -19.11
CA THR A 103 20.55 8.21 -17.87
C THR A 103 21.30 6.90 -17.71
N GLY A 104 22.62 7.00 -17.59
CA GLY A 104 23.44 5.82 -17.42
C GLY A 104 24.29 5.52 -18.64
N VAL A 105 23.82 5.93 -19.82
CA VAL A 105 24.60 5.66 -21.03
C VAL A 105 25.22 6.91 -21.66
N ASN A 106 24.46 7.99 -21.77
CA ASN A 106 24.99 9.25 -22.34
C ASN A 106 24.80 10.44 -21.39
N ALA A 107 23.75 10.39 -20.57
CA ALA A 107 23.46 11.45 -19.60
C ALA A 107 23.67 10.81 -18.24
N PHE A 108 24.18 11.57 -17.28
CA PHE A 108 24.46 10.99 -15.97
C PHE A 108 24.03 11.78 -14.73
N VAL A 109 23.29 12.86 -14.94
CA VAL A 109 22.81 13.72 -13.85
C VAL A 109 22.25 13.00 -12.61
N THR A 110 21.27 12.13 -12.84
CA THR A 110 20.61 11.34 -11.80
C THR A 110 21.59 10.58 -10.89
N MET A 111 22.68 10.14 -11.48
CA MET A 111 23.68 9.34 -10.77
C MET A 111 24.58 10.08 -9.80
N ASN A 112 25.16 9.31 -8.88
CA ASN A 112 26.06 9.83 -7.89
C ASN A 112 27.38 9.08 -8.00
N PHE A 113 28.33 9.67 -8.71
CA PHE A 113 29.64 9.05 -8.85
C PHE A 113 30.49 9.64 -7.74
N THR A 114 31.12 8.78 -6.97
CA THR A 114 31.96 9.24 -5.89
C THR A 114 33.18 8.35 -5.75
N SER A 115 34.22 8.88 -5.17
CA SER A 115 35.44 8.12 -4.94
C SER A 115 35.36 7.44 -3.58
N ASP A 116 34.20 7.56 -2.94
CA ASP A 116 33.90 6.97 -1.64
C ASP A 116 35.14 6.86 -0.75
N PHE A 117 35.73 8.00 -0.44
CA PHE A 117 36.92 8.04 0.39
C PHE A 117 36.76 7.25 1.67
N GLN A 118 37.80 6.50 1.98
CA GLN A 118 37.87 5.70 3.19
C GLN A 118 39.14 6.18 3.84
N GLU A 119 39.26 5.97 5.15
CA GLU A 119 40.42 6.39 5.93
C GLU A 119 41.78 6.32 5.25
N LYS A 120 42.14 5.17 4.69
CA LYS A 120 43.44 5.02 4.03
C LYS A 120 43.66 5.96 2.86
N ASP A 121 42.58 6.43 2.26
CA ASP A 121 42.64 7.36 1.14
C ASP A 121 43.02 8.76 1.63
N ILE A 122 42.66 9.06 2.88
CA ILE A 122 42.98 10.36 3.46
C ILE A 122 44.45 10.33 3.87
N VAL A 123 44.78 9.38 4.73
CA VAL A 123 46.13 9.21 5.25
C VAL A 123 47.20 9.16 4.15
N PHE A 124 46.89 8.47 3.05
CA PHE A 124 47.84 8.34 1.95
C PHE A 124 47.50 9.16 0.71
N GLY A 125 46.37 9.85 0.73
CA GLY A 125 45.98 10.67 -0.41
C GLY A 125 45.47 9.86 -1.59
N GLY A 126 44.16 9.92 -1.81
CA GLY A 126 43.57 9.19 -2.91
C GLY A 126 43.85 9.69 -4.32
N ASP A 127 45.03 10.23 -4.56
CA ASP A 127 45.37 10.73 -5.89
C ASP A 127 45.50 9.59 -6.89
N LYS A 128 45.96 8.43 -6.40
CA LYS A 128 46.09 7.25 -7.25
C LYS A 128 44.70 6.67 -7.47
N LYS A 129 43.88 6.69 -6.42
CA LYS A 129 42.52 6.18 -6.47
C LYS A 129 41.75 6.88 -7.57
N LEU A 130 41.91 8.21 -7.63
CA LEU A 130 41.25 9.02 -8.63
C LEU A 130 41.61 8.53 -10.03
N ALA A 131 42.90 8.39 -10.30
CA ALA A 131 43.37 7.93 -11.61
C ALA A 131 42.71 6.60 -11.99
N LYS A 132 42.80 5.63 -11.09
CA LYS A 132 42.22 4.31 -11.31
C LYS A 132 40.71 4.45 -11.53
N LEU A 133 40.10 5.34 -10.76
CA LEU A 133 38.66 5.60 -10.85
C LEU A 133 38.31 6.03 -12.27
N ILE A 134 39.00 7.04 -12.76
CA ILE A 134 38.77 7.57 -14.10
C ILE A 134 38.77 6.46 -15.14
N ASP A 135 39.78 5.59 -15.10
CA ASP A 135 39.86 4.47 -16.05
C ASP A 135 38.59 3.62 -15.96
N GLU A 136 38.17 3.32 -14.74
CA GLU A 136 36.97 2.53 -14.52
C GLU A 136 35.78 3.24 -15.15
N VAL A 137 35.76 4.56 -15.06
CA VAL A 137 34.68 5.36 -15.64
C VAL A 137 34.67 5.19 -17.15
N GLU A 138 35.81 5.44 -17.79
CA GLU A 138 35.91 5.33 -19.24
C GLU A 138 35.47 3.95 -19.72
N THR A 139 35.81 2.93 -18.95
CA THR A 139 35.46 1.56 -19.29
C THR A 139 33.95 1.31 -19.16
N LEU A 140 33.38 1.75 -18.04
CA LEU A 140 31.97 1.53 -17.75
C LEU A 140 30.99 2.54 -18.33
N PHE A 141 31.49 3.70 -18.74
CA PHE A 141 30.64 4.75 -19.30
C PHE A 141 31.36 5.36 -20.50
N PRO A 142 31.53 4.57 -21.57
CA PRO A 142 32.21 4.96 -22.81
C PRO A 142 31.67 6.25 -23.44
N LEU A 143 30.37 6.43 -23.37
CA LEU A 143 29.71 7.59 -23.96
C LEU A 143 29.83 8.94 -23.24
N ASN A 144 30.59 9.01 -22.16
CA ASN A 144 30.75 10.29 -21.47
C ASN A 144 31.60 11.21 -22.33
N LYS A 145 31.25 12.49 -22.35
CA LYS A 145 32.00 13.46 -23.12
C LYS A 145 32.92 14.29 -22.24
N GLY A 146 33.13 13.83 -21.02
CA GLY A 146 33.99 14.56 -20.10
C GLY A 146 33.74 14.15 -18.67
N ILE A 147 34.64 14.55 -17.79
CA ILE A 147 34.56 14.25 -16.38
C ILE A 147 34.90 15.51 -15.58
N SER A 148 34.51 15.56 -14.32
CA SER A 148 34.81 16.71 -13.47
C SER A 148 34.94 16.21 -12.04
N VAL A 149 36.03 16.55 -11.37
CA VAL A 149 36.20 16.15 -9.99
C VAL A 149 35.74 17.30 -9.09
N GLN A 150 34.76 17.03 -8.23
CA GLN A 150 34.23 18.05 -7.34
C GLN A 150 34.83 17.81 -5.97
N SER A 151 35.75 18.68 -5.57
CA SER A 151 36.40 18.55 -4.28
C SER A 151 35.49 18.72 -3.07
N GLU A 152 35.55 17.75 -2.17
CA GLU A 152 34.80 17.81 -0.92
C GLU A 152 35.89 18.24 0.08
N CYS A 153 35.49 18.78 1.23
CA CYS A 153 36.46 19.25 2.23
C CYS A 153 37.83 18.55 2.30
N PRO A 154 37.83 17.23 2.54
CA PRO A 154 39.09 16.48 2.62
C PRO A 154 40.12 16.80 1.55
N ILE A 155 39.67 16.80 0.31
CA ILE A 155 40.55 17.04 -0.84
C ILE A 155 41.34 18.34 -0.71
N GLY A 156 40.67 19.38 -0.22
CA GLY A 156 41.33 20.67 -0.05
C GLY A 156 42.37 20.62 1.03
N LEU A 157 42.06 19.96 2.13
CA LEU A 157 43.00 19.88 3.25
C LEU A 157 44.26 19.06 2.96
N ILE A 158 44.06 17.78 2.63
CA ILE A 158 45.18 16.88 2.36
C ILE A 158 46.04 17.31 1.16
N GLY A 159 45.51 18.21 0.34
CA GLY A 159 46.25 18.68 -0.81
C GLY A 159 46.56 17.60 -1.83
N ASP A 160 45.53 17.06 -2.45
CA ASP A 160 45.73 16.05 -3.48
C ASP A 160 45.91 16.83 -4.78
N ASP A 161 46.95 16.51 -5.55
CA ASP A 161 47.22 17.20 -6.80
C ASP A 161 46.22 16.78 -7.90
N ILE A 162 44.92 17.00 -7.64
CA ILE A 162 43.88 16.62 -8.60
C ILE A 162 44.07 17.28 -9.96
N GLU A 163 44.68 18.46 -9.98
CA GLU A 163 44.93 19.16 -11.23
C GLU A 163 45.76 18.25 -12.14
N SER A 164 46.85 17.74 -11.60
CA SER A 164 47.75 16.86 -12.36
C SER A 164 47.05 15.60 -12.81
N VAL A 165 46.36 14.93 -11.90
CA VAL A 165 45.65 13.70 -12.24
C VAL A 165 44.74 13.96 -13.43
N SER A 166 44.07 15.11 -13.42
CA SER A 166 43.17 15.50 -14.49
C SER A 166 43.92 15.74 -15.80
N LYS A 167 45.00 16.50 -15.73
CA LYS A 167 45.80 16.81 -16.91
C LYS A 167 46.46 15.58 -17.54
N VAL A 168 47.02 14.72 -16.70
CA VAL A 168 47.68 13.50 -17.18
C VAL A 168 46.69 12.53 -17.78
N LYS A 169 45.66 12.18 -17.02
CA LYS A 169 44.64 11.25 -17.51
C LYS A 169 43.94 11.83 -18.74
N GLY A 170 43.66 13.13 -18.69
CA GLY A 170 43.01 13.80 -19.80
C GLY A 170 43.78 13.66 -21.09
N ALA A 171 45.09 13.95 -21.03
CA ALA A 171 45.96 13.87 -22.20
C ALA A 171 46.00 12.44 -22.74
N GLU A 172 46.12 11.49 -21.82
CA GLU A 172 46.16 10.07 -22.16
C GLU A 172 44.87 9.61 -22.85
N LEU A 173 43.77 9.71 -22.12
CA LEU A 173 42.45 9.27 -22.61
C LEU A 173 41.83 10.20 -23.65
N SER A 174 42.42 11.38 -23.85
CA SER A 174 41.91 12.37 -24.81
C SER A 174 40.49 12.79 -24.42
N LYS A 175 40.28 12.93 -23.12
CA LYS A 175 38.99 13.34 -22.57
C LYS A 175 39.17 14.58 -21.72
N THR A 176 38.16 15.44 -21.73
CA THR A 176 38.19 16.65 -20.93
C THR A 176 37.89 16.28 -19.48
N ILE A 177 38.87 16.47 -18.60
CA ILE A 177 38.68 16.17 -17.20
C ILE A 177 38.91 17.48 -16.46
N VAL A 178 37.87 17.98 -15.82
CA VAL A 178 37.92 19.26 -15.12
C VAL A 178 38.05 19.16 -13.60
N PRO A 179 39.19 19.61 -13.06
CA PRO A 179 39.45 19.60 -11.61
C PRO A 179 38.88 20.84 -10.93
N VAL A 180 37.87 20.65 -10.10
CA VAL A 180 37.25 21.76 -9.40
C VAL A 180 37.59 21.75 -7.92
N ARG A 181 38.10 22.87 -7.42
CA ARG A 181 38.47 23.00 -6.02
C ARG A 181 37.32 23.62 -5.19
N CYS A 182 36.17 22.97 -5.21
CA CYS A 182 35.01 23.47 -4.47
C CYS A 182 34.86 22.85 -3.09
N GLU A 183 35.94 22.85 -2.31
CA GLU A 183 35.91 22.27 -0.98
C GLU A 183 34.90 23.01 -0.11
N GLY A 184 33.97 22.27 0.47
CA GLY A 184 32.93 22.85 1.30
C GLY A 184 33.31 24.00 2.22
N PHE A 185 34.46 23.88 2.88
CA PHE A 185 34.94 24.89 3.81
C PHE A 185 35.40 26.19 3.14
N ARG A 186 35.82 26.08 1.89
CA ARG A 186 36.31 27.23 1.15
C ARG A 186 35.19 28.22 0.85
N GLY A 187 35.29 29.42 1.38
CA GLY A 187 34.28 30.43 1.14
C GLY A 187 33.38 30.64 2.34
N VAL A 188 32.11 30.95 2.08
CA VAL A 188 31.14 31.20 3.15
C VAL A 188 29.76 30.65 2.80
N SER A 189 29.60 30.16 1.59
CA SER A 189 28.32 29.63 1.15
C SER A 189 28.50 28.99 -0.22
N GLN A 190 27.39 28.74 -0.91
CA GLN A 190 27.44 28.15 -2.23
C GLN A 190 27.99 29.19 -3.20
N SER A 191 27.86 30.45 -2.83
CA SER A 191 28.29 31.56 -3.67
C SER A 191 29.68 31.43 -4.27
N LEU A 192 30.70 31.30 -3.43
CA LEU A 192 32.06 31.16 -3.94
C LEU A 192 32.12 29.94 -4.86
N GLY A 193 31.33 28.92 -4.54
CA GLY A 193 31.28 27.71 -5.36
C GLY A 193 30.97 28.07 -6.80
N HIS A 194 30.08 29.05 -6.99
CA HIS A 194 29.71 29.50 -8.33
C HIS A 194 30.95 30.06 -9.01
N HIS A 195 31.57 31.06 -8.36
CA HIS A 195 32.75 31.71 -8.89
C HIS A 195 33.83 30.70 -9.27
N ILE A 196 34.05 29.73 -8.40
CA ILE A 196 35.06 28.69 -8.62
C ILE A 196 34.68 27.85 -9.85
N ALA A 197 33.45 27.35 -9.87
CA ALA A 197 32.96 26.55 -10.99
C ALA A 197 33.13 27.32 -12.30
N ASN A 198 32.78 28.60 -12.30
CA ASN A 198 32.90 29.45 -13.48
C ASN A 198 34.35 29.47 -13.95
N ASP A 199 35.26 29.75 -13.03
CA ASP A 199 36.70 29.79 -13.35
C ASP A 199 37.16 28.45 -13.94
N ALA A 200 36.69 27.36 -13.35
CA ALA A 200 37.02 26.02 -13.83
C ALA A 200 36.59 25.90 -15.30
N VAL A 201 35.35 26.32 -15.59
CA VAL A 201 34.84 26.27 -16.95
C VAL A 201 35.76 27.06 -17.86
N ARG A 202 36.05 28.29 -17.44
CA ARG A 202 36.90 29.20 -18.19
C ARG A 202 38.22 28.56 -18.58
N ASP A 203 38.91 28.00 -17.59
CA ASP A 203 40.21 27.38 -17.77
C ASP A 203 40.27 26.00 -18.41
N TRP A 204 39.27 25.17 -18.14
CA TRP A 204 39.28 23.81 -18.67
C TRP A 204 38.33 23.45 -19.80
N VAL A 205 37.29 24.25 -20.02
CA VAL A 205 36.31 23.92 -21.07
C VAL A 205 36.10 24.95 -22.18
N LEU A 206 35.79 26.18 -21.80
CA LEU A 206 35.52 27.25 -22.77
C LEU A 206 36.55 27.39 -23.89
N GLY A 207 37.81 27.56 -23.52
CA GLY A 207 38.87 27.71 -24.50
C GLY A 207 39.06 26.64 -25.56
N LYS A 208 38.52 25.43 -25.32
CA LYS A 208 38.68 24.31 -26.24
C LYS A 208 38.42 24.58 -27.72
N ARG A 209 37.42 25.37 -28.03
CA ARG A 209 37.10 25.63 -29.43
C ARG A 209 37.49 26.99 -29.99
N ASP A 210 38.39 27.70 -29.30
CA ASP A 210 38.83 29.01 -29.75
C ASP A 210 39.42 29.06 -31.15
N GLU A 211 40.22 28.06 -31.50
CA GLU A 211 40.84 28.00 -32.82
C GLU A 211 39.90 27.48 -33.91
N ASP A 212 38.83 26.80 -33.50
CA ASP A 212 37.85 26.23 -34.41
C ASP A 212 36.86 27.28 -34.91
N THR A 213 36.66 27.31 -36.22
CA THR A 213 35.74 28.26 -36.84
C THR A 213 34.66 27.56 -37.67
N THR A 214 34.56 26.24 -37.55
CA THR A 214 33.59 25.46 -38.32
C THR A 214 32.12 25.72 -38.00
N PHE A 215 31.84 26.11 -36.76
CA PHE A 215 30.46 26.39 -36.35
C PHE A 215 29.82 27.55 -37.12
N ALA A 216 28.71 27.26 -37.77
CA ALA A 216 27.98 28.25 -38.54
C ALA A 216 27.17 29.17 -37.62
N SER A 217 27.64 30.40 -37.44
CA SER A 217 26.96 31.35 -36.58
C SER A 217 25.96 32.19 -37.36
N THR A 218 25.02 32.81 -36.66
CA THR A 218 24.02 33.66 -37.29
C THR A 218 23.96 34.94 -36.48
N PRO A 219 23.38 36.01 -37.05
CA PRO A 219 23.25 37.30 -36.35
C PRO A 219 22.35 37.22 -35.12
N TYR A 220 21.63 36.12 -34.96
CA TYR A 220 20.71 35.94 -33.85
C TYR A 220 21.10 34.84 -32.88
N ASP A 221 22.37 34.46 -32.89
CA ASP A 221 22.86 33.43 -31.99
C ASP A 221 22.98 33.97 -30.57
N VAL A 222 22.14 33.47 -29.69
CA VAL A 222 22.17 33.90 -28.30
C VAL A 222 22.44 32.70 -27.41
N ALA A 223 22.69 32.98 -26.14
CA ALA A 223 22.95 31.92 -25.16
C ALA A 223 22.28 32.30 -23.85
N ILE A 224 21.62 31.33 -23.25
CA ILE A 224 20.93 31.53 -21.98
C ILE A 224 21.92 31.08 -20.92
N ILE A 225 22.37 31.97 -20.08
CA ILE A 225 23.31 31.59 -19.02
C ILE A 225 22.72 31.91 -17.66
N GLY A 226 22.77 30.94 -16.75
CA GLY A 226 22.22 31.15 -15.43
C GLY A 226 20.80 30.64 -15.31
N ASP A 227 20.45 29.64 -16.12
CA ASP A 227 19.12 29.06 -16.06
C ASP A 227 19.36 27.57 -15.95
N TYR A 228 19.05 27.01 -14.79
CA TYR A 228 19.27 25.60 -14.53
C TYR A 228 18.13 24.66 -14.85
N ASN A 229 17.18 25.15 -15.64
CA ASN A 229 16.04 24.34 -16.06
C ASN A 229 15.32 23.63 -14.92
N ILE A 230 15.21 24.29 -13.78
CA ILE A 230 14.53 23.69 -12.63
C ILE A 230 13.07 23.42 -13.01
N GLY A 231 12.72 22.14 -13.10
CA GLY A 231 11.37 21.76 -13.46
C GLY A 231 11.03 22.12 -14.90
N GLY A 232 12.05 22.44 -15.70
CA GLY A 232 11.81 22.80 -17.09
C GLY A 232 11.88 24.29 -17.36
N ASP A 233 12.29 25.06 -16.36
CA ASP A 233 12.40 26.52 -16.48
C ASP A 233 13.08 27.01 -17.74
N ALA A 234 14.24 26.44 -18.05
CA ALA A 234 15.00 26.86 -19.22
C ALA A 234 14.22 26.65 -20.51
N TRP A 235 13.67 25.46 -20.68
CA TRP A 235 12.90 25.15 -21.88
C TRP A 235 11.76 26.13 -22.09
N SER A 236 10.98 26.37 -21.06
CA SER A 236 9.86 27.31 -21.16
C SER A 236 10.32 28.73 -21.52
N SER A 237 11.58 29.04 -21.23
CA SER A 237 12.15 30.34 -21.54
C SER A 237 12.70 30.35 -22.97
N ARG A 238 13.37 29.26 -23.33
CA ARG A 238 13.96 29.07 -24.64
C ARG A 238 12.94 29.18 -25.76
N ILE A 239 11.82 28.47 -25.60
CA ILE A 239 10.76 28.46 -26.60
C ILE A 239 10.34 29.88 -27.03
N LEU A 240 10.25 30.78 -26.05
CA LEU A 240 9.85 32.16 -26.33
C LEU A 240 10.91 32.85 -27.18
N LEU A 241 12.15 32.81 -26.71
CA LEU A 241 13.27 33.43 -27.41
C LEU A 241 13.33 32.99 -28.86
N GLU A 242 13.34 31.68 -29.09
CA GLU A 242 13.41 31.14 -30.44
C GLU A 242 12.20 31.53 -31.26
N GLU A 243 11.03 31.60 -30.61
CA GLU A 243 9.82 32.00 -31.30
C GLU A 243 9.98 33.39 -31.90
N MET A 244 10.71 34.27 -31.20
CA MET A 244 10.93 35.61 -31.74
C MET A 244 12.17 35.70 -32.62
N GLY A 245 12.50 34.60 -33.29
CA GLY A 245 13.62 34.57 -34.21
C GLY A 245 15.03 34.33 -33.73
N LEU A 246 15.23 34.23 -32.42
CA LEU A 246 16.57 33.99 -31.90
C LEU A 246 16.94 32.51 -31.97
N ARG A 247 18.23 32.22 -31.88
CA ARG A 247 18.72 30.85 -31.93
C ARG A 247 19.55 30.59 -30.68
N CYS A 248 18.97 29.89 -29.71
CA CYS A 248 19.68 29.58 -28.47
C CYS A 248 20.73 28.52 -28.70
N VAL A 249 21.95 28.97 -28.92
CA VAL A 249 23.07 28.07 -29.15
C VAL A 249 23.36 27.22 -27.93
N ALA A 250 23.27 27.83 -26.75
CA ALA A 250 23.53 27.09 -25.52
C ALA A 250 22.81 27.62 -24.29
N GLN A 251 22.52 26.71 -23.37
CA GLN A 251 21.87 27.01 -22.10
C GLN A 251 22.91 26.60 -21.10
N TRP A 252 23.24 27.47 -20.16
CA TRP A 252 24.24 27.12 -19.18
C TRP A 252 23.71 26.44 -17.94
N SER A 253 23.92 25.12 -17.94
CA SER A 253 23.52 24.21 -16.88
C SER A 253 22.03 23.93 -16.85
N GLY A 254 21.43 23.83 -18.03
CA GLY A 254 20.01 23.51 -18.12
C GLY A 254 20.02 22.12 -18.67
N ASP A 255 19.59 21.99 -19.92
CA ASP A 255 19.61 20.71 -20.60
C ASP A 255 20.96 20.81 -21.33
N GLY A 256 21.97 21.24 -20.59
CA GLY A 256 23.29 21.48 -21.16
C GLY A 256 24.25 20.33 -21.41
N SER A 257 24.94 20.43 -22.54
CA SER A 257 25.92 19.43 -22.95
C SER A 257 27.26 20.16 -23.04
N ILE A 258 28.36 19.43 -22.92
CA ILE A 258 29.68 20.04 -22.99
C ILE A 258 29.89 20.75 -24.34
N SER A 259 29.35 20.15 -25.40
CA SER A 259 29.47 20.71 -26.75
C SER A 259 28.96 22.15 -26.82
N GLU A 260 27.68 22.33 -26.48
CA GLU A 260 27.10 23.67 -26.52
C GLU A 260 27.80 24.67 -25.60
N ILE A 261 28.43 24.17 -24.55
CA ILE A 261 29.16 25.06 -23.65
C ILE A 261 30.38 25.56 -24.41
N GLU A 262 31.04 24.66 -25.12
CA GLU A 262 32.22 25.02 -25.90
C GLU A 262 31.84 25.95 -27.06
N LEU A 263 30.60 25.79 -27.54
CA LEU A 263 30.07 26.61 -28.64
C LEU A 263 29.76 28.05 -28.21
N THR A 264 29.39 28.23 -26.94
CA THR A 264 29.05 29.53 -26.39
C THR A 264 29.88 30.75 -26.84
N PRO A 265 31.21 30.62 -26.91
CA PRO A 265 32.02 31.78 -27.35
C PRO A 265 31.71 32.29 -28.76
N LYS A 266 30.78 31.64 -29.46
CA LYS A 266 30.40 32.05 -30.81
C LYS A 266 29.04 32.77 -30.85
N VAL A 267 28.40 32.92 -29.69
CA VAL A 267 27.11 33.59 -29.63
C VAL A 267 27.28 35.09 -29.74
N LYS A 268 26.28 35.72 -30.36
CA LYS A 268 26.28 37.17 -30.55
C LYS A 268 25.93 37.93 -29.28
N LEU A 269 25.18 37.30 -28.38
CA LEU A 269 24.77 37.92 -27.13
C LEU A 269 24.49 36.91 -26.03
N ASN A 270 24.85 37.26 -24.80
CA ASN A 270 24.63 36.40 -23.64
C ASN A 270 23.52 36.95 -22.76
N LEU A 271 22.47 36.16 -22.62
CA LEU A 271 21.32 36.53 -21.80
C LEU A 271 21.50 35.91 -20.41
N VAL A 272 21.77 36.77 -19.43
CA VAL A 272 22.00 36.32 -18.06
C VAL A 272 20.74 36.38 -17.22
N HIS A 273 20.30 35.22 -16.73
CA HIS A 273 19.11 35.18 -15.89
C HIS A 273 19.59 35.24 -14.45
N CYS A 274 20.30 34.21 -14.02
CA CYS A 274 20.82 34.16 -12.67
C CYS A 274 22.13 34.94 -12.59
N TYR A 275 22.04 36.19 -12.18
CA TYR A 275 23.19 37.05 -12.07
C TYR A 275 24.27 36.47 -11.15
N ARG A 276 23.90 36.26 -9.89
CA ARG A 276 24.81 35.73 -8.86
C ARG A 276 25.70 34.55 -9.24
N SER A 277 25.20 33.64 -10.05
CA SER A 277 25.99 32.47 -10.40
C SER A 277 26.81 32.51 -11.68
N MET A 278 26.35 33.25 -12.68
CA MET A 278 27.05 33.31 -13.96
C MET A 278 27.74 34.61 -14.35
N ASN A 279 27.47 35.70 -13.63
CA ASN A 279 28.09 36.97 -14.00
C ASN A 279 29.59 36.88 -14.23
N TYR A 280 30.25 36.01 -13.47
CA TYR A 280 31.69 35.83 -13.57
C TYR A 280 32.11 35.46 -15.00
N ILE A 281 31.63 34.32 -15.47
CA ILE A 281 31.98 33.85 -16.82
C ILE A 281 31.48 34.80 -17.90
N SER A 282 30.34 35.46 -17.63
CA SER A 282 29.74 36.40 -18.58
C SER A 282 30.73 37.52 -18.87
N ARG A 283 31.31 38.06 -17.79
CA ARG A 283 32.28 39.13 -17.91
C ARG A 283 33.51 38.64 -18.65
N HIS A 284 33.95 37.42 -18.34
CA HIS A 284 35.11 36.86 -19.02
C HIS A 284 34.87 36.72 -20.53
N MET A 285 33.71 36.21 -20.90
CA MET A 285 33.37 36.03 -22.30
C MET A 285 33.37 37.37 -23.04
N GLU A 286 32.97 38.43 -22.33
CA GLU A 286 32.94 39.76 -22.91
C GLU A 286 34.36 40.27 -23.15
N GLU A 287 35.11 40.49 -22.07
CA GLU A 287 36.47 40.98 -22.17
C GLU A 287 37.35 40.18 -23.12
N LYS A 288 37.03 38.90 -23.32
CA LYS A 288 37.82 38.07 -24.21
C LYS A 288 37.26 37.96 -25.63
N TYR A 289 36.11 37.31 -25.77
CA TYR A 289 35.49 37.11 -27.09
C TYR A 289 34.70 38.33 -27.54
N GLY A 290 34.63 39.35 -26.68
CA GLY A 290 33.89 40.56 -27.02
C GLY A 290 32.40 40.33 -27.11
N ILE A 291 31.90 39.31 -26.42
CA ILE A 291 30.48 38.98 -26.44
C ILE A 291 29.75 39.73 -25.33
N PRO A 292 28.90 40.70 -25.70
CA PRO A 292 28.15 41.49 -24.72
C PRO A 292 27.13 40.65 -23.96
N TRP A 293 26.83 41.03 -22.72
CA TRP A 293 25.87 40.30 -21.90
C TRP A 293 24.91 41.26 -21.20
N MET A 294 23.67 40.83 -21.07
CA MET A 294 22.62 41.62 -20.42
C MET A 294 21.81 40.71 -19.52
N GLU A 295 21.27 41.27 -18.44
CA GLU A 295 20.46 40.51 -17.48
C GLU A 295 19.01 40.57 -17.94
N TYR A 296 18.19 39.65 -17.43
CA TYR A 296 16.78 39.63 -17.78
C TYR A 296 15.98 38.84 -16.77
N ASN A 297 14.66 38.94 -16.86
CA ASN A 297 13.78 38.24 -15.94
C ASN A 297 12.58 37.66 -16.67
N PHE A 298 12.24 36.42 -16.34
CA PHE A 298 11.11 35.76 -16.97
C PHE A 298 10.04 35.37 -15.96
N PHE A 299 10.13 35.92 -14.76
CA PHE A 299 9.16 35.61 -13.73
C PHE A 299 7.96 36.54 -13.81
N GLY A 300 6.89 36.06 -14.43
CA GLY A 300 5.69 36.86 -14.57
C GLY A 300 5.62 37.49 -15.93
N PRO A 301 4.41 37.75 -16.46
CA PRO A 301 4.27 38.35 -17.78
C PRO A 301 4.92 39.73 -17.93
N THR A 302 4.64 40.65 -17.01
CA THR A 302 5.23 41.99 -17.11
C THR A 302 6.74 41.90 -17.28
N LYS A 303 7.39 41.19 -16.36
CA LYS A 303 8.83 41.01 -16.39
C LYS A 303 9.30 40.30 -17.66
N THR A 304 8.59 39.24 -18.03
CA THR A 304 8.92 38.49 -19.23
C THR A 304 8.87 39.40 -20.47
N ILE A 305 7.73 40.04 -20.67
CA ILE A 305 7.51 40.97 -21.78
C ILE A 305 8.59 42.04 -21.78
N GLU A 306 8.86 42.62 -20.60
CA GLU A 306 9.88 43.65 -20.45
C GLU A 306 11.20 43.15 -21.03
N SER A 307 11.59 41.95 -20.58
CA SER A 307 12.81 41.32 -21.02
C SER A 307 12.80 41.04 -22.52
N LEU A 308 11.75 40.37 -22.99
CA LEU A 308 11.61 40.03 -24.41
C LEU A 308 11.85 41.22 -25.33
N ARG A 309 11.30 42.36 -24.96
CA ARG A 309 11.47 43.57 -25.73
C ARG A 309 12.90 44.08 -25.63
N ALA A 310 13.39 44.26 -24.40
CA ALA A 310 14.75 44.73 -24.17
C ALA A 310 15.77 43.88 -24.92
N ILE A 311 15.52 42.58 -24.99
CA ILE A 311 16.40 41.64 -25.69
C ILE A 311 16.29 41.85 -27.20
N ALA A 312 15.07 41.87 -27.72
CA ALA A 312 14.85 42.07 -29.16
C ALA A 312 15.43 43.40 -29.58
N ALA A 313 15.43 44.36 -28.67
CA ALA A 313 15.93 45.70 -28.93
C ALA A 313 17.42 45.69 -29.24
N LYS A 314 18.11 44.63 -28.82
CA LYS A 314 19.54 44.52 -29.07
C LYS A 314 19.81 44.02 -30.48
N PHE A 315 18.73 43.67 -31.19
CA PHE A 315 18.83 43.16 -32.56
C PHE A 315 18.12 44.09 -33.54
N ASP A 316 17.93 43.61 -34.77
CA ASP A 316 17.26 44.38 -35.81
C ASP A 316 15.73 44.28 -35.74
N GLU A 317 15.06 44.88 -36.73
CA GLU A 317 13.60 44.89 -36.77
C GLU A 317 12.90 43.56 -36.95
N SER A 318 13.44 42.64 -37.74
CA SER A 318 12.79 41.35 -37.95
C SER A 318 12.57 40.69 -36.58
N ILE A 319 13.58 40.77 -35.73
CA ILE A 319 13.52 40.23 -34.38
C ILE A 319 12.48 40.98 -33.54
N GLN A 320 12.61 42.30 -33.49
CA GLN A 320 11.69 43.14 -32.73
C GLN A 320 10.24 42.95 -33.15
N LYS A 321 10.01 42.85 -34.46
CA LYS A 321 8.67 42.66 -35.00
C LYS A 321 8.15 41.32 -34.51
N LYS A 322 8.99 40.29 -34.57
CA LYS A 322 8.61 38.96 -34.11
C LYS A 322 8.31 38.99 -32.62
N CYS A 323 9.15 39.69 -31.87
CA CYS A 323 8.98 39.81 -30.42
C CYS A 323 7.53 40.18 -30.11
N GLU A 324 7.03 41.19 -30.83
CA GLU A 324 5.66 41.66 -30.64
C GLU A 324 4.64 40.58 -30.97
N GLU A 325 4.89 39.82 -32.02
CA GLU A 325 3.99 38.73 -32.43
C GLU A 325 3.91 37.72 -31.29
N VAL A 326 5.06 37.46 -30.67
CA VAL A 326 5.14 36.52 -29.55
C VAL A 326 4.32 37.07 -28.38
N ILE A 327 4.59 38.31 -28.00
CA ILE A 327 3.87 38.98 -26.93
C ILE A 327 2.37 38.94 -27.20
N ALA A 328 2.00 39.18 -28.45
CA ALA A 328 0.61 39.17 -28.86
C ALA A 328 0.02 37.78 -28.71
N LYS A 329 0.75 36.78 -29.20
CA LYS A 329 0.32 35.39 -29.14
C LYS A 329 -0.04 34.94 -27.71
N TYR A 330 0.91 35.13 -26.80
CA TYR A 330 0.73 34.71 -25.41
C TYR A 330 -0.14 35.63 -24.55
N LYS A 331 -0.48 36.80 -25.06
CA LYS A 331 -1.28 37.74 -24.30
C LYS A 331 -2.60 37.18 -23.75
N PRO A 332 -3.47 36.63 -24.62
CA PRO A 332 -4.74 36.08 -24.15
C PRO A 332 -4.56 35.02 -23.06
N GLU A 333 -3.47 34.28 -23.16
CA GLU A 333 -3.17 33.22 -22.21
C GLU A 333 -2.86 33.74 -20.81
N TRP A 334 -1.75 34.47 -20.65
CA TRP A 334 -1.39 34.98 -19.34
C TRP A 334 -2.48 35.89 -18.80
N GLU A 335 -3.19 36.55 -19.71
CA GLU A 335 -4.29 37.45 -19.37
C GLU A 335 -5.39 36.63 -18.72
N ALA A 336 -5.72 35.50 -19.34
CA ALA A 336 -6.74 34.60 -18.82
C ALA A 336 -6.30 34.06 -17.47
N VAL A 337 -5.01 33.80 -17.34
CA VAL A 337 -4.43 33.29 -16.10
C VAL A 337 -4.69 34.26 -14.95
N VAL A 338 -4.25 35.51 -15.10
CA VAL A 338 -4.45 36.51 -14.05
C VAL A 338 -5.94 36.73 -13.79
N ALA A 339 -6.73 36.73 -14.86
CA ALA A 339 -8.17 36.93 -14.78
C ALA A 339 -8.83 35.92 -13.85
N LYS A 340 -8.30 34.70 -13.85
CA LYS A 340 -8.83 33.64 -13.01
C LYS A 340 -8.24 33.62 -11.60
N TYR A 341 -6.91 33.64 -11.53
CA TYR A 341 -6.22 33.57 -10.25
C TYR A 341 -6.05 34.84 -9.43
N ARG A 342 -5.77 35.97 -10.08
CA ARG A 342 -5.59 37.21 -9.34
C ARG A 342 -6.68 37.47 -8.29
N PRO A 343 -7.96 37.32 -8.64
CA PRO A 343 -9.03 37.56 -7.67
C PRO A 343 -8.88 36.70 -6.41
N ARG A 344 -8.37 35.49 -6.57
CA ARG A 344 -8.20 34.58 -5.46
C ARG A 344 -6.97 34.92 -4.60
N LEU A 345 -6.03 35.64 -5.20
CA LEU A 345 -4.80 36.01 -4.51
C LEU A 345 -4.62 37.53 -4.32
N GLU A 346 -5.61 38.30 -4.76
CA GLU A 346 -5.56 39.76 -4.65
C GLU A 346 -5.20 40.25 -3.25
N GLY A 347 -4.21 41.13 -3.18
CA GLY A 347 -3.79 41.68 -1.91
C GLY A 347 -3.17 40.75 -0.88
N LYS A 348 -3.01 39.47 -1.22
CA LYS A 348 -2.43 38.53 -0.28
C LYS A 348 -0.93 38.78 -0.13
N ARG A 349 -0.49 38.96 1.12
CA ARG A 349 0.91 39.24 1.46
C ARG A 349 1.81 38.01 1.47
N VAL A 350 3.02 38.17 0.92
CA VAL A 350 3.98 37.08 0.82
C VAL A 350 5.39 37.45 1.31
N MET A 351 6.03 36.51 1.99
CA MET A 351 7.40 36.68 2.49
C MET A 351 8.26 35.64 1.82
N LEU A 352 9.49 36.01 1.46
CA LEU A 352 10.39 35.10 0.77
C LEU A 352 11.79 35.03 1.36
N TYR A 353 12.51 34.00 0.95
CA TYR A 353 13.89 33.76 1.34
C TYR A 353 14.36 32.62 0.46
N ILE A 354 15.34 32.88 -0.40
CA ILE A 354 15.85 31.87 -1.32
C ILE A 354 17.38 32.00 -1.49
N GLY A 355 17.90 31.61 -2.65
CA GLY A 355 19.32 31.66 -2.89
C GLY A 355 20.00 33.01 -3.14
N GLY A 356 20.16 33.37 -4.41
CA GLY A 356 20.80 34.62 -4.75
C GLY A 356 20.32 35.24 -6.06
N LEU A 357 19.01 35.16 -6.29
CA LEU A 357 18.39 35.72 -7.48
C LEU A 357 16.89 35.78 -7.29
N ARG A 358 16.27 34.61 -7.23
CA ARG A 358 14.82 34.49 -7.05
C ARG A 358 14.19 35.42 -6.01
N PRO A 359 14.84 35.61 -4.84
CA PRO A 359 14.27 36.50 -3.82
C PRO A 359 13.82 37.88 -4.32
N ARG A 360 14.39 38.32 -5.45
CA ARG A 360 14.01 39.61 -6.02
C ARG A 360 13.34 39.39 -7.37
N HIS A 361 13.82 38.40 -8.12
CA HIS A 361 13.28 38.13 -9.44
C HIS A 361 11.80 37.73 -9.50
N VAL A 362 11.35 36.94 -8.54
CA VAL A 362 9.96 36.51 -8.52
C VAL A 362 8.95 37.57 -8.06
N ILE A 363 9.45 38.67 -7.49
CA ILE A 363 8.60 39.76 -7.00
C ILE A 363 7.63 40.21 -8.08
N GLY A 364 8.15 40.46 -9.29
CA GLY A 364 7.34 40.90 -10.40
C GLY A 364 6.14 39.99 -10.57
N ALA A 365 6.40 38.69 -10.75
CA ALA A 365 5.34 37.70 -10.92
C ALA A 365 4.28 37.78 -9.84
N TYR A 366 4.70 37.98 -8.60
CA TYR A 366 3.78 38.09 -7.47
C TYR A 366 2.86 39.28 -7.62
N GLU A 367 3.43 40.42 -7.99
CA GLU A 367 2.65 41.63 -8.16
C GLU A 367 1.69 41.51 -9.34
N ASP A 368 2.03 40.66 -10.30
CA ASP A 368 1.17 40.43 -11.46
C ASP A 368 -0.11 39.69 -11.07
N LEU A 369 -0.06 39.00 -9.93
CA LEU A 369 -1.22 38.30 -9.42
C LEU A 369 -1.83 39.09 -8.27
N GLY A 370 -1.41 40.35 -8.15
CA GLY A 370 -1.92 41.23 -7.11
C GLY A 370 -1.41 40.98 -5.70
N MET A 371 -0.36 40.18 -5.56
CA MET A 371 0.18 39.90 -4.24
C MET A 371 1.30 40.88 -3.86
N GLU A 372 1.50 41.06 -2.56
CA GLU A 372 2.51 41.98 -2.07
C GLU A 372 3.58 41.26 -1.27
N VAL A 373 4.82 41.39 -1.69
CA VAL A 373 5.93 40.76 -0.98
C VAL A 373 6.36 41.70 0.17
N VAL A 374 5.92 41.37 1.37
CA VAL A 374 6.21 42.17 2.56
C VAL A 374 7.65 42.01 3.07
N GLY A 375 8.34 40.99 2.58
CA GLY A 375 9.71 40.77 3.02
C GLY A 375 10.42 39.73 2.18
N THR A 376 11.73 39.85 2.07
CA THR A 376 12.50 38.89 1.29
C THR A 376 13.97 38.93 1.71
N GLY A 377 14.70 37.88 1.37
CA GLY A 377 16.11 37.80 1.70
C GLY A 377 16.81 36.70 0.93
N TYR A 378 18.14 36.75 0.96
CA TYR A 378 18.96 35.78 0.26
C TYR A 378 19.84 35.03 1.25
N GLU A 379 20.39 33.92 0.79
CA GLU A 379 21.29 33.12 1.60
C GLU A 379 22.72 33.58 1.36
N PHE A 380 23.06 33.70 0.07
CA PHE A 380 24.41 34.05 -0.34
C PHE A 380 24.62 35.26 -1.24
N ALA A 381 23.56 36.02 -1.51
CA ALA A 381 23.70 37.19 -2.39
C ALA A 381 24.68 38.23 -1.84
N HIS A 382 25.38 38.90 -2.75
CA HIS A 382 26.34 39.94 -2.41
C HIS A 382 25.59 41.25 -2.54
N ASN A 383 26.23 42.35 -2.17
CA ASN A 383 25.58 43.65 -2.28
C ASN A 383 25.17 43.99 -3.70
N ASP A 384 25.78 43.31 -4.67
CA ASP A 384 25.45 43.51 -6.08
C ASP A 384 23.94 43.30 -6.21
N ASP A 385 23.50 42.14 -5.74
CA ASP A 385 22.09 41.74 -5.79
C ASP A 385 21.23 42.67 -4.95
N TYR A 386 21.68 42.97 -3.75
CA TYR A 386 20.93 43.86 -2.86
C TYR A 386 20.61 45.22 -3.47
N ASP A 387 21.52 45.75 -4.29
CA ASP A 387 21.28 47.03 -4.94
C ASP A 387 20.03 46.84 -5.78
N ARG A 388 20.08 45.82 -6.66
CA ARG A 388 18.97 45.48 -7.54
C ARG A 388 17.69 45.15 -6.79
N THR A 389 17.84 44.54 -5.63
CA THR A 389 16.70 44.15 -4.81
C THR A 389 15.90 45.36 -4.34
N MET A 390 16.59 46.40 -3.92
CA MET A 390 15.93 47.59 -3.39
C MET A 390 14.93 48.28 -4.32
N LYS A 391 15.17 48.27 -5.62
CA LYS A 391 14.24 48.91 -6.58
C LYS A 391 13.00 48.03 -6.80
N GLU A 392 13.06 46.79 -6.34
CA GLU A 392 11.97 45.84 -6.49
C GLU A 392 11.06 45.81 -5.27
N MET A 393 11.67 45.87 -4.09
CA MET A 393 10.90 45.83 -2.84
C MET A 393 10.21 47.16 -2.55
N GLY A 394 8.95 47.07 -2.12
CA GLY A 394 8.18 48.25 -1.79
C GLY A 394 8.76 48.88 -0.53
N ASP A 395 8.70 50.21 -0.45
CA ASP A 395 9.23 50.93 0.69
C ASP A 395 8.74 50.31 2.00
N SER A 396 9.68 50.12 2.93
CA SER A 396 9.40 49.56 4.25
C SER A 396 9.18 48.05 4.34
N THR A 397 9.57 47.32 3.30
CA THR A 397 9.46 45.87 3.33
C THR A 397 10.73 45.36 4.02
N LEU A 398 10.64 44.22 4.71
CA LEU A 398 11.79 43.68 5.42
C LEU A 398 12.81 42.97 4.52
N LEU A 399 14.09 43.23 4.77
CA LEU A 399 15.18 42.61 4.03
C LEU A 399 16.12 41.90 5.00
N TYR A 400 16.61 40.73 4.61
CA TYR A 400 17.50 39.94 5.45
C TYR A 400 18.50 39.10 4.65
N ASP A 401 19.73 39.03 5.14
CA ASP A 401 20.80 38.27 4.49
C ASP A 401 21.23 37.16 5.44
N ASP A 402 21.28 35.93 4.93
CA ASP A 402 21.67 34.76 5.72
C ASP A 402 20.84 34.70 7.01
N VAL A 403 19.53 34.84 6.86
CA VAL A 403 18.62 34.85 8.00
C VAL A 403 18.76 33.56 8.82
N THR A 404 18.88 33.73 10.14
CA THR A 404 19.00 32.59 11.03
C THR A 404 17.60 31.97 11.18
N GLY A 405 17.54 30.68 11.47
CA GLY A 405 16.26 30.01 11.63
C GLY A 405 15.36 30.77 12.59
N TYR A 406 15.90 31.04 13.78
CA TYR A 406 15.17 31.77 14.82
C TYR A 406 14.59 33.09 14.30
N GLU A 407 15.39 33.82 13.54
CA GLU A 407 14.96 35.10 12.99
C GLU A 407 13.72 34.96 12.12
N PHE A 408 13.82 34.12 11.09
CA PHE A 408 12.73 33.90 10.16
C PHE A 408 11.45 33.57 10.91
N GLU A 409 11.57 32.76 11.96
CA GLU A 409 10.42 32.38 12.76
C GLU A 409 9.77 33.61 13.39
N GLU A 410 10.54 34.34 14.19
CA GLU A 410 10.02 35.55 14.86
C GLU A 410 9.48 36.57 13.88
N PHE A 411 10.22 36.81 12.80
CA PHE A 411 9.79 37.76 11.77
C PHE A 411 8.41 37.36 11.28
N VAL A 412 8.28 36.09 10.87
CA VAL A 412 7.02 35.55 10.39
C VAL A 412 5.93 35.68 11.43
N LYS A 413 6.28 35.50 12.70
CA LYS A 413 5.30 35.61 13.78
C LYS A 413 4.57 36.96 13.76
N ARG A 414 5.31 38.06 13.67
CA ARG A 414 4.66 39.37 13.66
C ARG A 414 4.11 39.73 12.27
N ILE A 415 4.92 39.53 11.23
CA ILE A 415 4.48 39.84 9.87
C ILE A 415 3.20 39.12 9.47
N LYS A 416 3.06 37.87 9.93
CA LYS A 416 1.88 37.04 9.65
C LYS A 416 1.46 37.03 8.17
N PRO A 417 2.40 36.67 7.26
CA PRO A 417 2.15 36.63 5.82
C PRO A 417 1.08 35.60 5.50
N ASP A 418 0.44 35.76 4.35
CA ASP A 418 -0.59 34.81 3.95
C ASP A 418 0.09 33.61 3.29
N LEU A 419 1.28 33.83 2.76
CA LEU A 419 2.05 32.78 2.09
C LEU A 419 3.54 33.05 2.22
N ILE A 420 4.31 31.98 2.33
CA ILE A 420 5.77 32.07 2.46
C ILE A 420 6.42 31.18 1.42
N GLY A 421 7.50 31.65 0.83
CA GLY A 421 8.19 30.86 -0.17
C GLY A 421 9.66 30.74 0.16
N SER A 422 10.11 29.53 0.47
CA SER A 422 11.51 29.32 0.82
C SER A 422 11.94 27.90 0.44
N GLY A 423 12.96 27.38 1.12
CA GLY A 423 13.45 26.04 0.81
C GLY A 423 12.84 24.88 1.59
N ILE A 424 13.36 23.69 1.31
CA ILE A 424 12.90 22.45 1.93
C ILE A 424 13.10 22.47 3.47
N LYS A 425 14.23 22.98 3.92
CA LYS A 425 14.53 23.05 5.35
C LYS A 425 13.57 24.00 6.10
N GLU A 426 12.73 24.71 5.34
CA GLU A 426 11.79 25.67 5.90
C GLU A 426 10.35 25.18 5.83
N LYS A 427 9.97 24.66 4.67
CA LYS A 427 8.62 24.18 4.40
C LYS A 427 7.75 23.74 5.57
N PHE A 428 8.07 22.58 6.14
CA PHE A 428 7.31 22.00 7.24
C PHE A 428 7.26 22.84 8.51
N ILE A 429 8.30 23.65 8.74
CA ILE A 429 8.34 24.51 9.92
C ILE A 429 7.14 25.46 9.91
N PHE A 430 6.94 26.12 8.77
CA PHE A 430 5.84 27.06 8.65
C PHE A 430 4.48 26.43 8.41
N GLN A 431 4.47 25.23 7.83
CA GLN A 431 3.22 24.52 7.63
C GLN A 431 2.67 24.21 9.00
N LYS A 432 3.56 23.85 9.93
CA LYS A 432 3.18 23.55 11.30
C LYS A 432 2.48 24.76 11.89
N MET A 433 3.00 25.95 11.57
CA MET A 433 2.45 27.21 12.06
C MET A 433 1.11 27.57 11.43
N GLY A 434 0.75 26.86 10.36
CA GLY A 434 -0.51 27.13 9.70
C GLY A 434 -0.40 28.16 8.59
N ILE A 435 0.82 28.45 8.17
CA ILE A 435 1.04 29.42 7.10
C ILE A 435 1.31 28.70 5.80
N PRO A 436 0.49 28.95 4.76
CA PRO A 436 0.66 28.32 3.46
C PRO A 436 2.10 28.52 2.98
N PHE A 437 2.79 27.42 2.78
CA PHE A 437 4.18 27.47 2.32
C PHE A 437 4.31 26.89 0.92
N ARG A 438 5.28 27.41 0.18
CA ARG A 438 5.56 26.98 -1.17
C ARG A 438 7.06 27.02 -1.42
N GLU A 439 7.62 25.88 -1.82
CA GLU A 439 9.05 25.78 -2.08
C GLU A 439 9.43 26.60 -3.31
N MET A 440 10.29 27.60 -3.12
CA MET A 440 10.73 28.43 -4.23
C MET A 440 12.07 28.01 -4.85
N HIS A 441 12.60 26.90 -4.37
CA HIS A 441 13.85 26.37 -4.91
C HIS A 441 13.52 25.28 -5.89
N SER A 442 12.71 24.32 -5.45
CA SER A 442 12.30 23.18 -6.25
C SER A 442 10.90 23.29 -6.80
N TRP A 443 10.31 24.49 -6.74
CA TRP A 443 8.95 24.71 -7.23
C TRP A 443 7.97 23.76 -6.57
N ASP A 444 8.38 23.21 -5.43
CA ASP A 444 7.56 22.25 -4.70
C ASP A 444 7.13 21.13 -5.64
N TYR A 445 8.10 20.63 -6.40
CA TYR A 445 7.89 19.52 -7.34
C TYR A 445 6.94 19.84 -8.49
N SER A 446 6.70 21.13 -8.70
CA SER A 446 5.79 21.57 -9.76
C SER A 446 6.50 22.00 -11.03
N GLY A 447 5.71 22.17 -12.10
CA GLY A 447 6.21 22.55 -13.40
C GLY A 447 6.99 23.84 -13.44
N PRO A 448 7.48 24.24 -14.63
CA PRO A 448 8.26 25.47 -14.78
C PRO A 448 7.49 26.72 -14.39
N TYR A 449 8.25 27.74 -13.97
CA TYR A 449 7.67 29.02 -13.58
C TYR A 449 8.11 30.10 -14.56
N HIS A 450 9.19 29.84 -15.28
CA HIS A 450 9.72 30.80 -16.23
C HIS A 450 8.81 31.00 -17.42
N GLY A 451 8.79 32.22 -17.94
CA GLY A 451 7.99 32.53 -19.10
C GLY A 451 6.49 32.50 -18.86
N PHE A 452 5.73 32.59 -19.95
CA PHE A 452 4.28 32.58 -19.89
C PHE A 452 3.72 31.22 -19.47
N ASP A 453 4.20 30.16 -20.09
CA ASP A 453 3.74 28.82 -19.75
C ASP A 453 4.02 28.51 -18.29
N GLY A 454 5.19 28.95 -17.83
CA GLY A 454 5.54 28.73 -16.44
C GLY A 454 4.70 29.57 -15.51
N PHE A 455 4.34 30.77 -15.96
CA PHE A 455 3.52 31.67 -15.16
C PHE A 455 2.18 31.04 -14.78
N ALA A 456 1.53 30.42 -15.76
CA ALA A 456 0.25 29.77 -15.50
C ALA A 456 0.40 28.77 -14.36
N ILE A 457 1.48 28.00 -14.38
CA ILE A 457 1.76 27.00 -13.36
C ILE A 457 2.00 27.69 -12.01
N PHE A 458 2.88 28.69 -12.00
CA PHE A 458 3.19 29.46 -10.79
C PHE A 458 1.90 29.99 -10.15
N ALA A 459 1.02 30.53 -10.98
CA ALA A 459 -0.25 31.08 -10.54
C ALA A 459 -1.12 30.01 -9.87
N ARG A 460 -1.32 28.91 -10.59
CA ARG A 460 -2.12 27.80 -10.09
C ARG A 460 -1.61 27.33 -8.74
N ASP A 461 -0.30 27.12 -8.66
CA ASP A 461 0.35 26.66 -7.43
C ASP A 461 0.05 27.56 -6.25
N MET A 462 0.30 28.86 -6.41
CA MET A 462 0.04 29.82 -5.34
C MET A 462 -1.40 29.73 -4.83
N ASP A 463 -2.36 29.74 -5.76
CA ASP A 463 -3.77 29.64 -5.38
C ASP A 463 -4.00 28.31 -4.65
N MET A 464 -3.62 27.23 -5.32
CA MET A 464 -3.75 25.86 -4.82
C MET A 464 -3.43 25.73 -3.32
N THR A 465 -2.28 26.28 -2.95
CA THR A 465 -1.82 26.23 -1.57
C THR A 465 -2.42 27.31 -0.68
N LEU A 466 -2.26 28.57 -1.09
CA LEU A 466 -2.75 29.71 -0.33
C LEU A 466 -4.23 29.62 0.06
N ASN A 467 -5.06 29.07 -0.82
CA ASN A 467 -6.48 28.94 -0.54
C ASN A 467 -6.88 27.49 -0.34
N ASN A 468 -5.97 26.68 0.20
CA ASN A 468 -6.30 25.28 0.43
C ASN A 468 -7.11 25.12 1.71
N PRO A 469 -8.19 24.31 1.67
CA PRO A 469 -9.05 24.07 2.83
C PRO A 469 -8.32 23.51 4.05
N CYS A 470 -7.21 22.82 3.83
CA CYS A 470 -6.45 22.26 4.92
C CYS A 470 -6.09 23.32 5.97
N TRP A 471 -5.84 24.55 5.50
CA TRP A 471 -5.46 25.65 6.38
C TRP A 471 -6.48 26.06 7.44
N LYS A 472 -7.76 25.95 7.12
CA LYS A 472 -8.80 26.33 8.06
C LYS A 472 -8.90 25.33 9.21
N LYS A 473 -8.50 24.08 8.95
CA LYS A 473 -8.58 23.00 9.92
C LYS A 473 -7.45 22.81 10.94
N LEU A 474 -6.55 23.79 11.05
CA LEU A 474 -5.43 23.70 11.99
C LEU A 474 -5.83 23.52 13.45
N GLN A 475 -6.82 24.30 13.90
CA GLN A 475 -7.26 24.22 15.28
C GLN A 475 -8.47 23.31 15.52
N ALA A 476 -8.31 22.38 16.46
CA ALA A 476 -9.35 21.43 16.81
C ALA A 476 -10.52 22.15 17.48
N PRO A 477 -11.75 21.88 17.03
CA PRO A 477 -12.98 22.48 17.53
C PRO A 477 -13.13 22.53 19.04
N TRP A 478 -12.62 21.53 19.74
CA TRP A 478 -12.72 21.49 21.20
C TRP A 478 -11.74 22.43 21.91
N GLU A 479 -11.12 23.33 21.15
CA GLU A 479 -10.17 24.29 21.68
C GLU A 479 -10.43 25.66 21.08
N ALA A 480 -10.03 26.70 21.82
CA ALA A 480 -10.20 28.08 21.38
C ALA A 480 -9.07 28.92 21.95
N SER B 1 2.15 26.96 -25.18
CA SER B 1 0.87 27.57 -24.70
C SER B 1 0.35 26.85 -23.47
N GLN B 2 -0.76 27.34 -22.94
CA GLN B 2 -1.38 26.77 -21.75
C GLN B 2 -2.88 27.05 -21.82
N GLN B 3 -3.69 26.09 -21.40
CA GLN B 3 -5.12 26.26 -21.40
C GLN B 3 -5.51 26.52 -19.96
N VAL B 4 -5.66 27.79 -19.61
CA VAL B 4 -6.01 28.22 -18.25
C VAL B 4 -6.89 27.26 -17.45
N ASP B 5 -7.96 26.77 -18.08
CA ASP B 5 -8.90 25.85 -17.44
C ASP B 5 -8.26 24.50 -17.04
N LYS B 6 -7.29 24.05 -17.83
CA LYS B 6 -6.59 22.79 -17.57
C LYS B 6 -5.09 22.96 -17.78
N ILE B 7 -4.45 23.63 -16.83
CA ILE B 7 -3.01 23.89 -16.89
C ILE B 7 -2.18 22.60 -16.86
N LYS B 8 -1.19 22.54 -17.75
CA LYS B 8 -0.31 21.38 -17.83
C LYS B 8 1.04 21.71 -17.22
N ALA B 9 1.47 20.91 -16.24
CA ALA B 9 2.78 21.13 -15.60
C ALA B 9 3.87 20.47 -16.44
N SER B 10 5.12 20.62 -16.00
CA SER B 10 6.29 20.08 -16.71
C SER B 10 6.05 18.79 -17.50
N TYR B 11 5.42 17.79 -16.85
CA TYR B 11 5.17 16.52 -17.50
C TYR B 11 4.33 16.61 -18.81
N PRO B 12 3.02 16.86 -18.71
CA PRO B 12 2.30 16.91 -20.01
C PRO B 12 2.76 18.06 -20.91
N LEU B 13 3.28 19.13 -20.31
CA LEU B 13 3.71 20.30 -21.06
C LEU B 13 4.77 20.08 -22.13
N PHE B 14 5.94 19.62 -21.73
CA PHE B 14 7.03 19.41 -22.68
C PHE B 14 6.80 18.30 -23.70
N LEU B 15 5.59 17.76 -23.73
CA LEU B 15 5.23 16.71 -24.67
C LEU B 15 4.51 17.35 -25.86
N ASP B 16 4.19 18.63 -25.74
CA ASP B 16 3.51 19.35 -26.82
C ASP B 16 4.46 19.44 -27.99
N GLN B 17 3.93 19.33 -29.20
CA GLN B 17 4.71 19.36 -30.42
C GLN B 17 5.74 20.49 -30.52
N ASP B 18 5.33 21.73 -30.30
CA ASP B 18 6.27 22.85 -30.40
C ASP B 18 7.47 22.66 -29.45
N TYR B 19 7.22 22.07 -28.29
CA TYR B 19 8.27 21.81 -27.32
C TYR B 19 9.17 20.69 -27.82
N LYS B 20 8.56 19.57 -28.22
CA LYS B 20 9.31 18.43 -28.73
C LYS B 20 10.24 18.88 -29.84
N ASP B 21 9.67 19.55 -30.84
CA ASP B 21 10.43 20.06 -31.96
C ASP B 21 11.61 20.92 -31.52
N MET B 22 11.40 21.76 -30.51
CA MET B 22 12.46 22.62 -30.01
C MET B 22 13.63 21.78 -29.48
N LEU B 23 13.31 20.77 -28.68
CA LEU B 23 14.32 19.90 -28.11
C LEU B 23 15.05 19.13 -29.21
N ALA B 24 14.31 18.68 -30.21
CA ALA B 24 14.90 17.96 -31.33
C ALA B 24 15.95 18.85 -31.97
N LYS B 25 15.58 20.09 -32.26
CA LYS B 25 16.49 21.04 -32.88
C LYS B 25 17.68 21.35 -31.97
N LYS B 26 17.41 21.49 -30.67
CA LYS B 26 18.46 21.77 -29.70
C LYS B 26 19.50 20.65 -29.74
N ARG B 27 19.00 19.42 -29.62
CA ARG B 27 19.81 18.21 -29.66
C ARG B 27 20.66 18.15 -30.94
N ASP B 28 19.98 18.14 -32.08
CA ASP B 28 20.64 18.09 -33.39
C ASP B 28 21.49 19.31 -33.68
N GLY B 29 21.18 20.43 -33.03
CA GLY B 29 21.92 21.64 -33.29
C GLY B 29 23.15 21.98 -32.47
N PHE B 30 23.13 21.70 -31.17
CA PHE B 30 24.27 22.05 -30.33
C PHE B 30 24.68 21.03 -29.27
N GLU B 31 23.92 19.95 -29.15
CA GLU B 31 24.24 18.94 -28.14
C GLU B 31 25.27 17.92 -28.60
N GLU B 32 25.30 17.64 -29.90
CA GLU B 32 26.22 16.68 -30.47
C GLU B 32 26.11 15.32 -29.76
N LYS B 33 24.91 14.96 -29.33
CA LYS B 33 24.76 13.69 -28.62
C LYS B 33 25.00 12.50 -29.53
N TYR B 34 25.46 11.40 -28.93
CA TYR B 34 25.73 10.18 -29.66
C TYR B 34 24.48 9.69 -30.37
N PRO B 35 24.64 9.09 -31.56
CA PRO B 35 23.52 8.59 -32.34
C PRO B 35 22.69 7.62 -31.51
N GLN B 36 21.37 7.67 -31.72
CA GLN B 36 20.44 6.80 -31.01
C GLN B 36 20.88 5.34 -31.06
N ASP B 37 21.54 4.95 -32.15
CA ASP B 37 22.01 3.59 -32.31
C ASP B 37 23.08 3.27 -31.26
N LYS B 38 24.10 4.11 -31.22
CA LYS B 38 25.20 3.93 -30.26
C LYS B 38 24.65 3.85 -28.86
N ILE B 39 23.72 4.75 -28.55
CA ILE B 39 23.09 4.79 -27.23
C ILE B 39 22.42 3.46 -26.93
N ASP B 40 21.56 3.02 -27.84
CA ASP B 40 20.85 1.75 -27.70
C ASP B 40 21.83 0.59 -27.53
N GLU B 41 22.92 0.64 -28.29
CA GLU B 41 23.94 -0.40 -28.23
C GLU B 41 24.59 -0.48 -26.86
N VAL B 42 25.22 0.61 -26.45
CA VAL B 42 25.90 0.67 -25.16
C VAL B 42 24.96 0.26 -24.02
N PHE B 43 23.67 0.58 -24.18
CA PHE B 43 22.69 0.22 -23.17
C PHE B 43 22.57 -1.29 -23.08
N GLN B 44 22.28 -1.93 -24.21
CA GLN B 44 22.15 -3.39 -24.23
C GLN B 44 23.42 -4.00 -23.67
N TRP B 45 24.55 -3.33 -23.89
CA TRP B 45 25.83 -3.79 -23.39
C TRP B 45 25.86 -3.79 -21.85
N THR B 46 25.38 -2.71 -21.25
CA THR B 46 25.36 -2.60 -19.79
C THR B 46 24.52 -3.64 -19.06
N THR B 47 23.80 -4.47 -19.81
CA THR B 47 22.96 -5.51 -19.21
C THR B 47 23.59 -6.91 -19.30
N THR B 48 24.69 -7.04 -20.04
CA THR B 48 25.35 -8.33 -20.21
C THR B 48 26.22 -8.73 -19.04
N LYS B 49 26.53 -10.02 -18.96
CA LYS B 49 27.40 -10.54 -17.90
C LYS B 49 28.78 -9.96 -18.09
N GLU B 50 29.15 -9.76 -19.35
CA GLU B 50 30.44 -9.20 -19.70
C GLU B 50 30.60 -7.84 -19.04
N TYR B 51 29.57 -7.01 -19.17
CA TYR B 51 29.60 -5.69 -18.56
C TYR B 51 29.64 -5.85 -17.05
N GLN B 52 28.69 -6.61 -16.52
CA GLN B 52 28.60 -6.86 -15.08
C GLN B 52 29.95 -7.24 -14.48
N GLU B 53 30.70 -8.10 -15.17
CA GLU B 53 32.00 -8.52 -14.67
C GLU B 53 32.92 -7.32 -14.51
N LEU B 54 33.06 -6.53 -15.58
CA LEU B 54 33.90 -5.35 -15.54
C LEU B 54 33.38 -4.42 -14.45
N ASN B 55 32.07 -4.39 -14.32
CA ASN B 55 31.40 -3.57 -13.32
C ASN B 55 31.84 -3.98 -11.91
N PHE B 56 31.93 -5.29 -11.68
CA PHE B 56 32.35 -5.78 -10.37
C PHE B 56 33.85 -5.70 -10.11
N GLN B 57 34.62 -5.48 -11.17
CA GLN B 57 36.09 -5.37 -11.05
C GLN B 57 36.50 -3.99 -10.53
N ARG B 58 35.52 -3.10 -10.35
CA ARG B 58 35.76 -1.76 -9.85
C ARG B 58 36.46 -1.77 -8.49
N GLU B 59 37.49 -0.93 -8.36
CA GLU B 59 38.26 -0.82 -7.12
C GLU B 59 38.32 0.60 -6.58
N ALA B 60 37.85 1.56 -7.36
CA ALA B 60 37.89 2.96 -6.96
C ALA B 60 36.54 3.65 -7.12
N LEU B 61 36.02 3.62 -8.34
CA LEU B 61 34.73 4.23 -8.65
C LEU B 61 33.56 3.60 -7.91
N THR B 62 32.77 4.45 -7.28
CA THR B 62 31.58 4.03 -6.57
C THR B 62 30.46 4.77 -7.29
N VAL B 63 29.47 4.03 -7.77
CA VAL B 63 28.34 4.63 -8.48
C VAL B 63 27.03 4.35 -7.78
N ASN B 64 26.30 5.41 -7.44
CA ASN B 64 25.02 5.29 -6.76
C ASN B 64 25.17 4.47 -5.50
N PRO B 65 25.88 5.00 -4.50
CA PRO B 65 26.06 4.26 -3.26
C PRO B 65 24.73 4.01 -2.54
N ALA B 66 24.78 3.10 -1.56
CA ALA B 66 23.62 2.74 -0.76
C ALA B 66 23.99 3.00 0.70
N LYS B 67 24.48 4.20 0.96
CA LYS B 67 24.89 4.59 2.31
C LYS B 67 25.08 6.10 2.35
N ALA B 68 25.47 6.60 3.53
CA ALA B 68 25.71 8.03 3.75
C ALA B 68 26.79 8.10 4.81
N CYS B 69 27.41 9.26 4.97
CA CYS B 69 28.48 9.43 5.96
C CYS B 69 27.99 9.44 7.41
N GLN B 70 28.90 9.08 8.31
CA GLN B 70 28.62 9.00 9.75
C GLN B 70 27.79 10.09 10.41
N PRO B 71 28.18 11.38 10.26
CA PRO B 71 27.43 12.48 10.86
C PRO B 71 25.91 12.42 10.73
N LEU B 72 25.40 11.90 9.61
CA LEU B 72 23.96 11.81 9.44
C LEU B 72 23.36 10.97 10.56
N GLY B 73 24.01 9.84 10.85
CA GLY B 73 23.55 8.96 11.90
C GLY B 73 23.67 9.64 13.26
N ALA B 74 24.79 10.31 13.47
CA ALA B 74 25.03 11.01 14.73
C ALA B 74 23.86 11.95 15.00
N VAL B 75 23.45 12.68 13.98
CA VAL B 75 22.36 13.63 14.08
C VAL B 75 21.05 12.93 14.46
N LEU B 76 20.66 11.90 13.71
CA LEU B 76 19.44 11.17 14.01
C LEU B 76 19.49 10.67 15.45
N CYS B 77 20.65 10.17 15.86
CA CYS B 77 20.83 9.68 17.22
C CYS B 77 20.61 10.80 18.21
N ALA B 78 21.14 11.98 17.87
CA ALA B 78 21.01 13.16 18.72
C ALA B 78 19.55 13.54 18.91
N LEU B 79 18.78 13.52 17.82
CA LEU B 79 17.37 13.87 17.84
C LEU B 79 16.52 12.98 18.75
N GLY B 80 17.09 11.85 19.18
CA GLY B 80 16.35 10.96 20.05
C GLY B 80 16.32 11.32 21.52
N PHE B 81 17.02 12.38 21.90
CA PHE B 81 17.08 12.79 23.29
C PHE B 81 16.37 14.11 23.57
N GLU B 82 15.62 14.13 24.67
CA GLU B 82 14.84 15.29 25.12
C GLU B 82 15.52 16.64 24.99
N LYS B 83 14.84 17.58 24.34
CA LYS B 83 15.33 18.94 24.11
C LYS B 83 16.82 19.04 23.78
N THR B 84 17.30 18.08 22.99
CA THR B 84 18.69 18.04 22.58
C THR B 84 18.81 18.65 21.17
N MET B 85 19.89 19.39 20.95
CA MET B 85 20.14 20.04 19.66
C MET B 85 21.37 19.45 19.00
N PRO B 86 21.20 18.82 17.82
CA PRO B 86 22.34 18.24 17.12
C PRO B 86 23.28 19.39 16.71
N TYR B 87 24.56 19.23 17.01
CA TYR B 87 25.56 20.24 16.69
C TYR B 87 26.69 19.51 15.98
N VAL B 88 26.92 19.85 14.71
CA VAL B 88 27.99 19.21 13.96
C VAL B 88 29.16 20.17 13.81
N HIS B 89 30.23 19.92 14.56
CA HIS B 89 31.41 20.76 14.50
C HIS B 89 32.12 20.53 13.18
N GLY B 90 32.05 21.52 12.29
CA GLY B 90 32.70 21.41 10.99
C GLY B 90 32.07 22.35 9.99
N SER B 91 32.14 21.98 8.71
CA SER B 91 31.56 22.79 7.64
C SER B 91 30.04 22.80 7.72
N GLN B 92 29.47 23.99 7.55
CA GLN B 92 28.02 24.19 7.59
C GLN B 92 27.28 23.48 6.47
N GLY B 93 27.99 23.24 5.37
CA GLY B 93 27.41 22.57 4.21
C GLY B 93 26.76 21.24 4.54
N CYS B 94 27.44 20.46 5.37
CA CYS B 94 26.96 19.16 5.78
C CYS B 94 25.62 19.24 6.45
N VAL B 95 25.53 20.07 7.48
CA VAL B 95 24.30 20.24 8.23
C VAL B 95 23.11 20.54 7.34
N ALA B 96 23.29 21.46 6.39
CA ALA B 96 22.21 21.79 5.47
C ALA B 96 21.76 20.50 4.78
N TYR B 97 22.72 19.70 4.32
CA TYR B 97 22.46 18.44 3.65
C TYR B 97 21.76 17.42 4.54
N PHE B 98 22.24 17.29 5.78
CA PHE B 98 21.65 16.35 6.72
C PHE B 98 20.19 16.68 6.91
N ARG B 99 19.93 17.93 7.28
CA ARG B 99 18.57 18.38 7.52
C ARG B 99 17.67 18.01 6.36
N SER B 100 18.00 18.50 5.17
CA SER B 100 17.19 18.23 3.99
C SER B 100 17.01 16.74 3.70
N TYR B 101 18.07 15.96 3.87
CA TYR B 101 18.00 14.52 3.63
C TYR B 101 16.89 13.92 4.50
N PHE B 102 16.85 14.31 5.76
CA PHE B 102 15.83 13.81 6.67
C PHE B 102 14.48 14.49 6.43
N ASN B 103 14.52 15.78 6.08
CA ASN B 103 13.30 16.54 5.80
C ASN B 103 12.46 15.80 4.78
N ARG B 104 13.12 15.38 3.71
CA ARG B 104 12.46 14.69 2.61
C ARG B 104 11.94 13.30 2.97
N HIS B 105 12.62 12.60 3.86
CA HIS B 105 12.18 11.27 4.25
C HIS B 105 11.04 11.27 5.28
N PHE B 106 11.08 12.23 6.20
CA PHE B 106 10.05 12.30 7.23
C PHE B 106 8.97 13.32 6.94
N ARG B 107 9.27 14.27 6.07
CA ARG B 107 8.32 15.33 5.73
C ARG B 107 7.97 16.02 7.03
N GLU B 108 9.04 16.40 7.74
CA GLU B 108 8.97 17.07 9.03
C GLU B 108 10.17 17.99 9.11
N PRO B 109 10.16 18.94 10.06
CA PRO B 109 11.27 19.87 10.23
C PRO B 109 12.44 19.08 10.82
N VAL B 110 13.66 19.50 10.54
CA VAL B 110 14.83 18.81 11.10
C VAL B 110 15.82 19.83 11.66
N SER B 111 15.77 20.01 12.97
CA SER B 111 16.64 20.96 13.63
C SER B 111 18.05 20.42 13.87
N CYS B 112 19.04 21.12 13.33
CA CYS B 112 20.45 20.75 13.48
C CYS B 112 21.29 22.00 13.20
N VAL B 113 22.37 22.17 13.94
CA VAL B 113 23.22 23.33 13.76
C VAL B 113 24.66 22.94 13.45
N SER B 114 25.41 23.89 12.89
CA SER B 114 26.80 23.72 12.56
C SER B 114 27.48 24.96 13.11
N ASP B 115 28.73 24.84 13.53
CA ASP B 115 29.45 26.01 14.03
C ASP B 115 30.16 26.72 12.90
N SER B 116 29.71 26.40 11.68
CA SER B 116 30.21 26.99 10.44
C SER B 116 31.70 27.29 10.36
N MET B 117 32.51 26.25 10.18
CA MET B 117 33.94 26.42 10.06
C MET B 117 34.23 26.72 8.60
N THR B 118 35.13 27.67 8.36
CA THR B 118 35.50 28.08 7.01
C THR B 118 37.00 27.93 6.79
N GLU B 119 37.50 28.52 5.70
CA GLU B 119 38.92 28.49 5.34
C GLU B 119 39.86 28.63 6.53
N ASP B 120 39.89 29.82 7.13
CA ASP B 120 40.80 30.07 8.26
C ASP B 120 40.49 29.25 9.51
N ALA B 121 39.25 28.79 9.63
CA ALA B 121 38.86 27.99 10.79
C ALA B 121 39.51 26.61 10.63
N ALA B 122 39.67 26.17 9.39
CA ALA B 122 40.30 24.88 9.10
C ALA B 122 41.80 24.98 9.30
N VAL B 123 42.41 26.03 8.75
CA VAL B 123 43.84 26.24 8.88
C VAL B 123 44.25 26.45 10.33
N PHE B 124 43.60 27.39 11.00
CA PHE B 124 43.89 27.71 12.40
C PHE B 124 43.22 26.80 13.43
N GLY B 125 42.33 25.91 12.98
CA GLY B 125 41.65 25.02 13.90
C GLY B 125 40.56 25.77 14.63
N GLY B 126 39.32 25.49 14.25
CA GLY B 126 38.18 26.15 14.85
C GLY B 126 37.81 25.91 16.30
N GLN B 127 38.62 26.38 17.25
CA GLN B 127 38.27 26.23 18.66
C GLN B 127 37.25 27.32 19.00
N GLN B 128 37.42 28.49 18.40
CA GLN B 128 36.52 29.61 18.61
C GLN B 128 35.11 29.25 18.13
N ASN B 129 35.04 28.60 16.97
CA ASN B 129 33.78 28.16 16.41
C ASN B 129 33.02 27.34 17.44
N MET B 130 33.74 26.46 18.13
CA MET B 130 33.15 25.63 19.16
C MET B 130 32.62 26.51 20.29
N LYS B 131 33.46 27.41 20.79
CA LYS B 131 33.10 28.32 21.86
C LYS B 131 31.88 29.16 21.53
N ASP B 132 32.02 30.01 20.52
CA ASP B 132 30.91 30.88 20.08
C ASP B 132 29.71 30.04 19.66
N GLY B 133 29.95 29.02 18.83
CA GLY B 133 28.89 28.16 18.36
C GLY B 133 28.03 27.58 19.47
N LEU B 134 28.66 27.10 20.53
CA LEU B 134 27.94 26.53 21.65
C LEU B 134 27.15 27.61 22.38
N GLN B 135 27.81 28.72 22.71
CA GLN B 135 27.18 29.83 23.41
C GLN B 135 25.97 30.33 22.63
N ASN B 136 26.19 30.61 21.36
CA ASN B 136 25.15 31.09 20.45
C ASN B 136 24.02 30.09 20.37
N CYS B 137 24.35 28.82 20.20
CA CYS B 137 23.34 27.78 20.09
C CYS B 137 22.41 27.74 21.31
N LYS B 138 23.00 27.64 22.50
CA LYS B 138 22.21 27.61 23.72
C LYS B 138 21.33 28.85 23.83
N ALA B 139 21.95 30.02 23.77
CA ALA B 139 21.23 31.28 23.88
C ALA B 139 20.07 31.45 22.90
N THR B 140 20.28 31.08 21.65
CA THR B 140 19.27 31.23 20.62
C THR B 140 18.15 30.18 20.60
N TYR B 141 18.52 28.90 20.59
CA TYR B 141 17.53 27.84 20.52
C TYR B 141 17.19 27.18 21.85
N LYS B 142 17.78 27.71 22.92
CA LYS B 142 17.56 27.22 24.27
C LYS B 142 17.43 25.71 24.46
N PRO B 143 18.37 24.92 23.90
CA PRO B 143 18.26 23.47 24.08
C PRO B 143 18.77 23.09 25.47
N ASP B 144 18.34 21.94 25.98
CA ASP B 144 18.79 21.48 27.29
C ASP B 144 20.12 20.74 27.16
N MET B 145 20.37 20.19 25.97
CA MET B 145 21.59 19.44 25.70
C MET B 145 22.04 19.65 24.25
N ILE B 146 23.34 19.59 24.03
CA ILE B 146 23.90 19.76 22.69
C ILE B 146 24.78 18.54 22.39
N ALA B 147 24.45 17.82 21.33
CA ALA B 147 25.20 16.62 20.93
C ALA B 147 26.13 16.94 19.77
N VAL B 148 27.43 17.00 20.08
CA VAL B 148 28.44 17.32 19.07
C VAL B 148 28.88 16.13 18.21
N SER B 149 28.87 16.35 16.90
CA SER B 149 29.28 15.34 15.91
C SER B 149 30.37 16.05 15.10
N THR B 150 30.86 15.41 14.04
CA THR B 150 31.90 16.04 13.24
C THR B 150 31.78 15.87 11.72
N THR B 151 32.61 16.63 11.01
CA THR B 151 32.68 16.62 9.55
C THR B 151 34.10 16.16 9.24
N CYS B 152 34.30 15.51 8.10
CA CYS B 152 35.62 15.06 7.69
C CYS B 152 36.67 16.14 7.90
N MET B 153 36.28 17.39 7.62
CA MET B 153 37.19 18.52 7.78
C MET B 153 37.76 18.54 9.20
N ALA B 154 36.86 18.58 10.19
CA ALA B 154 37.25 18.60 11.59
C ALA B 154 37.98 17.31 12.01
N GLU B 155 37.72 16.23 11.30
CA GLU B 155 38.34 14.94 11.60
C GLU B 155 39.76 14.84 11.07
N VAL B 156 40.00 15.51 9.94
CA VAL B 156 41.32 15.51 9.33
C VAL B 156 42.27 16.39 10.15
N ILE B 157 41.82 17.60 10.47
CA ILE B 157 42.60 18.56 11.24
C ILE B 157 42.71 18.22 12.73
N GLY B 158 42.22 17.03 13.09
CA GLY B 158 42.28 16.59 14.47
C GLY B 158 41.78 17.57 15.52
N ASP B 159 40.63 18.19 15.30
CA ASP B 159 40.10 19.12 16.27
C ASP B 159 39.64 18.36 17.51
N ASP B 160 40.35 18.56 18.61
CA ASP B 160 40.01 17.87 19.85
C ASP B 160 38.70 18.38 20.43
N LEU B 161 37.59 17.80 19.98
CA LEU B 161 36.25 18.16 20.46
C LEU B 161 36.22 18.34 21.98
N ASN B 162 36.72 17.35 22.70
CA ASN B 162 36.76 17.37 24.15
C ASN B 162 37.50 18.60 24.68
N ALA B 163 38.71 18.83 24.18
CA ALA B 163 39.50 19.97 24.63
C ALA B 163 38.72 21.25 24.39
N PHE B 164 38.21 21.40 23.17
CA PHE B 164 37.44 22.57 22.77
C PHE B 164 36.27 22.79 23.71
N ILE B 165 35.45 21.76 23.88
CA ILE B 165 34.27 21.83 24.75
C ILE B 165 34.67 22.20 26.16
N ASN B 166 35.69 21.51 26.69
CA ASN B 166 36.17 21.78 28.04
C ASN B 166 36.55 23.25 28.17
N ASN B 167 37.35 23.74 27.23
CA ASN B 167 37.76 25.13 27.23
C ASN B 167 36.57 26.07 27.03
N SER B 168 35.58 25.63 26.27
CA SER B 168 34.39 26.43 26.01
C SER B 168 33.68 26.70 27.33
N LYS B 169 33.66 25.68 28.19
CA LYS B 169 33.04 25.77 29.50
C LYS B 169 33.87 26.58 30.48
N LYS B 170 35.17 26.27 30.54
CA LYS B 170 36.09 26.95 31.44
C LYS B 170 36.18 28.46 31.17
N GLU B 171 36.08 28.84 29.90
CA GLU B 171 36.15 30.25 29.52
C GLU B 171 34.80 30.96 29.58
N GLY B 172 33.84 30.35 30.27
CA GLY B 172 32.52 30.93 30.44
C GLY B 172 31.57 31.06 29.26
N PHE B 173 31.82 30.33 28.17
CA PHE B 173 30.95 30.43 27.02
C PHE B 173 29.59 29.75 27.24
N ILE B 174 29.58 28.74 28.11
CA ILE B 174 28.36 28.01 28.44
C ILE B 174 28.53 27.51 29.87
N PRO B 175 27.42 27.26 30.57
CA PRO B 175 27.52 26.78 31.95
C PRO B 175 28.31 25.47 31.99
N ASP B 176 29.21 25.37 32.96
CA ASP B 176 30.04 24.17 33.12
C ASP B 176 29.23 22.88 33.23
N GLU B 177 28.03 22.95 33.79
CA GLU B 177 27.19 21.76 33.97
C GLU B 177 26.26 21.45 32.79
N PHE B 178 26.29 22.30 31.76
CA PHE B 178 25.46 22.10 30.58
C PHE B 178 25.94 20.85 29.85
N PRO B 179 25.05 19.88 29.65
CA PRO B 179 25.36 18.61 28.97
C PRO B 179 25.76 18.78 27.51
N VAL B 180 27.05 18.58 27.23
CA VAL B 180 27.56 18.69 25.88
C VAL B 180 28.32 17.43 25.45
N PRO B 181 27.59 16.31 25.27
CA PRO B 181 28.26 15.07 24.85
C PRO B 181 28.76 15.23 23.41
N PHE B 182 29.88 14.58 23.09
CA PHE B 182 30.45 14.69 21.76
C PHE B 182 30.80 13.32 21.22
N ALA B 183 31.13 13.28 19.94
CA ALA B 183 31.50 12.04 19.27
C ALA B 183 32.22 12.37 17.96
N HIS B 184 33.33 11.67 17.71
CA HIS B 184 34.07 11.88 16.46
C HIS B 184 33.43 11.02 15.40
N THR B 185 32.97 11.64 14.32
CA THR B 185 32.28 10.92 13.26
C THR B 185 32.88 11.15 11.87
N PRO B 186 34.09 10.66 11.62
CA PRO B 186 34.74 10.84 10.31
C PRO B 186 33.88 10.33 9.14
N SER B 187 33.51 11.23 8.24
CA SER B 187 32.70 10.90 7.07
C SER B 187 33.28 9.69 6.35
N PHE B 188 34.61 9.71 6.20
CA PHE B 188 35.38 8.67 5.50
C PHE B 188 35.62 7.36 6.22
N VAL B 189 34.82 7.05 7.23
CA VAL B 189 34.97 5.79 7.97
C VAL B 189 33.56 5.22 8.18
N GLY B 190 33.41 3.92 8.01
CA GLY B 190 32.12 3.29 8.19
C GLY B 190 31.04 3.97 7.37
N SER B 191 29.93 4.31 8.01
CA SER B 191 28.83 4.97 7.35
C SER B 191 27.94 5.67 8.37
N HIS B 192 26.80 6.17 7.92
CA HIS B 192 25.85 6.86 8.76
C HIS B 192 25.52 6.09 10.02
N VAL B 193 25.35 4.78 9.90
CA VAL B 193 25.03 3.95 11.05
C VAL B 193 26.14 4.00 12.10
N THR B 194 27.38 4.05 11.63
CA THR B 194 28.52 4.13 12.53
C THR B 194 28.42 5.45 13.26
N GLY B 195 27.94 6.48 12.57
CA GLY B 195 27.79 7.78 13.18
C GLY B 195 26.81 7.66 14.33
N TRP B 196 25.70 6.98 14.08
CA TRP B 196 24.67 6.78 15.09
C TRP B 196 25.32 6.08 16.29
N ASP B 197 26.08 5.03 16.01
CA ASP B 197 26.77 4.25 17.03
C ASP B 197 27.68 5.12 17.88
N ASN B 198 28.60 5.83 17.22
CA ASN B 198 29.54 6.71 17.90
C ASN B 198 28.83 7.76 18.74
N MET B 199 27.84 8.42 18.15
CA MET B 199 27.09 9.46 18.86
C MET B 199 26.45 8.91 20.11
N PHE B 200 25.81 7.75 19.99
CA PHE B 200 25.16 7.14 21.13
C PHE B 200 26.17 6.82 22.21
N GLU B 201 27.20 6.06 21.84
CA GLU B 201 28.24 5.67 22.78
C GLU B 201 28.81 6.87 23.53
N GLY B 202 29.01 7.98 22.82
CA GLY B 202 29.53 9.17 23.45
C GLY B 202 28.58 9.72 24.51
N ILE B 203 27.29 9.72 24.19
CA ILE B 203 26.26 10.19 25.11
C ILE B 203 26.19 9.26 26.32
N ALA B 204 26.28 7.97 26.05
CA ALA B 204 26.23 6.96 27.10
C ALA B 204 27.42 7.16 28.04
N ARG B 205 28.58 7.47 27.47
CA ARG B 205 29.78 7.71 28.27
C ARG B 205 29.58 8.94 29.15
N TYR B 206 29.13 10.02 28.52
CA TYR B 206 28.90 11.30 29.19
C TYR B 206 28.09 11.24 30.48
N PHE B 207 26.94 10.59 30.44
CA PHE B 207 26.07 10.50 31.61
C PHE B 207 26.32 9.25 32.45
N THR B 208 27.43 8.56 32.21
CA THR B 208 27.71 7.34 32.96
C THR B 208 29.11 7.20 33.50
N LEU B 209 30.09 7.09 32.62
CA LEU B 209 31.50 6.91 32.97
C LEU B 209 31.91 7.25 34.40
N LYS B 210 31.84 8.53 34.75
CA LYS B 210 32.22 8.99 36.09
C LYS B 210 31.29 8.48 37.20
N SER B 211 29.99 8.66 37.01
CA SER B 211 28.98 8.27 38.00
C SER B 211 28.69 6.76 38.12
N MET B 212 29.60 5.92 37.64
CA MET B 212 29.39 4.48 37.71
C MET B 212 29.38 3.83 39.09
N ASP B 213 29.84 4.56 40.11
CA ASP B 213 29.91 4.04 41.47
C ASP B 213 28.60 3.63 42.14
N ASP B 214 27.60 4.50 42.10
CA ASP B 214 26.31 4.20 42.74
C ASP B 214 25.41 3.27 41.94
N LYS B 215 25.83 2.92 40.73
CA LYS B 215 25.04 2.08 39.85
C LYS B 215 25.05 0.60 40.21
N VAL B 216 23.88 -0.03 40.10
CA VAL B 216 23.71 -1.45 40.38
C VAL B 216 22.78 -2.05 39.33
N VAL B 217 23.26 -3.08 38.65
CA VAL B 217 22.48 -3.74 37.61
C VAL B 217 21.13 -4.23 38.13
N GLY B 218 20.08 -4.04 37.34
CA GLY B 218 18.75 -4.48 37.70
C GLY B 218 18.00 -3.66 38.74
N SER B 219 18.70 -2.78 39.44
CA SER B 219 18.05 -1.97 40.49
C SER B 219 16.85 -1.17 40.05
N ASN B 220 16.84 -0.70 38.79
CA ASN B 220 15.71 0.09 38.29
C ASN B 220 14.59 -0.76 37.69
N LYS B 221 14.82 -2.07 37.60
CA LYS B 221 13.85 -3.04 37.09
C LYS B 221 13.37 -2.73 35.66
N LYS B 222 14.22 -2.09 34.88
CA LYS B 222 13.91 -1.75 33.49
C LYS B 222 14.86 -2.46 32.55
N ILE B 223 14.49 -2.53 31.28
CA ILE B 223 15.34 -3.16 30.28
C ILE B 223 15.66 -2.07 29.26
N ASN B 224 16.93 -1.72 29.14
CA ASN B 224 17.35 -0.70 28.19
C ASN B 224 17.18 -1.22 26.78
N ILE B 225 16.75 -0.34 25.87
CA ILE B 225 16.55 -0.72 24.48
C ILE B 225 17.21 0.34 23.61
N VAL B 226 18.08 -0.09 22.71
CA VAL B 226 18.77 0.84 21.81
C VAL B 226 18.29 0.51 20.41
N PRO B 227 17.53 1.43 19.78
CA PRO B 227 16.99 1.25 18.43
C PRO B 227 18.03 1.33 17.32
N GLY B 228 18.99 2.24 17.48
CA GLY B 228 19.99 2.40 16.46
C GLY B 228 19.38 3.24 15.35
N PHE B 229 20.10 3.36 14.25
CA PHE B 229 19.59 4.14 13.12
C PHE B 229 18.25 3.58 12.64
N GLU B 230 17.17 4.23 13.06
CA GLU B 230 15.83 3.80 12.66
C GLU B 230 15.05 4.96 12.03
N THR B 231 14.56 4.75 10.82
CA THR B 231 13.82 5.78 10.10
C THR B 231 12.35 5.46 9.81
N TYR B 232 11.74 4.66 10.68
CA TYR B 232 10.33 4.29 10.56
C TYR B 232 9.74 4.56 11.92
N LEU B 233 8.83 5.53 11.99
CA LEU B 233 8.20 5.88 13.24
C LEU B 233 7.55 4.64 13.86
N GLY B 234 6.96 3.81 13.00
CA GLY B 234 6.32 2.59 13.45
C GLY B 234 7.24 1.63 14.17
N ASN B 235 8.51 1.59 13.77
CA ASN B 235 9.49 0.71 14.39
C ASN B 235 9.78 1.02 15.84
N PHE B 236 9.75 2.30 16.20
CA PHE B 236 9.98 2.68 17.60
C PHE B 236 8.71 2.31 18.36
N ARG B 237 7.58 2.75 17.83
CA ARG B 237 6.27 2.52 18.43
C ARG B 237 5.88 1.06 18.68
N VAL B 238 6.22 0.18 17.74
CA VAL B 238 5.89 -1.24 17.89
C VAL B 238 6.63 -1.86 19.08
N ILE B 239 7.91 -1.52 19.22
CA ILE B 239 8.73 -2.04 20.31
C ILE B 239 8.14 -1.58 21.64
N LYS B 240 7.82 -0.30 21.72
CA LYS B 240 7.24 0.27 22.93
C LYS B 240 5.86 -0.32 23.19
N ARG B 241 5.12 -0.64 22.13
CA ARG B 241 3.80 -1.23 22.27
C ARG B 241 3.93 -2.61 22.92
N MET B 242 4.70 -3.48 22.28
CA MET B 242 4.92 -4.83 22.77
C MET B 242 5.42 -4.85 24.22
N LEU B 243 6.44 -4.04 24.50
CA LEU B 243 6.99 -3.98 25.84
C LEU B 243 5.91 -3.61 26.86
N SER B 244 5.12 -2.58 26.55
CA SER B 244 4.04 -2.17 27.44
C SER B 244 2.95 -3.23 27.50
N GLU B 245 2.78 -3.94 26.39
CA GLU B 245 1.77 -4.99 26.26
C GLU B 245 2.10 -6.17 27.18
N MET B 246 3.39 -6.34 27.46
CA MET B 246 3.88 -7.41 28.33
C MET B 246 3.99 -6.91 29.76
N GLY B 247 3.96 -5.59 29.92
CA GLY B 247 4.11 -5.01 31.25
C GLY B 247 5.58 -5.07 31.64
N VAL B 248 6.45 -4.87 30.65
CA VAL B 248 7.88 -4.90 30.88
C VAL B 248 8.42 -3.49 31.11
N GLY B 249 9.08 -3.29 32.24
CA GLY B 249 9.66 -1.99 32.52
C GLY B 249 10.79 -1.83 31.52
N TYR B 250 10.72 -0.79 30.69
CA TYR B 250 11.75 -0.57 29.69
C TYR B 250 12.16 0.89 29.64
N SER B 251 13.20 1.17 28.85
CA SER B 251 13.69 2.52 28.68
C SER B 251 14.31 2.58 27.29
N LEU B 252 13.58 3.15 26.35
CA LEU B 252 14.05 3.29 24.99
C LEU B 252 15.02 4.46 24.91
N LEU B 253 16.29 4.16 24.70
CA LEU B 253 17.33 5.16 24.62
C LEU B 253 17.45 5.70 23.19
N SER B 254 17.20 7.00 23.04
CA SER B 254 17.20 7.72 21.76
C SER B 254 15.85 7.45 21.08
N ASP B 255 14.82 8.16 21.55
CA ASP B 255 13.47 8.01 21.02
C ASP B 255 12.98 9.30 20.37
N PRO B 256 13.22 9.47 19.05
CA PRO B 256 12.78 10.67 18.36
C PRO B 256 11.43 10.52 17.67
N GLU B 257 10.65 9.50 18.04
CA GLU B 257 9.35 9.31 17.41
C GLU B 257 8.49 10.57 17.48
N GLU B 258 8.59 11.28 18.60
CA GLU B 258 7.84 12.50 18.82
C GLU B 258 8.33 13.64 17.94
N VAL B 259 9.64 13.85 17.95
CA VAL B 259 10.25 14.92 17.16
C VAL B 259 9.95 14.76 15.68
N LEU B 260 9.89 13.51 15.23
CA LEU B 260 9.63 13.22 13.84
C LEU B 260 8.16 13.07 13.47
N ASP B 261 7.28 13.59 14.32
CA ASP B 261 5.85 13.49 14.06
C ASP B 261 5.07 14.57 14.80
N THR B 262 5.60 15.78 14.82
CA THR B 262 4.93 16.89 15.48
C THR B 262 3.60 17.21 14.78
N PRO B 263 2.51 17.34 15.56
CA PRO B 263 1.20 17.64 14.99
C PRO B 263 1.14 19.06 14.44
N ALA B 264 0.51 19.22 13.28
CA ALA B 264 0.39 20.53 12.67
C ALA B 264 -0.87 21.20 13.21
N ASP B 265 -0.71 22.04 14.24
CA ASP B 265 -1.83 22.74 14.84
C ASP B 265 -1.56 24.23 15.04
N GLY B 266 -0.94 24.85 14.03
CA GLY B 266 -0.65 26.27 14.09
C GLY B 266 0.51 26.62 15.02
N GLN B 267 1.19 25.59 15.52
CA GLN B 267 2.30 25.80 16.43
C GLN B 267 3.48 24.96 16.00
N PHE B 268 4.68 25.52 16.11
CA PHE B 268 5.91 24.81 15.74
C PHE B 268 6.69 24.44 16.99
N ARG B 269 6.84 23.15 17.23
CA ARG B 269 7.59 22.66 18.38
C ARG B 269 8.93 22.22 17.83
N MET B 270 9.96 23.02 18.07
CA MET B 270 11.29 22.68 17.58
C MET B 270 11.74 21.36 18.17
N TYR B 271 11.66 21.27 19.50
CA TYR B 271 12.03 20.06 20.21
C TYR B 271 10.74 19.37 20.60
N ALA B 272 10.82 18.07 20.83
CA ALA B 272 9.67 17.28 21.23
C ALA B 272 10.15 16.26 22.25
N GLY B 273 9.25 15.37 22.66
CA GLY B 273 9.61 14.36 23.63
C GLY B 273 10.73 13.47 23.12
N GLY B 274 11.54 12.99 24.06
CA GLY B 274 12.65 12.13 23.73
C GLY B 274 13.15 11.46 25.01
N THR B 275 14.28 10.78 24.91
CA THR B 275 14.87 10.11 26.07
C THR B 275 15.36 11.16 27.06
N THR B 276 14.82 11.15 28.28
CA THR B 276 15.22 12.12 29.29
C THR B 276 16.64 11.83 29.74
N GLN B 277 17.39 12.89 30.06
CA GLN B 277 18.77 12.72 30.51
C GLN B 277 18.83 11.77 31.71
N GLU B 278 17.82 11.87 32.57
CA GLU B 278 17.75 11.00 33.75
C GLU B 278 17.71 9.53 33.34
N GLU B 279 16.97 9.21 32.28
CA GLU B 279 16.88 7.84 31.81
C GLU B 279 18.25 7.35 31.41
N MET B 280 19.05 8.25 30.85
CA MET B 280 20.39 7.93 30.40
C MET B 280 21.33 7.76 31.60
N LYS B 281 21.22 8.66 32.57
CA LYS B 281 22.04 8.60 33.77
C LYS B 281 21.70 7.36 34.60
N ASP B 282 20.43 6.98 34.57
CA ASP B 282 19.94 5.83 35.32
C ASP B 282 20.08 4.52 34.55
N ALA B 283 20.33 4.62 33.26
CA ALA B 283 20.47 3.46 32.37
C ALA B 283 21.32 2.31 32.91
N PRO B 284 22.47 2.60 33.54
CA PRO B 284 23.28 1.48 34.05
C PRO B 284 22.52 0.62 35.07
N ASN B 285 21.60 1.24 35.80
CA ASN B 285 20.82 0.54 36.81
C ASN B 285 19.82 -0.46 36.22
N ALA B 286 19.74 -0.51 34.90
CA ALA B 286 18.81 -1.40 34.21
C ALA B 286 19.22 -2.87 34.34
N LEU B 287 18.24 -3.75 34.18
CA LEU B 287 18.46 -5.19 34.24
C LEU B 287 19.47 -5.62 33.18
N ASN B 288 19.28 -5.09 31.98
CA ASN B 288 20.15 -5.42 30.87
C ASN B 288 19.88 -4.43 29.75
N THR B 289 20.51 -4.64 28.60
CA THR B 289 20.34 -3.76 27.45
C THR B 289 20.17 -4.61 26.20
N VAL B 290 19.13 -4.33 25.43
CA VAL B 290 18.86 -5.05 24.19
C VAL B 290 19.13 -4.10 23.04
N LEU B 291 19.97 -4.53 22.11
CA LEU B 291 20.29 -3.72 20.94
C LEU B 291 19.44 -4.22 19.78
N LEU B 292 18.45 -3.43 19.38
CA LEU B 292 17.55 -3.81 18.30
C LEU B 292 18.28 -4.05 17.00
N GLN B 293 19.35 -3.28 16.77
CA GLN B 293 20.15 -3.41 15.56
C GLN B 293 21.61 -3.52 15.94
N PRO B 294 22.00 -4.69 16.48
CA PRO B 294 23.36 -5.01 16.93
C PRO B 294 24.50 -4.75 15.96
N TRP B 295 24.29 -5.07 14.69
CA TRP B 295 25.35 -4.89 13.69
C TRP B 295 25.96 -3.51 13.48
N HIS B 296 25.33 -2.47 14.00
CA HIS B 296 25.89 -1.13 13.87
C HIS B 296 25.94 -0.42 15.22
N LEU B 297 25.87 -1.22 16.28
CA LEU B 297 25.92 -0.70 17.65
C LEU B 297 27.11 -1.35 18.35
N GLU B 298 28.07 -1.79 17.55
CA GLU B 298 29.30 -2.45 18.02
C GLU B 298 29.98 -1.71 19.17
N LYS B 299 30.35 -0.45 18.95
CA LYS B 299 31.04 0.36 19.97
C LYS B 299 30.19 0.50 21.24
N THR B 300 28.89 0.65 21.05
CA THR B 300 27.98 0.77 22.18
C THR B 300 27.94 -0.54 22.96
N LYS B 301 27.92 -1.67 22.25
CA LYS B 301 27.89 -2.98 22.88
C LYS B 301 29.07 -3.12 23.81
N LYS B 302 30.26 -2.79 23.31
CA LYS B 302 31.46 -2.88 24.13
C LYS B 302 31.40 -1.98 25.36
N PHE B 303 30.86 -0.78 25.19
CA PHE B 303 30.75 0.14 26.32
C PHE B 303 29.74 -0.35 27.36
N VAL B 304 28.61 -0.87 26.88
CA VAL B 304 27.56 -1.38 27.76
C VAL B 304 28.07 -2.58 28.57
N GLU B 305 28.65 -3.57 27.88
CA GLU B 305 29.17 -4.75 28.56
C GLU B 305 30.35 -4.37 29.45
N GLY B 306 31.29 -3.62 28.89
CA GLY B 306 32.47 -3.21 29.63
C GLY B 306 32.24 -2.32 30.83
N THR B 307 31.60 -1.18 30.62
CA THR B 307 31.33 -0.24 31.71
C THR B 307 30.05 -0.50 32.49
N TRP B 308 28.93 -0.69 31.78
CA TRP B 308 27.66 -0.93 32.45
C TRP B 308 27.56 -2.36 33.01
N LYS B 309 28.45 -3.23 32.57
CA LYS B 309 28.49 -4.63 33.01
C LYS B 309 27.22 -5.41 32.66
N HIS B 310 26.48 -4.95 31.64
CA HIS B 310 25.25 -5.62 31.22
C HIS B 310 25.57 -6.76 30.26
N GLU B 311 25.01 -7.93 30.53
CA GLU B 311 25.24 -9.10 29.68
C GLU B 311 24.29 -9.03 28.48
N VAL B 312 24.63 -8.19 27.52
CA VAL B 312 23.80 -8.01 26.32
C VAL B 312 23.57 -9.32 25.58
N PRO B 313 22.30 -9.69 25.40
CA PRO B 313 21.87 -10.91 24.72
C PRO B 313 22.25 -10.88 23.26
N LYS B 314 22.63 -12.03 22.72
CA LYS B 314 22.98 -12.11 21.31
C LYS B 314 21.68 -12.30 20.54
N LEU B 315 20.98 -11.20 20.32
CA LEU B 315 19.70 -11.20 19.61
C LEU B 315 19.80 -10.48 18.27
N ASN B 316 19.08 -11.00 17.29
CA ASN B 316 19.06 -10.41 15.96
C ASN B 316 17.97 -9.35 15.95
N ILE B 317 17.99 -8.48 14.94
CA ILE B 317 16.97 -7.44 14.83
C ILE B 317 15.62 -8.15 14.83
N PRO B 318 14.69 -7.72 15.70
CA PRO B 318 13.37 -8.35 15.77
C PRO B 318 12.54 -8.20 14.49
N MET B 319 12.93 -8.93 13.46
CA MET B 319 12.25 -8.90 12.17
C MET B 319 11.80 -10.29 11.78
N GLY B 320 10.54 -10.39 11.35
CA GLY B 320 10.02 -11.68 10.95
C GLY B 320 9.63 -12.54 12.14
N LEU B 321 8.93 -13.62 11.85
CA LEU B 321 8.45 -14.55 12.87
C LEU B 321 9.49 -14.98 13.91
N ASP B 322 10.38 -15.89 13.52
CA ASP B 322 11.43 -16.41 14.40
C ASP B 322 12.13 -15.37 15.27
N TRP B 323 12.77 -14.39 14.63
CA TRP B 323 13.50 -13.37 15.38
C TRP B 323 12.63 -12.58 16.36
N THR B 324 11.38 -12.33 15.99
CA THR B 324 10.48 -11.61 16.89
C THR B 324 10.19 -12.53 18.10
N ASP B 325 10.04 -13.83 17.83
CA ASP B 325 9.79 -14.80 18.89
C ASP B 325 10.95 -14.74 19.85
N GLU B 326 12.16 -14.90 19.31
CA GLU B 326 13.37 -14.88 20.11
C GLU B 326 13.48 -13.61 20.95
N PHE B 327 13.18 -12.48 20.34
CA PHE B 327 13.23 -11.19 21.02
C PHE B 327 12.28 -11.20 22.21
N LEU B 328 11.02 -11.53 21.95
CA LEU B 328 10.02 -11.58 23.01
C LEU B 328 10.41 -12.52 24.12
N MET B 329 10.79 -13.75 23.78
CA MET B 329 11.19 -14.75 24.75
C MET B 329 12.37 -14.27 25.59
N LYS B 330 13.35 -13.64 24.95
CA LYS B 330 14.51 -13.15 25.66
C LYS B 330 14.06 -12.08 26.64
N VAL B 331 13.28 -11.12 26.15
CA VAL B 331 12.77 -10.03 26.99
C VAL B 331 11.98 -10.63 28.16
N SER B 332 11.16 -11.62 27.84
CA SER B 332 10.34 -12.32 28.82
C SER B 332 11.25 -12.87 29.93
N GLU B 333 12.32 -13.57 29.51
CA GLU B 333 13.26 -14.16 30.44
C GLU B 333 13.93 -13.10 31.33
N ILE B 334 14.44 -12.04 30.72
CA ILE B 334 15.12 -10.97 31.44
C ILE B 334 14.22 -10.22 32.42
N SER B 335 12.97 -9.95 32.01
CA SER B 335 12.04 -9.21 32.85
C SER B 335 11.16 -10.10 33.72
N GLY B 336 11.14 -11.38 33.40
CA GLY B 336 10.32 -12.31 34.16
C GLY B 336 8.86 -12.14 33.81
N GLN B 337 8.57 -11.40 32.75
CA GLN B 337 7.20 -11.17 32.32
C GLN B 337 6.81 -12.19 31.26
N PRO B 338 5.74 -12.96 31.49
CA PRO B 338 5.29 -13.97 30.53
C PRO B 338 4.66 -13.30 29.31
N ILE B 339 4.95 -13.83 28.13
CA ILE B 339 4.40 -13.29 26.89
C ILE B 339 2.86 -13.36 26.97
N PRO B 340 2.19 -12.20 27.04
CA PRO B 340 0.74 -12.12 27.12
C PRO B 340 0.02 -12.77 25.97
N ALA B 341 -1.18 -13.28 26.23
CA ALA B 341 -1.99 -13.92 25.19
C ALA B 341 -2.22 -12.92 24.07
N SER B 342 -2.09 -11.64 24.41
CA SER B 342 -2.24 -10.55 23.46
C SER B 342 -1.26 -10.76 22.30
N LEU B 343 0.03 -10.86 22.64
CA LEU B 343 1.08 -11.09 21.65
C LEU B 343 1.01 -12.48 21.02
N THR B 344 0.73 -13.49 21.84
CA THR B 344 0.62 -14.86 21.35
C THR B 344 -0.38 -14.92 20.18
N LYS B 345 -1.54 -14.29 20.36
CA LYS B 345 -2.57 -14.26 19.33
C LYS B 345 -2.05 -13.53 18.09
N GLU B 346 -1.39 -12.38 18.31
CA GLU B 346 -0.83 -11.58 17.22
C GLU B 346 0.13 -12.41 16.39
N ARG B 347 0.94 -13.24 17.05
CA ARG B 347 1.87 -14.11 16.35
C ARG B 347 1.05 -15.07 15.50
N GLY B 348 0.02 -15.65 16.11
CA GLY B 348 -0.84 -16.58 15.41
C GLY B 348 -1.47 -15.99 14.16
N ARG B 349 -1.89 -14.73 14.26
CA ARG B 349 -2.50 -14.05 13.13
C ARG B 349 -1.52 -13.90 11.97
N LEU B 350 -0.29 -13.47 12.28
CA LEU B 350 0.72 -13.33 11.26
C LEU B 350 0.91 -14.66 10.55
N VAL B 351 1.01 -15.74 11.33
CA VAL B 351 1.17 -17.07 10.76
C VAL B 351 -0.02 -17.30 9.79
N ASP B 352 -1.21 -16.94 10.26
CA ASP B 352 -2.42 -17.09 9.45
C ASP B 352 -2.32 -16.32 8.13
N MET B 353 -1.77 -15.12 8.20
CA MET B 353 -1.62 -14.31 7.00
C MET B 353 -0.62 -14.99 6.07
N MET B 354 0.41 -15.58 6.66
CA MET B 354 1.45 -16.29 5.91
C MET B 354 0.81 -17.45 5.18
N THR B 355 0.02 -18.25 5.91
CA THR B 355 -0.65 -19.40 5.35
C THR B 355 -1.62 -19.02 4.23
N ASP B 356 -2.32 -17.90 4.41
CA ASP B 356 -3.28 -17.43 3.41
C ASP B 356 -2.59 -16.95 2.14
N SER B 357 -1.37 -16.44 2.28
CA SER B 357 -0.63 -15.89 1.13
C SER B 357 0.56 -16.72 0.64
N HIS B 358 0.89 -17.79 1.35
CA HIS B 358 2.03 -18.64 0.97
C HIS B 358 2.04 -19.05 -0.50
N THR B 359 0.84 -19.21 -1.07
CA THR B 359 0.70 -19.61 -2.47
C THR B 359 1.41 -18.68 -3.43
N TRP B 360 1.10 -17.39 -3.36
CA TRP B 360 1.70 -16.41 -4.25
C TRP B 360 3.16 -16.11 -3.92
N LEU B 361 3.50 -16.13 -2.63
CA LEU B 361 4.84 -15.83 -2.18
C LEU B 361 5.87 -16.89 -2.58
N HIS B 362 5.59 -18.14 -2.24
CA HIS B 362 6.49 -19.26 -2.51
C HIS B 362 7.17 -19.27 -3.87
N GLY B 363 8.46 -18.98 -3.89
CA GLY B 363 9.22 -19.01 -5.12
C GLY B 363 9.67 -17.68 -5.64
N LYS B 364 9.00 -16.60 -5.24
CA LYS B 364 9.36 -15.27 -5.71
C LYS B 364 10.77 -14.86 -5.31
N ARG B 365 11.58 -14.55 -6.31
CA ARG B 365 12.96 -14.14 -6.11
C ARG B 365 13.08 -12.62 -5.97
N PHE B 366 13.85 -12.18 -4.98
CA PHE B 366 14.02 -10.75 -4.73
C PHE B 366 15.47 -10.29 -4.66
N ALA B 367 15.65 -9.00 -4.91
CA ALA B 367 16.95 -8.34 -4.85
C ALA B 367 16.71 -7.27 -3.78
N LEU B 368 17.68 -7.02 -2.91
CA LEU B 368 17.46 -6.03 -1.86
C LEU B 368 18.73 -5.38 -1.33
N TRP B 369 18.55 -4.23 -0.68
CA TRP B 369 19.67 -3.49 -0.11
C TRP B 369 19.23 -2.61 1.06
N GLY B 370 20.21 -2.12 1.81
CA GLY B 370 19.94 -1.28 2.95
C GLY B 370 20.98 -1.51 4.02
N ASP B 371 20.71 -1.01 5.22
CA ASP B 371 21.64 -1.19 6.33
C ASP B 371 21.72 -2.67 6.70
N PRO B 372 22.88 -3.12 7.21
CA PRO B 372 23.17 -4.49 7.63
C PRO B 372 22.03 -5.23 8.35
N ASP B 373 21.63 -4.70 9.51
CA ASP B 373 20.56 -5.31 10.30
C ASP B 373 19.26 -5.43 9.52
N PHE B 374 18.79 -4.32 8.98
CA PHE B 374 17.57 -4.29 8.19
C PHE B 374 17.58 -5.39 7.13
N VAL B 375 18.64 -5.42 6.31
CA VAL B 375 18.78 -6.41 5.26
C VAL B 375 18.74 -7.83 5.82
N MET B 376 19.64 -8.10 6.75
CA MET B 376 19.75 -9.40 7.39
C MET B 376 18.36 -9.90 7.80
N GLY B 377 17.61 -9.04 8.49
CA GLY B 377 16.28 -9.39 8.94
C GLY B 377 15.31 -9.62 7.80
N LEU B 378 15.31 -8.70 6.84
CA LEU B 378 14.44 -8.80 5.67
C LEU B 378 14.64 -10.15 5.02
N VAL B 379 15.91 -10.57 4.94
CA VAL B 379 16.25 -11.86 4.36
C VAL B 379 15.57 -12.98 5.13
N LYS B 380 15.78 -13.01 6.44
CA LYS B 380 15.18 -14.04 7.28
C LYS B 380 13.69 -14.13 7.05
N PHE B 381 12.99 -13.00 7.08
CA PHE B 381 11.55 -13.01 6.88
C PHE B 381 11.20 -13.55 5.49
N LEU B 382 11.95 -13.12 4.49
CA LEU B 382 11.71 -13.58 3.12
C LEU B 382 11.77 -15.10 3.09
N LEU B 383 12.78 -15.66 3.74
CA LEU B 383 12.96 -17.11 3.79
C LEU B 383 11.76 -17.78 4.46
N GLU B 384 11.28 -17.17 5.55
CA GLU B 384 10.14 -17.70 6.29
C GLU B 384 8.87 -17.76 5.44
N LEU B 385 8.77 -16.85 4.48
CA LEU B 385 7.62 -16.78 3.58
C LEU B 385 7.75 -17.76 2.40
N GLY B 386 8.95 -18.29 2.22
CA GLY B 386 9.19 -19.22 1.13
C GLY B 386 9.62 -18.48 -0.13
N CYS B 387 10.22 -17.30 0.04
CA CYS B 387 10.69 -16.49 -1.09
C CYS B 387 12.20 -16.67 -1.19
N GLU B 388 12.81 -16.19 -2.26
CA GLU B 388 14.25 -16.34 -2.43
C GLU B 388 15.00 -15.03 -2.61
N PRO B 389 15.72 -14.60 -1.57
CA PRO B 389 16.50 -13.36 -1.61
C PRO B 389 17.79 -13.61 -2.39
N VAL B 390 17.66 -13.76 -3.72
CA VAL B 390 18.80 -14.04 -4.58
C VAL B 390 19.93 -13.02 -4.52
N HIS B 391 19.60 -11.73 -4.57
CA HIS B 391 20.62 -10.69 -4.53
C HIS B 391 20.52 -9.88 -3.25
N ILE B 392 21.35 -10.22 -2.27
CA ILE B 392 21.36 -9.53 -0.99
C ILE B 392 22.55 -8.57 -1.01
N LEU B 393 22.26 -7.27 -1.12
CA LEU B 393 23.33 -6.29 -1.17
C LEU B 393 23.29 -5.33 0.02
N CYS B 394 24.43 -5.15 0.65
CA CYS B 394 24.55 -4.26 1.77
C CYS B 394 25.87 -3.53 1.59
N HIS B 395 25.82 -2.36 0.99
CA HIS B 395 27.01 -1.57 0.73
C HIS B 395 27.88 -1.41 1.98
N ASN B 396 27.26 -0.97 3.07
CA ASN B 396 27.96 -0.78 4.33
C ASN B 396 28.10 -2.06 5.18
N GLY B 397 28.16 -3.21 4.52
CA GLY B 397 28.29 -4.46 5.25
C GLY B 397 29.75 -4.84 5.46
N ASN B 398 29.98 -5.82 6.34
CA ASN B 398 31.34 -6.28 6.61
C ASN B 398 31.45 -7.80 6.50
N LYS B 399 32.69 -8.28 6.49
CA LYS B 399 33.01 -9.70 6.35
C LYS B 399 32.24 -10.64 7.29
N ARG B 400 32.23 -10.31 8.58
CA ARG B 400 31.53 -11.10 9.59
C ARG B 400 30.03 -11.15 9.34
N TRP B 401 29.45 -9.98 9.00
CA TRP B 401 28.03 -9.87 8.72
C TRP B 401 27.66 -10.76 7.54
N LYS B 402 28.51 -10.72 6.50
CA LYS B 402 28.26 -11.53 5.32
C LYS B 402 28.15 -12.99 5.75
N LYS B 403 29.11 -13.43 6.57
CA LYS B 403 29.12 -14.80 7.05
C LYS B 403 27.81 -15.13 7.75
N ALA B 404 27.39 -14.24 8.66
CA ALA B 404 26.15 -14.41 9.41
C ALA B 404 24.98 -14.67 8.47
N VAL B 405 24.81 -13.81 7.47
CA VAL B 405 23.74 -13.95 6.51
C VAL B 405 23.90 -15.26 5.74
N ASP B 406 25.12 -15.57 5.33
CA ASP B 406 25.39 -16.80 4.59
C ASP B 406 24.93 -18.01 5.40
N ALA B 407 25.25 -18.02 6.68
CA ALA B 407 24.85 -19.12 7.55
C ALA B 407 23.33 -19.21 7.58
N ILE B 408 22.68 -18.05 7.67
CA ILE B 408 21.22 -17.97 7.69
C ILE B 408 20.65 -18.57 6.41
N LEU B 409 21.29 -18.26 5.29
CA LEU B 409 20.86 -18.75 3.99
C LEU B 409 21.08 -20.25 3.87
N ALA B 410 22.20 -20.72 4.41
CA ALA B 410 22.55 -22.13 4.36
C ALA B 410 21.61 -22.95 5.25
N ALA B 411 20.82 -22.27 6.06
CA ALA B 411 19.88 -22.93 6.95
C ALA B 411 18.53 -23.20 6.28
N SER B 412 18.36 -22.71 5.06
CA SER B 412 17.11 -22.89 4.34
C SER B 412 17.27 -23.16 2.86
N PRO B 413 16.44 -24.07 2.32
CA PRO B 413 16.47 -24.45 0.90
C PRO B 413 16.26 -23.22 0.02
N TYR B 414 15.47 -22.27 0.52
CA TYR B 414 15.17 -21.06 -0.21
C TYR B 414 16.36 -20.12 -0.38
N GLY B 415 17.36 -20.25 0.49
CA GLY B 415 18.54 -19.42 0.37
C GLY B 415 19.54 -20.00 -0.61
N LYS B 416 19.25 -21.19 -1.11
CA LYS B 416 20.12 -21.91 -2.04
C LYS B 416 20.76 -21.06 -3.15
N ASN B 417 19.97 -20.24 -3.83
CA ASN B 417 20.48 -19.42 -4.91
C ASN B 417 20.67 -17.95 -4.56
N ALA B 418 20.93 -17.69 -3.28
CA ALA B 418 21.15 -16.33 -2.82
C ALA B 418 22.64 -16.03 -2.81
N THR B 419 23.00 -14.76 -2.85
CA THR B 419 24.40 -14.34 -2.84
C THR B 419 24.52 -12.99 -2.12
N VAL B 420 25.26 -12.96 -1.01
CA VAL B 420 25.42 -11.74 -0.23
C VAL B 420 26.52 -10.88 -0.85
N TYR B 421 26.27 -9.58 -0.96
CA TYR B 421 27.22 -8.65 -1.54
C TYR B 421 27.48 -7.48 -0.61
N ILE B 422 28.71 -7.36 -0.14
CA ILE B 422 29.11 -6.29 0.75
C ILE B 422 29.99 -5.34 -0.06
N GLY B 423 30.02 -4.08 0.35
CA GLY B 423 30.83 -3.10 -0.36
C GLY B 423 30.45 -2.96 -1.81
N LYS B 424 29.18 -3.18 -2.13
CA LYS B 424 28.71 -3.07 -3.50
C LYS B 424 27.64 -1.99 -3.58
N ASP B 425 27.76 -1.12 -4.59
CA ASP B 425 26.79 -0.05 -4.78
C ASP B 425 25.67 -0.49 -5.70
N LEU B 426 24.64 0.35 -5.81
CA LEU B 426 23.47 0.05 -6.62
C LEU B 426 23.76 -0.17 -8.10
N TRP B 427 24.87 0.37 -8.61
CA TRP B 427 25.20 0.15 -10.01
C TRP B 427 25.55 -1.32 -10.20
N HIS B 428 26.14 -1.91 -9.16
CA HIS B 428 26.49 -3.33 -9.20
C HIS B 428 25.20 -4.12 -9.23
N LEU B 429 24.27 -3.74 -8.36
CA LEU B 429 22.98 -4.41 -8.28
C LEU B 429 22.22 -4.31 -9.59
N ARG B 430 22.32 -3.15 -10.23
CA ARG B 430 21.66 -2.92 -11.51
C ARG B 430 22.02 -4.08 -12.44
N SER B 431 23.31 -4.44 -12.47
CA SER B 431 23.76 -5.53 -13.31
C SER B 431 23.14 -6.85 -12.87
N LEU B 432 23.08 -7.07 -11.57
CA LEU B 432 22.51 -8.31 -11.04
C LEU B 432 21.05 -8.51 -11.45
N VAL B 433 20.27 -7.44 -11.45
CA VAL B 433 18.86 -7.55 -11.83
C VAL B 433 18.70 -7.69 -13.34
N PHE B 434 19.78 -7.49 -14.08
CA PHE B 434 19.75 -7.61 -15.52
C PHE B 434 20.17 -9.02 -15.94
N THR B 435 21.30 -9.46 -15.40
CA THR B 435 21.86 -10.78 -15.70
C THR B 435 21.05 -11.91 -15.08
N ASP B 436 20.86 -11.84 -13.77
CA ASP B 436 20.10 -12.85 -13.05
C ASP B 436 18.84 -12.15 -12.53
N LYS B 437 17.92 -11.86 -13.45
CA LYS B 437 16.70 -11.13 -13.11
C LYS B 437 15.76 -11.75 -12.08
N PRO B 438 15.51 -11.03 -10.97
CA PRO B 438 14.62 -11.45 -9.88
C PRO B 438 13.20 -10.96 -10.22
N ASP B 439 12.24 -11.26 -9.36
CA ASP B 439 10.86 -10.84 -9.61
C ASP B 439 10.61 -9.38 -9.23
N PHE B 440 11.07 -8.99 -8.05
CA PHE B 440 10.93 -7.63 -7.55
C PHE B 440 12.18 -7.28 -6.76
N MET B 441 12.32 -6.02 -6.41
CA MET B 441 13.46 -5.62 -5.60
C MET B 441 12.94 -4.77 -4.44
N ILE B 442 13.47 -5.03 -3.26
CA ILE B 442 13.06 -4.31 -2.06
C ILE B 442 14.15 -3.32 -1.70
N GLY B 443 13.83 -2.04 -1.62
CA GLY B 443 14.85 -1.06 -1.28
C GLY B 443 14.34 0.36 -1.12
N ASN B 444 15.27 1.30 -1.06
CA ASN B 444 14.93 2.71 -0.90
C ASN B 444 14.63 3.35 -2.25
N SER B 445 14.23 4.62 -2.22
CA SER B 445 13.89 5.34 -3.44
C SER B 445 14.92 5.33 -4.54
N TYR B 446 16.19 5.15 -4.19
CA TYR B 446 17.25 5.14 -5.20
C TYR B 446 17.07 4.03 -6.24
N GLY B 447 16.34 2.99 -5.89
CA GLY B 447 16.12 1.89 -6.81
C GLY B 447 15.16 2.19 -7.95
N LYS B 448 14.39 3.26 -7.84
CA LYS B 448 13.43 3.63 -8.89
C LYS B 448 14.11 3.79 -10.24
N PHE B 449 15.38 4.17 -10.21
CA PHE B 449 16.15 4.36 -11.43
C PHE B 449 16.57 3.02 -12.01
N ILE B 450 16.72 2.01 -11.15
CA ILE B 450 17.07 0.67 -11.60
C ILE B 450 15.85 0.12 -12.33
N GLN B 451 14.66 0.37 -11.78
CA GLN B 451 13.43 -0.09 -12.42
C GLN B 451 13.26 0.63 -13.76
N ARG B 452 13.64 1.91 -13.80
CA ARG B 452 13.55 2.68 -15.03
C ARG B 452 14.44 2.01 -16.07
N ASP B 453 15.68 1.74 -15.68
CA ASP B 453 16.63 1.07 -16.56
C ASP B 453 16.08 -0.27 -17.05
N THR B 454 15.68 -1.13 -16.11
CA THR B 454 15.15 -2.44 -16.46
C THR B 454 14.01 -2.38 -17.47
N LEU B 455 13.01 -1.55 -17.19
CA LEU B 455 11.88 -1.43 -18.10
C LEU B 455 12.35 -1.00 -19.49
N HIS B 456 13.33 -0.10 -19.54
CA HIS B 456 13.83 0.38 -20.82
C HIS B 456 14.35 -0.76 -21.72
N LYS B 457 14.74 -1.87 -21.12
CA LYS B 457 15.21 -3.00 -21.90
C LYS B 457 13.99 -3.67 -22.50
N GLY B 458 12.93 -3.78 -21.71
CA GLY B 458 11.70 -4.38 -22.16
C GLY B 458 10.75 -4.58 -20.98
N LYS B 459 9.46 -4.71 -21.26
CA LYS B 459 8.48 -4.90 -20.20
C LYS B 459 8.76 -6.15 -19.37
N GLU B 460 9.07 -7.25 -20.04
CA GLU B 460 9.35 -8.51 -19.34
C GLU B 460 10.66 -8.47 -18.57
N PHE B 461 11.43 -7.40 -18.77
CA PHE B 461 12.70 -7.25 -18.09
C PHE B 461 12.56 -6.28 -16.92
N GLU B 462 11.42 -5.59 -16.85
CA GLU B 462 11.16 -4.63 -15.78
C GLU B 462 11.07 -5.33 -14.44
N VAL B 463 11.85 -4.85 -13.49
CA VAL B 463 11.86 -5.41 -12.14
C VAL B 463 11.32 -4.32 -11.20
N PRO B 464 10.03 -4.41 -10.84
CA PRO B 464 9.37 -3.45 -9.96
C PRO B 464 10.06 -3.29 -8.62
N LEU B 465 10.10 -2.05 -8.13
CA LEU B 465 10.69 -1.73 -6.85
C LEU B 465 9.62 -1.68 -5.77
N ILE B 466 9.94 -2.24 -4.61
CA ILE B 466 9.06 -2.25 -3.46
C ILE B 466 9.80 -1.38 -2.46
N ARG B 467 9.26 -0.19 -2.22
CA ARG B 467 9.88 0.77 -1.32
C ARG B 467 9.84 0.44 0.17
N ILE B 468 10.91 -0.14 0.67
CA ILE B 468 11.05 -0.49 2.09
C ILE B 468 12.49 -0.17 2.47
N GLY B 469 12.68 0.77 3.37
CA GLY B 469 14.03 1.12 3.79
C GLY B 469 14.22 2.61 3.94
N PHE B 470 15.42 3.08 3.65
CA PHE B 470 15.74 4.49 3.77
C PHE B 470 16.81 4.85 2.74
N PRO B 471 16.64 6.00 2.06
CA PRO B 471 15.50 6.92 2.23
C PRO B 471 14.39 6.69 1.21
N ILE B 472 13.18 7.10 1.56
CA ILE B 472 12.03 7.00 0.66
C ILE B 472 11.58 8.44 0.49
N PHE B 473 11.92 9.01 -0.67
CA PHE B 473 11.61 10.39 -0.98
C PHE B 473 10.45 10.58 -1.96
N ASP B 474 10.21 9.58 -2.81
CA ASP B 474 9.14 9.70 -3.79
C ASP B 474 7.79 9.13 -3.40
N ARG B 475 7.60 8.90 -2.10
CA ARG B 475 6.33 8.36 -1.59
C ARG B 475 6.04 9.00 -0.25
N HIS B 476 4.86 9.62 -0.17
CA HIS B 476 4.46 10.30 1.04
C HIS B 476 4.04 9.44 2.23
N HIS B 477 4.69 9.67 3.36
CA HIS B 477 4.39 9.02 4.62
C HIS B 477 4.71 7.55 4.85
N LEU B 478 5.49 6.95 3.98
CA LEU B 478 5.84 5.54 4.19
C LEU B 478 6.69 5.41 5.45
N HIS B 479 7.27 6.53 5.90
CA HIS B 479 8.10 6.54 7.10
C HIS B 479 7.30 6.21 8.36
N ARG B 480 5.98 6.13 8.23
CA ARG B 480 5.11 5.82 9.36
C ARG B 480 5.00 4.31 9.53
N SER B 481 5.31 3.57 8.46
CA SER B 481 5.23 2.11 8.45
C SER B 481 6.07 1.42 9.52
N THR B 482 5.92 0.10 9.58
CA THR B 482 6.64 -0.72 10.55
C THR B 482 7.25 -1.94 9.85
N THR B 483 8.42 -2.36 10.32
CA THR B 483 9.11 -3.52 9.76
C THR B 483 9.45 -4.50 10.88
N LEU B 484 9.51 -3.99 12.10
CA LEU B 484 9.84 -4.82 13.27
C LEU B 484 8.63 -5.51 13.89
N GLY B 485 8.89 -6.63 14.55
CA GLY B 485 7.84 -7.38 15.21
C GLY B 485 6.83 -7.99 14.27
N TYR B 486 5.83 -8.68 14.84
CA TYR B 486 4.79 -9.31 14.04
C TYR B 486 4.04 -8.26 13.23
N GLU B 487 3.84 -7.08 13.83
CA GLU B 487 3.15 -5.97 13.18
C GLU B 487 3.89 -5.59 11.91
N GLY B 488 5.19 -5.35 12.05
CA GLY B 488 5.99 -4.99 10.89
C GLY B 488 5.99 -6.13 9.89
N ALA B 489 6.08 -7.35 10.39
CA ALA B 489 6.07 -8.53 9.55
C ALA B 489 4.80 -8.54 8.70
N MET B 490 3.65 -8.41 9.36
CA MET B 490 2.35 -8.41 8.69
C MET B 490 2.30 -7.37 7.59
N GLN B 491 2.77 -6.16 7.89
CA GLN B 491 2.77 -5.08 6.90
C GLN B 491 3.61 -5.46 5.71
N ILE B 492 4.84 -5.90 5.96
CA ILE B 492 5.77 -6.31 4.90
C ILE B 492 5.14 -7.41 4.05
N LEU B 493 4.59 -8.43 4.71
CA LEU B 493 3.96 -9.54 4.02
C LEU B 493 2.89 -9.00 3.10
N THR B 494 1.96 -8.22 3.67
CA THR B 494 0.86 -7.65 2.90
C THR B 494 1.43 -6.89 1.70
N THR B 495 2.33 -5.96 1.97
CA THR B 495 2.97 -5.17 0.92
C THR B 495 3.50 -6.03 -0.22
N LEU B 496 4.28 -7.06 0.11
CA LEU B 496 4.86 -7.96 -0.88
C LEU B 496 3.80 -8.66 -1.73
N VAL B 497 2.91 -9.40 -1.06
CA VAL B 497 1.83 -10.13 -1.74
C VAL B 497 1.07 -9.22 -2.69
N ASN B 498 0.63 -8.07 -2.18
CA ASN B 498 -0.11 -7.12 -2.99
C ASN B 498 0.72 -6.60 -4.16
N SER B 499 2.02 -6.40 -3.94
CA SER B 499 2.90 -5.93 -5.01
C SER B 499 2.90 -6.95 -6.14
N ILE B 500 2.97 -8.22 -5.76
CA ILE B 500 2.96 -9.34 -6.71
C ILE B 500 1.67 -9.29 -7.52
N LEU B 501 0.54 -9.29 -6.80
CA LEU B 501 -0.77 -9.25 -7.43
C LEU B 501 -0.93 -8.05 -8.36
N GLU B 502 -0.40 -6.90 -7.95
CA GLU B 502 -0.49 -5.69 -8.77
C GLU B 502 0.13 -5.95 -10.14
N ARG B 503 1.41 -6.30 -10.14
CA ARG B 503 2.13 -6.57 -11.38
C ARG B 503 1.41 -7.62 -12.23
N LEU B 504 0.81 -8.62 -11.57
CA LEU B 504 0.08 -9.64 -12.27
C LEU B 504 -1.11 -9.00 -12.98
N ASP B 505 -1.92 -8.25 -12.22
CA ASP B 505 -3.08 -7.57 -12.81
C ASP B 505 -2.67 -6.77 -14.03
N GLU B 506 -1.53 -6.08 -13.95
CA GLU B 506 -1.04 -5.28 -15.07
C GLU B 506 -0.73 -6.20 -16.25
N GLU B 507 0.07 -7.22 -15.99
CA GLU B 507 0.45 -8.17 -17.01
C GLU B 507 -0.76 -8.86 -17.65
N THR B 508 -1.82 -9.04 -16.87
CA THR B 508 -3.02 -9.70 -17.38
C THR B 508 -4.18 -8.74 -17.68
N ARG B 509 -3.87 -7.45 -17.79
CA ARG B 509 -4.89 -6.45 -18.06
C ARG B 509 -5.20 -6.33 -19.54
N GLY B 510 -4.32 -6.90 -20.37
CA GLY B 510 -4.53 -6.84 -21.80
C GLY B 510 -5.79 -7.56 -22.23
N MET B 511 -6.80 -6.80 -22.64
CA MET B 511 -8.06 -7.40 -23.07
C MET B 511 -7.88 -8.24 -24.33
N GLN B 512 -8.57 -9.38 -24.36
CA GLN B 512 -8.51 -10.35 -25.46
C GLN B 512 -7.19 -11.13 -25.39
N ALA B 513 -6.09 -10.40 -25.21
CA ALA B 513 -4.77 -11.01 -25.14
C ALA B 513 -4.40 -11.73 -23.84
N THR B 514 -4.26 -10.99 -22.74
CA THR B 514 -3.88 -11.60 -21.47
C THR B 514 -4.95 -11.51 -20.35
N ASP B 515 -6.02 -10.79 -20.61
CA ASP B 515 -7.07 -10.60 -19.60
C ASP B 515 -7.83 -11.85 -19.22
N TYR B 516 -7.55 -12.96 -19.88
CA TYR B 516 -8.23 -14.21 -19.56
C TYR B 516 -7.89 -14.66 -18.14
N ASN B 517 -6.70 -14.31 -17.67
CA ASN B 517 -6.24 -14.66 -16.32
C ASN B 517 -6.51 -13.54 -15.32
N HIS B 518 -7.22 -12.50 -15.75
CA HIS B 518 -7.53 -11.36 -14.88
C HIS B 518 -8.64 -11.78 -13.93
N ASP B 519 -8.28 -12.56 -12.91
CA ASP B 519 -9.24 -13.06 -11.93
C ASP B 519 -9.76 -12.01 -10.96
N LEU B 520 -11.03 -12.13 -10.61
CA LEU B 520 -11.65 -11.22 -9.65
C LEU B 520 -11.14 -11.60 -8.27
N VAL B 521 -11.08 -12.91 -8.03
CA VAL B 521 -10.64 -13.46 -6.76
C VAL B 521 -9.25 -14.08 -6.87
N ARG B 522 -8.39 -13.74 -5.91
CA ARG B 522 -7.02 -14.24 -5.86
C ARG B 522 -6.61 -14.56 -4.41
N MET C 3 -6.34 -46.08 9.19
CA MET C 3 -5.97 -47.42 8.65
C MET C 3 -6.94 -48.45 9.22
N SER C 4 -7.15 -49.54 8.49
CA SER C 4 -8.06 -50.63 8.89
C SER C 4 -9.53 -50.20 8.98
N ARG C 5 -10.40 -50.86 8.21
CA ARG C 5 -11.81 -50.52 8.21
C ARG C 5 -12.46 -50.52 9.60
N GLU C 6 -11.88 -51.28 10.52
CA GLU C 6 -12.39 -51.37 11.88
C GLU C 6 -12.16 -50.05 12.61
N GLU C 7 -10.95 -49.51 12.50
CA GLU C 7 -10.63 -48.24 13.12
C GLU C 7 -11.46 -47.13 12.46
N VAL C 8 -11.67 -47.26 11.15
CA VAL C 8 -12.48 -46.30 10.39
C VAL C 8 -13.95 -46.34 10.80
N GLU C 9 -14.55 -47.53 10.77
CA GLU C 9 -15.95 -47.71 11.15
C GLU C 9 -16.22 -47.18 12.55
N SER C 10 -15.22 -47.29 13.42
CA SER C 10 -15.33 -46.80 14.78
C SER C 10 -15.42 -45.27 14.68
N LEU C 11 -14.55 -44.69 13.86
CA LEU C 11 -14.51 -43.24 13.64
C LEU C 11 -15.88 -42.74 13.18
N ILE C 12 -16.39 -43.32 12.10
CA ILE C 12 -17.70 -42.96 11.57
C ILE C 12 -18.75 -43.01 12.69
N GLN C 13 -18.80 -44.13 13.40
CA GLN C 13 -19.76 -44.31 14.48
C GLN C 13 -19.60 -43.31 15.63
N GLU C 14 -18.36 -42.87 15.86
CA GLU C 14 -18.08 -41.90 16.93
C GLU C 14 -18.65 -40.54 16.57
N VAL C 15 -18.36 -40.10 15.36
CA VAL C 15 -18.81 -38.80 14.87
C VAL C 15 -20.35 -38.73 14.89
N LEU C 16 -20.99 -39.80 14.42
CA LEU C 16 -22.44 -39.89 14.38
C LEU C 16 -23.11 -39.67 15.74
N GLU C 17 -22.37 -39.86 16.82
CA GLU C 17 -22.91 -39.70 18.18
C GLU C 17 -23.55 -38.36 18.55
N VAL C 18 -23.07 -37.26 17.98
CA VAL C 18 -23.62 -35.93 18.28
C VAL C 18 -24.98 -35.70 17.63
N TYR C 19 -25.25 -36.43 16.57
CA TYR C 19 -26.49 -36.29 15.83
C TYR C 19 -27.73 -36.81 16.54
N PRO C 20 -28.81 -36.01 16.49
CA PRO C 20 -30.06 -36.44 17.13
C PRO C 20 -30.50 -37.66 16.29
N GLU C 21 -31.04 -38.70 16.94
CA GLU C 21 -31.44 -39.92 16.27
C GLU C 21 -31.83 -39.81 14.78
N LYS C 22 -32.74 -38.88 14.45
CA LYS C 22 -33.16 -38.71 13.07
C LYS C 22 -31.98 -38.46 12.12
N ALA C 23 -31.19 -37.44 12.42
CA ALA C 23 -30.03 -37.09 11.61
C ALA C 23 -28.95 -38.17 11.62
N ARG C 24 -28.78 -38.82 12.78
CA ARG C 24 -27.81 -39.89 12.93
C ARG C 24 -28.11 -41.02 11.95
N LYS C 25 -29.38 -41.43 11.92
CA LYS C 25 -29.84 -42.50 11.04
C LYS C 25 -29.49 -42.21 9.58
N ASP C 26 -29.83 -41.00 9.12
CA ASP C 26 -29.56 -40.60 7.74
C ASP C 26 -28.08 -40.55 7.40
N ARG C 27 -27.32 -39.82 8.21
CA ARG C 27 -25.87 -39.66 7.98
C ARG C 27 -25.07 -40.95 7.85
N ASN C 28 -25.42 -41.96 8.64
CA ASN C 28 -24.73 -43.24 8.59
C ASN C 28 -24.74 -43.82 7.17
N LYS C 29 -25.83 -43.59 6.45
CA LYS C 29 -25.99 -44.08 5.08
C LYS C 29 -25.08 -43.38 4.07
N HIS C 30 -24.46 -42.27 4.49
CA HIS C 30 -23.61 -41.51 3.58
C HIS C 30 -22.13 -41.57 3.95
N LEU C 31 -21.81 -42.42 4.93
CA LEU C 31 -20.44 -42.59 5.38
C LEU C 31 -20.17 -44.07 5.18
N ALA C 32 -19.08 -44.40 4.50
CA ALA C 32 -18.78 -45.79 4.23
C ALA C 32 -17.29 -46.04 4.03
N VAL C 33 -16.87 -47.26 4.32
CA VAL C 33 -15.49 -47.65 4.15
C VAL C 33 -15.38 -48.35 2.80
N ASN C 34 -14.54 -47.82 1.93
CA ASN C 34 -14.36 -48.36 0.59
C ASN C 34 -13.81 -49.78 0.57
N ASP C 35 -14.22 -50.50 -0.47
CA ASP C 35 -13.79 -51.87 -0.71
C ASP C 35 -13.94 -52.04 -2.21
N PRO C 36 -12.81 -52.13 -2.95
CA PRO C 36 -12.89 -52.30 -4.40
C PRO C 36 -13.73 -53.54 -4.73
N ALA C 37 -14.04 -53.73 -6.01
CA ALA C 37 -14.87 -54.86 -6.46
C ALA C 37 -16.34 -54.59 -6.17
N VAL C 38 -16.65 -54.09 -4.97
CA VAL C 38 -18.03 -53.77 -4.63
C VAL C 38 -18.47 -52.70 -5.63
N THR C 39 -19.55 -52.97 -6.35
CA THR C 39 -20.04 -52.03 -7.35
C THR C 39 -21.52 -51.69 -7.16
N GLN C 40 -21.81 -50.85 -6.15
CA GLN C 40 -23.18 -50.41 -5.88
C GLN C 40 -23.25 -49.58 -4.59
N SER C 41 -24.44 -49.56 -3.99
CA SER C 41 -24.70 -48.85 -2.75
C SER C 41 -24.62 -49.85 -1.59
N LYS C 42 -24.65 -51.14 -1.94
CA LYS C 42 -24.56 -52.24 -0.98
C LYS C 42 -23.57 -51.85 0.11
N LYS C 43 -22.42 -51.34 -0.32
CA LYS C 43 -21.38 -50.90 0.59
C LYS C 43 -21.80 -49.58 1.22
N CYS C 44 -22.72 -49.70 2.18
CA CYS C 44 -23.29 -48.60 2.95
C CYS C 44 -23.05 -47.19 2.39
N ILE C 45 -23.43 -46.98 1.13
CA ILE C 45 -23.22 -45.68 0.53
C ILE C 45 -24.36 -45.23 -0.39
N ILE C 46 -25.17 -44.33 0.13
CA ILE C 46 -26.28 -43.78 -0.65
C ILE C 46 -25.98 -42.31 -0.88
N SER C 47 -26.26 -41.84 -2.09
CA SER C 47 -25.99 -40.46 -2.45
C SER C 47 -27.16 -39.76 -3.12
N ASN C 48 -26.95 -38.52 -3.51
CA ASN C 48 -27.95 -37.69 -4.20
C ASN C 48 -29.28 -37.60 -3.46
N LYS C 49 -29.23 -37.29 -2.16
CA LYS C 49 -30.44 -37.19 -1.36
C LYS C 49 -30.50 -35.87 -0.59
N LYS C 50 -31.69 -35.53 -0.12
CA LYS C 50 -31.91 -34.31 0.65
C LYS C 50 -30.85 -34.14 1.72
N SER C 51 -30.27 -32.96 1.78
CA SER C 51 -29.26 -32.65 2.78
C SER C 51 -29.96 -32.35 4.09
N GLN C 52 -29.46 -32.91 5.18
CA GLN C 52 -30.06 -32.69 6.49
C GLN C 52 -29.97 -31.23 6.91
N PRO C 53 -31.11 -30.65 7.32
CA PRO C 53 -31.18 -29.25 7.74
C PRO C 53 -30.35 -28.99 8.99
N GLY C 54 -29.61 -27.89 9.00
CA GLY C 54 -28.82 -27.55 10.16
C GLY C 54 -27.44 -28.17 10.30
N LEU C 55 -27.14 -29.21 9.51
CA LEU C 55 -25.83 -29.86 9.61
C LEU C 55 -24.72 -29.17 8.83
N MET C 56 -24.99 -27.95 8.36
CA MET C 56 -24.03 -27.15 7.59
C MET C 56 -23.34 -27.96 6.49
N THR C 57 -24.07 -28.28 5.42
CA THR C 57 -23.46 -29.05 4.34
C THR C 57 -22.75 -28.06 3.42
N ILE C 58 -22.00 -28.60 2.46
CA ILE C 58 -21.25 -27.74 1.53
C ILE C 58 -21.91 -27.69 0.15
N ARG C 59 -23.14 -28.16 0.04
CA ARG C 59 -23.86 -28.17 -1.24
C ARG C 59 -24.31 -26.78 -1.71
N GLY C 60 -24.74 -26.72 -2.97
CA GLY C 60 -25.21 -25.48 -3.56
C GLY C 60 -26.65 -25.62 -4.00
N CYS C 61 -27.04 -24.83 -5.00
CA CYS C 61 -28.41 -24.85 -5.51
C CYS C 61 -28.44 -25.11 -7.01
N ALA C 62 -29.63 -25.45 -7.52
CA ALA C 62 -29.83 -25.71 -8.94
C ALA C 62 -29.32 -24.55 -9.79
N TYR C 63 -29.50 -23.32 -9.30
CA TYR C 63 -29.03 -22.14 -10.01
C TYR C 63 -27.52 -22.26 -10.26
N ALA C 64 -26.79 -22.66 -9.23
CA ALA C 64 -25.35 -22.85 -9.33
C ALA C 64 -25.04 -23.92 -10.38
N GLY C 65 -25.91 -24.92 -10.46
CA GLY C 65 -25.74 -25.99 -11.42
C GLY C 65 -25.88 -25.50 -12.84
N SER C 66 -26.82 -24.59 -13.08
CA SER C 66 -27.02 -24.04 -14.42
C SER C 66 -26.13 -22.82 -14.67
N LYS C 67 -26.45 -21.69 -14.06
CA LYS C 67 -25.66 -20.48 -14.26
C LYS C 67 -24.23 -20.68 -13.83
N GLY C 68 -24.05 -21.19 -12.63
CA GLY C 68 -22.72 -21.41 -12.09
C GLY C 68 -21.76 -22.25 -12.93
N VAL C 69 -22.13 -23.51 -13.19
CA VAL C 69 -21.24 -24.40 -13.94
C VAL C 69 -21.49 -24.65 -15.42
N VAL C 70 -22.74 -24.86 -15.82
CA VAL C 70 -23.04 -25.17 -17.22
C VAL C 70 -23.25 -23.99 -18.20
N TRP C 71 -24.21 -23.14 -17.90
CA TRP C 71 -24.52 -22.00 -18.77
C TRP C 71 -23.60 -20.79 -18.70
N GLY C 72 -23.19 -20.43 -17.49
CA GLY C 72 -22.31 -19.29 -17.32
C GLY C 72 -21.09 -19.27 -18.23
N PRO C 73 -20.32 -20.37 -18.28
CA PRO C 73 -19.12 -20.51 -19.10
C PRO C 73 -19.17 -20.10 -20.57
N ILE C 74 -20.37 -20.11 -21.16
CA ILE C 74 -20.51 -19.74 -22.57
C ILE C 74 -20.16 -18.27 -22.81
N LYS C 75 -19.11 -18.05 -23.59
CA LYS C 75 -18.60 -16.72 -23.89
C LYS C 75 -19.55 -15.74 -24.55
N ASP C 76 -19.74 -15.91 -25.86
CA ASP C 76 -20.59 -15.05 -26.68
C ASP C 76 -22.08 -15.19 -26.42
N MET C 77 -22.46 -15.17 -25.16
CA MET C 77 -23.86 -15.32 -24.80
C MET C 77 -24.09 -14.60 -23.47
N ILE C 78 -25.20 -13.88 -23.37
CA ILE C 78 -25.52 -13.16 -22.15
C ILE C 78 -26.44 -13.99 -21.27
N HIS C 79 -26.03 -14.20 -20.03
CA HIS C 79 -26.80 -14.99 -19.09
C HIS C 79 -27.37 -14.09 -18.00
N ILE C 80 -28.69 -14.04 -17.93
CA ILE C 80 -29.40 -13.21 -16.97
C ILE C 80 -29.77 -13.95 -15.70
N SER C 81 -29.22 -13.52 -14.58
CA SER C 81 -29.55 -14.09 -13.29
C SER C 81 -30.92 -13.47 -13.01
N HIS C 82 -31.96 -14.20 -13.35
CA HIS C 82 -33.33 -13.73 -13.19
C HIS C 82 -33.83 -13.93 -11.77
N GLY C 83 -33.98 -12.83 -11.06
CA GLY C 83 -34.44 -12.89 -9.68
C GLY C 83 -33.78 -11.75 -8.93
N PRO C 84 -33.84 -11.76 -7.59
CA PRO C 84 -33.23 -10.71 -6.76
C PRO C 84 -31.71 -10.67 -6.95
N VAL C 85 -31.08 -9.55 -6.64
CA VAL C 85 -29.63 -9.47 -6.75
C VAL C 85 -29.11 -10.39 -5.66
N GLY C 86 -27.91 -10.91 -5.83
CA GLY C 86 -27.39 -11.81 -4.82
C GLY C 86 -26.80 -12.98 -5.56
N CYS C 87 -27.64 -13.93 -5.98
CA CYS C 87 -27.18 -15.09 -6.72
C CYS C 87 -26.16 -14.67 -7.76
N GLY C 88 -26.55 -13.70 -8.59
CA GLY C 88 -25.66 -13.23 -9.63
C GLY C 88 -24.38 -12.61 -9.07
N GLN C 89 -24.54 -11.73 -8.09
CA GLN C 89 -23.41 -11.05 -7.46
C GLN C 89 -22.42 -12.02 -6.83
N TYR C 90 -22.90 -12.85 -5.91
CA TYR C 90 -22.06 -13.83 -5.23
C TYR C 90 -21.41 -14.77 -6.25
N SER C 91 -22.12 -14.99 -7.35
CA SER C 91 -21.63 -15.88 -8.39
C SER C 91 -20.75 -15.16 -9.42
N ARG C 92 -20.80 -13.84 -9.46
CA ARG C 92 -20.02 -13.09 -10.43
C ARG C 92 -18.53 -13.36 -10.35
N ALA C 93 -18.01 -13.92 -11.43
CA ALA C 93 -16.59 -14.26 -11.60
C ALA C 93 -16.01 -15.06 -10.45
N GLY C 94 -16.80 -16.00 -9.93
CA GLY C 94 -16.32 -16.84 -8.85
C GLY C 94 -15.59 -18.01 -9.45
N ARG C 95 -16.29 -18.73 -10.33
CA ARG C 95 -15.73 -19.89 -11.00
C ARG C 95 -14.69 -19.44 -12.03
N ARG C 96 -13.58 -20.15 -12.09
CA ARG C 96 -12.51 -19.81 -13.03
C ARG C 96 -12.63 -20.49 -14.38
N ASN C 97 -13.83 -20.44 -14.95
CA ASN C 97 -14.08 -21.01 -16.26
C ASN C 97 -13.51 -20.00 -17.25
N TYR C 98 -12.24 -20.17 -17.58
CA TYR C 98 -11.53 -19.27 -18.48
C TYR C 98 -12.04 -19.18 -19.92
N TYR C 99 -11.84 -18.00 -20.53
CA TYR C 99 -12.28 -17.76 -21.90
C TYR C 99 -11.40 -16.76 -22.66
N ILE C 100 -11.66 -16.65 -23.96
CA ILE C 100 -10.92 -15.74 -24.83
C ILE C 100 -11.94 -14.86 -25.52
N GLY C 101 -11.99 -13.59 -25.12
CA GLY C 101 -12.93 -12.67 -25.72
C GLY C 101 -12.79 -11.28 -25.15
N THR C 102 -13.45 -10.32 -25.81
CA THR C 102 -13.42 -8.95 -25.37
C THR C 102 -14.63 -8.79 -24.46
N THR C 103 -14.39 -8.99 -23.17
CA THR C 103 -15.43 -8.90 -22.16
C THR C 103 -16.21 -7.59 -22.24
N GLY C 104 -17.52 -7.70 -22.46
CA GLY C 104 -18.36 -6.52 -22.56
C GLY C 104 -18.86 -6.27 -23.96
N VAL C 105 -18.12 -6.71 -24.96
CA VAL C 105 -18.55 -6.50 -26.34
C VAL C 105 -19.00 -7.78 -27.05
N ASN C 106 -18.25 -8.87 -26.93
CA ASN C 106 -18.61 -10.14 -27.56
C ASN C 106 -18.67 -11.30 -26.56
N ALA C 107 -17.86 -11.21 -25.50
CA ALA C 107 -17.83 -12.23 -24.46
C ALA C 107 -18.38 -11.54 -23.21
N PHE C 108 -19.12 -12.26 -22.38
CA PHE C 108 -19.72 -11.63 -21.20
C PHE C 108 -19.61 -12.36 -19.87
N VAL C 109 -18.85 -13.46 -19.85
CA VAL C 109 -18.66 -14.28 -18.65
C VAL C 109 -18.42 -13.50 -17.33
N THR C 110 -17.41 -12.64 -17.34
CA THR C 110 -17.04 -11.80 -16.20
C THR C 110 -18.21 -11.02 -15.60
N MET C 111 -19.13 -10.60 -16.46
CA MET C 111 -20.27 -9.80 -16.06
C MET C 111 -21.40 -10.49 -15.32
N ASN C 112 -22.17 -9.70 -14.61
CA ASN C 112 -23.30 -10.19 -13.85
C ASN C 112 -24.54 -9.45 -14.32
N PHE C 113 -25.29 -10.07 -15.22
CA PHE C 113 -26.51 -9.46 -15.71
C PHE C 113 -27.61 -10.00 -14.83
N THR C 114 -28.42 -9.13 -14.28
CA THR C 114 -29.51 -9.56 -13.42
C THR C 114 -30.71 -8.67 -13.63
N SER C 115 -31.88 -9.20 -13.31
CA SER C 115 -33.12 -8.44 -13.43
C SER C 115 -33.39 -7.71 -12.12
N ASP C 116 -32.41 -7.78 -11.21
CA ASP C 116 -32.47 -7.14 -9.89
C ASP C 116 -33.88 -7.02 -9.36
N PHE C 117 -34.52 -8.16 -9.16
CA PHE C 117 -35.89 -8.17 -8.65
C PHE C 117 -36.06 -7.32 -7.40
N GLN C 118 -37.15 -6.58 -7.39
CA GLN C 118 -37.51 -5.73 -6.28
C GLN C 118 -38.92 -6.19 -5.95
N GLU C 119 -39.34 -5.93 -4.73
CA GLU C 119 -40.66 -6.34 -4.24
C GLU C 119 -41.82 -6.31 -5.25
N LYS C 120 -42.01 -5.18 -5.93
CA LYS C 120 -43.11 -5.06 -6.89
C LYS C 120 -43.03 -6.06 -8.04
N ASP C 121 -41.83 -6.53 -8.34
CA ASP C 121 -41.63 -7.51 -9.40
C ASP C 121 -42.11 -8.88 -8.97
N ILE C 122 -42.08 -9.14 -7.66
CA ILE C 122 -42.54 -10.42 -7.13
C ILE C 122 -44.06 -10.39 -7.10
N VAL C 123 -44.59 -9.41 -6.38
CA VAL C 123 -46.03 -9.24 -6.23
C VAL C 123 -46.79 -9.21 -7.58
N PHE C 124 -46.20 -8.57 -8.59
CA PHE C 124 -46.85 -8.49 -9.89
C PHE C 124 -46.22 -9.34 -10.97
N GLY C 125 -45.13 -10.03 -10.64
CA GLY C 125 -44.47 -10.88 -11.61
C GLY C 125 -43.67 -10.13 -12.65
N GLY C 126 -42.35 -10.18 -12.53
CA GLY C 126 -41.49 -9.49 -13.48
C GLY C 126 -41.41 -10.05 -14.89
N ASP C 127 -42.50 -10.60 -15.40
CA ASP C 127 -42.49 -11.16 -16.76
C ASP C 127 -42.36 -10.04 -17.79
N LYS C 128 -42.91 -8.88 -17.48
CA LYS C 128 -42.82 -7.73 -18.38
C LYS C 128 -41.42 -7.14 -18.27
N LYS C 129 -40.90 -7.11 -17.04
CA LYS C 129 -39.57 -6.59 -16.77
C LYS C 129 -38.56 -7.35 -17.61
N LEU C 130 -38.70 -8.66 -17.66
CA LEU C 130 -37.81 -9.52 -18.43
C LEU C 130 -37.79 -9.08 -19.89
N ALA C 131 -38.98 -8.95 -20.48
CA ALA C 131 -39.10 -8.54 -21.87
C ALA C 131 -38.36 -7.24 -22.13
N LYS C 132 -38.68 -6.23 -21.33
CA LYS C 132 -38.05 -4.92 -21.45
C LYS C 132 -36.54 -5.06 -21.27
N LEU C 133 -36.14 -5.91 -20.34
CA LEU C 133 -34.74 -6.16 -20.05
C LEU C 133 -34.03 -6.65 -21.31
N ILE C 134 -34.59 -7.68 -21.94
CA ILE C 134 -34.03 -8.25 -23.15
C ILE C 134 -33.76 -7.18 -24.20
N ASP C 135 -34.74 -6.32 -24.44
CA ASP C 135 -34.57 -5.23 -25.42
C ASP C 135 -33.37 -4.38 -25.05
N GLU C 136 -33.27 -4.02 -23.77
CA GLU C 136 -32.16 -3.22 -23.29
C GLU C 136 -30.85 -3.94 -23.57
N VAL C 137 -30.86 -5.26 -23.42
CA VAL C 137 -29.68 -6.07 -23.68
C VAL C 137 -29.27 -5.97 -25.15
N GLU C 138 -30.22 -6.24 -26.05
CA GLU C 138 -29.95 -6.19 -27.49
C GLU C 138 -29.40 -4.82 -27.89
N THR C 139 -29.92 -3.78 -27.27
CA THR C 139 -29.49 -2.42 -27.56
C THR C 139 -28.07 -2.16 -27.06
N LEU C 140 -27.81 -2.54 -25.81
CA LEU C 140 -26.50 -2.30 -25.19
C LEU C 140 -25.41 -3.33 -25.46
N PHE C 141 -25.80 -4.50 -25.95
CA PHE C 141 -24.84 -5.56 -26.23
C PHE C 141 -25.23 -6.23 -27.55
N PRO C 142 -25.13 -5.48 -28.66
CA PRO C 142 -25.46 -5.93 -30.00
C PRO C 142 -24.80 -7.23 -30.43
N LEU C 143 -23.54 -7.41 -30.01
CA LEU C 143 -22.77 -8.58 -30.38
C LEU C 143 -23.06 -9.90 -29.67
N ASN C 144 -24.07 -9.93 -28.81
CA ASN C 144 -24.39 -11.19 -28.14
C ASN C 144 -25.02 -12.15 -29.15
N LYS C 145 -24.67 -13.42 -29.03
CA LYS C 145 -25.20 -14.42 -29.93
C LYS C 145 -26.32 -15.22 -29.29
N GLY C 146 -26.83 -14.73 -28.17
CA GLY C 146 -27.90 -15.43 -27.48
C GLY C 146 -28.02 -14.97 -26.04
N ILE C 147 -29.11 -15.34 -25.41
CA ILE C 147 -29.38 -14.97 -24.02
C ILE C 147 -29.92 -16.21 -23.30
N SER C 148 -29.85 -16.21 -21.97
CA SER C 148 -30.36 -17.32 -21.20
C SER C 148 -30.85 -16.79 -19.86
N VAL C 149 -32.08 -17.11 -19.48
CA VAL C 149 -32.59 -16.65 -18.20
C VAL C 149 -32.38 -17.77 -17.16
N GLN C 150 -31.65 -17.46 -16.11
CA GLN C 150 -31.37 -18.44 -15.06
C GLN C 150 -32.29 -18.15 -13.90
N SER C 151 -33.28 -19.03 -13.71
CA SER C 151 -34.23 -18.85 -12.65
C SER C 151 -33.65 -18.96 -11.23
N GLU C 152 -33.94 -17.95 -10.42
CA GLU C 152 -33.54 -17.96 -9.01
C GLU C 152 -34.84 -18.36 -8.30
N CYS C 153 -34.75 -18.86 -7.07
CA CYS C 153 -35.94 -19.31 -6.33
C CYS C 153 -37.27 -18.62 -6.64
N PRO C 154 -37.33 -17.29 -6.45
CA PRO C 154 -38.57 -16.54 -6.72
C PRO C 154 -39.29 -16.90 -8.00
N ILE C 155 -38.55 -16.93 -9.10
CA ILE C 155 -39.11 -17.24 -10.42
C ILE C 155 -39.91 -18.53 -10.43
N GLY C 156 -39.39 -19.55 -9.75
CA GLY C 156 -40.07 -20.83 -9.70
C GLY C 156 -41.36 -20.77 -8.93
N LEU C 157 -41.34 -20.06 -7.82
CA LEU C 157 -42.52 -19.95 -6.97
C LEU C 157 -43.66 -19.14 -7.62
N ILE C 158 -43.39 -17.88 -7.93
CA ILE C 158 -44.40 -16.99 -8.51
C ILE C 158 -44.94 -17.46 -9.87
N GLY C 159 -44.22 -18.39 -10.49
CA GLY C 159 -44.66 -18.91 -11.76
C GLY C 159 -44.69 -17.88 -12.86
N ASP C 160 -43.53 -17.35 -13.22
CA ASP C 160 -43.47 -16.38 -14.31
C ASP C 160 -43.30 -17.21 -15.58
N ASP C 161 -44.12 -16.92 -16.60
CA ASP C 161 -44.05 -17.66 -17.87
C ASP C 161 -42.82 -17.27 -18.68
N ILE C 162 -41.63 -17.47 -18.10
CA ILE C 162 -40.38 -17.13 -18.77
C ILE C 162 -40.21 -17.84 -20.12
N GLU C 163 -40.80 -19.02 -20.24
CA GLU C 163 -40.73 -19.77 -21.49
C GLU C 163 -41.30 -18.90 -22.60
N SER C 164 -42.50 -18.38 -22.39
CA SER C 164 -43.17 -17.54 -23.37
C SER C 164 -42.37 -16.28 -23.68
N VAL C 165 -41.94 -15.57 -22.64
CA VAL C 165 -41.17 -14.36 -22.85
C VAL C 165 -39.98 -14.65 -23.76
N SER C 166 -39.33 -15.80 -23.53
CA SER C 166 -38.19 -16.23 -24.33
C SER C 166 -38.59 -16.52 -25.78
N LYS C 167 -39.66 -17.27 -25.95
CA LYS C 167 -40.13 -17.64 -27.28
C LYS C 167 -40.61 -16.45 -28.12
N VAL C 168 -41.35 -15.55 -27.48
CA VAL C 168 -41.88 -14.36 -28.15
C VAL C 168 -40.76 -13.39 -28.53
N LYS C 169 -39.96 -13.01 -27.54
CA LYS C 169 -38.85 -12.10 -27.78
C LYS C 169 -37.86 -12.71 -28.77
N GLY C 170 -37.60 -14.01 -28.60
CA GLY C 170 -36.69 -14.72 -29.49
C GLY C 170 -37.12 -14.64 -30.95
N ALA C 171 -38.39 -14.94 -31.20
CA ALA C 171 -38.94 -14.89 -32.56
C ALA C 171 -38.84 -13.49 -33.14
N GLU C 172 -39.19 -12.51 -32.33
CA GLU C 172 -39.14 -11.10 -32.72
C GLU C 172 -37.72 -10.66 -33.06
N LEU C 173 -36.83 -10.72 -32.07
CA LEU C 173 -35.45 -10.31 -32.24
C LEU C 173 -34.57 -11.27 -33.06
N SER C 174 -35.10 -12.45 -33.35
CA SER C 174 -34.37 -13.47 -34.11
C SER C 174 -33.09 -13.86 -33.36
N LYS C 175 -33.22 -13.97 -32.04
CA LYS C 175 -32.11 -14.33 -31.18
C LYS C 175 -32.49 -15.55 -30.36
N THR C 176 -31.52 -16.40 -30.08
CA THR C 176 -31.75 -17.59 -29.26
C THR C 176 -31.82 -17.15 -27.80
N ILE C 177 -32.99 -17.32 -27.19
CA ILE C 177 -33.17 -16.96 -25.79
C ILE C 177 -33.59 -18.24 -25.08
N VAL C 178 -32.74 -18.71 -24.18
CA VAL C 178 -32.96 -19.96 -23.47
C VAL C 178 -33.47 -19.82 -22.04
N PRO C 179 -34.72 -20.25 -21.79
CA PRO C 179 -35.33 -20.18 -20.45
C PRO C 179 -34.95 -21.38 -19.61
N VAL C 180 -34.18 -21.16 -18.55
CA VAL C 180 -33.76 -22.24 -17.68
C VAL C 180 -34.46 -22.19 -16.32
N ARG C 181 -35.09 -23.28 -15.94
CA ARG C 181 -35.80 -23.37 -14.67
C ARG C 181 -34.91 -23.94 -13.57
N CYS C 182 -33.78 -23.29 -13.31
CA CYS C 182 -32.85 -23.75 -12.28
C CYS C 182 -33.05 -23.08 -10.93
N GLU C 183 -34.30 -23.06 -10.46
CA GLU C 183 -34.61 -22.44 -9.18
C GLU C 183 -33.84 -23.13 -8.06
N GLY C 184 -33.08 -22.36 -7.29
CA GLY C 184 -32.29 -22.90 -6.21
C GLY C 184 -32.89 -24.02 -5.36
N PHE C 185 -34.17 -23.89 -5.03
CA PHE C 185 -34.87 -24.87 -4.21
C PHE C 185 -35.16 -26.19 -4.92
N ARG C 186 -35.25 -26.14 -6.24
CA ARG C 186 -35.54 -27.32 -7.03
C ARG C 186 -34.38 -28.30 -7.01
N GLY C 187 -34.62 -29.49 -6.47
CA GLY C 187 -33.59 -30.50 -6.41
C GLY C 187 -33.02 -30.67 -5.01
N VAL C 188 -31.73 -30.97 -4.93
CA VAL C 188 -31.04 -31.16 -3.64
C VAL C 188 -29.62 -30.61 -3.64
N SER C 189 -29.16 -30.16 -4.79
CA SER C 189 -27.80 -29.66 -4.93
C SER C 189 -27.64 -29.07 -6.31
N GLN C 190 -26.39 -28.84 -6.72
CA GLN C 190 -26.11 -28.30 -8.03
C GLN C 190 -26.39 -29.38 -9.07
N SER C 191 -26.37 -30.63 -8.63
CA SER C 191 -26.57 -31.77 -9.51
C SER C 191 -27.77 -31.66 -10.44
N LEU C 192 -28.96 -31.51 -9.89
CA LEU C 192 -30.15 -31.39 -10.73
C LEU C 192 -29.98 -30.23 -11.69
N GLY C 193 -29.28 -29.19 -11.22
CA GLY C 193 -29.02 -28.00 -12.04
C GLY C 193 -28.36 -28.41 -13.34
N HIS C 194 -27.45 -29.38 -13.26
CA HIS C 194 -26.77 -29.88 -14.45
C HIS C 194 -27.80 -30.48 -15.39
N HIS C 195 -28.55 -31.46 -14.89
CA HIS C 195 -29.57 -32.15 -15.67
C HIS C 195 -30.51 -31.15 -16.34
N ILE C 196 -30.95 -30.14 -15.60
CA ILE C 196 -31.85 -29.12 -16.11
C ILE C 196 -31.18 -28.34 -17.24
N ALA C 197 -29.98 -27.82 -16.97
CA ALA C 197 -29.22 -27.06 -17.96
C ALA C 197 -29.06 -27.88 -19.24
N ASN C 198 -28.73 -29.15 -19.08
CA ASN C 198 -28.55 -30.05 -20.23
C ASN C 198 -29.82 -30.11 -21.05
N ASP C 199 -30.95 -30.35 -20.38
CA ASP C 199 -32.26 -30.43 -21.04
C ASP C 199 -32.54 -29.12 -21.78
N ALA C 200 -32.23 -27.99 -21.14
CA ALA C 200 -32.43 -26.67 -21.74
C ALA C 200 -31.65 -26.60 -23.05
N VAL C 201 -30.39 -27.02 -23.01
CA VAL C 201 -29.54 -27.02 -24.20
C VAL C 201 -30.19 -27.85 -25.28
N ARG C 202 -30.58 -29.07 -24.90
CA ARG C 202 -31.23 -30.01 -25.82
C ARG C 202 -32.42 -29.40 -26.55
N ASP C 203 -33.32 -28.80 -25.78
CA ASP C 203 -34.54 -28.21 -26.31
C ASP C 203 -34.42 -26.85 -26.99
N TRP C 204 -33.52 -26.00 -26.51
CA TRP C 204 -33.39 -24.66 -27.07
C TRP C 204 -32.19 -24.33 -27.94
N VAL C 205 -31.13 -25.13 -27.87
CA VAL C 205 -29.92 -24.83 -28.64
C VAL C 205 -29.44 -25.90 -29.62
N LEU C 206 -29.25 -27.13 -29.13
CA LEU C 206 -28.74 -28.22 -29.96
C LEU C 206 -29.45 -28.40 -31.31
N GLY C 207 -30.76 -28.57 -31.25
CA GLY C 207 -31.54 -28.78 -32.47
C GLY C 207 -31.44 -27.74 -33.58
N LYS C 208 -31.00 -26.52 -33.25
CA LYS C 208 -30.90 -25.44 -34.23
C LYS C 208 -30.28 -25.75 -35.58
N ARG C 209 -29.23 -26.56 -35.61
CA ARG C 209 -28.58 -26.86 -36.87
C ARG C 209 -28.82 -28.25 -37.45
N ASP C 210 -29.86 -28.93 -36.99
CA ASP C 210 -30.17 -30.27 -37.48
C ASP C 210 -30.38 -30.37 -38.99
N GLU C 211 -31.07 -29.38 -39.56
CA GLU C 211 -31.35 -29.38 -40.99
C GLU C 211 -30.16 -28.90 -41.83
N ASP C 212 -29.23 -28.20 -41.18
CA ASP C 212 -28.04 -27.66 -41.84
C ASP C 212 -26.96 -28.72 -42.03
N THR C 213 -26.43 -28.80 -43.25
CA THR C 213 -25.38 -29.76 -43.59
C THR C 213 -24.13 -29.08 -44.14
N THR C 214 -24.07 -27.76 -44.05
CA THR C 214 -22.93 -27.00 -44.57
C THR C 214 -21.60 -27.25 -43.89
N PHE C 215 -21.63 -27.58 -42.60
CA PHE C 215 -20.40 -27.83 -41.85
C PHE C 215 -19.60 -29.01 -42.39
N ALA C 216 -18.35 -28.74 -42.75
CA ALA C 216 -17.45 -29.76 -43.27
C ALA C 216 -16.92 -30.63 -42.13
N SER C 217 -17.41 -31.86 -42.04
CA SER C 217 -16.98 -32.77 -41.00
C SER C 217 -15.82 -33.64 -41.47
N THR C 218 -15.08 -34.23 -40.53
CA THR C 218 -13.96 -35.09 -40.85
C THR C 218 -14.10 -36.34 -40.00
N PRO C 219 -13.39 -37.42 -40.36
CA PRO C 219 -13.46 -38.68 -39.61
C PRO C 219 -12.89 -38.56 -38.19
N TYR C 220 -12.24 -37.43 -37.90
CA TYR C 220 -11.62 -37.22 -36.60
C TYR C 220 -12.24 -36.08 -35.80
N ASP C 221 -13.48 -35.72 -36.15
CA ASP C 221 -14.17 -34.66 -35.45
C ASP C 221 -14.65 -35.14 -34.08
N VAL C 222 -14.05 -34.59 -33.04
CA VAL C 222 -14.43 -34.97 -31.69
C VAL C 222 -14.91 -33.74 -30.93
N ALA C 223 -15.48 -33.97 -29.76
CA ALA C 223 -15.98 -32.89 -28.92
C ALA C 223 -15.67 -33.22 -27.48
N ILE C 224 -15.17 -32.22 -26.75
CA ILE C 224 -14.83 -32.37 -25.34
C ILE C 224 -16.04 -31.88 -24.59
N ILE C 225 -16.70 -32.75 -23.85
CA ILE C 225 -17.87 -32.32 -23.10
C ILE C 225 -17.64 -32.59 -21.62
N GLY C 226 -17.92 -31.59 -20.79
CA GLY C 226 -17.73 -31.74 -19.37
C GLY C 226 -16.38 -31.23 -18.91
N ASP C 227 -15.84 -30.25 -19.64
CA ASP C 227 -14.56 -29.65 -19.27
C ASP C 227 -14.81 -28.16 -19.29
N TYR C 228 -14.80 -27.56 -18.11
CA TYR C 228 -15.08 -26.15 -17.96
C TYR C 228 -13.90 -25.21 -18.01
N ASN C 229 -12.77 -25.72 -18.51
CA ASN C 229 -11.56 -24.93 -18.67
C ASN C 229 -11.15 -24.16 -17.41
N ILE C 230 -11.33 -24.78 -16.25
CA ILE C 230 -10.96 -24.14 -15.00
C ILE C 230 -9.46 -23.87 -15.00
N GLY C 231 -9.10 -22.60 -15.05
CA GLY C 231 -7.70 -22.22 -15.08
C GLY C 231 -7.01 -22.62 -16.37
N GLY C 232 -7.79 -22.98 -17.39
CA GLY C 232 -7.20 -23.38 -18.65
C GLY C 232 -7.21 -24.89 -18.88
N ASP C 233 -7.86 -25.62 -17.98
CA ASP C 233 -7.95 -27.07 -18.08
C ASP C 233 -8.30 -27.63 -19.45
N ALA C 234 -9.34 -27.07 -20.06
CA ALA C 234 -9.78 -27.55 -21.36
C ALA C 234 -8.71 -27.38 -22.42
N TRP C 235 -8.12 -26.19 -22.49
CA TRP C 235 -7.08 -25.92 -23.47
C TRP C 235 -5.92 -26.90 -23.36
N SER C 236 -5.42 -27.10 -22.14
CA SER C 236 -4.31 -28.03 -21.93
C SER C 236 -4.67 -29.46 -22.34
N SER C 237 -5.96 -29.77 -22.37
CA SER C 237 -6.43 -31.10 -22.76
C SER C 237 -6.60 -31.15 -24.28
N ARG C 238 -7.16 -30.09 -24.84
CA ARG C 238 -7.41 -29.95 -26.26
C ARG C 238 -6.13 -30.09 -27.08
N ILE C 239 -5.09 -29.37 -26.68
CA ILE C 239 -3.81 -29.40 -27.38
C ILE C 239 -3.30 -30.81 -27.62
N LEU C 240 -3.45 -31.68 -26.63
CA LEU C 240 -3.01 -33.08 -26.74
C LEU C 240 -3.82 -33.81 -27.80
N LEU C 241 -5.14 -33.77 -27.66
CA LEU C 241 -6.04 -34.41 -28.59
C LEU C 241 -5.74 -34.02 -30.04
N GLU C 242 -5.69 -32.72 -30.30
CA GLU C 242 -5.42 -32.24 -31.64
C GLU C 242 -4.03 -32.65 -32.12
N GLU C 243 -3.07 -32.68 -31.20
CA GLU C 243 -1.71 -33.11 -31.54
C GLU C 243 -1.73 -34.51 -32.10
N MET C 244 -2.61 -35.37 -31.59
CA MET C 244 -2.70 -36.72 -32.11
C MET C 244 -3.68 -36.87 -33.27
N GLY C 245 -3.82 -35.79 -34.04
CA GLY C 245 -4.67 -35.80 -35.22
C GLY C 245 -6.16 -35.56 -35.11
N LEU C 246 -6.68 -35.41 -33.90
CA LEU C 246 -8.12 -35.17 -33.75
C LEU C 246 -8.44 -33.69 -33.96
N ARG C 247 -9.72 -33.41 -34.20
CA ARG C 247 -10.18 -32.04 -34.44
C ARG C 247 -11.30 -31.75 -33.45
N CYS C 248 -10.97 -30.99 -32.40
CA CYS C 248 -11.96 -30.64 -31.39
C CYS C 248 -12.92 -29.60 -31.91
N VAL C 249 -14.06 -30.06 -32.42
CA VAL C 249 -15.08 -29.18 -32.96
C VAL C 249 -15.66 -28.28 -31.88
N ALA C 250 -15.88 -28.85 -30.70
CA ALA C 250 -16.44 -28.06 -29.60
C ALA C 250 -16.06 -28.55 -28.20
N GLN C 251 -16.00 -27.59 -27.29
CA GLN C 251 -15.69 -27.85 -25.88
C GLN C 251 -16.96 -27.41 -25.19
N TRP C 252 -17.51 -28.25 -24.33
CA TRP C 252 -18.73 -27.88 -23.65
C TRP C 252 -18.52 -27.14 -22.34
N SER C 253 -18.73 -25.83 -22.44
CA SER C 253 -18.60 -24.88 -21.36
C SER C 253 -17.16 -24.58 -20.96
N GLY C 254 -16.29 -24.52 -21.95
CA GLY C 254 -14.89 -24.21 -21.69
C GLY C 254 -14.75 -22.83 -22.29
N ASP C 255 -14.03 -22.75 -23.39
CA ASP C 255 -13.87 -21.49 -24.10
C ASP C 255 -14.99 -21.63 -25.15
N GLY C 256 -16.17 -22.05 -24.67
CA GLY C 256 -17.30 -22.30 -25.54
C GLY C 256 -18.16 -21.17 -26.07
N SER C 257 -18.54 -21.32 -27.33
CA SER C 257 -19.38 -20.35 -28.01
C SER C 257 -20.65 -21.08 -28.40
N ILE C 258 -21.75 -20.35 -28.60
CA ILE C 258 -23.00 -20.99 -28.98
C ILE C 258 -22.87 -21.74 -30.31
N SER C 259 -22.09 -21.18 -31.22
CA SER C 259 -21.85 -21.79 -32.53
C SER C 259 -21.34 -23.21 -32.41
N GLU C 260 -20.20 -23.39 -31.76
CA GLU C 260 -19.62 -24.72 -31.59
C GLU C 260 -20.53 -25.69 -30.85
N ILE C 261 -21.41 -25.16 -30.00
CA ILE C 261 -22.36 -26.01 -29.28
C ILE C 261 -23.35 -26.56 -30.31
N GLU C 262 -23.80 -25.68 -31.21
CA GLU C 262 -24.74 -26.08 -32.25
C GLU C 262 -24.07 -27.05 -33.22
N LEU C 263 -22.76 -26.91 -33.38
CA LEU C 263 -21.98 -27.76 -34.28
C LEU C 263 -21.79 -29.18 -33.74
N THR C 264 -21.76 -29.30 -32.41
CA THR C 264 -21.56 -30.59 -31.74
C THR C 264 -22.25 -31.82 -32.33
N PRO C 265 -23.53 -31.71 -32.75
CA PRO C 265 -24.20 -32.89 -33.33
C PRO C 265 -23.54 -33.46 -34.59
N LYS C 266 -22.46 -32.83 -35.05
CA LYS C 266 -21.76 -33.27 -36.26
C LYS C 266 -20.44 -33.99 -35.93
N VAL C 267 -20.12 -34.09 -34.64
CA VAL C 267 -18.88 -34.74 -34.23
C VAL C 267 -19.00 -36.26 -34.33
N LYS C 268 -17.89 -36.91 -34.65
CA LYS C 268 -17.85 -38.36 -34.78
C LYS C 268 -17.84 -39.07 -33.42
N LEU C 269 -17.33 -38.39 -32.40
CA LEU C 269 -17.25 -38.97 -31.05
C LEU C 269 -17.25 -37.91 -29.96
N ASN C 270 -17.92 -38.22 -28.85
CA ASN C 270 -17.99 -37.32 -27.71
C ASN C 270 -17.14 -37.83 -26.55
N LEU C 271 -16.17 -37.02 -26.17
CA LEU C 271 -15.26 -37.36 -25.08
C LEU C 271 -15.79 -36.69 -23.82
N VAL C 272 -16.30 -37.51 -22.90
CA VAL C 272 -16.86 -37.00 -21.65
C VAL C 272 -15.86 -37.02 -20.51
N HIS C 273 -15.55 -35.84 -19.99
CA HIS C 273 -14.61 -35.75 -18.88
C HIS C 273 -15.43 -35.77 -17.60
N CYS C 274 -16.24 -34.74 -17.41
CA CYS C 274 -17.09 -34.64 -16.23
C CYS C 274 -18.37 -35.42 -16.46
N TYR C 275 -18.38 -36.66 -15.99
CA TYR C 275 -19.53 -37.52 -16.14
C TYR C 275 -20.80 -36.91 -15.54
N ARG C 276 -20.77 -36.66 -14.24
CA ARG C 276 -21.90 -36.11 -13.49
C ARG C 276 -22.67 -34.94 -14.12
N SER C 277 -21.98 -34.05 -14.81
CA SER C 277 -22.65 -32.90 -15.39
C SER C 277 -23.11 -33.00 -16.83
N MET C 278 -22.42 -33.77 -17.66
CA MET C 278 -22.78 -33.87 -19.07
C MET C 278 -23.35 -35.20 -19.57
N ASN C 279 -23.28 -36.26 -18.77
CA ASN C 279 -23.78 -37.56 -19.23
C ASN C 279 -25.17 -37.48 -19.84
N TYR C 280 -26.00 -36.59 -19.30
CA TYR C 280 -27.38 -36.42 -19.77
C TYR C 280 -27.42 -36.11 -21.27
N ILE C 281 -26.83 -34.99 -21.66
CA ILE C 281 -26.82 -34.58 -23.06
C ILE C 281 -26.05 -35.56 -23.95
N SER C 282 -25.03 -36.19 -23.38
CA SER C 282 -24.22 -37.16 -24.10
C SER C 282 -25.10 -38.30 -24.59
N ARG C 283 -25.94 -38.81 -23.68
CA ARG C 283 -26.86 -39.89 -23.99
C ARG C 283 -27.85 -39.44 -25.05
N HIS C 284 -28.36 -38.21 -24.90
CA HIS C 284 -29.30 -37.68 -25.87
C HIS C 284 -28.69 -37.59 -27.28
N MET C 285 -27.47 -37.08 -27.35
CA MET C 285 -26.80 -36.96 -28.64
C MET C 285 -26.60 -38.33 -29.28
N GLU C 286 -26.41 -39.35 -28.47
CA GLU C 286 -26.24 -40.70 -28.97
C GLU C 286 -27.54 -41.24 -29.54
N GLU C 287 -28.54 -41.41 -28.67
CA GLU C 287 -29.83 -41.93 -29.09
C GLU C 287 -30.44 -41.17 -30.27
N LYS C 288 -30.09 -39.89 -30.41
CA LYS C 288 -30.62 -39.11 -31.52
C LYS C 288 -29.72 -39.04 -32.75
N TYR C 289 -28.56 -38.38 -32.63
CA TYR C 289 -27.64 -38.24 -33.75
C TYR C 289 -26.76 -39.47 -33.94
N GLY C 290 -26.91 -40.45 -33.06
CA GLY C 290 -26.12 -41.66 -33.15
C GLY C 290 -24.64 -41.44 -32.88
N ILE C 291 -24.34 -40.37 -32.12
CA ILE C 291 -22.96 -40.04 -31.79
C ILE C 291 -22.53 -40.75 -30.50
N PRO C 292 -21.62 -41.72 -30.61
CA PRO C 292 -21.14 -42.47 -29.45
C PRO C 292 -20.35 -41.58 -28.49
N TRP C 293 -20.37 -41.93 -27.20
CA TRP C 293 -19.64 -41.16 -26.20
C TRP C 293 -18.89 -42.08 -25.24
N MET C 294 -17.72 -41.63 -24.81
CA MET C 294 -16.89 -42.39 -23.89
C MET C 294 -16.32 -41.45 -22.84
N GLU C 295 -16.08 -41.96 -21.64
CA GLU C 295 -15.52 -41.18 -20.55
C GLU C 295 -14.01 -41.23 -20.62
N TYR C 296 -13.34 -40.30 -19.95
CA TYR C 296 -11.89 -40.28 -19.93
C TYR C 296 -11.37 -39.44 -18.79
N ASN C 297 -10.08 -39.53 -18.53
CA ASN C 297 -9.45 -38.79 -17.45
C ASN C 297 -8.10 -38.23 -17.87
N PHE C 298 -7.86 -36.97 -17.52
CA PHE C 298 -6.61 -36.32 -17.87
C PHE C 298 -5.83 -35.88 -16.63
N PHE C 299 -6.21 -36.40 -15.48
CA PHE C 299 -5.52 -36.04 -14.24
C PHE C 299 -4.36 -36.97 -13.99
N GLY C 300 -3.16 -36.50 -14.34
CA GLY C 300 -1.96 -37.29 -14.14
C GLY C 300 -1.55 -37.97 -15.42
N PRO C 301 -0.25 -38.23 -15.62
CA PRO C 301 0.22 -38.89 -16.83
C PRO C 301 -0.37 -40.28 -17.08
N THR C 302 -0.33 -41.17 -16.08
CA THR C 302 -0.88 -42.52 -16.28
C THR C 302 -2.30 -42.45 -16.82
N LYS C 303 -3.16 -41.70 -16.13
CA LYS C 303 -4.56 -41.54 -16.54
C LYS C 303 -4.68 -40.88 -17.91
N THR C 304 -3.90 -39.82 -18.14
CA THR C 304 -3.93 -39.12 -19.41
C THR C 304 -3.56 -40.09 -20.54
N ILE C 305 -2.40 -40.72 -20.43
CA ILE C 305 -1.91 -41.68 -21.42
C ILE C 305 -2.96 -42.77 -21.65
N GLU C 306 -3.52 -43.31 -20.56
CA GLU C 306 -4.54 -44.35 -20.62
C GLU C 306 -5.67 -43.86 -21.54
N SER C 307 -6.16 -42.66 -21.25
CA SER C 307 -7.24 -42.06 -22.01
C SER C 307 -6.85 -41.82 -23.46
N LEU C 308 -5.71 -41.17 -23.69
CA LEU C 308 -5.22 -40.87 -25.03
C LEU C 308 -5.24 -42.09 -25.93
N ARG C 309 -4.78 -43.22 -25.39
CA ARG C 309 -4.76 -44.47 -26.13
C ARG C 309 -6.16 -44.99 -26.37
N ALA C 310 -6.95 -45.11 -25.31
CA ALA C 310 -8.32 -45.59 -25.41
C ALA C 310 -9.12 -44.77 -26.44
N ILE C 311 -8.86 -43.48 -26.48
CA ILE C 311 -9.53 -42.58 -27.41
C ILE C 311 -9.04 -42.84 -28.84
N ALA C 312 -7.72 -42.86 -29.03
CA ALA C 312 -7.15 -43.11 -30.35
C ALA C 312 -7.60 -44.46 -30.88
N ALA C 313 -7.83 -45.39 -29.95
CA ALA C 313 -8.27 -46.74 -30.27
C ALA C 313 -9.63 -46.76 -30.94
N LYS C 314 -10.40 -45.70 -30.76
CA LYS C 314 -11.72 -45.59 -31.36
C LYS C 314 -11.61 -45.14 -32.82
N PHE C 315 -10.39 -44.81 -33.24
CA PHE C 315 -10.15 -44.37 -34.61
C PHE C 315 -9.22 -45.32 -35.34
N ASP C 316 -8.72 -44.88 -36.50
CA ASP C 316 -7.82 -45.69 -37.31
C ASP C 316 -6.35 -45.58 -36.86
N GLU C 317 -5.46 -46.20 -37.62
CA GLU C 317 -4.03 -46.20 -37.29
C GLU C 317 -3.30 -44.87 -37.34
N SER C 318 -3.62 -43.99 -38.29
CA SER C 318 -2.94 -42.71 -38.35
C SER C 318 -3.06 -42.00 -37.01
N ILE C 319 -4.26 -42.06 -36.43
CA ILE C 319 -4.54 -41.46 -35.14
C ILE C 319 -3.75 -42.17 -34.05
N GLN C 320 -3.89 -43.49 -33.98
CA GLN C 320 -3.20 -44.30 -32.97
C GLN C 320 -1.69 -44.10 -33.02
N LYS C 321 -1.14 -44.06 -34.23
CA LYS C 321 0.29 -43.88 -34.43
C LYS C 321 0.68 -42.52 -33.87
N LYS C 322 -0.11 -41.50 -34.19
CA LYS C 322 0.15 -40.15 -33.69
C LYS C 322 0.06 -40.11 -32.17
N CYS C 323 -0.94 -40.80 -31.63
CA CYS C 323 -1.15 -40.87 -30.19
C CYS C 323 0.17 -41.23 -29.51
N GLU C 324 0.83 -42.25 -30.03
CA GLU C 324 2.12 -42.70 -29.49
C GLU C 324 3.19 -41.63 -29.58
N GLU C 325 3.22 -40.90 -30.70
CA GLU C 325 4.19 -39.82 -30.89
C GLU C 325 3.99 -38.76 -29.81
N VAL C 326 2.72 -38.49 -29.51
CA VAL C 326 2.35 -37.52 -28.49
C VAL C 326 2.85 -38.01 -27.13
N ILE C 327 2.49 -39.25 -26.79
CA ILE C 327 2.91 -39.87 -25.54
C ILE C 327 4.43 -39.82 -25.41
N ALA C 328 5.10 -40.11 -26.53
CA ALA C 328 6.56 -40.10 -26.58
C ALA C 328 7.09 -38.70 -26.34
N LYS C 329 6.53 -37.73 -27.05
CA LYS C 329 6.93 -36.33 -26.92
C LYS C 329 6.90 -35.83 -25.48
N TYR C 330 5.76 -35.99 -24.83
CA TYR C 330 5.59 -35.52 -23.46
C TYR C 330 6.21 -36.38 -22.36
N LYS C 331 6.65 -37.59 -22.73
CA LYS C 331 7.23 -38.49 -21.75
C LYS C 331 8.37 -37.90 -20.91
N PRO C 332 9.43 -37.38 -21.55
CA PRO C 332 10.55 -36.79 -20.80
C PRO C 332 10.11 -35.70 -19.84
N GLU C 333 9.07 -34.98 -20.23
CA GLU C 333 8.54 -33.89 -19.43
C GLU C 333 7.89 -34.36 -18.14
N TRP C 334 6.79 -35.08 -18.24
CA TRP C 334 6.10 -35.56 -17.04
C TRP C 334 7.02 -36.44 -16.20
N GLU C 335 7.93 -37.12 -16.88
CA GLU C 335 8.91 -37.99 -16.24
C GLU C 335 9.81 -37.14 -15.36
N ALA C 336 10.29 -36.04 -15.92
CA ALA C 336 11.15 -35.11 -15.19
C ALA C 336 10.38 -34.52 -14.02
N VAL C 337 9.09 -34.27 -14.24
CA VAL C 337 8.23 -33.71 -13.21
C VAL C 337 8.18 -34.63 -11.99
N VAL C 338 7.80 -35.89 -12.20
CA VAL C 338 7.72 -36.85 -11.10
C VAL C 338 9.10 -37.05 -10.46
N ALA C 339 10.13 -37.09 -11.30
CA ALA C 339 11.51 -37.27 -10.86
C ALA C 339 11.91 -36.24 -9.82
N LYS C 340 11.41 -35.01 -9.99
CA LYS C 340 11.71 -33.90 -9.08
C LYS C 340 10.77 -33.85 -7.87
N TYR C 341 9.47 -33.88 -8.13
CA TYR C 341 8.48 -33.76 -7.08
C TYR C 341 8.11 -35.00 -6.29
N ARG C 342 8.01 -36.16 -6.93
CA ARG C 342 7.64 -37.38 -6.22
C ARG C 342 8.41 -37.59 -4.91
N PRO C 343 9.75 -37.46 -4.94
CA PRO C 343 10.54 -37.64 -3.71
C PRO C 343 10.08 -36.73 -2.57
N ARG C 344 9.63 -35.53 -2.91
CA ARG C 344 9.18 -34.57 -1.90
C ARG C 344 7.78 -34.89 -1.39
N LEU C 345 7.02 -35.64 -2.17
CA LEU C 345 5.64 -36.00 -1.80
C LEU C 345 5.42 -37.50 -1.60
N GLU C 346 6.48 -38.29 -1.75
CA GLU C 346 6.41 -39.74 -1.60
C GLU C 346 5.72 -40.18 -0.32
N GLY C 347 4.73 -41.06 -0.46
CA GLY C 347 4.00 -41.58 0.68
C GLY C 347 3.15 -40.61 1.49
N LYS C 348 3.08 -39.35 1.07
CA LYS C 348 2.27 -38.37 1.81
C LYS C 348 0.79 -38.64 1.57
N ARG C 349 0.05 -38.76 2.67
CA ARG C 349 -1.39 -39.05 2.65
C ARG C 349 -2.26 -37.83 2.39
N VAL C 350 -3.28 -38.01 1.56
CA VAL C 350 -4.20 -36.94 1.18
C VAL C 350 -5.68 -37.29 1.32
N MET C 351 -6.48 -36.33 1.78
CA MET C 351 -7.92 -36.51 1.91
C MET C 351 -8.59 -35.49 1.01
N LEU C 352 -9.69 -35.88 0.37
CA LEU C 352 -10.38 -34.99 -0.55
C LEU C 352 -11.88 -34.92 -0.34
N TYR C 353 -12.47 -33.91 -0.97
CA TYR C 353 -13.91 -33.66 -0.95
C TYR C 353 -14.14 -32.56 -1.97
N ILE C 354 -14.87 -32.86 -3.03
CA ILE C 354 -15.12 -31.89 -4.08
C ILE C 354 -16.55 -32.05 -4.62
N GLY C 355 -16.76 -31.69 -5.89
CA GLY C 355 -18.09 -31.77 -6.49
C GLY C 355 -18.69 -33.13 -6.84
N GLY C 356 -18.52 -33.54 -8.09
CA GLY C 356 -19.06 -34.80 -8.55
C GLY C 356 -18.26 -35.45 -9.66
N LEU C 357 -16.94 -35.39 -9.55
CA LEU C 357 -16.04 -35.98 -10.53
C LEU C 357 -14.64 -36.03 -9.97
N ARG C 358 -14.05 -34.86 -9.79
CA ARG C 358 -12.70 -34.72 -9.26
C ARG C 358 -12.35 -35.60 -8.06
N PRO C 359 -13.27 -35.75 -7.08
CA PRO C 359 -12.97 -36.60 -5.92
C PRO C 359 -12.42 -37.99 -6.25
N ARG C 360 -12.67 -38.48 -7.46
CA ARG C 360 -12.17 -39.79 -7.87
C ARG C 360 -11.17 -39.61 -9.00
N HIS C 361 -11.45 -38.67 -9.89
CA HIS C 361 -10.60 -38.43 -11.04
C HIS C 361 -9.16 -38.03 -10.74
N VAL C 362 -8.96 -37.19 -9.73
CA VAL C 362 -7.62 -36.74 -9.38
C VAL C 362 -6.77 -37.78 -8.64
N ILE C 363 -7.40 -38.86 -8.17
CA ILE C 363 -6.70 -39.92 -7.44
C ILE C 363 -5.49 -40.41 -8.23
N GLY C 364 -5.69 -40.71 -9.52
CA GLY C 364 -4.62 -41.19 -10.37
C GLY C 364 -3.41 -40.28 -10.27
N ALA C 365 -3.62 -39.00 -10.55
CA ALA C 365 -2.56 -37.99 -10.50
C ALA C 365 -1.80 -38.02 -9.17
N TYR C 366 -2.52 -38.17 -8.06
CA TYR C 366 -1.90 -38.24 -6.75
C TYR C 366 -0.97 -39.43 -6.61
N GLU C 367 -1.44 -40.59 -7.07
CA GLU C 367 -0.64 -41.81 -6.99
C GLU C 367 0.59 -41.71 -7.89
N ASP C 368 0.49 -40.91 -8.94
CA ASP C 368 1.62 -40.72 -9.86
C ASP C 368 2.75 -39.97 -9.18
N LEU C 369 2.44 -39.23 -8.12
CA LEU C 369 3.42 -38.49 -7.35
C LEU C 369 3.72 -39.24 -6.06
N GLY C 370 3.28 -40.50 -6.00
CA GLY C 370 3.51 -41.33 -4.84
C GLY C 370 2.66 -41.05 -3.62
N MET C 371 1.61 -40.24 -3.77
CA MET C 371 0.74 -39.92 -2.64
C MET C 371 -0.42 -40.89 -2.52
N GLU C 372 -0.94 -41.03 -1.31
CA GLU C 372 -2.06 -41.94 -1.06
C GLU C 372 -3.29 -41.20 -0.57
N VAL C 373 -4.39 -41.35 -1.30
CA VAL C 373 -5.64 -40.71 -0.92
C VAL C 373 -6.35 -41.59 0.11
N VAL C 374 -6.23 -41.22 1.39
CA VAL C 374 -6.82 -41.97 2.49
C VAL C 374 -8.33 -41.80 2.61
N GLY C 375 -8.87 -40.80 1.93
CA GLY C 375 -10.31 -40.58 2.00
C GLY C 375 -10.77 -39.58 0.97
N THR C 376 -12.01 -39.71 0.54
CA THR C 376 -12.57 -38.79 -0.44
C THR C 376 -14.09 -38.83 -0.42
N GLY C 377 -14.70 -37.79 -0.97
CA GLY C 377 -16.14 -37.71 -1.01
C GLY C 377 -16.63 -36.65 -1.97
N TYR C 378 -17.92 -36.71 -2.27
CA TYR C 378 -18.54 -35.76 -3.19
C TYR C 378 -19.64 -34.99 -2.48
N GLU C 379 -20.06 -33.90 -3.11
CA GLU C 379 -21.14 -33.07 -2.57
C GLU C 379 -22.44 -33.55 -3.16
N PHE C 380 -22.45 -33.72 -4.48
CA PHE C 380 -23.67 -34.10 -5.20
C PHE C 380 -23.64 -35.34 -6.08
N ALA C 381 -22.55 -36.10 -6.05
CA ALA C 381 -22.47 -37.30 -6.89
C ALA C 381 -23.55 -38.33 -6.57
N HIS C 382 -24.00 -39.03 -7.60
CA HIS C 382 -25.02 -40.08 -7.46
C HIS C 382 -24.27 -41.38 -7.36
N ASN C 383 -24.98 -42.47 -7.12
CA ASN C 383 -24.33 -43.77 -7.02
C ASN C 383 -23.58 -44.17 -8.28
N ASP C 384 -23.91 -43.52 -9.40
CA ASP C 384 -23.24 -43.78 -10.67
C ASP C 384 -21.76 -43.55 -10.42
N ASP C 385 -21.44 -42.37 -9.91
CA ASP C 385 -20.07 -41.97 -9.60
C ASP C 385 -19.44 -42.86 -8.55
N TYR C 386 -20.19 -43.14 -7.48
CA TYR C 386 -19.69 -43.97 -6.40
C TYR C 386 -19.23 -45.35 -6.85
N ASP C 387 -19.91 -45.92 -7.86
CA ASP C 387 -19.51 -47.22 -8.37
C ASP C 387 -18.08 -47.04 -8.88
N ARG C 388 -17.90 -46.07 -9.77
CA ARG C 388 -16.61 -45.75 -10.37
C ARG C 388 -15.56 -45.39 -9.32
N THR C 389 -15.99 -44.72 -8.27
CA THR C 389 -15.10 -44.30 -7.20
C THR C 389 -14.44 -45.48 -6.49
N MET C 390 -15.22 -46.51 -6.22
CA MET C 390 -14.71 -47.68 -5.50
C MET C 390 -13.51 -48.40 -6.11
N LYS C 391 -13.42 -48.44 -7.44
CA LYS C 391 -12.29 -49.10 -8.10
C LYS C 391 -11.03 -48.23 -8.04
N GLU C 392 -11.20 -46.97 -7.65
CA GLU C 392 -10.09 -46.02 -7.56
C GLU C 392 -9.53 -45.92 -6.15
N MET C 393 -10.40 -45.96 -5.16
CA MET C 393 -9.99 -45.88 -3.77
C MET C 393 -9.39 -47.18 -3.26
N GLY C 394 -8.29 -47.05 -2.54
CA GLY C 394 -7.62 -48.23 -1.98
C GLY C 394 -8.50 -48.81 -0.89
N ASP C 395 -8.47 -50.13 -0.75
CA ASP C 395 -9.27 -50.80 0.26
C ASP C 395 -9.13 -50.14 1.63
N SER C 396 -10.27 -49.92 2.27
CA SER C 396 -10.33 -49.31 3.60
C SER C 396 -10.15 -47.81 3.68
N THR C 397 -10.27 -47.11 2.56
CA THR C 397 -10.14 -45.66 2.57
C THR C 397 -11.55 -45.13 2.90
N LEU C 398 -11.63 -43.97 3.53
CA LEU C 398 -12.92 -43.41 3.91
C LEU C 398 -13.67 -42.74 2.76
N LEU C 399 -14.98 -43.00 2.69
CA LEU C 399 -15.86 -42.43 1.67
C LEU C 399 -17.01 -41.69 2.34
N TYR C 400 -17.37 -40.53 1.80
CA TYR C 400 -18.45 -39.71 2.35
C TYR C 400 -19.21 -38.90 1.29
N ASP C 401 -20.53 -38.83 1.45
CA ASP C 401 -21.39 -38.11 0.53
C ASP C 401 -22.04 -36.96 1.30
N ASP C 402 -21.95 -35.75 0.74
CA ASP C 402 -22.52 -34.56 1.37
C ASP C 402 -22.06 -34.46 2.82
N VAL C 403 -20.75 -34.59 3.01
CA VAL C 403 -20.17 -34.53 4.35
C VAL C 403 -20.51 -33.23 5.06
N THR C 404 -20.96 -33.35 6.31
CA THR C 404 -21.29 -32.17 7.10
C THR C 404 -19.98 -31.54 7.56
N GLY C 405 -20.00 -30.24 7.81
CA GLY C 405 -18.79 -29.56 8.26
C GLY C 405 -18.16 -30.27 9.45
N TYR C 406 -18.98 -30.51 10.48
CA TYR C 406 -18.55 -31.18 11.69
C TYR C 406 -17.86 -32.51 11.39
N GLU C 407 -18.44 -33.29 10.48
CA GLU C 407 -17.88 -34.58 10.10
C GLU C 407 -16.47 -34.46 9.56
N PHE C 408 -16.31 -33.66 8.51
CA PHE C 408 -15.01 -33.47 7.88
C PHE C 408 -13.96 -33.10 8.92
N GLU C 409 -14.34 -32.26 9.87
CA GLU C 409 -13.43 -31.83 10.91
C GLU C 409 -12.96 -33.03 11.73
N GLU C 410 -13.90 -33.75 12.35
CA GLU C 410 -13.58 -34.91 13.17
C GLU C 410 -12.81 -35.98 12.40
N PHE C 411 -13.25 -36.26 11.18
CA PHE C 411 -12.58 -37.25 10.33
C PHE C 411 -11.12 -36.85 10.18
N VAL C 412 -10.90 -35.60 9.78
CA VAL C 412 -9.56 -35.06 9.61
C VAL C 412 -8.76 -35.15 10.90
N LYS C 413 -9.41 -34.92 12.03
CA LYS C 413 -8.73 -34.99 13.31
C LYS C 413 -8.04 -36.34 13.54
N ARG C 414 -8.73 -37.45 13.31
CA ARG C 414 -8.11 -38.75 13.51
C ARG C 414 -7.22 -39.16 12.33
N ILE C 415 -7.74 -38.99 11.11
CA ILE C 415 -6.97 -39.36 9.92
C ILE C 415 -5.62 -38.65 9.84
N LYS C 416 -5.59 -37.38 10.25
CA LYS C 416 -4.38 -36.55 10.25
C LYS C 416 -3.62 -36.59 8.92
N PRO C 417 -4.29 -36.27 7.80
CA PRO C 417 -3.68 -36.28 6.46
C PRO C 417 -2.56 -35.26 6.39
N ASP C 418 -1.65 -35.45 5.45
CA ASP C 418 -0.56 -34.51 5.28
C ASP C 418 -1.03 -33.35 4.42
N LEU C 419 -2.06 -33.60 3.62
CA LEU C 419 -2.63 -32.59 2.72
C LEU C 419 -4.12 -32.85 2.48
N ILE C 420 -4.89 -31.78 2.37
CA ILE C 420 -6.33 -31.88 2.13
C ILE C 420 -6.69 -31.03 0.93
N GLY C 421 -7.60 -31.53 0.10
CA GLY C 421 -8.02 -30.79 -1.08
C GLY C 421 -9.52 -30.67 -1.13
N SER C 422 -10.02 -29.45 -0.99
CA SER C 422 -11.46 -29.23 -1.02
C SER C 422 -11.77 -27.83 -1.55
N GLY C 423 -12.93 -27.29 -1.16
CA GLY C 423 -13.33 -25.97 -1.63
C GLY C 423 -12.93 -24.78 -0.78
N ILE C 424 -13.36 -23.61 -1.22
CA ILE C 424 -13.07 -22.34 -0.55
C ILE C 424 -13.65 -22.30 0.88
N LYS C 425 -14.87 -22.81 1.05
CA LYS C 425 -15.51 -22.83 2.36
C LYS C 425 -14.78 -23.74 3.36
N GLU C 426 -13.78 -24.47 2.87
CA GLU C 426 -13.01 -25.39 3.69
C GLU C 426 -11.59 -24.90 3.97
N LYS C 427 -10.93 -24.42 2.92
CA LYS C 427 -9.55 -23.94 2.99
C LYS C 427 -9.00 -23.45 4.32
N PHE C 428 -9.46 -22.28 4.74
CA PHE C 428 -9.00 -21.65 5.98
C PHE C 428 -9.28 -22.45 7.25
N ILE C 429 -10.33 -23.26 7.23
CA ILE C 429 -10.67 -24.06 8.40
C ILE C 429 -9.52 -25.00 8.72
N PHE C 430 -9.03 -25.70 7.71
CA PHE C 430 -7.94 -26.64 7.91
C PHE C 430 -6.57 -26.01 7.99
N GLN C 431 -6.41 -24.83 7.39
CA GLN C 431 -5.14 -24.12 7.48
C GLN C 431 -4.96 -23.76 8.94
N LYS C 432 -6.06 -23.36 9.58
CA LYS C 432 -6.04 -23.01 11.01
C LYS C 432 -5.51 -24.19 11.80
N MET C 433 -5.95 -25.39 11.42
CA MET C 433 -5.53 -26.63 12.07
C MET C 433 -4.08 -27.00 11.80
N GLY C 434 -3.46 -26.33 10.83
CA GLY C 434 -2.07 -26.61 10.52
C GLY C 434 -1.89 -27.69 9.46
N ILE C 435 -2.97 -28.01 8.76
CA ILE C 435 -2.92 -29.02 7.72
C ILE C 435 -2.84 -28.36 6.35
N PRO C 436 -1.79 -28.65 5.57
CA PRO C 436 -1.64 -28.06 4.24
C PRO C 436 -2.89 -28.29 3.41
N PHE C 437 -3.52 -27.19 3.01
CA PHE C 437 -4.74 -27.27 2.22
C PHE C 437 -4.51 -26.75 0.81
N ARG C 438 -5.26 -27.31 -0.13
CA ARG C 438 -5.20 -26.93 -1.53
C ARG C 438 -6.58 -26.97 -2.14
N GLU C 439 -7.03 -25.86 -2.72
CA GLU C 439 -8.34 -25.79 -3.34
C GLU C 439 -8.41 -26.64 -4.59
N MET C 440 -9.28 -27.64 -4.58
CA MET C 440 -9.42 -28.52 -5.75
C MET C 440 -10.55 -28.14 -6.68
N HIS C 441 -11.20 -27.01 -6.40
CA HIS C 441 -12.28 -26.51 -7.25
C HIS C 441 -11.69 -25.45 -8.17
N SER C 442 -11.02 -24.49 -7.55
CA SER C 442 -10.43 -23.36 -8.28
C SER C 442 -8.93 -23.49 -8.45
N TRP C 443 -8.38 -24.68 -8.20
CA TRP C 443 -6.95 -24.92 -8.33
C TRP C 443 -6.16 -23.92 -7.48
N ASP C 444 -6.83 -23.34 -6.50
CA ASP C 444 -6.24 -22.35 -5.63
C ASP C 444 -5.57 -21.25 -6.47
N TYR C 445 -6.31 -20.78 -7.46
CA TYR C 445 -5.88 -19.72 -8.36
C TYR C 445 -4.67 -20.08 -9.20
N SER C 446 -4.38 -21.37 -9.31
CA SER C 446 -3.24 -21.84 -10.09
C SER C 446 -3.61 -22.32 -11.50
N GLY C 447 -2.57 -22.53 -12.31
CA GLY C 447 -2.72 -22.96 -13.69
C GLY C 447 -3.48 -24.27 -13.88
N PRO C 448 -3.65 -24.70 -15.13
CA PRO C 448 -4.37 -25.94 -15.43
C PRO C 448 -3.73 -27.18 -14.80
N TYR C 449 -4.56 -28.18 -14.55
CA TYR C 449 -4.11 -29.44 -13.98
C TYR C 449 -4.30 -30.56 -15.00
N HIS C 450 -5.16 -30.32 -15.97
CA HIS C 450 -5.43 -31.32 -17.00
C HIS C 450 -4.24 -31.56 -17.90
N GLY C 451 -4.10 -32.80 -18.35
CA GLY C 451 -3.03 -33.17 -19.26
C GLY C 451 -1.63 -33.12 -18.65
N PHE C 452 -0.64 -33.23 -19.51
CA PHE C 452 0.76 -33.22 -19.08
C PHE C 452 1.19 -31.84 -18.58
N ASP C 453 0.90 -30.80 -19.35
CA ASP C 453 1.25 -29.44 -18.96
C ASP C 453 0.62 -29.08 -17.64
N GLY C 454 -0.63 -29.51 -17.45
CA GLY C 454 -1.33 -29.25 -16.21
C GLY C 454 -0.75 -30.04 -15.06
N PHE C 455 -0.30 -31.26 -15.37
CA PHE C 455 0.29 -32.12 -14.34
C PHE C 455 1.49 -31.47 -13.68
N ALA C 456 2.37 -30.87 -14.48
CA ALA C 456 3.55 -30.21 -13.94
C ALA C 456 3.12 -29.17 -12.90
N ILE C 457 2.08 -28.42 -13.23
CA ILE C 457 1.56 -27.38 -12.34
C ILE C 457 0.98 -28.00 -11.08
N PHE C 458 0.13 -29.02 -11.25
CA PHE C 458 -0.48 -29.74 -10.13
C PHE C 458 0.60 -30.23 -9.18
N ALA C 459 1.65 -30.81 -9.74
CA ALA C 459 2.77 -31.33 -8.96
C ALA C 459 3.44 -30.22 -8.15
N ARG C 460 3.83 -29.16 -8.83
CA ARG C 460 4.48 -28.02 -8.18
C ARG C 460 3.65 -27.50 -7.02
N ASP C 461 2.36 -27.31 -7.28
CA ASP C 461 1.43 -26.81 -6.27
C ASP C 461 1.42 -27.66 -5.02
N MET C 462 1.22 -28.95 -5.19
CA MET C 462 1.19 -29.87 -4.06
C MET C 462 2.45 -29.75 -3.22
N ASP C 463 3.62 -29.79 -3.86
CA ASP C 463 4.89 -29.66 -3.14
C ASP C 463 4.93 -28.32 -2.43
N MET C 464 4.74 -27.26 -3.21
CA MET C 464 4.74 -25.87 -2.74
C MET C 464 4.06 -25.69 -1.38
N THR C 465 2.85 -26.23 -1.28
CA THR C 465 2.05 -26.13 -0.07
C THR C 465 2.40 -27.18 0.97
N LEU C 466 2.35 -28.45 0.58
CA LEU C 466 2.63 -29.56 1.49
C LEU C 466 3.96 -29.44 2.24
N ASN C 467 4.99 -28.93 1.57
CA ASN C 467 6.29 -28.78 2.20
C ASN C 467 6.64 -27.31 2.44
N ASN C 468 5.63 -26.48 2.71
CA ASN C 468 5.88 -25.07 2.95
C ASN C 468 6.35 -24.87 4.38
N PRO C 469 7.39 -24.05 4.59
CA PRO C 469 7.94 -23.76 5.91
C PRO C 469 6.93 -23.16 6.89
N CYS C 470 5.91 -22.50 6.37
CA CYS C 470 4.89 -21.89 7.22
C CYS C 470 4.28 -22.92 8.17
N TRP C 471 4.16 -24.16 7.71
CA TRP C 471 3.57 -25.23 8.51
C TRP C 471 4.28 -25.60 9.80
N LYS C 472 5.61 -25.48 9.81
CA LYS C 472 6.37 -25.82 11.00
C LYS C 472 6.19 -24.76 12.10
N LYS C 473 5.87 -23.54 11.69
CA LYS C 473 5.71 -22.43 12.61
C LYS C 473 4.34 -22.21 13.30
N LEU C 474 3.45 -23.19 13.22
CA LEU C 474 2.13 -23.07 13.84
C LEU C 474 2.15 -22.84 15.36
N GLN C 475 2.98 -23.59 16.07
CA GLN C 475 3.07 -23.45 17.52
C GLN C 475 4.17 -22.53 18.01
N ALA C 476 3.78 -21.57 18.84
CA ALA C 476 4.71 -20.60 19.41
C ALA C 476 5.66 -21.29 20.37
N PRO C 477 6.97 -21.03 20.24
CA PRO C 477 8.04 -21.60 21.06
C PRO C 477 7.80 -21.59 22.57
N TRP C 478 7.13 -20.55 23.08
CA TRP C 478 6.85 -20.47 24.50
C TRP C 478 5.73 -21.38 24.98
N GLU C 479 5.31 -22.31 24.12
CA GLU C 479 4.25 -23.26 24.44
C GLU C 479 4.65 -24.66 23.97
N ALA C 480 4.08 -25.67 24.63
CA ALA C 480 4.35 -27.06 24.29
C ALA C 480 3.11 -27.89 24.60
N SER D 1 4.20 -27.73 -24.00
CA SER D 1 5.31 -28.31 -23.19
C SER D 1 5.50 -27.54 -21.89
N GLN D 2 6.45 -28.00 -21.08
CA GLN D 2 6.76 -27.39 -19.79
C GLN D 2 8.22 -27.66 -19.47
N GLN D 3 8.91 -26.68 -18.90
CA GLN D 3 10.30 -26.84 -18.53
C GLN D 3 10.31 -27.05 -17.02
N VAL D 4 10.37 -28.31 -16.61
CA VAL D 4 10.36 -28.68 -15.19
C VAL D 4 11.00 -27.69 -14.23
N ASP D 5 12.19 -27.22 -14.58
CA ASP D 5 12.95 -26.27 -13.76
C ASP D 5 12.24 -24.92 -13.58
N LYS D 6 11.48 -24.49 -14.60
CA LYS D 6 10.76 -23.22 -14.56
C LYS D 6 9.36 -23.41 -15.15
N ILE D 7 8.49 -24.05 -14.36
CA ILE D 7 7.11 -24.32 -14.78
C ILE D 7 6.30 -23.05 -15.01
N LYS D 8 5.57 -23.01 -16.12
CA LYS D 8 4.74 -21.87 -16.47
C LYS D 8 3.27 -22.20 -16.20
N ALA D 9 2.61 -21.37 -15.40
CA ALA D 9 1.20 -21.57 -15.08
C ALA D 9 0.35 -20.95 -16.20
N SER D 10 -0.97 -21.10 -16.09
CA SER D 10 -1.92 -20.58 -17.07
C SER D 10 -1.49 -19.32 -17.83
N TYR D 11 -1.05 -18.31 -17.10
CA TYR D 11 -0.63 -17.05 -17.71
C TYR D 11 0.50 -17.17 -18.74
N PRO D 12 1.76 -17.41 -18.31
CA PRO D 12 2.77 -17.50 -19.37
C PRO D 12 2.55 -18.68 -20.33
N LEU D 13 1.90 -19.74 -19.83
CA LEU D 13 1.67 -20.93 -20.63
C LEU D 13 0.92 -20.75 -21.94
N PHE D 14 -0.32 -20.28 -21.86
CA PHE D 14 -1.14 -20.11 -23.06
C PHE D 14 -0.66 -19.03 -24.03
N LEU D 15 0.52 -18.49 -23.76
CA LEU D 15 1.12 -17.49 -24.62
C LEU D 15 2.12 -18.15 -25.58
N ASP D 16 2.40 -19.43 -25.34
CA ASP D 16 3.31 -20.19 -26.18
C ASP D 16 2.68 -20.33 -27.55
N GLN D 17 3.52 -20.24 -28.60
CA GLN D 17 3.06 -20.32 -29.97
C GLN D 17 2.08 -21.46 -30.28
N ASP D 18 2.42 -22.69 -29.92
CA ASP D 18 1.53 -23.81 -30.21
C ASP D 18 0.14 -23.62 -29.61
N TYR D 19 0.08 -22.98 -28.44
CA TYR D 19 -1.18 -22.70 -27.79
C TYR D 19 -1.93 -21.60 -28.53
N LYS D 20 -1.23 -20.49 -28.79
CA LYS D 20 -1.82 -19.36 -29.53
C LYS D 20 -2.45 -19.86 -30.81
N ASP D 21 -1.65 -20.57 -31.60
CA ASP D 21 -2.09 -21.12 -32.87
C ASP D 21 -3.34 -21.97 -32.71
N MET D 22 -3.40 -22.77 -31.65
CA MET D 22 -4.55 -23.62 -31.39
C MET D 22 -5.81 -22.78 -31.22
N LEU D 23 -5.70 -21.75 -30.39
CA LEU D 23 -6.83 -20.85 -30.13
C LEU D 23 -7.26 -20.14 -31.40
N ALA D 24 -6.29 -19.70 -32.20
CA ALA D 24 -6.58 -19.03 -33.46
C ALA D 24 -7.44 -19.95 -34.32
N LYS D 25 -7.00 -21.20 -34.45
CA LYS D 25 -7.73 -22.18 -35.25
C LYS D 25 -9.11 -22.46 -34.67
N LYS D 26 -9.18 -22.56 -33.34
CA LYS D 26 -10.44 -22.80 -32.65
C LYS D 26 -11.43 -21.69 -32.98
N ARG D 27 -10.97 -20.45 -32.80
CA ARG D 27 -11.75 -19.26 -33.08
C ARG D 27 -12.25 -19.25 -34.52
N ASP D 28 -11.31 -19.27 -35.46
CA ASP D 28 -11.61 -19.26 -36.89
C ASP D 28 -12.37 -20.50 -37.35
N GLY D 29 -12.24 -21.58 -36.59
CA GLY D 29 -12.89 -22.82 -36.99
C GLY D 29 -14.29 -23.13 -36.50
N PHE D 30 -14.59 -22.81 -35.24
CA PHE D 30 -15.91 -23.15 -34.70
C PHE D 30 -16.56 -22.10 -33.82
N GLU D 31 -15.85 -21.01 -33.54
CA GLU D 31 -16.41 -19.96 -32.69
C GLU D 31 -17.30 -18.97 -33.42
N GLU D 32 -17.00 -18.74 -34.70
CA GLU D 32 -17.75 -17.80 -35.52
C GLU D 32 -17.82 -16.41 -34.86
N LYS D 33 -16.77 -16.03 -34.14
CA LYS D 33 -16.80 -14.74 -33.47
C LYS D 33 -16.80 -13.58 -34.46
N TYR D 34 -17.38 -12.47 -34.02
CA TYR D 34 -17.46 -11.27 -34.84
C TYR D 34 -16.08 -10.81 -35.24
N PRO D 35 -15.94 -10.24 -36.44
CA PRO D 35 -14.65 -9.75 -36.93
C PRO D 35 -14.04 -8.75 -35.97
N GLN D 36 -12.72 -8.81 -35.83
CA GLN D 36 -12.01 -7.91 -34.95
C GLN D 36 -12.41 -6.46 -35.14
N ASP D 37 -12.77 -6.10 -36.38
CA ASP D 37 -13.19 -4.75 -36.71
C ASP D 37 -14.47 -4.40 -35.98
N LYS D 38 -15.49 -5.25 -36.15
CA LYS D 38 -16.78 -5.03 -35.52
C LYS D 38 -16.61 -4.91 -34.02
N ILE D 39 -15.79 -5.79 -33.46
CA ILE D 39 -15.52 -5.78 -32.02
C ILE D 39 -14.93 -4.43 -31.61
N ASP D 40 -13.86 -4.02 -32.29
CA ASP D 40 -13.21 -2.74 -32.02
C ASP D 40 -14.20 -1.58 -32.15
N GLU D 41 -15.07 -1.66 -33.15
CA GLU D 41 -16.07 -0.64 -33.39
C GLU D 41 -17.05 -0.51 -32.23
N VAL D 42 -17.76 -1.59 -31.95
CA VAL D 42 -18.74 -1.60 -30.86
C VAL D 42 -18.11 -1.16 -29.54
N PHE D 43 -16.83 -1.48 -29.36
CA PHE D 43 -16.14 -1.07 -28.15
C PHE D 43 -16.05 0.44 -28.09
N GLN D 44 -15.47 1.04 -29.13
CA GLN D 44 -15.33 2.50 -29.16
C GLN D 44 -16.71 3.13 -28.95
N TRP D 45 -17.74 2.45 -29.43
CA TRP D 45 -19.11 2.92 -29.29
C TRP D 45 -19.52 2.97 -27.82
N THR D 46 -19.22 1.91 -27.07
CA THR D 46 -19.57 1.84 -25.65
C THR D 46 -18.93 2.92 -24.76
N THR D 47 -18.06 3.73 -25.34
CA THR D 47 -17.38 4.79 -24.59
C THR D 47 -17.96 6.18 -24.88
N THR D 48 -18.83 6.28 -25.88
CA THR D 48 -19.42 7.55 -26.26
C THR D 48 -20.57 7.99 -25.36
N LYS D 49 -20.90 9.28 -25.39
CA LYS D 49 -21.99 9.83 -24.61
C LYS D 49 -23.29 9.24 -25.13
N GLU D 50 -23.33 8.99 -26.44
CA GLU D 50 -24.51 8.41 -27.08
C GLU D 50 -24.81 7.07 -26.43
N TYR D 51 -23.79 6.24 -26.28
CA TYR D 51 -23.97 4.94 -25.65
C TYR D 51 -24.39 5.16 -24.20
N GLN D 52 -23.59 5.94 -23.46
CA GLN D 52 -23.88 6.24 -22.07
C GLN D 52 -25.33 6.63 -21.84
N GLU D 53 -25.88 7.46 -22.73
CA GLU D 53 -27.27 7.89 -22.58
C GLU D 53 -28.21 6.69 -22.62
N LEU D 54 -28.06 5.87 -23.65
CA LEU D 54 -28.89 4.67 -23.79
C LEU D 54 -28.68 3.79 -22.57
N ASN D 55 -27.43 3.77 -22.11
CA ASN D 55 -27.03 2.99 -20.95
C ASN D 55 -27.82 3.44 -19.72
N PHE D 56 -27.95 4.76 -19.55
CA PHE D 56 -28.69 5.30 -18.41
C PHE D 56 -30.21 5.22 -18.55
N GLN D 57 -30.70 4.96 -19.76
CA GLN D 57 -32.13 4.84 -20.01
C GLN D 57 -32.67 3.47 -19.55
N ARG D 58 -31.78 2.61 -19.10
CA ARG D 58 -32.14 1.27 -18.63
C ARG D 58 -33.15 1.32 -17.49
N GLU D 59 -34.18 0.49 -17.59
CA GLU D 59 -35.24 0.42 -16.58
C GLU D 59 -35.44 -0.99 -16.03
N ALA D 60 -34.79 -1.98 -16.64
CA ALA D 60 -34.92 -3.37 -16.20
C ALA D 60 -33.57 -4.05 -15.99
N LEU D 61 -32.77 -4.07 -17.05
CA LEU D 61 -31.46 -4.68 -16.99
C LEU D 61 -30.50 -4.00 -16.01
N THR D 62 -29.89 -4.83 -15.16
CA THR D 62 -28.91 -4.37 -14.20
C THR D 62 -27.64 -5.13 -14.59
N VAL D 63 -26.57 -4.40 -14.83
CA VAL D 63 -25.31 -5.03 -15.22
C VAL D 63 -24.21 -4.71 -14.21
N ASN D 64 -23.59 -5.75 -13.67
CA ASN D 64 -22.52 -5.59 -12.70
C ASN D 64 -22.98 -4.72 -11.54
N PRO D 65 -23.92 -5.24 -10.73
CA PRO D 65 -24.41 -4.45 -9.60
C PRO D 65 -23.31 -4.16 -8.57
N ALA D 66 -23.60 -3.22 -7.67
CA ALA D 66 -22.68 -2.82 -6.63
C ALA D 66 -23.41 -3.03 -5.30
N LYS D 67 -23.94 -4.24 -5.12
CA LYS D 67 -24.67 -4.59 -3.91
C LYS D 67 -24.89 -6.09 -3.86
N ALA D 68 -25.56 -6.55 -2.81
CA ALA D 68 -25.84 -7.96 -2.59
C ALA D 68 -27.16 -8.01 -1.84
N CYS D 69 -27.81 -9.17 -1.80
CA CYS D 69 -29.08 -9.31 -1.11
C CYS D 69 -28.97 -9.26 0.42
N GLN D 70 -30.08 -8.88 1.05
CA GLN D 70 -30.18 -8.76 2.50
C GLN D 70 -29.52 -9.83 3.38
N PRO D 71 -29.87 -11.11 3.19
CA PRO D 71 -29.30 -12.19 4.00
C PRO D 71 -27.79 -12.13 4.26
N LEU D 72 -27.02 -11.64 3.28
CA LEU D 72 -25.57 -11.53 3.47
C LEU D 72 -25.29 -10.66 4.69
N GLY D 73 -25.99 -9.53 4.76
CA GLY D 73 -25.81 -8.61 5.87
C GLY D 73 -26.26 -9.23 7.17
N ALA D 74 -27.41 -9.92 7.11
CA ALA D 74 -27.95 -10.57 8.30
C ALA D 74 -26.89 -11.50 8.89
N VAL D 75 -26.24 -12.26 8.03
CA VAL D 75 -25.20 -13.20 8.43
C VAL D 75 -24.05 -12.46 9.11
N LEU D 76 -23.48 -11.48 8.44
CA LEU D 76 -22.36 -10.72 9.01
C LEU D 76 -22.77 -10.18 10.38
N CYS D 77 -24.00 -9.66 10.47
CA CYS D 77 -24.51 -9.12 11.72
C CYS D 77 -24.54 -10.22 12.77
N ALA D 78 -24.97 -11.40 12.36
CA ALA D 78 -25.06 -12.55 13.25
C ALA D 78 -23.70 -12.91 13.81
N LEU D 79 -22.69 -12.94 12.94
CA LEU D 79 -21.33 -13.28 13.34
C LEU D 79 -20.75 -12.34 14.40
N GLY D 80 -21.39 -11.21 14.63
CA GLY D 80 -20.89 -10.27 15.62
C GLY D 80 -21.23 -10.59 17.06
N PHE D 81 -22.01 -11.65 17.29
CA PHE D 81 -22.41 -12.01 18.64
C PHE D 81 -21.80 -13.30 19.12
N GLU D 82 -21.35 -13.28 20.38
CA GLU D 82 -20.70 -14.42 21.05
C GLU D 82 -21.34 -15.78 20.80
N LYS D 83 -20.51 -16.73 20.37
CA LYS D 83 -20.93 -18.10 20.08
C LYS D 83 -22.29 -18.23 19.39
N THR D 84 -22.56 -17.31 18.47
CA THR D 84 -23.81 -17.30 17.72
C THR D 84 -23.56 -17.95 16.36
N MET D 85 -24.55 -18.70 15.89
CA MET D 85 -24.47 -19.39 14.62
C MET D 85 -25.50 -18.84 13.64
N PRO D 86 -25.04 -18.24 12.53
CA PRO D 86 -25.98 -17.69 11.53
C PRO D 86 -26.77 -18.86 10.94
N TYR D 87 -28.08 -18.71 10.90
CA TYR D 87 -28.98 -19.73 10.38
C TYR D 87 -29.90 -19.03 9.38
N VAL D 88 -29.79 -19.41 8.12
CA VAL D 88 -30.64 -18.80 7.09
C VAL D 88 -31.74 -19.78 6.69
N HIS D 89 -32.96 -19.52 7.14
CA HIS D 89 -34.09 -20.36 6.81
C HIS D 89 -34.44 -20.19 5.34
N GLY D 90 -34.15 -21.22 4.54
CA GLY D 90 -34.45 -21.15 3.13
C GLY D 90 -33.60 -22.12 2.34
N SER D 91 -33.34 -21.80 1.08
CA SER D 91 -32.51 -22.63 0.20
C SER D 91 -31.05 -22.64 0.67
N GLN D 92 -30.46 -23.82 0.69
CA GLN D 92 -29.08 -24.01 1.10
C GLN D 92 -28.08 -23.32 0.17
N GLY D 93 -28.48 -23.14 -1.09
CA GLY D 93 -27.61 -22.51 -2.07
C GLY D 93 -27.08 -21.16 -1.63
N CYS D 94 -27.96 -20.36 -1.03
CA CYS D 94 -27.58 -19.03 -0.57
C CYS D 94 -26.45 -19.09 0.42
N VAL D 95 -26.63 -19.88 1.47
CA VAL D 95 -25.63 -20.01 2.51
C VAL D 95 -24.26 -20.35 1.96
N ALA D 96 -24.20 -21.29 1.02
CA ALA D 96 -22.92 -21.64 0.42
C ALA D 96 -22.30 -20.37 -0.18
N TYR D 97 -23.12 -19.60 -0.88
CA TYR D 97 -22.70 -18.35 -1.51
C TYR D 97 -22.23 -17.30 -0.51
N PHE D 98 -23.01 -17.13 0.56
CA PHE D 98 -22.67 -16.15 1.58
C PHE D 98 -21.30 -16.47 2.14
N ARG D 99 -21.15 -17.70 2.63
CA ARG D 99 -19.90 -18.14 3.21
C ARG D 99 -18.73 -17.81 2.29
N SER D 100 -18.75 -18.33 1.08
CA SER D 100 -17.68 -18.10 0.14
C SER D 100 -17.42 -16.62 -0.14
N TYR D 101 -18.50 -15.84 -0.29
CA TYR D 101 -18.37 -14.40 -0.55
C TYR D 101 -17.51 -13.76 0.54
N PHE D 102 -17.79 -14.11 1.79
CA PHE D 102 -17.03 -13.59 2.91
C PHE D 102 -15.66 -14.26 3.04
N ASN D 103 -15.60 -15.55 2.73
CA ASN D 103 -14.36 -16.32 2.80
C ASN D 103 -13.29 -15.61 2.01
N ARG D 104 -13.65 -15.24 0.79
CA ARG D 104 -12.75 -14.57 -0.13
C ARG D 104 -12.33 -13.17 0.29
N HIS D 105 -13.20 -12.45 0.97
CA HIS D 105 -12.87 -11.09 1.41
C HIS D 105 -12.03 -11.04 2.68
N PHE D 106 -12.29 -11.98 3.59
CA PHE D 106 -11.57 -12.01 4.85
C PHE D 106 -10.45 -13.02 4.88
N ARG D 107 -10.52 -14.01 3.99
CA ARG D 107 -9.52 -15.07 3.94
C ARG D 107 -9.52 -15.72 5.31
N GLU D 108 -10.72 -16.09 5.75
CA GLU D 108 -10.97 -16.71 7.04
C GLU D 108 -12.16 -17.64 6.84
N PRO D 109 -12.40 -18.56 7.80
CA PRO D 109 -13.52 -19.48 7.71
C PRO D 109 -14.80 -18.69 7.97
N VAL D 110 -15.92 -19.13 7.39
CA VAL D 110 -17.18 -18.41 7.63
C VAL D 110 -18.26 -19.42 7.95
N SER D 111 -18.56 -19.55 9.24
CA SER D 111 -19.57 -20.49 9.69
C SER D 111 -21.00 -19.96 9.54
N CYS D 112 -21.83 -20.69 8.80
CA CYS D 112 -23.22 -20.32 8.58
C CYS D 112 -23.97 -21.57 8.15
N VAL D 113 -25.21 -21.72 8.59
CA VAL D 113 -25.99 -22.90 8.24
C VAL D 113 -27.30 -22.52 7.56
N SER D 114 -27.88 -23.50 6.87
CA SER D 114 -29.15 -23.35 6.19
C SER D 114 -29.94 -24.58 6.60
N ASP D 115 -31.27 -24.45 6.68
CA ASP D 115 -32.09 -25.61 7.04
C ASP D 115 -32.48 -26.37 5.78
N SER D 116 -31.74 -26.08 4.70
CA SER D 116 -31.91 -26.72 3.40
C SER D 116 -33.33 -27.03 2.96
N MET D 117 -34.06 -25.99 2.55
CA MET D 117 -35.43 -26.20 2.07
C MET D 117 -35.34 -26.54 0.60
N THR D 118 -36.15 -27.51 0.18
CA THR D 118 -36.18 -27.97 -1.20
C THR D 118 -37.58 -27.84 -1.80
N GLU D 119 -37.78 -28.46 -2.96
CA GLU D 119 -39.06 -28.46 -3.67
C GLU D 119 -40.28 -28.56 -2.74
N ASP D 120 -40.46 -29.73 -2.13
CA ASP D 120 -41.62 -29.95 -1.26
C ASP D 120 -41.64 -29.09 -0.01
N ALA D 121 -40.46 -28.62 0.41
CA ALA D 121 -40.37 -27.77 1.59
C ALA D 121 -40.96 -26.41 1.24
N ALA D 122 -40.79 -26.01 -0.02
CA ALA D 122 -41.33 -24.74 -0.50
C ALA D 122 -42.84 -24.84 -0.69
N VAL D 123 -43.29 -25.91 -1.34
CA VAL D 123 -44.71 -26.13 -1.57
C VAL D 123 -45.47 -26.28 -0.26
N PHE D 124 -45.01 -27.21 0.59
CA PHE D 124 -45.65 -27.46 1.88
C PHE D 124 -45.26 -26.53 3.02
N GLY D 125 -44.29 -25.64 2.77
CA GLY D 125 -43.85 -24.72 3.80
C GLY D 125 -42.98 -25.44 4.82
N GLY D 126 -41.70 -25.17 4.75
CA GLY D 126 -40.74 -25.81 5.64
C GLY D 126 -40.74 -25.51 7.12
N GLN D 127 -41.76 -25.95 7.86
CA GLN D 127 -41.78 -25.74 9.30
C GLN D 127 -40.88 -26.80 9.91
N GLN D 128 -40.90 -28.00 9.33
CA GLN D 128 -40.08 -29.11 9.81
C GLN D 128 -38.61 -28.75 9.69
N ASN D 129 -38.25 -28.15 8.56
CA ASN D 129 -36.87 -27.71 8.32
C ASN D 129 -36.40 -26.85 9.48
N MET D 130 -37.27 -25.96 9.94
CA MET D 130 -36.96 -25.08 11.05
C MET D 130 -36.74 -25.92 12.31
N LYS D 131 -37.67 -26.82 12.60
CA LYS D 131 -37.58 -27.68 13.77
C LYS D 131 -36.31 -28.52 13.79
N ASP D 132 -36.20 -29.42 12.81
CA ASP D 132 -35.04 -30.28 12.69
C ASP D 132 -33.77 -29.45 12.56
N GLY D 133 -33.80 -28.48 11.66
CA GLY D 133 -32.64 -27.60 11.45
C GLY D 133 -32.08 -26.99 12.71
N LEU D 134 -32.96 -26.47 13.56
CA LEU D 134 -32.54 -25.86 14.80
C LEU D 134 -31.97 -26.91 15.75
N GLN D 135 -32.69 -28.01 15.92
CA GLN D 135 -32.25 -29.09 16.81
C GLN D 135 -30.88 -29.60 16.37
N ASN D 136 -30.78 -29.94 15.09
CA ASN D 136 -29.55 -30.44 14.52
C ASN D 136 -28.42 -29.44 14.68
N CYS D 137 -28.71 -28.18 14.38
CA CYS D 137 -27.70 -27.13 14.49
C CYS D 137 -27.11 -27.05 15.90
N LYS D 138 -27.97 -26.91 16.91
CA LYS D 138 -27.51 -26.82 18.29
C LYS D 138 -26.68 -28.06 18.66
N ALA D 139 -27.28 -29.23 18.48
CA ALA D 139 -26.61 -30.49 18.82
C ALA D 139 -25.24 -30.68 18.16
N THR D 140 -25.14 -30.35 16.89
CA THR D 140 -23.89 -30.53 16.15
C THR D 140 -22.80 -29.49 16.36
N TYR D 141 -23.16 -28.21 16.22
CA TYR D 141 -22.18 -27.14 16.37
C TYR D 141 -22.19 -26.43 17.71
N LYS D 142 -23.02 -26.93 18.63
CA LYS D 142 -23.16 -26.39 19.97
C LYS D 142 -23.07 -24.87 20.14
N PRO D 143 -23.84 -24.11 19.33
CA PRO D 143 -23.78 -22.65 19.48
C PRO D 143 -24.62 -22.23 20.68
N ASP D 144 -24.33 -21.06 21.24
CA ASP D 144 -25.08 -20.55 22.37
C ASP D 144 -26.34 -19.83 21.90
N MET D 145 -26.29 -19.33 20.67
CA MET D 145 -27.40 -18.60 20.06
C MET D 145 -27.46 -18.86 18.56
N ILE D 146 -28.67 -18.82 18.01
CA ILE D 146 -28.88 -19.02 16.59
C ILE D 146 -29.66 -17.84 16.03
N ALA D 147 -29.07 -17.14 15.06
CA ALA D 147 -29.68 -15.97 14.45
C ALA D 147 -30.31 -16.31 13.10
N VAL D 148 -31.63 -16.39 13.07
CA VAL D 148 -32.36 -16.75 11.85
C VAL D 148 -32.56 -15.60 10.88
N SER D 149 -32.22 -15.85 9.62
CA SER D 149 -32.37 -14.89 8.52
C SER D 149 -33.22 -15.63 7.49
N THR D 150 -33.42 -15.03 6.32
CA THR D 150 -34.24 -15.69 5.30
C THR D 150 -33.74 -15.58 3.85
N THR D 151 -34.36 -16.37 2.99
CA THR D 151 -34.06 -16.41 1.56
C THR D 151 -35.36 -15.97 0.88
N CYS D 152 -35.25 -15.36 -0.30
CA CYS D 152 -36.43 -14.93 -1.04
C CYS D 152 -37.50 -16.01 -1.05
N MET D 153 -37.07 -17.26 -1.19
CA MET D 153 -37.98 -18.39 -1.21
C MET D 153 -38.90 -18.39 0.00
N ALA D 154 -38.28 -18.38 1.18
CA ALA D 154 -39.01 -18.35 2.45
C ALA D 154 -39.83 -17.06 2.64
N GLU D 155 -39.39 -15.98 1.98
CA GLU D 155 -40.06 -14.69 2.07
C GLU D 155 -41.29 -14.62 1.18
N VAL D 156 -41.26 -15.34 0.07
CA VAL D 156 -42.38 -15.37 -0.86
C VAL D 156 -43.50 -16.21 -0.27
N ILE D 157 -43.14 -17.42 0.18
CA ILE D 157 -44.09 -18.36 0.76
C ILE D 157 -44.57 -17.97 2.17
N GLY D 158 -44.20 -16.77 2.60
CA GLY D 158 -44.60 -16.28 3.91
C GLY D 158 -44.38 -17.22 5.09
N ASP D 159 -43.20 -17.83 5.18
CA ASP D 159 -42.93 -18.73 6.29
C ASP D 159 -42.80 -17.92 7.57
N ASP D 160 -43.77 -18.09 8.47
CA ASP D 160 -43.76 -17.36 9.73
C ASP D 160 -42.64 -17.85 10.64
N LEU D 161 -41.44 -17.26 10.46
CA LEU D 161 -40.27 -17.60 11.26
C LEU D 161 -40.63 -17.72 12.74
N ASN D 162 -41.30 -16.71 13.27
CA ASN D 162 -41.69 -16.68 14.67
C ASN D 162 -42.54 -17.89 15.04
N ALA D 163 -43.58 -18.16 14.26
CA ALA D 163 -44.46 -19.28 14.53
C ALA D 163 -43.66 -20.58 14.55
N PHE D 164 -42.86 -20.75 13.51
CA PHE D 164 -42.01 -21.93 13.37
C PHE D 164 -41.10 -22.12 14.56
N ILE D 165 -40.35 -21.07 14.90
CA ILE D 165 -39.43 -21.11 16.03
C ILE D 165 -40.18 -21.42 17.31
N ASN D 166 -41.30 -20.73 17.54
CA ASN D 166 -42.10 -20.96 18.73
C ASN D 166 -42.50 -22.43 18.82
N ASN D 167 -43.05 -22.95 17.72
CA ASN D 167 -43.45 -24.35 17.67
C ASN D 167 -42.25 -25.28 17.81
N SER D 168 -41.10 -24.86 17.30
CA SER D 168 -39.88 -25.65 17.39
C SER D 168 -39.53 -25.88 18.86
N LYS D 169 -39.72 -24.82 19.65
CA LYS D 169 -39.44 -24.88 21.08
C LYS D 169 -40.51 -25.65 21.85
N LYS D 170 -41.77 -25.35 21.57
CA LYS D 170 -42.89 -26.00 22.23
C LYS D 170 -42.92 -27.52 22.00
N GLU D 171 -42.50 -27.94 20.81
CA GLU D 171 -42.47 -29.36 20.48
C GLU D 171 -41.18 -30.07 20.90
N GLY D 172 -40.42 -29.41 21.78
CA GLY D 172 -39.19 -29.98 22.30
C GLY D 172 -37.99 -30.16 21.40
N PHE D 173 -37.95 -29.47 20.27
CA PHE D 173 -36.80 -29.59 19.36
C PHE D 173 -35.55 -28.89 19.89
N ILE D 174 -35.74 -27.86 20.70
CA ILE D 174 -34.65 -27.11 21.31
C ILE D 174 -35.18 -26.57 22.63
N PRO D 175 -34.28 -26.27 23.59
CA PRO D 175 -34.73 -25.76 24.88
C PRO D 175 -35.50 -24.45 24.68
N ASP D 176 -36.61 -24.31 25.39
CA ASP D 176 -37.45 -23.12 25.29
C ASP D 176 -36.70 -21.81 25.55
N GLU D 177 -35.67 -21.87 26.40
CA GLU D 177 -34.90 -20.68 26.73
C GLU D 177 -33.71 -20.39 25.82
N PHE D 178 -33.47 -21.28 24.84
CA PHE D 178 -32.38 -21.11 23.90
C PHE D 178 -32.65 -19.89 23.03
N PRO D 179 -31.74 -18.91 23.04
CA PRO D 179 -31.86 -17.68 22.25
C PRO D 179 -31.90 -17.89 20.74
N VAL D 180 -33.08 -17.71 20.15
CA VAL D 180 -33.23 -17.88 18.71
C VAL D 180 -33.84 -16.64 18.05
N PRO D 181 -33.09 -15.52 18.02
CA PRO D 181 -33.63 -14.30 17.41
C PRO D 181 -33.77 -14.52 15.90
N PHE D 182 -34.77 -13.89 15.29
CA PHE D 182 -34.98 -14.05 13.87
C PHE D 182 -35.17 -12.71 13.21
N ALA D 183 -35.18 -12.71 11.88
CA ALA D 183 -35.36 -11.50 11.09
C ALA D 183 -35.73 -11.87 9.67
N HIS D 184 -36.73 -11.19 9.11
CA HIS D 184 -37.15 -11.46 7.73
C HIS D 184 -36.26 -10.61 6.83
N THR D 185 -35.53 -11.27 5.93
CA THR D 185 -34.61 -10.59 5.04
C THR D 185 -34.82 -10.87 3.55
N PRO D 186 -35.94 -10.40 2.99
CA PRO D 186 -36.22 -10.62 1.57
C PRO D 186 -35.12 -10.15 0.64
N SER D 187 -34.53 -11.08 -0.11
CA SER D 187 -33.45 -10.78 -1.05
C SER D 187 -33.83 -9.60 -1.94
N PHE D 188 -35.07 -9.63 -2.41
CA PHE D 188 -35.64 -8.63 -3.32
C PHE D 188 -36.06 -7.28 -2.72
N VAL D 189 -35.53 -6.94 -1.56
CA VAL D 189 -35.85 -5.65 -0.94
C VAL D 189 -34.55 -5.08 -0.39
N GLY D 190 -34.36 -3.78 -0.57
CA GLY D 190 -33.14 -3.13 -0.09
C GLY D 190 -31.90 -3.83 -0.60
N SER D 191 -30.99 -4.14 0.32
CA SER D 191 -29.76 -4.82 -0.02
C SER D 191 -29.16 -5.48 1.22
N HIS D 192 -27.93 -5.97 1.08
CA HIS D 192 -27.23 -6.64 2.17
C HIS D 192 -27.22 -5.82 3.45
N VAL D 193 -27.03 -4.52 3.32
CA VAL D 193 -27.00 -3.64 4.50
C VAL D 193 -28.35 -3.67 5.23
N THR D 194 -29.43 -3.75 4.46
CA THR D 194 -30.77 -3.80 5.03
C THR D 194 -30.86 -5.09 5.83
N GLY D 195 -30.21 -6.14 5.31
CA GLY D 195 -30.22 -7.42 6.00
C GLY D 195 -29.57 -7.25 7.35
N TRP D 196 -28.43 -6.56 7.36
CA TRP D 196 -27.69 -6.31 8.58
C TRP D 196 -28.60 -5.57 9.56
N ASP D 197 -29.28 -4.55 9.05
CA ASP D 197 -30.20 -3.74 9.85
C ASP D 197 -31.30 -4.59 10.47
N ASN D 198 -32.02 -5.32 9.62
CA ASN D 198 -33.11 -6.20 10.07
C ASN D 198 -32.64 -7.20 11.11
N MET D 199 -31.54 -7.89 10.82
CA MET D 199 -31.00 -8.90 11.72
C MET D 199 -30.68 -8.30 13.07
N PHE D 200 -30.02 -7.14 13.06
CA PHE D 200 -29.68 -6.48 14.32
C PHE D 200 -30.94 -6.12 15.09
N GLU D 201 -31.84 -5.39 14.45
CA GLU D 201 -33.08 -4.98 15.08
C GLU D 201 -33.81 -6.16 15.71
N GLY D 202 -33.83 -7.29 15.01
CA GLY D 202 -34.50 -8.46 15.54
C GLY D 202 -33.84 -8.95 16.81
N ILE D 203 -32.52 -8.97 16.82
CA ILE D 203 -31.75 -9.40 17.98
C ILE D 203 -31.98 -8.44 19.14
N ALA D 204 -31.99 -7.15 18.82
CA ALA D 204 -32.22 -6.11 19.80
C ALA D 204 -33.60 -6.28 20.43
N ARG D 205 -34.59 -6.63 19.60
CA ARG D 205 -35.95 -6.84 20.08
C ARG D 205 -35.98 -8.04 21.03
N TYR D 206 -35.38 -9.13 20.58
CA TYR D 206 -35.34 -10.40 21.32
C TYR D 206 -34.88 -10.29 22.76
N PHE D 207 -33.75 -9.62 22.99
CA PHE D 207 -33.21 -9.48 24.34
C PHE D 207 -33.66 -8.21 25.03
N THR D 208 -34.68 -7.54 24.50
CA THR D 208 -35.12 -6.30 25.11
C THR D 208 -36.63 -6.15 25.29
N LEU D 209 -37.35 -6.09 24.17
CA LEU D 209 -38.80 -5.89 24.16
C LEU D 209 -39.56 -6.18 25.46
N LYS D 210 -39.58 -7.46 25.86
CA LYS D 210 -40.28 -7.86 27.08
C LYS D 210 -39.66 -7.31 28.36
N SER D 211 -38.35 -7.49 28.51
CA SER D 211 -37.63 -7.05 29.70
C SER D 211 -37.38 -5.54 29.84
N MET D 212 -38.13 -4.73 29.13
CA MET D 212 -37.94 -3.28 29.19
C MET D 212 -38.28 -2.59 30.52
N ASP D 213 -38.98 -3.29 31.40
CA ASP D 213 -39.39 -2.72 32.69
C ASP D 213 -38.29 -2.27 33.65
N ASP D 214 -37.31 -3.13 33.89
CA ASP D 214 -36.24 -2.81 34.83
C ASP D 214 -35.15 -1.91 34.24
N LYS D 215 -35.25 -1.61 32.96
CA LYS D 215 -34.27 -0.78 32.28
C LYS D 215 -34.36 0.71 32.57
N VAL D 216 -33.20 1.34 32.74
CA VAL D 216 -33.10 2.78 33.00
C VAL D 216 -31.94 3.34 32.20
N VAL D 217 -32.22 4.35 31.38
CA VAL D 217 -31.21 4.98 30.56
C VAL D 217 -30.03 5.50 31.38
N GLY D 218 -28.83 5.28 30.88
CA GLY D 218 -27.63 5.75 31.56
C GLY D 218 -27.16 4.98 32.78
N SER D 219 -28.01 4.12 33.33
CA SER D 219 -27.66 3.35 34.51
C SER D 219 -26.37 2.53 34.41
N ASN D 220 -26.06 2.03 33.22
CA ASN D 220 -24.84 1.23 33.03
C ASN D 220 -23.60 2.06 32.71
N LYS D 221 -23.81 3.37 32.52
CA LYS D 221 -22.73 4.31 32.24
C LYS D 221 -21.91 3.97 31.00
N LYS D 222 -22.55 3.30 30.05
CA LYS D 222 -21.89 2.90 28.80
C LYS D 222 -22.56 3.58 27.62
N ILE D 223 -21.89 3.61 26.48
CA ILE D 223 -22.47 4.19 25.28
C ILE D 223 -22.51 3.06 24.25
N ASN D 224 -23.72 2.70 23.82
CA ASN D 224 -23.88 1.64 22.84
C ASN D 224 -23.37 2.12 21.49
N ILE D 225 -22.71 1.22 20.76
CA ILE D 225 -22.17 1.54 19.45
C ILE D 225 -22.60 0.46 18.48
N VAL D 226 -23.23 0.85 17.37
CA VAL D 226 -23.65 -0.12 16.36
C VAL D 226 -22.83 0.17 15.10
N PRO D 227 -21.95 -0.76 14.73
CA PRO D 227 -21.08 -0.63 13.55
C PRO D 227 -21.81 -0.76 12.22
N GLY D 228 -22.78 -1.67 12.18
CA GLY D 228 -23.50 -1.87 10.94
C GLY D 228 -22.64 -2.75 10.05
N PHE D 229 -23.03 -2.90 8.80
CA PHE D 229 -22.28 -3.72 7.87
C PHE D 229 -20.86 -3.17 7.72
N GLU D 230 -19.91 -3.80 8.41
CA GLU D 230 -18.51 -3.37 8.35
C GLU D 230 -17.61 -4.54 7.97
N THR D 231 -16.82 -4.37 6.92
CA THR D 231 -15.93 -5.43 6.46
C THR D 231 -14.44 -5.11 6.54
N TYR D 232 -14.07 -4.27 7.50
CA TYR D 232 -12.68 -3.89 7.72
C TYR D 232 -12.44 -4.12 9.20
N LEU D 233 -11.58 -5.07 9.53
CA LEU D 233 -11.28 -5.38 10.91
C LEU D 233 -10.82 -4.10 11.62
N GLY D 234 -10.01 -3.31 10.91
CA GLY D 234 -9.50 -2.06 11.46
C GLY D 234 -10.58 -1.08 11.90
N ASN D 235 -11.71 -1.08 11.19
CA ASN D 235 -12.81 -0.17 11.51
C ASN D 235 -13.46 -0.44 12.86
N PHE D 236 -13.52 -1.70 13.26
CA PHE D 236 -14.09 -2.05 14.56
C PHE D 236 -13.05 -1.63 15.60
N ARG D 237 -11.82 -2.08 15.39
CA ARG D 237 -10.71 -1.82 16.30
C ARG D 237 -10.40 -0.36 16.58
N VAL D 238 -10.48 0.49 15.56
CA VAL D 238 -10.20 1.92 15.74
C VAL D 238 -11.22 2.58 16.67
N ILE D 239 -12.49 2.24 16.51
CA ILE D 239 -13.55 2.79 17.34
C ILE D 239 -13.32 2.38 18.79
N LYS D 240 -13.03 1.10 18.99
CA LYS D 240 -12.77 0.57 20.32
C LYS D 240 -11.51 1.19 20.91
N ARG D 241 -10.53 1.47 20.05
CA ARG D 241 -9.29 2.08 20.50
C ARG D 241 -9.57 3.47 21.04
N MET D 242 -10.17 4.31 20.21
CA MET D 242 -10.48 5.69 20.58
C MET D 242 -11.34 5.74 21.85
N LEU D 243 -12.39 4.94 21.89
CA LEU D 243 -13.26 4.91 23.05
C LEU D 243 -12.48 4.59 24.32
N SER D 244 -11.64 3.56 24.27
CA SER D 244 -10.81 3.18 25.41
C SER D 244 -9.77 4.26 25.69
N GLU D 245 -9.31 4.93 24.65
CA GLU D 245 -8.31 5.98 24.73
C GLU D 245 -8.87 7.19 25.49
N MET D 246 -10.19 7.35 25.44
CA MET D 246 -10.87 8.45 26.13
C MET D 246 -11.34 8.00 27.50
N GLY D 247 -11.36 6.70 27.71
CA GLY D 247 -11.83 6.16 28.97
C GLY D 247 -13.34 6.22 28.97
N VAL D 248 -13.94 5.97 27.82
CA VAL D 248 -15.39 6.00 27.67
C VAL D 248 -15.96 4.59 27.80
N GLY D 249 -16.89 4.43 28.74
CA GLY D 249 -17.52 3.14 28.91
C GLY D 249 -18.37 2.93 27.67
N TYR D 250 -18.09 1.88 26.92
CA TYR D 250 -18.84 1.62 25.70
C TYR D 250 -19.22 0.15 25.60
N SER D 251 -20.03 -0.16 24.59
CA SER D 251 -20.48 -1.52 24.34
C SER D 251 -20.73 -1.63 22.84
N LEU D 252 -19.78 -2.24 22.14
CA LEU D 252 -19.89 -2.42 20.70
C LEU D 252 -20.81 -3.60 20.43
N LEU D 253 -21.99 -3.31 19.89
CA LEU D 253 -22.97 -4.34 19.60
C LEU D 253 -22.74 -4.91 18.20
N SER D 254 -22.46 -6.21 18.16
CA SER D 254 -22.13 -6.98 16.94
C SER D 254 -20.66 -6.73 16.63
N ASP D 255 -19.79 -7.41 17.35
CA ASP D 255 -18.35 -7.28 17.18
C ASP D 255 -17.70 -8.59 16.73
N PRO D 256 -17.61 -8.80 15.41
CA PRO D 256 -17.02 -10.02 14.86
C PRO D 256 -15.53 -9.89 14.55
N GLU D 257 -14.87 -8.86 15.07
CA GLU D 257 -13.45 -8.67 14.77
C GLU D 257 -12.64 -9.92 15.11
N GLU D 258 -13.02 -10.59 16.19
CA GLU D 258 -12.34 -11.80 16.63
C GLU D 258 -12.60 -12.98 15.70
N VAL D 259 -13.87 -13.20 15.37
CA VAL D 259 -14.27 -14.29 14.50
C VAL D 259 -13.59 -14.18 13.14
N LEU D 260 -13.43 -12.95 12.67
CA LEU D 260 -12.83 -12.70 11.37
C LEU D 260 -11.31 -12.55 11.40
N ASP D 261 -10.67 -13.03 12.46
CA ASP D 261 -9.23 -12.94 12.55
C ASP D 261 -8.66 -13.98 13.51
N THR D 262 -9.18 -15.19 13.43
CA THR D 262 -8.70 -16.28 14.29
C THR D 262 -7.24 -16.61 13.96
N PRO D 263 -6.38 -16.71 14.99
CA PRO D 263 -4.96 -17.02 14.78
C PRO D 263 -4.77 -18.46 14.30
N ALA D 264 -3.87 -18.65 13.35
CA ALA D 264 -3.60 -19.98 12.83
C ALA D 264 -2.52 -20.63 13.69
N ASP D 265 -2.94 -21.42 14.67
CA ASP D 265 -2.00 -22.10 15.57
C ASP D 265 -2.32 -23.59 15.74
N GLY D 266 -2.66 -24.25 14.64
CA GLY D 266 -2.97 -25.67 14.67
C GLY D 266 -4.32 -25.99 15.28
N GLN D 267 -5.11 -24.96 15.57
CA GLN D 267 -6.41 -25.13 16.18
C GLN D 267 -7.45 -24.31 15.43
N PHE D 268 -8.64 -24.87 15.26
CA PHE D 268 -9.73 -24.18 14.57
C PHE D 268 -10.81 -23.78 15.56
N ARG D 269 -10.99 -22.48 15.72
CA ARG D 269 -12.01 -21.96 16.62
C ARG D 269 -13.17 -21.55 15.73
N MET D 270 -14.23 -22.35 15.74
CA MET D 270 -15.40 -22.04 14.92
C MET D 270 -15.97 -20.69 15.33
N TYR D 271 -16.24 -20.56 16.63
CA TYR D 271 -16.78 -19.33 17.18
C TYR D 271 -15.62 -18.62 17.86
N ALA D 272 -15.74 -17.31 18.01
CA ALA D 272 -14.72 -16.50 18.67
C ALA D 272 -15.45 -15.46 19.50
N GLY D 273 -14.69 -14.55 20.09
CA GLY D 273 -15.27 -13.51 20.91
C GLY D 273 -16.23 -12.64 20.10
N GLY D 274 -17.25 -12.14 20.79
CA GLY D 274 -18.23 -11.29 20.15
C GLY D 274 -19.04 -10.59 21.24
N THR D 275 -20.11 -9.91 20.84
CA THR D 275 -20.97 -9.21 21.78
C THR D 275 -21.68 -10.23 22.66
N THR D 276 -21.47 -10.17 23.97
CA THR D 276 -22.12 -11.11 24.88
C THR D 276 -23.61 -10.82 24.95
N GLN D 277 -24.42 -11.86 25.11
CA GLN D 277 -25.87 -11.69 25.19
C GLN D 277 -26.22 -10.71 26.30
N GLU D 278 -25.47 -10.76 27.40
CA GLU D 278 -25.70 -9.86 28.52
C GLU D 278 -25.55 -8.40 28.09
N GLU D 279 -24.56 -8.12 27.24
CA GLU D 279 -24.35 -6.75 26.75
C GLU D 279 -25.58 -6.28 26.00
N MET D 280 -26.20 -7.21 25.27
CA MET D 280 -27.40 -6.92 24.50
C MET D 280 -28.60 -6.70 25.42
N LYS D 281 -28.75 -7.58 26.42
CA LYS D 281 -29.84 -7.48 27.39
C LYS D 281 -29.72 -6.22 28.22
N ASP D 282 -28.49 -5.83 28.50
CA ASP D 282 -28.21 -4.65 29.31
C ASP D 282 -28.14 -3.37 28.49
N ALA D 283 -28.06 -3.53 27.16
CA ALA D 283 -27.96 -2.39 26.25
C ALA D 283 -28.92 -1.22 26.51
N PRO D 284 -30.19 -1.50 26.84
CA PRO D 284 -31.10 -0.37 27.09
C PRO D 284 -30.63 0.52 28.23
N ASN D 285 -29.91 -0.05 29.18
CA ASN D 285 -29.40 0.69 30.34
C ASN D 285 -28.29 1.67 29.99
N ALA D 286 -27.87 1.67 28.73
CA ALA D 286 -26.81 2.56 28.27
C ALA D 286 -27.23 4.01 28.23
N LEU D 287 -26.25 4.91 28.30
CA LEU D 287 -26.48 6.35 28.26
C LEU D 287 -27.17 6.73 26.96
N ASN D 288 -26.70 6.16 25.87
CA ASN D 288 -27.26 6.44 24.56
C ASN D 288 -26.71 5.41 23.57
N THR D 289 -27.04 5.57 22.30
CA THR D 289 -26.59 4.66 21.26
C THR D 289 -26.11 5.47 20.06
N VAL D 290 -24.90 5.17 19.59
CA VAL D 290 -24.33 5.85 18.43
C VAL D 290 -24.31 4.86 17.28
N LEU D 291 -24.88 5.25 16.15
CA LEU D 291 -24.90 4.40 14.98
C LEU D 291 -23.78 4.86 14.06
N LEU D 292 -22.73 4.06 13.94
CA LEU D 292 -21.59 4.40 13.11
C LEU D 292 -21.96 4.60 11.66
N GLN D 293 -22.93 3.82 11.20
CA GLN D 293 -23.40 3.90 9.82
C GLN D 293 -24.93 4.03 9.82
N PRO D 294 -25.44 5.21 10.20
CA PRO D 294 -26.87 5.53 10.28
C PRO D 294 -27.72 5.23 9.06
N TRP D 295 -27.20 5.50 7.87
CA TRP D 295 -27.98 5.29 6.66
C TRP D 295 -28.52 3.90 6.35
N HIS D 296 -28.03 2.87 7.04
CA HIS D 296 -28.54 1.52 6.82
C HIS D 296 -28.94 0.86 8.13
N LEU D 297 -29.13 1.70 9.15
CA LEU D 297 -29.53 1.24 10.48
C LEU D 297 -30.85 1.90 10.85
N GLU D 298 -31.59 2.30 9.81
CA GLU D 298 -32.89 2.96 9.94
C GLU D 298 -33.85 2.26 10.90
N LYS D 299 -34.15 1.00 10.64
CA LYS D 299 -35.07 0.22 11.48
C LYS D 299 -34.57 0.13 12.92
N THR D 300 -33.26 -0.01 13.07
CA THR D 300 -32.66 -0.10 14.40
C THR D 300 -32.81 1.24 15.12
N LYS D 301 -32.62 2.34 14.39
CA LYS D 301 -32.74 3.68 14.96
C LYS D 301 -34.13 3.83 15.57
N LYS D 302 -35.15 3.47 14.79
CA LYS D 302 -36.52 3.60 15.28
C LYS D 302 -36.76 2.73 16.51
N PHE D 303 -36.20 1.52 16.53
CA PHE D 303 -36.39 0.64 17.68
C PHE D 303 -35.66 1.18 18.92
N VAL D 304 -34.45 1.69 18.73
CA VAL D 304 -33.66 2.25 19.82
C VAL D 304 -34.35 3.47 20.44
N GLU D 305 -34.74 4.42 19.60
CA GLU D 305 -35.41 5.63 20.08
C GLU D 305 -36.78 5.27 20.65
N GLY D 306 -37.55 4.49 19.90
CA GLY D 306 -38.88 4.10 20.33
C GLY D 306 -38.96 3.25 21.59
N THR D 307 -38.28 2.10 21.59
CA THR D 307 -38.31 1.21 22.73
C THR D 307 -37.26 1.50 23.80
N TRP D 308 -36.00 1.68 23.39
CA TRP D 308 -34.93 1.97 24.36
C TRP D 308 -34.97 3.40 24.88
N LYS D 309 -35.72 4.25 24.19
CA LYS D 309 -35.86 5.66 24.56
C LYS D 309 -34.54 6.44 24.51
N HIS D 310 -33.59 5.95 23.72
CA HIS D 310 -32.29 6.61 23.60
C HIS D 310 -32.34 7.71 22.55
N GLU D 311 -31.88 8.90 22.91
CA GLU D 311 -31.88 10.04 21.99
C GLU D 311 -30.66 9.94 21.09
N VAL D 312 -30.74 9.07 20.09
CA VAL D 312 -29.65 8.84 19.15
C VAL D 312 -29.23 10.13 18.45
N PRO D 313 -27.95 10.50 18.58
CA PRO D 313 -27.37 11.71 17.98
C PRO D 313 -27.37 11.62 16.47
N LYS D 314 -27.59 12.75 15.81
CA LYS D 314 -27.59 12.78 14.36
C LYS D 314 -26.13 12.95 13.94
N LEU D 315 -25.39 11.84 13.94
CA LEU D 315 -23.98 11.82 13.57
C LEU D 315 -23.75 11.07 12.28
N ASN D 316 -22.80 11.56 11.49
CA ASN D 316 -22.44 10.92 10.23
C ASN D 316 -21.39 9.88 10.53
N ILE D 317 -21.16 8.97 9.58
CA ILE D 317 -20.15 7.93 9.77
C ILE D 317 -18.84 8.65 10.09
N PRO D 318 -18.16 8.26 11.18
CA PRO D 318 -16.90 8.91 11.56
C PRO D 318 -15.78 8.72 10.53
N MET D 319 -15.90 9.41 9.40
CA MET D 319 -14.90 9.32 8.35
C MET D 319 -14.37 10.71 8.04
N GLY D 320 -13.04 10.81 7.92
CA GLY D 320 -12.45 12.09 7.62
C GLY D 320 -12.36 12.99 8.83
N LEU D 321 -11.61 14.07 8.70
CA LEU D 321 -11.39 15.02 9.77
C LEU D 321 -12.66 15.49 10.50
N ASP D 322 -13.43 16.37 9.86
CA ASP D 322 -14.66 16.92 10.43
C ASP D 322 -15.56 15.91 11.14
N TRP D 323 -16.02 14.91 10.40
CA TRP D 323 -16.91 13.89 10.97
C TRP D 323 -16.32 13.15 12.16
N THR D 324 -15.01 12.90 12.14
CA THR D 324 -14.37 12.22 13.26
C THR D 324 -14.38 13.17 14.46
N ASP D 325 -14.16 14.46 14.19
CA ASP D 325 -14.18 15.47 15.26
C ASP D 325 -15.57 15.44 15.89
N GLU D 326 -16.59 15.58 15.06
CA GLU D 326 -17.98 15.58 15.52
C GLU D 326 -18.29 14.34 16.35
N PHE D 327 -17.85 13.18 15.86
CA PHE D 327 -18.07 11.92 16.56
C PHE D 327 -17.45 11.97 17.95
N LEU D 328 -16.17 12.32 18.01
CA LEU D 328 -15.47 12.39 19.29
C LEU D 328 -16.12 13.37 20.24
N MET D 329 -16.40 14.57 19.75
CA MET D 329 -17.04 15.61 20.56
C MET D 329 -18.39 15.17 21.10
N LYS D 330 -19.17 14.51 20.25
CA LYS D 330 -20.47 14.02 20.67
C LYS D 330 -20.29 12.98 21.77
N VAL D 331 -19.42 12.01 21.53
CA VAL D 331 -19.14 10.95 22.50
C VAL D 331 -18.68 11.60 23.80
N SER D 332 -17.79 12.59 23.66
CA SER D 332 -17.25 13.34 24.79
C SER D 332 -18.39 13.93 25.61
N GLU D 333 -19.32 14.60 24.93
CA GLU D 333 -20.48 15.21 25.57
C GLU D 333 -21.34 14.19 26.29
N ILE D 334 -21.68 13.09 25.61
CA ILE D 334 -22.52 12.04 26.18
C ILE D 334 -21.89 11.33 27.38
N SER D 335 -20.59 11.06 27.30
CA SER D 335 -19.90 10.35 28.38
C SER D 335 -19.28 11.28 29.41
N GLY D 336 -19.17 12.56 29.06
CA GLY D 336 -18.56 13.52 29.96
C GLY D 336 -17.06 13.34 30.01
N GLN D 337 -16.52 12.56 29.07
CA GLN D 337 -15.08 12.33 29.02
C GLN D 337 -14.44 13.30 28.05
N PRO D 338 -13.45 14.09 28.52
CA PRO D 338 -12.77 15.07 27.67
C PRO D 338 -11.86 14.36 26.66
N ILE D 339 -11.84 14.85 25.44
CA ILE D 339 -10.99 14.26 24.39
C ILE D 339 -9.53 14.36 24.85
N PRO D 340 -8.91 13.21 25.12
CA PRO D 340 -7.52 13.14 25.59
C PRO D 340 -6.53 13.77 24.61
N ALA D 341 -5.43 14.29 25.16
CA ALA D 341 -4.39 14.90 24.34
C ALA D 341 -3.89 13.85 23.34
N SER D 342 -4.09 12.59 23.69
CA SER D 342 -3.71 11.46 22.85
C SER D 342 -4.37 11.64 21.47
N LEU D 343 -5.70 11.75 21.47
CA LEU D 343 -6.47 11.93 20.24
C LEU D 343 -6.25 13.30 19.59
N THR D 344 -6.17 14.33 20.42
CA THR D 344 -5.94 15.68 19.93
C THR D 344 -4.68 15.72 19.06
N LYS D 345 -3.61 15.10 19.54
CA LYS D 345 -2.35 15.03 18.79
C LYS D 345 -2.55 14.26 17.49
N GLU D 346 -3.23 13.12 17.58
CA GLU D 346 -3.50 12.27 16.42
C GLU D 346 -4.23 13.06 15.34
N ARG D 347 -5.17 13.92 15.75
CA ARG D 347 -5.90 14.76 14.81
C ARG D 347 -4.89 15.68 14.15
N GLY D 348 -4.05 16.30 14.98
CA GLY D 348 -3.04 17.21 14.49
C GLY D 348 -2.12 16.58 13.47
N ARG D 349 -1.73 15.33 13.71
CA ARG D 349 -0.86 14.61 12.79
C ARG D 349 -1.52 14.41 11.44
N LEU D 350 -2.78 13.99 11.44
CA LEU D 350 -3.51 13.80 10.20
C LEU D 350 -3.51 15.11 9.41
N VAL D 351 -3.79 16.21 10.10
CA VAL D 351 -3.79 17.53 9.47
C VAL D 351 -2.42 17.72 8.84
N ASP D 352 -1.38 17.39 9.59
CA ASP D 352 0.00 17.52 9.11
C ASP D 352 0.24 16.70 7.84
N MET D 353 -0.32 15.51 7.80
CA MET D 353 -0.18 14.65 6.63
C MET D 353 -0.90 15.29 5.46
N MET D 354 -2.05 15.89 5.75
CA MET D 354 -2.85 16.56 4.74
C MET D 354 -2.06 17.71 4.15
N THR D 355 -1.47 18.53 5.02
CA THR D 355 -0.69 19.68 4.61
C THR D 355 0.54 19.27 3.80
N ASP D 356 1.17 18.17 4.19
CA ASP D 356 2.34 17.66 3.47
C ASP D 356 2.00 17.14 2.09
N SER D 357 0.78 16.61 1.93
CA SER D 357 0.34 16.03 0.66
C SER D 357 -0.67 16.83 -0.15
N HIS D 358 -1.16 17.92 0.41
CA HIS D 358 -2.17 18.75 -0.26
C HIS D 358 -1.81 19.11 -1.70
N THR D 359 -0.52 19.25 -1.97
CA THR D 359 -0.02 19.60 -3.29
C THR D 359 -0.46 18.64 -4.37
N TRP D 360 -0.18 17.36 -4.17
CA TRP D 360 -0.54 16.34 -5.16
C TRP D 360 -2.04 16.04 -5.19
N LEU D 361 -2.69 16.11 -4.03
CA LEU D 361 -4.11 15.82 -3.93
C LEU D 361 -5.00 16.85 -4.61
N HIS D 362 -4.81 18.11 -4.26
CA HIS D 362 -5.61 19.21 -4.78
C HIS D 362 -5.92 19.19 -6.27
N GLY D 363 -7.18 18.89 -6.60
CA GLY D 363 -7.61 18.87 -7.99
C GLY D 363 -7.91 17.50 -8.56
N LYS D 364 -7.36 16.45 -7.96
CA LYS D 364 -7.58 15.10 -8.47
C LYS D 364 -9.06 14.69 -8.41
N ARG D 365 -9.59 14.35 -9.58
CA ARG D 365 -10.99 13.94 -9.72
C ARG D 365 -11.14 12.42 -9.55
N PHE D 366 -12.13 12.01 -8.77
CA PHE D 366 -12.37 10.59 -8.52
C PHE D 366 -13.79 10.12 -8.80
N ALA D 367 -13.90 8.81 -9.05
CA ALA D 367 -15.17 8.15 -9.29
C ALA D 367 -15.20 7.12 -8.16
N LEU D 368 -16.36 6.89 -7.55
CA LEU D 368 -16.43 5.94 -6.45
C LEU D 368 -17.78 5.30 -6.23
N TRP D 369 -17.78 4.17 -5.52
CA TRP D 369 -19.01 3.45 -5.22
C TRP D 369 -18.88 2.62 -3.95
N GLY D 370 -20.02 2.14 -3.46
CA GLY D 370 -20.04 1.33 -2.25
C GLY D 370 -21.31 1.60 -1.48
N ASP D 371 -21.36 1.15 -0.24
CA ASP D 371 -22.54 1.36 0.60
C ASP D 371 -22.70 2.85 0.89
N PRO D 372 -23.95 3.31 1.07
CA PRO D 372 -24.32 4.69 1.36
C PRO D 372 -23.41 5.45 2.31
N ASP D 373 -23.32 4.97 3.55
CA ASP D 373 -22.48 5.62 4.56
C ASP D 373 -21.03 5.72 4.13
N PHE D 374 -20.44 4.59 3.76
CA PHE D 374 -19.06 4.55 3.30
C PHE D 374 -18.80 5.62 2.24
N VAL D 375 -19.60 5.61 1.19
CA VAL D 375 -19.48 6.56 0.09
C VAL D 375 -19.58 8.00 0.58
N MET D 376 -20.69 8.30 1.25
CA MET D 376 -20.95 9.63 1.80
C MET D 376 -19.71 10.14 2.53
N GLY D 377 -19.16 9.31 3.41
CA GLY D 377 -17.99 9.67 4.17
C GLY D 377 -16.76 9.88 3.30
N LEU D 378 -16.53 8.93 2.41
CA LEU D 378 -15.39 8.98 1.50
C LEU D 378 -15.41 10.31 0.78
N VAL D 379 -16.62 10.73 0.37
CA VAL D 379 -16.80 11.99 -0.34
C VAL D 379 -16.34 13.14 0.54
N LYS D 380 -16.87 13.21 1.76
CA LYS D 380 -16.50 14.27 2.69
C LYS D 380 -14.99 14.37 2.84
N PHE D 381 -14.32 13.25 3.09
CA PHE D 381 -12.88 13.26 3.26
C PHE D 381 -12.20 13.76 1.98
N LEU D 382 -12.67 13.29 0.84
CA LEU D 382 -12.11 13.70 -0.44
C LEU D 382 -12.14 15.22 -0.55
N LEU D 383 -13.28 15.79 -0.18
CA LEU D 383 -13.47 17.24 -0.22
C LEU D 383 -12.48 17.94 0.69
N GLU D 384 -12.29 17.38 1.89
CA GLU D 384 -11.36 17.94 2.87
C GLU D 384 -9.92 17.98 2.36
N LEU D 385 -9.59 17.03 1.49
CA LEU D 385 -8.25 16.94 0.91
C LEU D 385 -8.07 17.86 -0.29
N GLY D 386 -9.19 18.39 -0.79
CA GLY D 386 -9.16 19.28 -1.94
C GLY D 386 -9.26 18.51 -3.25
N CYS D 387 -9.87 17.32 -3.19
CA CYS D 387 -10.05 16.48 -4.36
C CYS D 387 -11.48 16.64 -4.84
N GLU D 388 -11.80 16.12 -6.02
CA GLU D 388 -13.14 16.25 -6.55
C GLU D 388 -13.83 14.93 -6.86
N PRO D 389 -14.80 14.53 -6.03
CA PRO D 389 -15.54 13.28 -6.22
C PRO D 389 -16.59 13.49 -7.32
N VAL D 390 -16.13 13.61 -8.56
CA VAL D 390 -17.02 13.84 -9.69
C VAL D 390 -18.14 12.82 -9.88
N HIS D 391 -17.81 11.54 -9.81
CA HIS D 391 -18.81 10.49 -9.99
C HIS D 391 -19.03 9.72 -8.69
N ILE D 392 -20.08 10.09 -7.96
CA ILE D 392 -20.41 9.45 -6.70
C ILE D 392 -21.55 8.48 -6.99
N LEU D 393 -21.26 7.18 -6.99
CA LEU D 393 -22.27 6.18 -7.27
C LEU D 393 -22.52 5.27 -6.08
N CYS D 394 -23.79 5.10 -5.74
CA CYS D 394 -24.20 4.24 -4.65
C CYS D 394 -25.44 3.51 -5.13
N HIS D 395 -25.23 2.31 -5.68
CA HIS D 395 -26.32 1.50 -6.19
C HIS D 395 -27.48 1.38 -5.19
N ASN D 396 -27.16 0.99 -3.96
CA ASN D 396 -28.16 0.84 -2.91
C ASN D 396 -28.49 2.14 -2.18
N GLY D 397 -28.39 3.26 -2.87
CA GLY D 397 -28.70 4.54 -2.25
C GLY D 397 -30.16 4.92 -2.42
N ASN D 398 -30.60 5.93 -1.67
CA ASN D 398 -31.98 6.38 -1.76
C ASN D 398 -32.06 7.90 -1.94
N LYS D 399 -33.26 8.37 -2.28
CA LYS D 399 -33.53 9.78 -2.53
C LYS D 399 -33.02 10.75 -1.47
N ARG D 400 -33.33 10.46 -0.22
CA ARG D 400 -32.91 11.31 0.90
C ARG D 400 -31.38 11.35 1.04
N TRP D 401 -30.75 10.19 0.90
CA TRP D 401 -29.30 10.08 0.99
C TRP D 401 -28.65 10.93 -0.09
N LYS D 402 -29.20 10.85 -1.30
CA LYS D 402 -28.66 11.62 -2.42
C LYS D 402 -28.67 13.08 -2.03
N LYS D 403 -29.80 13.55 -1.49
CA LYS D 403 -29.93 14.94 -1.07
C LYS D 403 -28.84 15.29 -0.07
N ALA D 404 -28.66 14.44 0.93
CA ALA D 404 -27.65 14.64 1.98
C ALA D 404 -26.28 14.88 1.35
N VAL D 405 -25.86 13.98 0.47
CA VAL D 405 -24.58 14.10 -0.20
C VAL D 405 -24.55 15.38 -1.04
N ASP D 406 -25.62 15.67 -1.76
CA ASP D 406 -25.71 16.87 -2.58
C ASP D 406 -25.46 18.11 -1.73
N ALA D 407 -26.09 18.17 -0.56
CA ALA D 407 -25.92 19.30 0.34
C ALA D 407 -24.46 19.39 0.76
N ILE D 408 -23.85 18.24 1.04
CA ILE D 408 -22.44 18.18 1.43
C ILE D 408 -21.56 18.73 0.32
N LEU D 409 -21.90 18.38 -0.91
CA LEU D 409 -21.17 18.83 -2.08
C LEU D 409 -21.34 20.32 -2.30
N ALA D 410 -22.57 20.81 -2.10
CA ALA D 410 -22.88 22.23 -2.27
C ALA D 410 -22.20 23.07 -1.21
N ALA D 411 -21.63 22.42 -0.20
CA ALA D 411 -20.94 23.11 0.88
C ALA D 411 -19.47 23.37 0.55
N SER D 412 -19.00 22.84 -0.57
CA SER D 412 -17.60 23.01 -0.95
C SER D 412 -17.40 23.23 -2.44
N PRO D 413 -16.45 24.13 -2.79
CA PRO D 413 -16.13 24.45 -4.17
C PRO D 413 -15.71 23.20 -4.93
N TYR D 414 -15.07 22.28 -4.22
CA TYR D 414 -14.58 21.04 -4.80
C TYR D 414 -15.71 20.08 -5.24
N GLY D 415 -16.89 20.25 -4.66
CA GLY D 415 -17.99 19.39 -5.03
C GLY D 415 -18.72 19.94 -6.25
N LYS D 416 -18.31 21.11 -6.71
CA LYS D 416 -18.91 21.78 -7.85
C LYS D 416 -19.27 20.91 -9.05
N ASN D 417 -18.33 20.05 -9.47
CA ASN D 417 -18.54 19.19 -10.63
C ASN D 417 -18.82 17.73 -10.29
N ALA D 418 -19.40 17.52 -9.11
CA ALA D 418 -19.73 16.17 -8.67
C ALA D 418 -21.18 15.87 -9.02
N THR D 419 -21.51 14.58 -9.10
CA THR D 419 -22.87 14.16 -9.44
C THR D 419 -23.16 12.85 -8.72
N VAL D 420 -24.16 12.85 -7.83
CA VAL D 420 -24.52 11.64 -7.07
C VAL D 420 -25.44 10.77 -7.91
N TYR D 421 -25.16 9.46 -7.91
CA TYR D 421 -25.95 8.51 -8.69
C TYR D 421 -26.43 7.36 -7.81
N ILE D 422 -27.74 7.26 -7.66
CA ILE D 422 -28.35 6.21 -6.88
C ILE D 422 -28.99 5.22 -7.83
N GLY D 423 -29.14 3.97 -7.40
CA GLY D 423 -29.75 2.96 -8.25
C GLY D 423 -29.01 2.77 -9.57
N LYS D 424 -27.71 3.00 -9.56
CA LYS D 424 -26.89 2.85 -10.76
C LYS D 424 -25.84 1.78 -10.54
N ASP D 425 -25.71 0.88 -11.50
CA ASP D 425 -24.73 -0.20 -11.40
C ASP D 425 -23.40 0.21 -12.02
N LEU D 426 -22.39 -0.63 -11.84
CA LEU D 426 -21.06 -0.35 -12.35
C LEU D 426 -20.96 -0.17 -13.86
N TRP D 427 -21.91 -0.74 -14.61
CA TRP D 427 -21.88 -0.57 -16.06
C TRP D 427 -22.17 0.89 -16.39
N HIS D 428 -22.99 1.52 -15.55
CA HIS D 428 -23.32 2.93 -15.72
C HIS D 428 -22.06 3.72 -15.44
N LEU D 429 -21.39 3.38 -14.36
CA LEU D 429 -20.16 4.06 -13.98
C LEU D 429 -19.10 3.92 -15.05
N ARG D 430 -19.03 2.74 -15.66
CA ARG D 430 -18.08 2.47 -16.73
C ARG D 430 -18.18 3.59 -17.76
N SER D 431 -19.42 3.95 -18.13
CA SER D 431 -19.65 5.01 -19.09
C SER D 431 -19.15 6.34 -18.56
N LEU D 432 -19.42 6.61 -17.29
CA LEU D 432 -18.99 7.86 -16.68
C LEU D 432 -17.49 8.06 -16.72
N VAL D 433 -16.73 7.00 -16.48
CA VAL D 433 -15.27 7.12 -16.50
C VAL D 433 -14.73 7.20 -17.92
N PHE D 434 -15.59 6.96 -18.90
CA PHE D 434 -15.20 7.04 -20.29
C PHE D 434 -15.49 8.43 -20.85
N THR D 435 -16.72 8.88 -20.63
CA THR D 435 -17.20 10.19 -21.11
C THR D 435 -16.56 11.34 -20.35
N ASP D 436 -16.71 11.32 -19.03
CA ASP D 436 -16.14 12.36 -18.17
C ASP D 436 -15.06 11.69 -17.33
N LYS D 437 -13.94 11.37 -17.98
CA LYS D 437 -12.85 10.67 -17.31
C LYS D 437 -12.19 11.33 -16.10
N PRO D 438 -12.24 10.64 -14.93
CA PRO D 438 -11.65 11.11 -13.68
C PRO D 438 -10.19 10.62 -13.63
N ASP D 439 -9.47 10.96 -12.58
CA ASP D 439 -8.08 10.53 -12.45
C ASP D 439 -7.94 9.08 -11.97
N PHE D 440 -8.68 8.73 -10.93
CA PHE D 440 -8.66 7.39 -10.36
C PHE D 440 -10.07 7.07 -9.91
N MET D 441 -10.31 5.81 -9.56
CA MET D 441 -11.61 5.42 -9.04
C MET D 441 -11.40 4.63 -7.77
N ILE D 442 -12.21 4.93 -6.76
CA ILE D 442 -12.12 4.26 -5.47
C ILE D 442 -13.28 3.27 -5.36
N GLY D 443 -12.99 1.99 -5.16
CA GLY D 443 -14.04 1.01 -5.06
C GLY D 443 -13.60 -0.40 -4.72
N ASN D 444 -14.52 -1.34 -4.86
CA ASN D 444 -14.23 -2.74 -4.58
C ASN D 444 -13.60 -3.42 -5.78
N SER D 445 -13.21 -4.69 -5.62
CA SER D 445 -12.58 -5.45 -6.67
C SER D 445 -13.30 -5.48 -8.01
N TYR D 446 -14.62 -5.30 -8.00
CA TYR D 446 -15.39 -5.33 -9.23
C TYR D 446 -14.96 -4.26 -10.23
N GLY D 447 -14.34 -3.19 -9.74
CA GLY D 447 -13.89 -2.13 -10.61
C GLY D 447 -12.68 -2.46 -11.47
N LYS D 448 -11.96 -3.53 -11.12
CA LYS D 448 -10.78 -3.93 -11.89
C LYS D 448 -11.08 -4.15 -13.36
N PHE D 449 -12.33 -4.52 -13.63
CA PHE D 449 -12.77 -4.76 -15.00
C PHE D 449 -13.01 -3.44 -15.73
N ILE D 450 -13.38 -2.41 -14.97
CA ILE D 450 -13.61 -1.09 -15.55
C ILE D 450 -12.24 -0.56 -15.96
N GLN D 451 -11.23 -0.77 -15.12
CA GLN D 451 -9.88 -0.33 -15.44
C GLN D 451 -9.38 -1.09 -16.66
N ARG D 452 -9.73 -2.37 -16.75
CA ARG D 452 -9.33 -3.19 -17.89
C ARG D 452 -9.93 -2.56 -19.14
N ASP D 453 -11.23 -2.28 -19.08
CA ASP D 453 -11.93 -1.65 -20.20
C ASP D 453 -11.28 -0.33 -20.58
N THR D 454 -11.13 0.57 -19.61
CA THR D 454 -10.53 1.88 -19.86
C THR D 454 -9.17 1.78 -20.55
N LEU D 455 -8.27 0.98 -19.99
CA LEU D 455 -6.94 0.82 -20.59
C LEU D 455 -7.05 0.34 -22.04
N HIS D 456 -8.00 -0.56 -22.30
CA HIS D 456 -8.15 -1.08 -23.64
C HIS D 456 -8.42 0.01 -24.68
N LYS D 457 -8.96 1.14 -24.23
CA LYS D 457 -9.22 2.24 -25.15
C LYS D 457 -7.87 2.90 -25.45
N GLY D 458 -7.06 3.05 -24.41
CA GLY D 458 -5.74 3.65 -24.57
C GLY D 458 -5.12 3.89 -23.21
N LYS D 459 -3.80 4.03 -23.16
CA LYS D 459 -3.12 4.25 -21.88
C LYS D 459 -3.60 5.52 -21.19
N GLU D 460 -3.72 6.60 -21.96
CA GLU D 460 -4.17 7.87 -21.40
C GLU D 460 -5.63 7.85 -20.99
N PHE D 461 -6.32 6.77 -21.34
CA PHE D 461 -7.73 6.63 -20.99
C PHE D 461 -7.90 5.71 -19.78
N GLU D 462 -6.81 5.03 -19.41
CA GLU D 462 -6.82 4.11 -18.28
C GLU D 462 -7.08 4.85 -16.99
N VAL D 463 -8.07 4.40 -16.24
CA VAL D 463 -8.42 5.00 -14.96
C VAL D 463 -8.13 3.96 -13.88
N PRO D 464 -6.97 4.07 -13.21
CA PRO D 464 -6.56 3.14 -12.15
C PRO D 464 -7.56 3.02 -11.01
N LEU D 465 -7.72 1.80 -10.51
CA LEU D 465 -8.62 1.53 -9.41
C LEU D 465 -7.86 1.52 -8.10
N ILE D 466 -8.47 2.11 -7.08
CA ILE D 466 -7.90 2.17 -5.75
C ILE D 466 -8.86 1.32 -4.94
N ARG D 467 -8.40 0.14 -4.53
CA ARG D 467 -9.23 -0.79 -3.77
C ARG D 467 -9.57 -0.41 -2.33
N ILE D 468 -10.73 0.20 -2.14
CA ILE D 468 -11.22 0.57 -0.82
C ILE D 468 -12.72 0.28 -0.81
N GLY D 469 -13.15 -0.64 0.06
CA GLY D 469 -14.54 -0.98 0.13
C GLY D 469 -14.76 -2.47 0.29
N PHE D 470 -15.86 -2.96 -0.29
CA PHE D 470 -16.18 -4.37 -0.20
C PHE D 470 -16.96 -4.78 -1.45
N PRO D 471 -16.63 -5.94 -2.02
CA PRO D 471 -15.58 -6.84 -1.53
C PRO D 471 -14.26 -6.64 -2.25
N ILE D 472 -13.17 -7.03 -1.59
CA ILE D 472 -11.84 -6.96 -2.18
C ILE D 472 -11.36 -8.40 -2.19
N PHE D 473 -11.40 -9.01 -3.37
CA PHE D 473 -11.02 -10.40 -3.54
C PHE D 473 -9.65 -10.59 -4.19
N ASP D 474 -9.21 -9.64 -4.99
CA ASP D 474 -7.92 -9.78 -5.67
C ASP D 474 -6.71 -9.18 -4.95
N ARG D 475 -6.85 -8.91 -3.67
CA ARG D 475 -5.75 -8.35 -2.89
C ARG D 475 -5.80 -8.94 -1.49
N HIS D 476 -4.69 -9.54 -1.08
CA HIS D 476 -4.59 -10.18 0.21
C HIS D 476 -4.49 -9.28 1.43
N HIS D 477 -5.40 -9.49 2.36
CA HIS D 477 -5.43 -8.78 3.65
C HIS D 477 -5.79 -7.30 3.73
N LEU D 478 -6.32 -6.73 2.67
CA LEU D 478 -6.71 -5.33 2.73
C LEU D 478 -7.86 -5.17 3.74
N HIS D 479 -8.53 -6.26 4.06
CA HIS D 479 -9.64 -6.25 5.02
C HIS D 479 -9.18 -5.87 6.42
N ARG D 480 -7.87 -5.79 6.62
CA ARG D 480 -7.33 -5.43 7.92
C ARG D 480 -7.25 -3.91 8.06
N SER D 481 -7.28 -3.21 6.93
CA SER D 481 -7.21 -1.76 6.88
C SER D 481 -8.28 -1.03 7.69
N THR D 482 -8.15 0.30 7.74
CA THR D 482 -9.09 1.13 8.47
C THR D 482 -9.50 2.33 7.59
N THR D 483 -10.74 2.75 7.73
CA THR D 483 -11.26 3.89 6.99
C THR D 483 -11.88 4.91 7.94
N LEU D 484 -12.25 4.45 9.13
CA LEU D 484 -12.86 5.30 10.14
C LEU D 484 -11.84 6.02 11.02
N GLY D 485 -12.25 7.16 11.56
CA GLY D 485 -11.40 7.95 12.44
C GLY D 485 -10.18 8.54 11.76
N TYR D 486 -9.36 9.24 12.54
CA TYR D 486 -8.16 9.86 12.00
C TYR D 486 -7.23 8.78 11.45
N GLU D 487 -7.19 7.63 12.12
CA GLU D 487 -6.35 6.51 11.71
C GLU D 487 -6.75 6.08 10.31
N GLY D 488 -8.04 5.83 10.12
CA GLY D 488 -8.54 5.42 8.82
C GLY D 488 -8.28 6.52 7.80
N ALA D 489 -8.48 7.76 8.22
CA ALA D 489 -8.25 8.91 7.37
C ALA D 489 -6.81 8.91 6.88
N MET D 490 -5.87 8.81 7.81
CA MET D 490 -4.45 8.79 7.48
C MET D 490 -4.12 7.70 6.46
N GLN D 491 -4.65 6.51 6.68
CA GLN D 491 -4.41 5.39 5.76
C GLN D 491 -4.93 5.72 4.38
N ILE D 492 -6.18 6.17 4.29
CA ILE D 492 -6.80 6.54 3.02
C ILE D 492 -5.98 7.61 2.31
N LEU D 493 -5.62 8.65 3.06
CA LEU D 493 -4.83 9.75 2.51
C LEU D 493 -3.55 9.18 1.92
N THR D 494 -2.79 8.44 2.73
CA THR D 494 -1.55 7.85 2.27
C THR D 494 -1.80 7.05 1.00
N THR D 495 -2.75 6.12 1.07
CA THR D 495 -3.10 5.29 -0.08
C THR D 495 -3.33 6.10 -1.35
N LEU D 496 -4.14 7.15 -1.25
CA LEU D 496 -4.46 7.99 -2.39
C LEU D 496 -3.21 8.66 -2.97
N VAL D 497 -2.52 9.43 -2.13
CA VAL D 497 -1.31 10.14 -2.54
C VAL D 497 -0.34 9.21 -3.23
N ASN D 498 -0.04 8.09 -2.59
CA ASN D 498 0.88 7.13 -3.15
C ASN D 498 0.36 6.55 -4.47
N SER D 499 -0.96 6.36 -4.59
CA SER D 499 -1.54 5.84 -5.83
C SER D 499 -1.25 6.82 -6.96
N ILE D 500 -1.41 8.11 -6.65
CA ILE D 500 -1.17 9.18 -7.60
C ILE D 500 0.29 9.11 -8.05
N LEU D 501 1.20 9.14 -7.09
CA LEU D 501 2.63 9.09 -7.35
C LEU D 501 3.02 7.86 -8.17
N GLU D 502 2.41 6.72 -7.87
CA GLU D 502 2.69 5.49 -8.60
C GLU D 502 2.45 5.71 -10.09
N ARG D 503 1.19 6.05 -10.43
CA ARG D 503 0.81 6.27 -11.81
C ARG D 503 1.73 7.29 -12.49
N LEU D 504 2.15 8.31 -11.73
CA LEU D 504 3.04 9.32 -12.27
C LEU D 504 4.36 8.66 -12.62
N ASP D 505 4.95 7.94 -11.67
CA ASP D 505 6.22 7.26 -11.92
C ASP D 505 6.13 6.41 -13.18
N GLU D 506 5.00 5.71 -13.36
CA GLU D 506 4.80 4.87 -14.54
C GLU D 506 4.81 5.75 -15.78
N GLU D 507 3.97 6.77 -15.76
CA GLU D 507 3.86 7.68 -16.89
C GLU D 507 5.19 8.35 -17.23
N THR D 508 6.02 8.58 -16.22
CA THR D 508 7.31 9.23 -16.43
C THR D 508 8.51 8.27 -16.40
N ARG D 509 8.24 6.97 -16.53
CA ARG D 509 9.30 5.96 -16.50
C ARG D 509 9.96 5.80 -17.85
N GLY D 510 9.33 6.34 -18.89
CA GLY D 510 9.88 6.23 -20.23
C GLY D 510 11.21 6.93 -20.35
N MET D 511 12.29 6.17 -20.48
CA MET D 511 13.62 6.75 -20.59
C MET D 511 13.76 7.55 -21.88
N GLN D 512 14.43 8.70 -21.78
CA GLN D 512 14.67 9.63 -22.88
C GLN D 512 13.38 10.40 -23.18
N ALA D 513 12.26 9.68 -23.26
CA ALA D 513 10.96 10.26 -23.56
C ALA D 513 10.28 11.04 -22.41
N THR D 514 9.86 10.33 -21.35
CA THR D 514 9.17 10.99 -20.23
C THR D 514 9.91 10.93 -18.90
N ASP D 515 11.03 10.22 -18.84
CA ASP D 515 11.78 10.07 -17.60
C ASP D 515 12.43 11.33 -17.07
N TYR D 516 12.33 12.43 -17.82
CA TYR D 516 12.91 13.69 -17.39
C TYR D 516 12.22 14.19 -16.11
N ASN D 517 10.96 13.84 -15.95
CA ASN D 517 10.16 14.24 -14.77
C ASN D 517 10.17 13.15 -13.69
N HIS D 518 10.97 12.10 -13.90
CA HIS D 518 11.05 11.00 -12.94
C HIS D 518 11.89 11.46 -11.75
N ASP D 519 11.28 12.26 -10.89
CA ASP D 519 11.96 12.80 -9.71
C ASP D 519 12.22 11.80 -8.60
N LEU D 520 13.37 11.93 -7.96
CA LEU D 520 13.71 11.05 -6.84
C LEU D 520 12.88 11.50 -5.64
N VAL D 521 12.75 12.81 -5.48
CA VAL D 521 12.02 13.39 -4.38
C VAL D 521 10.70 13.99 -4.85
N ARG D 522 9.63 13.69 -4.13
CA ARG D 522 8.30 14.18 -4.44
C ARG D 522 7.54 14.55 -3.17
N ALA E 1 52.46 3.22 39.29
CA ALA E 1 53.37 3.12 38.12
C ALA E 1 52.58 3.54 36.90
N MET E 2 53.22 3.49 35.73
CA MET E 2 52.62 3.88 34.45
C MET E 2 52.58 5.39 34.27
N ARG E 3 53.60 5.91 33.62
CA ARG E 3 53.69 7.33 33.36
C ARG E 3 53.81 7.55 31.86
N GLN E 4 52.78 8.15 31.27
CA GLN E 4 52.78 8.43 29.84
C GLN E 4 53.38 9.81 29.62
N CYS E 5 54.41 9.87 28.80
CA CYS E 5 55.09 11.12 28.53
C CYS E 5 55.09 11.39 27.04
N ALA E 6 55.17 12.66 26.68
CA ALA E 6 55.20 13.06 25.29
C ALA E 6 56.43 13.94 25.07
N ILE E 7 57.17 13.64 24.02
CA ILE E 7 58.37 14.38 23.69
C ILE E 7 58.12 15.26 22.48
N TYR E 8 58.42 16.55 22.59
CA TYR E 8 58.23 17.51 21.52
C TYR E 8 59.45 18.40 21.43
N GLY E 9 59.53 19.21 20.37
CA GLY E 9 60.66 20.11 20.23
C GLY E 9 60.91 20.52 18.80
N LYS E 10 61.85 21.46 18.62
CA LYS E 10 62.24 21.97 17.31
C LYS E 10 62.53 20.79 16.39
N GLY E 11 62.14 20.90 15.13
CA GLY E 11 62.39 19.83 14.19
C GLY E 11 63.86 19.46 14.20
N GLY E 12 64.15 18.16 14.14
CA GLY E 12 65.53 17.70 14.11
C GLY E 12 66.40 18.11 15.29
N ILE E 13 65.78 18.56 16.38
CA ILE E 13 66.52 18.97 17.57
C ILE E 13 67.12 17.75 18.30
N GLY E 14 66.67 16.56 17.92
CA GLY E 14 67.18 15.34 18.53
C GLY E 14 66.22 14.60 19.43
N LYS E 15 64.93 14.94 19.40
CA LYS E 15 63.95 14.28 20.26
C LYS E 15 63.98 12.75 20.12
N SER E 16 63.83 12.25 18.89
CA SER E 16 63.86 10.82 18.62
C SER E 16 65.09 10.15 19.24
N THR E 17 66.27 10.58 18.80
CA THR E 17 67.54 10.05 19.28
C THR E 17 67.67 10.11 20.80
N THR E 18 67.35 11.26 21.39
CA THR E 18 67.44 11.43 22.83
C THR E 18 66.49 10.46 23.52
N THR E 19 65.26 10.39 23.03
CA THR E 19 64.24 9.49 23.58
C THR E 19 64.76 8.06 23.53
N GLN E 20 65.31 7.67 22.37
CA GLN E 20 65.86 6.34 22.18
C GLN E 20 66.87 6.01 23.29
N ASN E 21 67.88 6.85 23.43
CA ASN E 21 68.92 6.67 24.44
C ASN E 21 68.38 6.75 25.86
N LEU E 22 67.52 7.73 26.09
CA LEU E 22 66.91 7.94 27.39
C LEU E 22 66.22 6.65 27.85
N VAL E 23 65.36 6.12 26.99
CA VAL E 23 64.64 4.89 27.28
C VAL E 23 65.61 3.75 27.58
N ALA E 24 66.70 3.68 26.82
CA ALA E 24 67.71 2.64 27.03
C ALA E 24 68.16 2.68 28.48
N ALA E 25 68.45 3.89 28.98
CA ALA E 25 68.89 4.07 30.36
C ALA E 25 67.79 3.61 31.33
N LEU E 26 66.53 3.87 30.97
CA LEU E 26 65.39 3.45 31.79
C LEU E 26 65.33 1.92 31.85
N ALA E 27 65.48 1.29 30.68
CA ALA E 27 65.46 -0.16 30.56
C ALA E 27 66.60 -0.76 31.38
N GLU E 28 67.75 -0.11 31.31
CA GLU E 28 68.93 -0.53 32.05
C GLU E 28 68.62 -0.44 33.54
N MET E 29 67.73 0.46 33.94
CA MET E 29 67.34 0.61 35.34
C MET E 29 66.23 -0.36 35.69
N GLY E 30 65.99 -1.34 34.83
CA GLY E 30 64.94 -2.32 35.08
C GLY E 30 63.53 -1.76 34.89
N LYS E 31 63.41 -0.66 34.16
CA LYS E 31 62.12 -0.03 33.92
C LYS E 31 61.52 -0.49 32.60
N LYS E 32 60.36 -1.15 32.65
CA LYS E 32 59.69 -1.60 31.44
C LYS E 32 59.09 -0.39 30.77
N VAL E 33 59.49 -0.13 29.53
CA VAL E 33 59.03 1.04 28.79
C VAL E 33 58.57 0.71 27.37
N MET E 34 57.61 1.48 26.87
CA MET E 34 57.12 1.32 25.50
C MET E 34 57.24 2.68 24.82
N ILE E 35 57.61 2.68 23.55
CA ILE E 35 57.75 3.91 22.81
C ILE E 35 56.85 3.92 21.57
N VAL E 36 55.97 4.91 21.51
CA VAL E 36 55.04 5.06 20.40
C VAL E 36 55.55 6.17 19.48
N GLY E 37 56.00 5.77 18.29
CA GLY E 37 56.50 6.73 17.34
C GLY E 37 55.36 7.46 16.67
N CYS E 38 55.39 8.77 16.71
CA CYS E 38 54.34 9.59 16.11
C CYS E 38 54.90 10.45 14.99
N ASP E 39 55.86 9.91 14.25
CA ASP E 39 56.48 10.62 13.12
C ASP E 39 56.21 9.72 11.92
N PRO E 40 55.71 10.30 10.81
CA PRO E 40 55.42 9.55 9.58
C PRO E 40 56.60 8.67 9.18
N LYS E 41 57.81 9.13 9.50
CA LYS E 41 59.00 8.37 9.21
C LYS E 41 59.13 7.49 10.45
N ALA E 42 59.06 6.19 10.30
CA ALA E 42 59.19 5.31 11.46
C ALA E 42 60.65 5.30 11.93
N ASP E 43 61.11 6.43 12.45
CA ASP E 43 62.49 6.57 12.91
C ASP E 43 62.59 6.71 14.43
N SER E 44 61.46 6.63 15.11
CA SER E 44 61.40 6.76 16.55
C SER E 44 61.90 5.52 17.29
N THR E 45 62.03 4.40 16.58
CA THR E 45 62.44 3.15 17.22
C THR E 45 63.67 2.41 16.70
N ARG E 46 64.35 2.96 15.70
CA ARG E 46 65.52 2.32 15.11
C ARG E 46 66.59 1.83 16.09
N LEU E 47 67.03 2.71 16.99
CA LEU E 47 68.07 2.38 17.97
C LEU E 47 67.72 1.27 18.96
N ILE E 48 66.43 1.01 19.13
CA ILE E 48 66.00 -0.03 20.04
C ILE E 48 65.85 -1.36 19.29
N LEU E 49 65.23 -1.30 18.12
CA LEU E 49 65.05 -2.51 17.31
C LEU E 49 66.30 -2.88 16.54
N HIS E 50 67.27 -1.98 16.50
CA HIS E 50 68.53 -2.19 15.79
C HIS E 50 68.23 -2.34 14.30
N SER E 51 67.07 -1.84 13.88
CA SER E 51 66.64 -1.92 12.50
C SER E 51 65.44 -1.00 12.33
N LYS E 52 65.27 -0.47 11.13
CA LYS E 52 64.15 0.43 10.84
C LYS E 52 62.91 -0.44 10.65
N ALA E 53 62.05 -0.45 11.66
CA ALA E 53 60.82 -1.25 11.61
C ALA E 53 59.95 -0.87 10.42
N GLN E 54 59.42 -1.89 9.74
CA GLN E 54 58.57 -1.65 8.58
C GLN E 54 57.10 -1.91 8.94
N ASN E 55 56.89 -2.65 10.02
CA ASN E 55 55.55 -2.96 10.47
C ASN E 55 54.94 -1.79 11.22
N THR E 56 54.54 -0.76 10.48
CA THR E 56 53.93 0.41 11.07
C THR E 56 52.42 0.19 11.13
N ILE E 57 51.76 0.82 12.10
CA ILE E 57 50.32 0.68 12.27
C ILE E 57 49.54 0.98 11.00
N MET E 58 49.83 2.12 10.36
CA MET E 58 49.12 2.48 9.14
C MET E 58 49.39 1.57 7.96
N GLU E 59 50.65 1.33 7.63
CA GLU E 59 50.97 0.45 6.51
C GLU E 59 50.38 -0.94 6.72
N MET E 60 50.51 -1.45 7.94
CA MET E 60 49.99 -2.76 8.29
C MET E 60 48.48 -2.80 8.14
N ALA E 61 47.81 -1.76 8.64
CA ALA E 61 46.36 -1.67 8.56
C ALA E 61 45.93 -1.71 7.11
N ALA E 62 46.63 -0.94 6.27
CA ALA E 62 46.33 -0.88 4.84
C ALA E 62 46.39 -2.28 4.22
N GLU E 63 47.39 -3.07 4.61
CA GLU E 63 47.56 -4.43 4.10
C GLU E 63 46.33 -5.28 4.43
N ALA E 64 45.81 -5.13 5.66
CA ALA E 64 44.65 -5.88 6.11
C ALA E 64 43.34 -5.13 5.86
N GLY E 65 43.38 -4.09 5.04
CA GLY E 65 42.18 -3.33 4.74
C GLY E 65 41.85 -2.28 5.79
N THR E 66 40.93 -2.61 6.68
CA THR E 66 40.51 -1.69 7.73
C THR E 66 41.46 -1.82 8.90
N VAL E 67 41.71 -0.71 9.60
CA VAL E 67 42.58 -0.73 10.77
C VAL E 67 41.97 -1.68 11.81
N GLU E 68 40.66 -1.85 11.73
CA GLU E 68 39.91 -2.73 12.63
C GLU E 68 40.36 -4.19 12.49
N ASP E 69 40.89 -4.53 11.33
CA ASP E 69 41.35 -5.89 11.05
C ASP E 69 42.79 -6.12 11.53
N LEU E 70 43.41 -5.06 12.04
CA LEU E 70 44.78 -5.15 12.53
C LEU E 70 44.87 -5.71 13.94
N GLU E 71 45.99 -6.34 14.26
CA GLU E 71 46.20 -6.92 15.58
C GLU E 71 47.58 -6.56 16.10
N LEU E 72 47.63 -6.11 17.36
CA LEU E 72 48.86 -5.70 18.02
C LEU E 72 50.10 -6.52 17.70
N GLU E 73 49.99 -7.84 17.81
CA GLU E 73 51.10 -8.75 17.55
C GLU E 73 51.87 -8.37 16.29
N ASP E 74 51.14 -7.99 15.25
CA ASP E 74 51.71 -7.62 13.96
C ASP E 74 52.48 -6.29 13.90
N VAL E 75 52.19 -5.37 14.82
CA VAL E 75 52.87 -4.07 14.82
C VAL E 75 53.75 -3.75 16.04
N LEU E 76 53.55 -4.49 17.12
CA LEU E 76 54.32 -4.28 18.35
C LEU E 76 55.48 -5.26 18.46
N LYS E 77 56.70 -4.72 18.51
CA LYS E 77 57.90 -5.54 18.62
C LYS E 77 58.80 -5.01 19.72
N ALA E 78 59.43 -5.92 20.46
CA ALA E 78 60.34 -5.55 21.53
C ALA E 78 61.78 -5.60 21.02
N GLY E 79 62.59 -4.66 21.47
CA GLY E 79 63.99 -4.63 21.06
C GLY E 79 64.90 -4.65 22.25
N TYR E 80 65.94 -3.81 22.21
CA TYR E 80 66.91 -3.71 23.29
C TYR E 80 66.21 -3.55 24.63
N GLY E 81 66.75 -4.21 25.65
CA GLY E 81 66.20 -4.12 26.99
C GLY E 81 64.72 -4.44 27.11
N GLY E 82 64.17 -5.21 26.17
CA GLY E 82 62.76 -5.55 26.22
C GLY E 82 61.82 -4.37 26.04
N VAL E 83 62.35 -3.26 25.54
CA VAL E 83 61.56 -2.06 25.31
C VAL E 83 60.63 -2.34 24.13
N LYS E 84 59.33 -2.23 24.36
CA LYS E 84 58.34 -2.47 23.32
C LYS E 84 58.25 -1.23 22.43
N CYS E 85 58.19 -1.44 21.12
CA CYS E 85 58.14 -0.34 20.16
C CYS E 85 56.99 -0.47 19.16
N VAL E 86 56.33 0.65 18.87
CA VAL E 86 55.23 0.68 17.91
C VAL E 86 55.42 1.95 17.09
N GLU E 87 55.06 1.89 15.82
CA GLU E 87 55.22 3.05 14.95
C GLU E 87 53.95 3.40 14.18
N SER E 88 53.45 4.61 14.39
CA SER E 88 52.28 5.06 13.65
C SER E 88 52.79 5.12 12.23
N GLY E 89 52.03 4.60 11.29
CA GLY E 89 52.50 4.65 9.92
C GLY E 89 52.50 6.09 9.43
N GLY E 90 52.70 6.27 8.13
CA GLY E 90 52.69 7.59 7.58
C GLY E 90 53.01 7.58 6.10
N PRO E 91 52.46 8.55 5.36
CA PRO E 91 52.71 8.65 3.92
C PRO E 91 54.11 9.22 3.68
N GLU E 92 54.62 9.02 2.48
CA GLU E 92 55.92 9.57 2.12
C GLU E 92 55.74 11.07 2.12
N PRO E 93 56.84 11.83 2.22
CA PRO E 93 56.74 13.28 2.23
C PRO E 93 55.95 13.84 1.05
N GLY E 94 55.19 14.90 1.32
CA GLY E 94 54.42 15.54 0.27
C GLY E 94 53.14 14.89 -0.22
N VAL E 95 52.59 13.94 0.52
CA VAL E 95 51.35 13.30 0.10
C VAL E 95 50.59 12.80 1.31
N GLY E 96 49.28 12.67 1.16
CA GLY E 96 48.45 12.17 2.24
C GLY E 96 48.27 13.17 3.37
N CYS E 97 47.91 12.66 4.52
CA CYS E 97 47.69 13.46 5.71
C CYS E 97 48.22 12.66 6.90
N ALA E 98 49.51 12.84 7.16
CA ALA E 98 50.18 12.17 8.26
C ALA E 98 49.44 12.36 9.58
N GLY E 99 48.91 13.56 9.80
CA GLY E 99 48.18 13.86 11.02
C GLY E 99 47.11 12.83 11.34
N ARG E 100 46.27 12.52 10.37
CA ARG E 100 45.21 11.53 10.56
C ARG E 100 45.83 10.19 10.94
N GLY E 101 46.96 9.85 10.31
CA GLY E 101 47.63 8.61 10.59
C GLY E 101 47.87 8.44 12.08
N VAL E 102 48.45 9.47 12.70
CA VAL E 102 48.73 9.45 14.13
C VAL E 102 47.43 9.28 14.92
N ILE E 103 46.41 10.03 14.54
CA ILE E 103 45.11 9.96 15.22
C ILE E 103 44.60 8.52 15.27
N THR E 104 44.53 7.88 14.11
CA THR E 104 44.06 6.50 14.01
C THR E 104 44.96 5.55 14.79
N ALA E 105 46.27 5.71 14.62
CA ALA E 105 47.25 4.87 15.30
C ALA E 105 47.06 4.89 16.82
N ILE E 106 47.06 6.10 17.41
CA ILE E 106 46.89 6.24 18.85
C ILE E 106 45.59 5.57 19.30
N ASN E 107 44.52 5.82 18.55
CA ASN E 107 43.22 5.24 18.86
C ASN E 107 43.28 3.73 18.81
N PHE E 108 44.03 3.20 17.84
CA PHE E 108 44.19 1.76 17.68
C PHE E 108 44.81 1.17 18.94
N LEU E 109 45.98 1.68 19.31
CA LEU E 109 46.68 1.22 20.50
C LEU E 109 45.76 1.29 21.71
N GLU E 110 45.10 2.43 21.89
CA GLU E 110 44.18 2.65 23.00
C GLU E 110 43.17 1.52 23.10
N GLU E 111 42.50 1.20 21.98
CA GLU E 111 41.50 0.15 21.96
C GLU E 111 42.03 -1.27 22.13
N GLU E 112 43.21 -1.54 21.59
CA GLU E 112 43.80 -2.88 21.71
C GLU E 112 44.57 -3.03 23.01
N GLY E 113 44.25 -2.20 24.00
CA GLY E 113 44.93 -2.27 25.27
C GLY E 113 46.29 -1.60 25.20
N ALA E 114 47.28 -2.33 24.67
CA ALA E 114 48.66 -1.84 24.52
C ALA E 114 49.21 -1.21 25.80
N TYR E 115 48.78 0.01 26.10
CA TYR E 115 49.19 0.74 27.30
C TYR E 115 48.79 -0.13 28.50
N GLU E 116 47.58 -0.68 28.41
CA GLU E 116 47.01 -1.56 29.44
C GLU E 116 47.97 -2.72 29.70
N ASP E 117 48.91 -2.51 30.62
CA ASP E 117 49.91 -3.52 30.95
C ASP E 117 50.55 -3.15 32.30
N ASP E 118 51.84 -3.43 32.41
CA ASP E 118 52.61 -3.13 33.63
C ASP E 118 53.79 -2.24 33.26
N LEU E 119 53.57 -1.40 32.25
CA LEU E 119 54.58 -0.47 31.75
C LEU E 119 54.84 0.64 32.76
N ASP E 120 56.12 0.94 32.99
CA ASP E 120 56.50 1.99 33.91
C ASP E 120 56.41 3.33 33.20
N PHE E 121 56.78 3.34 31.91
CA PHE E 121 56.75 4.55 31.10
C PHE E 121 56.30 4.26 29.68
N VAL E 122 55.68 5.26 29.06
CA VAL E 122 55.22 5.20 27.68
C VAL E 122 55.67 6.51 27.08
N PHE E 123 56.47 6.46 26.02
CA PHE E 123 56.96 7.67 25.40
C PHE E 123 56.42 7.91 24.00
N TYR E 124 55.79 9.06 23.81
CA TYR E 124 55.26 9.44 22.51
C TYR E 124 56.32 10.31 21.85
N ASP E 125 57.03 9.76 20.87
CA ASP E 125 58.06 10.51 20.16
C ASP E 125 57.37 11.17 18.98
N VAL E 126 56.90 12.39 19.20
CA VAL E 126 56.20 13.15 18.18
C VAL E 126 57.18 13.84 17.24
N LEU E 127 56.75 14.16 16.02
CA LEU E 127 57.59 14.83 15.05
C LEU E 127 57.84 16.27 15.50
N GLY E 128 58.93 16.86 15.02
CA GLY E 128 59.27 18.22 15.39
C GLY E 128 58.26 19.30 15.06
N ASP E 129 57.76 19.30 13.84
CA ASP E 129 56.81 20.32 13.40
C ASP E 129 55.40 20.40 14.01
N VAL E 130 54.76 19.26 14.28
CA VAL E 130 53.42 19.22 14.89
C VAL E 130 52.47 20.28 14.30
N VAL E 131 52.14 20.11 13.03
CA VAL E 131 51.31 21.04 12.29
C VAL E 131 49.79 20.93 12.41
N CYS E 132 49.28 20.02 13.23
CA CYS E 132 47.84 19.86 13.37
C CYS E 132 47.37 19.22 14.65
N GLY E 133 46.05 19.17 14.82
CA GLY E 133 45.46 18.59 16.01
C GLY E 133 45.85 17.13 16.14
N GLY E 134 46.02 16.48 14.99
CA GLY E 134 46.41 15.09 14.98
C GLY E 134 47.68 14.81 15.76
N PHE E 135 48.71 15.61 15.53
CA PHE E 135 49.99 15.43 16.21
C PHE E 135 49.94 15.81 17.68
N ALA E 136 48.79 16.31 18.12
CA ALA E 136 48.62 16.68 19.52
C ALA E 136 47.86 15.56 20.22
N MET E 137 47.59 14.48 19.47
CA MET E 137 46.87 13.34 20.01
C MET E 137 47.45 12.87 21.35
N PRO E 138 48.78 12.74 21.46
CA PRO E 138 49.41 12.30 22.70
C PRO E 138 49.16 13.21 23.91
N ILE E 139 48.72 14.44 23.65
CA ILE E 139 48.48 15.41 24.72
C ILE E 139 46.97 15.54 25.02
N ARG E 140 46.18 14.60 24.51
CA ARG E 140 44.74 14.59 24.73
C ARG E 140 44.34 14.14 26.14
N GLU E 141 43.07 14.32 26.47
CA GLU E 141 42.48 13.97 27.77
C GLU E 141 43.20 12.92 28.64
N ASN E 142 43.20 11.67 28.20
CA ASN E 142 43.85 10.62 28.99
C ASN E 142 45.00 9.92 28.30
N LYS E 143 45.99 10.69 27.88
CA LYS E 143 47.16 10.15 27.23
C LYS E 143 48.34 10.59 28.09
N ALA E 144 49.32 11.27 27.49
CA ALA E 144 50.49 11.74 28.22
C ALA E 144 50.06 12.68 29.33
N GLN E 145 50.73 12.58 30.47
CA GLN E 145 50.44 13.42 31.62
C GLN E 145 51.59 14.40 31.84
N GLU E 146 52.69 14.14 31.16
CA GLU E 146 53.88 14.98 31.27
C GLU E 146 54.62 15.06 29.95
N ILE E 147 54.86 16.30 29.52
CA ILE E 147 55.54 16.58 28.27
C ILE E 147 56.94 17.09 28.56
N TYR E 148 57.87 16.78 27.67
CA TYR E 148 59.24 17.23 27.80
C TYR E 148 59.64 17.78 26.45
N ILE E 149 60.03 19.04 26.43
CA ILE E 149 60.43 19.69 25.20
C ILE E 149 61.94 19.70 25.07
N VAL E 150 62.43 19.18 23.94
CA VAL E 150 63.86 19.13 23.68
C VAL E 150 64.19 20.38 22.88
N CYS E 151 65.34 20.97 23.14
CA CYS E 151 65.76 22.17 22.44
C CYS E 151 67.24 22.46 22.69
N SER E 152 67.74 23.50 22.05
CA SER E 152 69.14 23.91 22.19
C SER E 152 69.16 25.42 22.33
N GLY E 153 70.32 25.97 22.63
CA GLY E 153 70.45 27.42 22.78
C GLY E 153 70.44 28.15 21.46
N GLU E 154 69.73 27.60 20.48
CA GLU E 154 69.65 28.20 19.17
C GLU E 154 68.36 28.98 19.10
N MET E 155 68.44 30.23 18.65
CA MET E 155 67.27 31.10 18.54
C MET E 155 66.05 30.35 18.00
N MET E 156 66.19 29.76 16.82
CA MET E 156 65.10 29.02 16.20
C MET E 156 64.57 27.90 17.10
N ALA E 157 65.47 27.12 17.68
CA ALA E 157 65.10 26.01 18.55
C ALA E 157 64.31 26.49 19.75
N MET E 158 64.71 27.65 20.28
CA MET E 158 64.06 28.25 21.43
C MET E 158 62.67 28.76 21.04
N TYR E 159 62.59 29.43 19.88
CA TYR E 159 61.32 29.93 19.40
C TYR E 159 60.36 28.75 19.31
N ALA E 160 60.81 27.69 18.64
CA ALA E 160 60.01 26.48 18.46
C ALA E 160 59.51 25.99 19.81
N ALA E 161 60.41 25.92 20.78
CA ALA E 161 60.07 25.47 22.12
C ALA E 161 58.94 26.32 22.70
N ASN E 162 59.09 27.64 22.61
CA ASN E 162 58.09 28.56 23.12
C ASN E 162 56.78 28.44 22.33
N ASN E 163 56.90 28.34 21.02
CA ASN E 163 55.75 28.22 20.13
C ASN E 163 54.98 26.95 20.48
N ILE E 164 55.70 25.84 20.65
CA ILE E 164 55.09 24.57 21.02
C ILE E 164 54.39 24.70 22.37
N SER E 165 55.01 25.43 23.29
CA SER E 165 54.43 25.65 24.61
C SER E 165 53.03 26.22 24.47
N LYS E 166 52.87 27.19 23.58
CA LYS E 166 51.58 27.82 23.35
C LYS E 166 50.52 26.77 23.06
N GLY E 167 50.82 25.90 22.10
CA GLY E 167 49.87 24.85 21.73
C GLY E 167 49.50 23.98 22.91
N ILE E 168 50.50 23.65 23.72
CA ILE E 168 50.30 22.81 24.90
C ILE E 168 49.26 23.41 25.85
N VAL E 169 49.31 24.72 26.05
CA VAL E 169 48.39 25.42 26.94
C VAL E 169 46.92 25.04 26.70
N LYS E 170 46.52 25.00 25.44
CA LYS E 170 45.14 24.67 25.07
C LYS E 170 44.72 23.31 25.65
N TYR E 171 45.65 22.37 25.66
CA TYR E 171 45.40 21.02 26.18
C TYR E 171 45.60 20.89 27.69
N ALA E 172 46.54 21.67 28.23
CA ALA E 172 46.82 21.65 29.65
C ALA E 172 45.58 22.06 30.42
N ASN E 173 44.95 23.14 29.97
CA ASN E 173 43.74 23.66 30.61
C ASN E 173 42.53 22.76 30.47
N SER E 174 42.46 22.03 29.36
CA SER E 174 41.32 21.14 29.14
C SER E 174 41.51 19.75 29.77
N GLY E 175 42.70 19.48 30.27
CA GLY E 175 42.96 18.19 30.88
C GLY E 175 43.86 18.25 32.08
N SER E 176 44.89 17.43 32.08
CA SER E 176 45.84 17.37 33.19
C SER E 176 47.29 17.25 32.72
N VAL E 177 47.47 17.19 31.40
CA VAL E 177 48.80 17.09 30.82
C VAL E 177 49.61 18.33 31.21
N ARG E 178 50.82 18.12 31.73
CA ARG E 178 51.65 19.22 32.15
C ARG E 178 53.05 19.13 31.57
N LEU E 179 53.72 20.27 31.47
CA LEU E 179 55.07 20.34 30.96
C LEU E 179 56.04 20.03 32.11
N GLY E 180 56.76 18.91 31.97
CA GLY E 180 57.70 18.52 33.00
C GLY E 180 58.94 19.40 32.98
N GLY E 181 59.43 19.68 31.79
CA GLY E 181 60.62 20.52 31.69
C GLY E 181 61.21 20.50 30.29
N LEU E 182 62.35 21.17 30.15
CA LEU E 182 63.07 21.25 28.89
C LEU E 182 64.35 20.43 28.99
N ILE E 183 64.68 19.72 27.92
CA ILE E 183 65.88 18.92 27.86
C ILE E 183 66.73 19.58 26.80
N CYS E 184 67.82 20.19 27.22
CA CYS E 184 68.71 20.88 26.28
C CYS E 184 69.70 19.92 25.64
N ASN E 185 69.48 19.62 24.37
CA ASN E 185 70.40 18.74 23.66
C ASN E 185 71.39 19.72 23.06
N SER E 186 72.51 19.89 23.77
CA SER E 186 73.56 20.81 23.37
C SER E 186 73.92 20.79 21.89
N ARG E 187 74.02 21.99 21.33
CA ARG E 187 74.41 22.14 19.94
C ARG E 187 75.52 23.19 19.89
N ASN E 188 76.29 23.23 20.98
CA ASN E 188 77.42 24.12 21.18
C ASN E 188 77.23 25.61 20.90
N THR E 189 76.13 26.17 21.40
CA THR E 189 75.86 27.59 21.21
C THR E 189 76.54 28.28 22.38
N ASP E 190 76.99 29.51 22.16
CA ASP E 190 77.71 30.28 23.18
C ASP E 190 77.27 30.10 24.63
N ARG E 191 76.28 30.88 25.07
CA ARG E 191 75.82 30.75 26.45
C ARG E 191 74.60 29.84 26.54
N GLU E 192 74.73 28.68 25.91
CA GLU E 192 73.67 27.67 25.85
C GLU E 192 72.96 27.37 27.18
N ASP E 193 73.71 26.90 28.17
CA ASP E 193 73.13 26.58 29.46
C ASP E 193 72.32 27.75 30.05
N GLU E 194 72.90 28.94 30.01
CA GLU E 194 72.24 30.14 30.55
C GLU E 194 70.95 30.43 29.79
N LEU E 195 71.04 30.40 28.47
CA LEU E 195 69.90 30.65 27.59
C LEU E 195 68.70 29.77 27.92
N ILE E 196 68.91 28.46 27.85
CA ILE E 196 67.83 27.50 28.13
C ILE E 196 67.27 27.68 29.53
N ILE E 197 68.13 27.82 30.53
CA ILE E 197 67.68 28.00 31.90
C ILE E 197 66.81 29.26 31.97
N ALA E 198 67.25 30.33 31.31
CA ALA E 198 66.53 31.59 31.28
C ALA E 198 65.13 31.38 30.70
N LEU E 199 65.07 30.69 29.57
CA LEU E 199 63.79 30.40 28.92
C LEU E 199 62.92 29.53 29.82
N ALA E 200 63.51 28.46 30.36
CA ALA E 200 62.79 27.55 31.24
C ALA E 200 62.10 28.32 32.34
N ASN E 201 62.85 29.19 33.00
CA ASN E 201 62.30 30.01 34.08
C ASN E 201 61.16 30.86 33.56
N LYS E 202 61.41 31.57 32.46
CA LYS E 202 60.40 32.43 31.84
C LYS E 202 59.10 31.69 31.57
N LEU E 203 59.21 30.43 31.14
CA LEU E 203 58.04 29.60 30.85
C LEU E 203 57.39 29.12 32.12
N GLY E 204 58.20 28.99 33.18
CA GLY E 204 57.68 28.53 34.45
C GLY E 204 58.04 27.08 34.71
N THR E 205 59.00 26.56 33.94
CA THR E 205 59.42 25.19 34.10
C THR E 205 60.91 25.12 34.49
N GLN E 206 61.56 24.01 34.20
CA GLN E 206 62.96 23.81 34.53
C GLN E 206 63.71 23.21 33.35
N MET E 207 65.04 23.21 33.45
CA MET E 207 65.87 22.62 32.43
C MET E 207 66.27 21.29 33.03
N ILE E 208 65.43 20.27 32.84
CA ILE E 208 65.65 18.93 33.36
C ILE E 208 67.09 18.44 33.24
N HIS E 209 67.72 18.71 32.10
CA HIS E 209 69.09 18.27 31.88
C HIS E 209 69.74 18.90 30.67
N PHE E 210 71.07 18.90 30.67
CA PHE E 210 71.86 19.44 29.59
C PHE E 210 72.63 18.27 28.99
N VAL E 211 72.18 17.79 27.84
CA VAL E 211 72.82 16.69 27.14
C VAL E 211 73.95 17.26 26.28
N PRO E 212 75.21 16.91 26.60
CA PRO E 212 76.36 17.41 25.83
C PRO E 212 76.36 16.83 24.43
N ARG E 213 76.85 17.61 23.46
CA ARG E 213 76.93 17.12 22.08
C ARG E 213 78.19 16.26 22.02
N ASP E 214 78.00 14.97 21.76
CA ASP E 214 79.11 14.04 21.71
C ASP E 214 78.93 13.18 20.47
N ASN E 215 79.93 13.17 19.60
CA ASN E 215 79.88 12.38 18.38
C ASN E 215 79.70 10.88 18.62
N VAL E 216 79.81 10.46 19.87
CA VAL E 216 79.62 9.05 20.22
C VAL E 216 78.19 8.68 19.85
N VAL E 217 77.27 9.63 20.09
CA VAL E 217 75.86 9.45 19.78
C VAL E 217 75.71 9.01 18.34
N GLN E 218 76.44 9.68 17.46
CA GLN E 218 76.41 9.37 16.04
C GLN E 218 77.04 8.01 15.76
N ARG E 219 78.22 7.77 16.32
CA ARG E 219 78.93 6.50 16.14
C ARG E 219 78.05 5.31 16.51
N ALA E 220 77.29 5.46 17.59
CA ALA E 220 76.38 4.41 18.06
C ALA E 220 75.20 4.35 17.11
N GLU E 221 74.69 5.54 16.75
CA GLU E 221 73.56 5.67 15.83
C GLU E 221 73.84 4.91 14.55
N ILE E 222 75.03 5.08 14.01
CA ILE E 222 75.45 4.41 12.78
C ILE E 222 75.27 2.90 12.94
N ARG E 223 75.72 2.37 14.07
CA ARG E 223 75.62 0.95 14.33
C ARG E 223 74.25 0.49 14.86
N ARG E 224 73.21 1.24 14.49
CA ARG E 224 71.82 0.94 14.87
C ARG E 224 71.55 0.80 16.36
N MET E 225 72.33 1.47 17.21
CA MET E 225 72.09 1.34 18.65
C MET E 225 72.35 2.55 19.52
N THR E 226 71.77 2.50 20.72
CA THR E 226 71.90 3.57 21.71
C THR E 226 73.29 3.56 22.30
N VAL E 227 73.78 4.73 22.72
CA VAL E 227 75.10 4.87 23.32
C VAL E 227 75.29 3.89 24.47
N ILE E 228 74.24 3.66 25.25
CA ILE E 228 74.29 2.73 26.37
C ILE E 228 74.74 1.34 25.89
N GLU E 229 74.06 0.83 24.87
CA GLU E 229 74.37 -0.48 24.33
C GLU E 229 75.72 -0.50 23.63
N TYR E 230 76.01 0.55 22.88
CA TYR E 230 77.25 0.66 22.12
C TYR E 230 78.51 0.79 22.98
N ASP E 231 78.40 1.54 24.08
CA ASP E 231 79.53 1.76 24.96
C ASP E 231 79.03 2.22 26.32
N PRO E 232 78.71 1.27 27.22
CA PRO E 232 78.21 1.58 28.56
C PRO E 232 79.16 2.45 29.38
N LYS E 233 80.45 2.35 29.06
CA LYS E 233 81.47 3.11 29.76
C LYS E 233 81.72 4.50 29.18
N ALA E 234 81.02 4.82 28.10
CA ALA E 234 81.16 6.11 27.44
C ALA E 234 80.61 7.20 28.34
N LYS E 235 81.31 8.32 28.41
CA LYS E 235 80.89 9.45 29.25
C LYS E 235 79.45 9.85 28.95
N GLN E 236 79.10 9.92 27.65
CA GLN E 236 77.76 10.28 27.21
C GLN E 236 76.70 9.35 27.80
N ALA E 237 77.05 8.07 27.96
CA ALA E 237 76.13 7.10 28.50
C ALA E 237 75.69 7.54 29.89
N ASP E 238 76.65 7.91 30.73
CA ASP E 238 76.35 8.37 32.08
C ASP E 238 75.43 9.59 32.02
N GLU E 239 75.64 10.44 31.02
CA GLU E 239 74.82 11.64 30.83
C GLU E 239 73.35 11.25 30.62
N TYR E 240 73.13 10.23 29.79
CA TYR E 240 71.78 9.74 29.52
C TYR E 240 71.19 9.10 30.76
N ARG E 241 72.02 8.35 31.48
CA ARG E 241 71.57 7.69 32.70
C ARG E 241 71.13 8.77 33.69
N ALA E 242 71.86 9.89 33.70
CA ALA E 242 71.56 11.01 34.59
C ALA E 242 70.19 11.56 34.21
N LEU E 243 70.01 11.85 32.93
CA LEU E 243 68.74 12.37 32.42
C LEU E 243 67.59 11.43 32.81
N ALA E 244 67.82 10.13 32.66
CA ALA E 244 66.82 9.13 32.99
C ALA E 244 66.39 9.30 34.44
N ARG E 245 67.36 9.32 35.35
CA ARG E 245 67.05 9.49 36.77
C ARG E 245 66.28 10.78 36.97
N LYS E 246 66.72 11.86 36.34
CA LYS E 246 66.06 13.17 36.42
C LYS E 246 64.58 13.06 36.10
N VAL E 247 64.28 12.40 34.98
CA VAL E 247 62.89 12.21 34.53
C VAL E 247 62.11 11.37 35.53
N VAL E 248 62.73 10.29 36.02
CA VAL E 248 62.09 9.40 36.98
C VAL E 248 61.77 10.14 38.29
N ASP E 249 62.69 10.99 38.72
CA ASP E 249 62.51 11.74 39.95
C ASP E 249 61.77 13.05 39.79
N ASN E 250 61.50 13.44 38.54
CA ASN E 250 60.80 14.71 38.31
C ASN E 250 59.39 14.74 38.86
N LYS E 251 59.11 15.78 39.65
CA LYS E 251 57.80 15.96 40.25
C LYS E 251 57.24 17.31 39.81
N LEU E 252 58.06 18.07 39.09
CA LEU E 252 57.67 19.38 38.59
C LEU E 252 56.91 19.30 37.27
N LEU E 253 55.61 19.54 37.34
CA LEU E 253 54.73 19.51 36.18
C LEU E 253 53.95 20.82 36.21
N VAL E 254 54.12 21.65 35.19
CA VAL E 254 53.42 22.94 35.15
C VAL E 254 52.72 23.21 33.83
N ILE E 255 51.90 24.25 33.83
CA ILE E 255 51.21 24.68 32.63
C ILE E 255 52.13 25.78 32.08
N PRO E 256 52.66 25.57 30.87
CA PRO E 256 53.57 26.51 30.20
C PRO E 256 53.04 27.93 30.22
N ASN E 257 53.91 28.87 30.56
CA ASN E 257 53.54 30.27 30.59
C ASN E 257 54.38 30.94 29.49
N PRO E 258 53.90 30.89 28.24
CA PRO E 258 54.58 31.48 27.07
C PRO E 258 54.89 32.96 27.18
N ILE E 259 55.85 33.39 26.36
CA ILE E 259 56.29 34.77 26.30
C ILE E 259 56.07 35.31 24.90
N THR E 260 56.01 36.63 24.77
CA THR E 260 55.80 37.27 23.48
C THR E 260 57.10 37.20 22.68
N MET E 261 56.99 37.36 21.37
CA MET E 261 58.15 37.33 20.49
C MET E 261 59.18 38.35 20.96
N ASP E 262 58.71 39.55 21.29
CA ASP E 262 59.59 40.62 21.77
C ASP E 262 60.34 40.17 23.02
N GLU E 263 59.62 39.53 23.94
CA GLU E 263 60.23 39.04 25.16
C GLU E 263 61.34 38.04 24.85
N LEU E 264 61.10 37.19 23.85
CA LEU E 264 62.09 36.20 23.44
C LEU E 264 63.35 36.91 22.94
N GLU E 265 63.17 37.85 22.02
CA GLU E 265 64.30 38.62 21.48
C GLU E 265 65.11 39.22 22.63
N GLU E 266 64.42 39.88 23.55
CA GLU E 266 65.03 40.49 24.72
C GLU E 266 65.88 39.48 25.48
N LEU E 267 65.33 38.29 25.69
CA LEU E 267 66.03 37.21 26.39
C LEU E 267 67.29 36.81 25.64
N LEU E 268 67.18 36.67 24.33
CA LEU E 268 68.31 36.29 23.48
C LEU E 268 69.46 37.30 23.58
N MET E 269 69.12 38.58 23.55
CA MET E 269 70.12 39.64 23.64
C MET E 269 70.87 39.62 24.98
N GLU E 270 70.12 39.43 26.06
CA GLU E 270 70.73 39.42 27.39
C GLU E 270 71.53 38.17 27.73
N PHE E 271 71.04 37.01 27.31
CA PHE E 271 71.73 35.75 27.63
C PHE E 271 72.46 35.07 26.46
N GLY E 272 72.43 35.67 25.27
CA GLY E 272 73.08 35.05 24.13
C GLY E 272 74.30 35.71 23.55
N ILE E 273 74.86 36.72 24.22
CA ILE E 273 76.05 37.40 23.71
C ILE E 273 77.20 37.31 24.70
N MET E 274 78.43 37.34 24.18
CA MET E 274 79.68 37.24 24.96
C MET E 274 80.02 35.78 25.27
N ALA F 1 65.35 34.89 -17.04
CA ALA F 1 65.46 35.10 -15.57
C ALA F 1 64.25 34.47 -14.93
N MET F 2 64.16 34.57 -13.61
CA MET F 2 63.06 34.00 -12.82
C MET F 2 63.24 32.50 -12.61
N ARG F 3 63.83 32.15 -11.48
CA ARG F 3 64.06 30.77 -11.12
C ARG F 3 63.40 30.50 -9.77
N GLN F 4 62.36 29.68 -9.79
CA GLN F 4 61.65 29.32 -8.57
C GLN F 4 62.31 28.08 -7.99
N CYS F 5 62.74 28.18 -6.75
CA CYS F 5 63.40 27.07 -6.08
C CYS F 5 62.67 26.73 -4.81
N ALA F 6 62.79 25.47 -4.38
CA ALA F 6 62.16 25.00 -3.17
C ALA F 6 63.23 24.37 -2.29
N ILE F 7 63.24 24.75 -1.02
CA ILE F 7 64.21 24.24 -0.08
C ILE F 7 63.54 23.27 0.88
N TYR F 8 64.10 22.08 1.01
CA TYR F 8 63.56 21.04 1.88
C TYR F 8 64.71 20.39 2.66
N GLY F 9 64.37 19.56 3.63
CA GLY F 9 65.41 18.89 4.40
C GLY F 9 64.93 18.46 5.77
N LYS F 10 65.80 17.72 6.47
CA LYS F 10 65.52 17.22 7.81
C LYS F 10 65.05 18.39 8.68
N GLY F 11 64.09 18.12 9.55
CA GLY F 11 63.59 19.17 10.42
C GLY F 11 64.75 19.81 11.16
N GLY F 12 64.69 21.13 11.31
CA GLY F 12 65.74 21.85 12.02
C GLY F 12 67.15 21.70 11.50
N ILE F 13 67.30 21.19 10.29
CA ILE F 13 68.62 21.01 9.68
C ILE F 13 69.27 22.36 9.30
N GLY F 14 68.46 23.41 9.33
CA GLY F 14 68.97 24.74 9.01
C GLY F 14 68.51 25.32 7.68
N LYS F 15 67.49 24.72 7.07
CA LYS F 15 66.99 25.23 5.78
C LYS F 15 66.65 26.73 5.83
N SER F 16 65.77 27.13 6.76
CA SER F 16 65.38 28.53 6.93
C SER F 16 66.59 29.45 7.01
N THR F 17 67.43 29.23 8.03
CA THR F 17 68.64 30.02 8.26
C THR F 17 69.55 30.07 7.04
N THR F 18 69.83 28.92 6.45
CA THR F 18 70.69 28.86 5.27
C THR F 18 70.06 29.66 4.13
N THR F 19 68.77 29.46 3.90
CA THR F 19 68.05 30.17 2.86
C THR F 19 68.16 31.67 3.08
N GLN F 20 67.95 32.09 4.33
CA GLN F 20 68.03 33.50 4.71
C GLN F 20 69.39 34.08 4.28
N ASN F 21 70.46 33.46 4.75
CA ASN F 21 71.81 33.91 4.42
C ASN F 21 72.14 33.80 2.94
N LEU F 22 71.74 32.68 2.35
CA LEU F 22 71.96 32.42 0.92
C LEU F 22 71.38 33.57 0.10
N VAL F 23 70.11 33.88 0.35
CA VAL F 23 69.43 34.96 -0.35
C VAL F 23 70.16 36.28 -0.15
N ALA F 24 70.66 36.52 1.06
CA ALA F 24 71.40 37.75 1.35
C ALA F 24 72.55 37.88 0.36
N ALA F 25 73.29 36.79 0.17
CA ALA F 25 74.40 36.77 -0.77
C ALA F 25 73.91 37.07 -2.19
N LEU F 26 72.74 36.54 -2.54
CA LEU F 26 72.15 36.78 -3.85
C LEU F 26 71.83 38.27 -4.01
N ALA F 27 71.21 38.85 -2.99
CA ALA F 27 70.85 40.26 -2.99
C ALA F 27 72.11 41.11 -3.12
N GLU F 28 73.16 40.69 -2.42
CA GLU F 28 74.44 41.39 -2.46
C GLU F 28 75.00 41.33 -3.87
N MET F 29 74.63 40.29 -4.62
CA MET F 29 75.08 40.13 -6.00
C MET F 29 74.16 40.89 -6.95
N GLY F 30 73.30 41.74 -6.40
CA GLY F 30 72.36 42.51 -7.21
C GLY F 30 71.22 41.69 -7.77
N LYS F 31 70.95 40.54 -7.15
CA LYS F 31 69.87 39.65 -7.60
C LYS F 31 68.59 39.92 -6.81
N LYS F 32 67.54 40.34 -7.50
CA LYS F 32 66.25 40.59 -6.85
C LYS F 32 65.64 39.23 -6.53
N VAL F 33 65.37 39.00 -5.25
CA VAL F 33 64.82 37.71 -4.80
C VAL F 33 63.63 37.88 -3.86
N MET F 34 62.73 36.90 -3.89
CA MET F 34 61.58 36.89 -3.00
C MET F 34 61.58 35.54 -2.29
N ILE F 35 61.21 35.55 -1.01
CA ILE F 35 61.18 34.32 -0.24
C ILE F 35 59.79 34.07 0.34
N VAL F 36 59.23 32.92 -0.02
CA VAL F 36 57.90 32.53 0.45
C VAL F 36 58.05 31.50 1.56
N GLY F 37 57.72 31.91 2.77
CA GLY F 37 57.82 31.01 3.91
C GLY F 37 56.66 30.04 3.90
N CYS F 38 56.98 28.76 3.97
CA CYS F 38 55.95 27.72 3.97
C CYS F 38 55.99 26.91 5.27
N ASP F 39 56.29 27.58 6.38
CA ASP F 39 56.34 26.96 7.69
C ASP F 39 55.32 27.72 8.51
N PRO F 40 54.44 27.00 9.24
CA PRO F 40 53.40 27.60 10.08
C PRO F 40 53.98 28.67 10.99
N LYS F 41 55.23 28.47 11.38
CA LYS F 41 55.93 29.44 12.21
C LYS F 41 56.51 30.39 11.18
N ALA F 42 56.12 31.66 11.19
CA ALA F 42 56.67 32.60 10.23
C ALA F 42 58.12 32.92 10.60
N ASP F 43 59.00 31.93 10.45
CA ASP F 43 60.41 32.10 10.79
C ASP F 43 61.32 32.07 9.57
N SER F 44 60.72 31.95 8.39
CA SER F 44 61.46 31.91 7.15
C SER F 44 62.02 33.25 6.72
N THR F 45 61.55 34.34 7.33
CA THR F 45 61.97 35.68 6.92
C THR F 45 62.57 36.61 7.97
N ARG F 46 62.71 36.14 9.21
CA ARG F 46 63.24 36.97 10.29
C ARG F 46 64.54 37.71 10.00
N LEU F 47 65.56 36.99 9.52
CA LEU F 47 66.87 37.57 9.22
C LEU F 47 66.89 38.64 8.13
N ILE F 48 65.86 38.66 7.29
CA ILE F 48 65.78 39.65 6.23
C ILE F 48 65.01 40.87 6.72
N LEU F 49 63.89 40.63 7.39
CA LEU F 49 63.07 41.73 7.89
C LEU F 49 63.62 42.30 9.19
N HIS F 50 64.59 41.60 9.78
CA HIS F 50 65.21 42.02 11.05
C HIS F 50 64.14 42.02 12.15
N SER F 51 63.07 41.28 11.92
CA SER F 51 61.97 41.19 12.87
C SER F 51 61.07 40.04 12.43
N LYS F 52 60.39 39.43 13.38
CA LYS F 52 59.49 38.32 13.09
C LYS F 52 58.19 38.91 12.55
N ALA F 53 58.01 38.83 11.24
CA ALA F 53 56.81 39.35 10.58
C ALA F 53 55.55 38.74 11.16
N GLN F 54 54.55 39.59 11.39
CA GLN F 54 53.28 39.13 11.95
C GLN F 54 52.21 39.12 10.86
N ASN F 55 52.46 39.86 9.79
CA ASN F 55 51.53 39.94 8.67
C ASN F 55 51.63 38.71 7.78
N THR F 56 51.11 37.58 8.27
CA THR F 56 51.15 36.35 7.50
C THR F 56 49.89 36.26 6.65
N ILE F 57 49.98 35.59 5.52
CA ILE F 57 48.85 35.45 4.61
C ILE F 57 47.60 34.93 5.30
N MET F 58 47.73 33.85 6.05
CA MET F 58 46.58 33.27 6.73
C MET F 58 45.99 34.16 7.83
N GLU F 59 46.82 34.62 8.75
CA GLU F 59 46.32 35.47 9.83
C GLU F 59 45.67 36.73 9.25
N MET F 60 46.31 37.31 8.25
CA MET F 60 45.81 38.52 7.61
C MET F 60 44.47 38.26 6.93
N ALA F 61 44.40 37.14 6.21
CA ALA F 61 43.17 36.76 5.52
C ALA F 61 42.04 36.64 6.54
N ALA F 62 42.33 35.98 7.66
CA ALA F 62 41.35 35.79 8.72
C ALA F 62 40.79 37.13 9.20
N GLU F 63 41.67 38.12 9.34
CA GLU F 63 41.27 39.45 9.79
C GLU F 63 40.26 40.06 8.81
N ALA F 64 40.52 39.89 7.51
CA ALA F 64 39.65 40.42 6.46
C ALA F 64 38.57 39.41 6.02
N GLY F 65 38.37 38.36 6.81
CA GLY F 65 37.38 37.36 6.48
C GLY F 65 37.85 36.32 5.48
N THR F 66 37.49 36.52 4.21
CA THR F 66 37.89 35.60 3.16
C THR F 66 39.27 35.98 2.65
N VAL F 67 40.06 34.98 2.26
CA VAL F 67 41.39 35.23 1.72
C VAL F 67 41.24 36.10 0.47
N GLU F 68 40.08 36.00 -0.16
CA GLU F 68 39.76 36.76 -1.37
C GLU F 68 39.78 38.27 -1.11
N ASP F 69 39.52 38.65 0.14
CA ASP F 69 39.51 40.06 0.54
C ASP F 69 40.90 40.59 0.87
N LEU F 70 41.90 39.70 0.84
CA LEU F 70 43.27 40.07 1.14
C LEU F 70 43.97 40.72 -0.05
N GLU F 71 44.94 41.57 0.24
CA GLU F 71 45.70 42.25 -0.80
C GLU F 71 47.19 42.20 -0.49
N LEU F 72 47.97 41.84 -1.51
CA LEU F 72 49.43 41.72 -1.39
C LEU F 72 50.13 42.75 -0.52
N GLU F 73 49.84 44.03 -0.75
CA GLU F 73 50.44 45.12 0.00
C GLU F 73 50.49 44.83 1.50
N ASP F 74 49.40 44.26 2.01
CA ASP F 74 49.27 43.93 3.43
C ASP F 74 50.13 42.78 3.96
N VAL F 75 50.56 41.87 3.09
CA VAL F 75 51.37 40.73 3.51
C VAL F 75 52.80 40.67 2.96
N LEU F 76 53.06 41.42 1.89
CA LEU F 76 54.38 41.42 1.27
C LEU F 76 55.22 42.61 1.74
N LYS F 77 56.36 42.33 2.36
CA LYS F 77 57.26 43.37 2.86
C LYS F 77 58.69 43.09 2.43
N ALA F 78 59.41 44.15 2.09
CA ALA F 78 60.81 44.02 1.68
C ALA F 78 61.71 44.32 2.87
N GLY F 79 62.81 43.58 2.97
CA GLY F 79 63.75 43.80 4.05
C GLY F 79 65.14 44.08 3.52
N TYR F 80 66.13 43.45 4.14
CA TYR F 80 67.53 43.61 3.74
C TYR F 80 67.69 43.38 2.25
N GLY F 81 68.53 44.19 1.63
CA GLY F 81 68.80 44.07 0.21
C GLY F 81 67.58 44.10 -0.70
N GLY F 82 66.49 44.69 -0.23
CA GLY F 82 65.27 44.76 -1.04
C GLY F 82 64.63 43.41 -1.31
N VAL F 83 65.03 42.40 -0.55
CA VAL F 83 64.48 41.06 -0.70
C VAL F 83 63.03 41.09 -0.21
N LYS F 84 62.11 40.73 -1.08
CA LYS F 84 60.69 40.72 -0.72
C LYS F 84 60.39 39.43 0.05
N CYS F 85 59.61 39.55 1.12
CA CYS F 85 59.27 38.42 1.96
C CYS F 85 57.78 38.25 2.20
N VAL F 86 57.30 37.01 2.17
CA VAL F 86 55.88 36.71 2.40
C VAL F 86 55.86 35.47 3.27
N GLU F 87 54.88 35.38 4.16
CA GLU F 87 54.78 34.23 5.05
C GLU F 87 53.40 33.60 5.05
N SER F 88 53.33 32.33 4.68
CA SER F 88 52.06 31.61 4.70
C SER F 88 51.75 31.57 6.19
N GLY F 89 50.52 31.88 6.56
CA GLY F 89 50.18 31.85 7.97
C GLY F 89 50.20 30.41 8.47
N GLY F 90 49.72 30.22 9.68
CA GLY F 90 49.69 28.88 10.22
C GLY F 90 49.19 28.86 11.63
N PRO F 91 48.54 27.77 12.04
CA PRO F 91 48.01 27.64 13.39
C PRO F 91 49.14 27.34 14.36
N GLU F 92 48.89 27.57 15.64
CA GLU F 92 49.88 27.27 16.66
C GLU F 92 50.03 25.76 16.66
N PRO F 93 51.14 25.24 17.19
CA PRO F 93 51.35 23.79 17.22
C PRO F 93 50.18 23.03 17.83
N GLY F 94 49.90 21.86 17.26
CA GLY F 94 48.83 21.02 17.79
C GLY F 94 47.39 21.38 17.49
N VAL F 95 47.15 22.25 16.51
CA VAL F 95 45.77 22.62 16.19
C VAL F 95 45.68 23.02 14.73
N GLY F 96 44.48 22.89 14.16
CA GLY F 96 44.28 23.27 12.78
C GLY F 96 44.92 22.32 11.79
N CYS F 97 45.13 22.82 10.58
CA CYS F 97 45.72 22.05 9.49
C CYS F 97 46.63 23.00 8.74
N ALA F 98 47.88 23.09 9.20
CA ALA F 98 48.88 23.94 8.59
C ALA F 98 49.01 23.69 7.09
N GLY F 99 48.90 22.42 6.69
CA GLY F 99 49.00 22.05 5.29
C GLY F 99 48.09 22.87 4.39
N ARG F 100 46.81 22.97 4.77
CA ARG F 100 45.86 23.73 3.99
C ARG F 100 46.30 25.19 3.92
N GLY F 101 46.84 25.69 5.03
CA GLY F 101 47.32 27.06 5.07
C GLY F 101 48.26 27.36 3.92
N VAL F 102 49.26 26.51 3.77
CA VAL F 102 50.24 26.66 2.70
C VAL F 102 49.56 26.62 1.33
N ILE F 103 48.64 25.66 1.15
CA ILE F 103 47.92 25.51 -0.10
C ILE F 103 47.24 26.82 -0.49
N THR F 104 46.45 27.37 0.43
CA THR F 104 45.73 28.61 0.19
C THR F 104 46.69 29.77 -0.07
N ALA F 105 47.72 29.86 0.76
CA ALA F 105 48.74 30.91 0.66
C ALA F 105 49.38 30.93 -0.73
N ILE F 106 49.92 29.80 -1.16
CA ILE F 106 50.57 29.70 -2.47
C ILE F 106 49.61 30.12 -3.56
N ASN F 107 48.37 29.63 -3.47
CA ASN F 107 47.34 29.96 -4.44
C ASN F 107 47.07 31.45 -4.46
N PHE F 108 47.06 32.06 -3.28
CA PHE F 108 46.84 33.49 -3.15
C PHE F 108 47.90 34.25 -3.93
N LEU F 109 49.16 33.99 -3.60
CA LEU F 109 50.29 34.64 -4.27
C LEU F 109 50.18 34.49 -5.77
N GLU F 110 49.93 33.25 -6.20
CA GLU F 110 49.80 32.91 -7.61
C GLU F 110 48.79 33.83 -8.30
N GLU F 111 47.60 33.94 -7.71
CA GLU F 111 46.54 34.78 -8.29
C GLU F 111 46.81 36.27 -8.24
N GLU F 112 47.45 36.74 -7.17
CA GLU F 112 47.73 38.17 -7.04
C GLU F 112 49.03 38.54 -7.75
N GLY F 113 49.44 37.72 -8.71
CA GLY F 113 50.66 38.01 -9.43
C GLY F 113 51.88 37.62 -8.61
N ALA F 114 52.28 38.48 -7.68
CA ALA F 114 53.43 38.26 -6.80
C ALA F 114 54.68 37.83 -7.57
N TYR F 115 54.73 36.57 -7.98
CA TYR F 115 55.84 36.02 -8.74
C TYR F 115 55.97 36.85 -10.01
N GLU F 116 54.82 37.14 -10.61
CA GLU F 116 54.72 37.95 -11.83
C GLU F 116 55.43 39.29 -11.61
N ASP F 117 56.72 39.32 -11.88
CA ASP F 117 57.53 40.52 -11.70
C ASP F 117 58.84 40.36 -12.47
N ASP F 118 59.93 40.88 -11.91
CA ASP F 118 61.25 40.82 -12.52
C ASP F 118 62.20 40.14 -11.53
N LEU F 119 61.65 39.24 -10.74
CA LEU F 119 62.42 38.50 -9.73
C LEU F 119 63.38 37.52 -10.39
N ASP F 120 64.61 37.49 -9.89
CA ASP F 120 65.61 36.59 -10.42
C ASP F 120 65.43 35.21 -9.79
N PHE F 121 65.06 35.20 -8.51
CA PHE F 121 64.85 33.98 -7.76
C PHE F 121 63.66 34.08 -6.81
N VAL F 122 63.03 32.94 -6.55
CA VAL F 122 61.90 32.85 -5.63
C VAL F 122 62.23 31.61 -4.81
N PHE F 123 62.31 31.76 -3.49
CA PHE F 123 62.63 30.63 -2.64
C PHE F 123 61.50 30.21 -1.72
N TYR F 124 61.10 28.95 -1.84
CA TYR F 124 60.05 28.40 -0.99
C TYR F 124 60.75 27.72 0.17
N ASP F 125 60.70 28.35 1.35
CA ASP F 125 61.33 27.76 2.55
C ASP F 125 60.26 26.92 3.21
N VAL F 126 60.23 25.64 2.84
CA VAL F 126 59.25 24.71 3.40
C VAL F 126 59.72 24.18 4.74
N LEU F 127 58.77 23.72 5.57
CA LEU F 127 59.10 23.17 6.88
C LEU F 127 59.82 21.83 6.70
N GLY F 128 60.59 21.45 7.72
CA GLY F 128 61.33 20.20 7.66
C GLY F 128 60.53 18.92 7.47
N ASP F 129 59.47 18.76 8.25
CA ASP F 129 58.65 17.55 8.18
C ASP F 129 57.83 17.23 6.92
N VAL F 130 57.22 18.24 6.29
CA VAL F 130 56.42 18.03 5.07
C VAL F 130 55.54 16.78 5.12
N VAL F 131 54.56 16.82 6.01
CA VAL F 131 53.67 15.70 6.26
C VAL F 131 52.44 15.51 5.34
N CYS F 132 52.28 16.36 4.33
CA CYS F 132 51.12 16.24 3.45
C CYS F 132 51.29 16.83 2.08
N GLY F 133 50.28 16.64 1.24
CA GLY F 133 50.31 17.16 -0.11
C GLY F 133 50.41 18.67 -0.09
N GLY F 134 49.81 19.28 0.93
CA GLY F 134 49.87 20.73 1.07
C GLY F 134 51.28 21.28 1.05
N PHE F 135 52.16 20.69 1.84
CA PHE F 135 53.53 21.15 1.92
C PHE F 135 54.34 20.86 0.68
N ALA F 136 53.72 20.16 -0.28
CA ALA F 136 54.39 19.85 -1.53
C ALA F 136 53.90 20.84 -2.59
N MET F 137 53.08 21.80 -2.17
CA MET F 137 52.55 22.82 -3.06
C MET F 137 53.64 23.45 -3.93
N PRO F 138 54.77 23.86 -3.31
CA PRO F 138 55.86 24.48 -4.07
C PRO F 138 56.47 23.60 -5.17
N ILE F 139 56.21 22.30 -5.11
CA ILE F 139 56.76 21.37 -6.09
C ILE F 139 55.71 20.96 -7.14
N ARG F 140 54.60 21.70 -7.18
CA ARG F 140 53.52 21.44 -8.13
C ARG F 140 53.85 21.89 -9.54
N GLU F 141 53.01 21.47 -10.48
CA GLU F 141 53.12 21.78 -11.91
C GLU F 141 53.97 22.98 -12.32
N ASN F 142 53.51 24.20 -12.02
CA ASN F 142 54.26 25.39 -12.42
C ASN F 142 54.71 26.27 -11.28
N LYS F 143 55.46 25.67 -10.35
CA LYS F 143 55.98 26.40 -9.21
C LYS F 143 57.49 26.24 -9.30
N ALA F 144 58.12 25.75 -8.24
CA ALA F 144 59.56 25.55 -8.21
C ALA F 144 59.97 24.60 -9.33
N GLN F 145 61.11 24.89 -9.94
CA GLN F 145 61.65 24.08 -11.02
C GLN F 145 62.89 23.35 -10.55
N GLU F 146 63.41 23.78 -9.41
CA GLU F 146 64.59 23.20 -8.84
C GLU F 146 64.53 23.19 -7.32
N ILE F 147 64.74 22.01 -6.75
CA ILE F 147 64.70 21.81 -5.32
C ILE F 147 66.11 21.59 -4.79
N TYR F 148 66.35 22.02 -3.56
CA TYR F 148 67.64 21.86 -2.94
C TYR F 148 67.36 21.33 -1.54
N ILE F 149 67.93 20.17 -1.25
CA ILE F 149 67.74 19.53 0.05
C ILE F 149 68.92 19.83 0.95
N VAL F 150 68.64 20.37 2.13
CA VAL F 150 69.68 20.68 3.10
C VAL F 150 69.77 19.46 4.02
N CYS F 151 70.98 19.13 4.44
CA CYS F 151 71.19 17.99 5.34
C CYS F 151 72.59 18.02 5.92
N SER F 152 72.88 17.05 6.78
CA SER F 152 74.18 16.94 7.41
C SER F 152 74.58 15.47 7.40
N GLY F 153 75.81 15.17 7.78
CA GLY F 153 76.27 13.80 7.80
C GLY F 153 75.71 13.00 8.97
N GLU F 154 74.51 13.35 9.39
CA GLU F 154 73.86 12.67 10.49
C GLU F 154 72.90 11.64 9.91
N MET F 155 72.97 10.41 10.42
CA MET F 155 72.12 9.33 9.94
C MET F 155 70.69 9.79 9.70
N MET F 156 70.06 10.32 10.75
CA MET F 156 68.69 10.80 10.66
C MET F 156 68.50 11.84 9.56
N ALA F 157 69.40 12.83 9.50
CA ALA F 157 69.32 13.89 8.49
C ALA F 157 69.41 13.32 7.08
N MET F 158 70.25 12.30 6.92
CA MET F 158 70.43 11.65 5.63
C MET F 158 69.18 10.87 5.26
N TYR F 159 68.63 10.14 6.23
CA TYR F 159 67.41 9.35 6.01
C TYR F 159 66.35 10.32 5.51
N ALA F 160 66.15 11.40 6.25
CA ALA F 160 65.17 12.42 5.91
C ALA F 160 65.37 12.89 4.48
N ALA F 161 66.61 13.17 4.13
CA ALA F 161 66.95 13.63 2.78
C ALA F 161 66.49 12.61 1.74
N ASN F 162 66.82 11.35 1.97
CA ASN F 162 66.44 10.28 1.06
C ASN F 162 64.93 10.10 1.04
N ASN F 163 64.31 10.14 2.21
CA ASN F 163 62.87 9.98 2.35
C ASN F 163 62.16 11.09 1.57
N ILE F 164 62.64 12.32 1.74
CA ILE F 164 62.07 13.47 1.05
C ILE F 164 62.23 13.28 -0.46
N SER F 165 63.37 12.75 -0.86
CA SER F 165 63.64 12.49 -2.28
C SER F 165 62.52 11.65 -2.87
N LYS F 166 62.11 10.61 -2.14
CA LYS F 166 61.03 9.73 -2.59
C LYS F 166 59.79 10.54 -2.95
N GLY F 167 59.36 11.39 -2.04
CA GLY F 167 58.18 12.22 -2.28
C GLY F 167 58.32 13.07 -3.53
N ILE F 168 59.51 13.64 -3.72
CA ILE F 168 59.81 14.48 -4.86
C ILE F 168 59.56 13.75 -6.20
N VAL F 169 59.95 12.48 -6.25
CA VAL F 169 59.81 11.67 -7.45
C VAL F 169 58.40 11.73 -8.04
N LYS F 170 57.40 11.63 -7.19
CA LYS F 170 55.99 11.67 -7.62
C LYS F 170 55.70 12.95 -8.42
N TYR F 171 56.28 14.05 -7.97
CA TYR F 171 56.09 15.35 -8.62
C TYR F 171 57.03 15.60 -9.80
N ALA F 172 58.23 15.06 -9.72
CA ALA F 172 59.22 15.22 -10.79
C ALA F 172 58.66 14.61 -12.08
N ASN F 173 58.13 13.40 -11.97
CA ASN F 173 57.56 12.69 -13.11
C ASN F 173 56.30 13.33 -13.69
N SER F 174 55.51 13.96 -12.83
CA SER F 174 54.29 14.60 -13.27
C SER F 174 54.50 16.02 -13.80
N GLY F 175 55.70 16.56 -13.60
CA GLY F 175 55.98 17.90 -14.06
C GLY F 175 57.37 18.09 -14.60
N SER F 176 58.07 19.10 -14.10
CA SER F 176 59.43 19.40 -14.55
C SER F 176 60.35 19.77 -13.39
N VAL F 177 59.80 19.80 -12.18
CA VAL F 177 60.57 20.12 -11.00
C VAL F 177 61.68 19.09 -10.84
N ARG F 178 62.91 19.56 -10.66
CA ARG F 178 64.06 18.66 -10.50
C ARG F 178 64.89 19.00 -9.29
N LEU F 179 65.60 17.99 -8.78
CA LEU F 179 66.47 18.17 -7.64
C LEU F 179 67.80 18.73 -8.11
N GLY F 180 68.11 19.95 -7.69
CA GLY F 180 69.37 20.59 -8.08
C GLY F 180 70.55 19.96 -7.38
N GLY F 181 70.39 19.71 -6.09
CA GLY F 181 71.47 19.13 -5.32
C GLY F 181 71.23 19.18 -3.82
N LEU F 182 72.24 18.74 -3.06
CA LEU F 182 72.18 18.73 -1.62
C LEU F 182 73.13 19.79 -1.08
N ILE F 183 72.69 20.49 -0.04
CA ILE F 183 73.51 21.51 0.60
C ILE F 183 73.78 20.97 1.99
N CYS F 184 75.03 20.61 2.25
CA CYS F 184 75.40 20.06 3.54
C CYS F 184 75.69 21.15 4.56
N ASN F 185 74.77 21.33 5.50
CA ASN F 185 75.00 22.32 6.54
C ASN F 185 75.70 21.53 7.63
N SER F 186 77.02 21.62 7.63
CA SER F 186 77.87 20.91 8.57
C SER F 186 77.37 20.91 10.01
N ARG F 187 77.41 19.73 10.61
CA ARG F 187 77.02 19.57 12.00
C ARG F 187 78.12 18.76 12.68
N ASN F 188 79.33 18.93 12.16
CA ASN F 188 80.55 18.30 12.64
C ASN F 188 80.53 16.79 12.85
N THR F 189 79.98 16.05 11.90
CA THR F 189 79.95 14.60 12.00
C THR F 189 81.27 14.12 11.42
N ASP F 190 81.77 12.98 11.90
CA ASP F 190 83.05 12.44 11.46
C ASP F 190 83.40 12.59 9.98
N ARG F 191 82.98 11.68 9.13
CA ARG F 191 83.30 11.78 7.70
C ARG F 191 82.17 12.45 6.93
N GLU F 192 81.70 13.58 7.47
CA GLU F 192 80.61 14.36 6.91
C GLU F 192 80.66 14.57 5.40
N ASP F 193 81.71 15.24 4.93
CA ASP F 193 81.84 15.50 3.49
C ASP F 193 81.70 14.24 2.64
N GLU F 194 82.41 13.18 3.03
CA GLU F 194 82.38 11.92 2.30
C GLU F 194 80.97 11.34 2.29
N LEU F 195 80.33 11.31 3.46
CA LEU F 195 78.98 10.79 3.62
C LEU F 195 77.99 11.44 2.66
N ILE F 196 77.86 12.77 2.75
CA ILE F 196 76.94 13.50 1.90
C ILE F 196 77.25 13.28 0.42
N ILE F 197 78.52 13.38 0.04
CA ILE F 197 78.89 13.19 -1.36
C ILE F 197 78.45 11.80 -1.80
N ALA F 198 78.69 10.80 -0.95
CA ALA F 198 78.31 9.41 -1.23
C ALA F 198 76.82 9.32 -1.49
N LEU F 199 76.02 9.92 -0.61
CA LEU F 199 74.57 9.92 -0.74
C LEU F 199 74.16 10.65 -2.02
N ALA F 200 74.71 11.84 -2.21
CA ALA F 200 74.42 12.65 -3.39
C ALA F 200 74.57 11.81 -4.66
N ASN F 201 75.71 11.14 -4.77
CA ASN F 201 75.98 10.30 -5.92
C ASN F 201 74.93 9.20 -6.03
N LYS F 202 74.69 8.50 -4.92
CA LYS F 202 73.71 7.43 -4.88
C LYS F 202 72.34 7.88 -5.39
N LEU F 203 71.97 9.12 -5.03
CA LEU F 203 70.68 9.69 -5.45
C LEU F 203 70.72 10.11 -6.90
N GLY F 204 71.91 10.45 -7.38
CA GLY F 204 72.06 10.86 -8.76
C GLY F 204 72.22 12.37 -8.86
N THR F 205 72.50 13.02 -7.74
CA THR F 205 72.66 14.46 -7.74
C THR F 205 74.09 14.83 -7.28
N GLN F 206 74.26 16.03 -6.75
CA GLN F 206 75.56 16.52 -6.31
C GLN F 206 75.43 17.18 -4.95
N MET F 207 76.58 17.46 -4.34
CA MET F 207 76.61 18.14 -3.06
C MET F 207 77.01 19.56 -3.44
N ILE F 208 76.01 20.37 -3.77
CA ILE F 208 76.22 21.76 -4.18
C ILE F 208 77.24 22.51 -3.34
N HIS F 209 77.21 22.31 -2.03
CA HIS F 209 78.16 23.00 -1.16
C HIS F 209 78.17 22.44 0.25
N PHE F 210 79.28 22.69 0.95
CA PHE F 210 79.46 22.25 2.32
C PHE F 210 79.56 23.52 3.18
N VAL F 211 78.48 23.83 3.89
CA VAL F 211 78.43 25.00 4.75
C VAL F 211 79.02 24.63 6.10
N PRO F 212 80.16 25.22 6.48
CA PRO F 212 80.81 24.91 7.76
C PRO F 212 79.96 25.39 8.93
N ARG F 213 80.00 24.68 10.05
CA ARG F 213 79.26 25.10 11.22
C ARG F 213 80.09 26.19 11.89
N ASP F 214 79.55 27.40 11.93
CA ASP F 214 80.26 28.52 12.53
C ASP F 214 79.29 29.27 13.43
N ASN F 215 79.66 29.42 14.70
CA ASN F 215 78.80 30.11 15.65
C ASN F 215 78.49 31.56 15.28
N VAL F 216 79.16 32.07 14.25
CA VAL F 216 78.92 33.42 13.77
C VAL F 216 77.47 33.47 13.31
N VAL F 217 77.02 32.39 12.68
CA VAL F 217 75.66 32.27 12.18
C VAL F 217 74.69 32.59 13.30
N GLN F 218 74.96 32.02 14.48
CA GLN F 218 74.12 32.24 15.65
C GLN F 218 74.23 33.69 16.13
N ARG F 219 75.46 34.19 16.27
CA ARG F 219 75.69 35.55 16.72
C ARG F 219 74.93 36.57 15.88
N ALA F 220 74.90 36.34 14.57
CA ALA F 220 74.20 37.21 13.63
C ALA F 220 72.70 36.99 13.81
N GLU F 221 72.32 35.70 13.92
CA GLU F 221 70.94 35.29 14.10
C GLU F 221 70.33 36.03 15.30
N ILE F 222 71.08 36.07 16.40
CA ILE F 222 70.63 36.73 17.62
C ILE F 222 70.28 38.19 17.30
N ARG F 223 71.15 38.86 16.55
CA ARG F 223 70.92 40.25 16.20
C ARG F 223 69.99 40.45 15.01
N ARG F 224 69.07 39.51 14.81
CA ARG F 224 68.07 39.54 13.74
C ARG F 224 68.61 39.70 12.32
N MET F 225 69.83 39.24 12.04
CA MET F 225 70.35 39.41 10.69
C MET F 225 71.26 38.32 10.16
N THR F 226 71.40 38.33 8.84
CA THR F 226 72.24 37.37 8.13
C THR F 226 73.71 37.68 8.35
N VAL F 227 74.55 36.65 8.32
CA VAL F 227 76.00 36.80 8.52
C VAL F 227 76.57 37.87 7.59
N ILE F 228 76.07 37.93 6.36
CA ILE F 228 76.52 38.91 5.39
C ILE F 228 76.36 40.33 5.95
N GLU F 229 75.15 40.65 6.41
CA GLU F 229 74.88 41.97 6.97
C GLU F 229 75.62 42.21 8.29
N TYR F 230 75.67 41.19 9.13
CA TYR F 230 76.32 41.29 10.44
C TYR F 230 77.84 41.44 10.37
N ASP F 231 78.47 40.76 9.42
CA ASP F 231 79.92 40.81 9.28
C ASP F 231 80.31 40.33 7.88
N PRO F 232 80.33 41.25 6.90
CA PRO F 232 80.68 40.92 5.52
C PRO F 232 82.07 40.31 5.39
N LYS F 233 82.95 40.65 6.31
CA LYS F 233 84.32 40.14 6.30
C LYS F 233 84.48 38.79 7.00
N ALA F 234 83.40 38.29 7.57
CA ALA F 234 83.42 37.01 8.27
C ALA F 234 83.66 35.87 7.29
N LYS F 235 84.49 34.92 7.66
CA LYS F 235 84.80 33.79 6.80
C LYS F 235 83.53 33.10 6.32
N GLN F 236 82.58 32.89 7.23
CA GLN F 236 81.30 32.25 6.93
C GLN F 236 80.54 32.99 5.82
N ALA F 237 80.67 34.31 5.80
CA ALA F 237 80.00 35.12 4.79
C ALA F 237 80.47 34.67 3.41
N ASP F 238 81.78 34.55 3.22
CA ASP F 238 82.32 34.11 1.94
C ASP F 238 81.77 32.73 1.58
N GLU F 239 81.59 31.89 2.59
CA GLU F 239 81.05 30.54 2.38
C GLU F 239 79.65 30.63 1.77
N TYR F 240 78.82 31.52 2.30
CA TYR F 240 77.47 31.73 1.79
C TYR F 240 77.50 32.31 0.39
N ARG F 241 78.42 33.25 0.17
CA ARG F 241 78.57 33.87 -1.14
C ARG F 241 78.95 32.79 -2.15
N ALA F 242 79.76 31.85 -1.71
CA ALA F 242 80.19 30.74 -2.55
C ALA F 242 78.98 29.91 -2.93
N LEU F 243 78.20 29.52 -1.92
CA LEU F 243 76.99 28.73 -2.13
C LEU F 243 76.07 29.45 -3.11
N ALA F 244 75.90 30.76 -2.93
CA ALA F 244 75.06 31.55 -3.80
C ALA F 244 75.50 31.38 -5.26
N ARG F 245 76.78 31.61 -5.52
CA ARG F 245 77.33 31.47 -6.87
C ARG F 245 77.04 30.06 -7.38
N LYS F 246 77.28 29.06 -6.53
CA LYS F 246 77.04 27.66 -6.89
C LYS F 246 75.62 27.45 -7.39
N VAL F 247 74.65 27.98 -6.64
CA VAL F 247 73.24 27.86 -7.00
C VAL F 247 72.95 28.59 -8.32
N VAL F 248 73.51 29.79 -8.46
CA VAL F 248 73.31 30.59 -9.66
C VAL F 248 73.87 29.88 -10.90
N ASP F 249 75.03 29.25 -10.73
CA ASP F 249 75.68 28.55 -11.84
C ASP F 249 75.23 27.11 -12.01
N ASN F 250 74.43 26.61 -11.08
CA ASN F 250 73.98 25.23 -11.16
C ASN F 250 73.12 24.94 -12.39
N LYS F 251 73.50 23.93 -13.14
CA LYS F 251 72.78 23.52 -14.33
C LYS F 251 72.35 22.07 -14.18
N LEU F 252 72.78 21.44 -13.08
CA LEU F 252 72.45 20.05 -12.81
C LEU F 252 71.12 19.90 -12.08
N LEU F 253 70.12 19.42 -12.82
CA LEU F 253 68.77 19.21 -12.29
C LEU F 253 68.40 17.78 -12.66
N VAL F 254 68.16 16.95 -11.65
CA VAL F 254 67.82 15.54 -11.91
C VAL F 254 66.60 15.06 -11.15
N ILE F 255 66.13 13.87 -11.51
CA ILE F 255 65.01 13.26 -10.84
C ILE F 255 65.69 12.34 -9.83
N PRO F 256 65.44 12.58 -8.53
CA PRO F 256 66.03 11.79 -7.44
C PRO F 256 65.88 10.30 -7.66
N ASN F 257 66.97 9.57 -7.42
CA ASN F 257 66.96 8.13 -7.56
C ASN F 257 67.20 7.57 -6.16
N PRO F 258 66.14 7.46 -5.34
CA PRO F 258 66.19 6.95 -3.97
C PRO F 258 66.78 5.56 -3.79
N ILE F 259 67.23 5.30 -2.57
CA ILE F 259 67.85 4.02 -2.22
C ILE F 259 67.02 3.37 -1.12
N THR F 260 67.17 2.05 -0.98
CA THR F 260 66.45 1.32 0.05
C THR F 260 67.07 1.59 1.41
N MET F 261 66.33 1.35 2.47
CA MET F 261 66.82 1.55 3.82
C MET F 261 68.12 0.79 4.02
N ASP F 262 68.14 -0.46 3.57
CA ASP F 262 69.33 -1.31 3.69
C ASP F 262 70.52 -0.66 3.01
N GLU F 263 70.29 -0.13 1.80
CA GLU F 263 71.35 0.55 1.05
C GLU F 263 71.90 1.73 1.85
N LEU F 264 71.01 2.46 2.53
CA LEU F 264 71.42 3.60 3.34
C LEU F 264 72.34 3.12 4.46
N GLU F 265 71.90 2.10 5.21
CA GLU F 265 72.68 1.54 6.30
C GLU F 265 74.09 1.19 5.78
N GLU F 266 74.12 0.46 4.68
CA GLU F 266 75.36 0.04 4.04
C GLU F 266 76.26 1.23 3.79
N LEU F 267 75.69 2.31 3.25
CA LEU F 267 76.42 3.53 2.97
C LEU F 267 77.00 4.13 4.25
N LEU F 268 76.18 4.18 5.30
CA LEU F 268 76.60 4.73 6.58
C LEU F 268 77.80 3.97 7.15
N MET F 269 77.76 2.64 7.08
CA MET F 269 78.84 1.81 7.59
C MET F 269 80.14 2.05 6.85
N GLU F 270 80.06 2.15 5.53
CA GLU F 270 81.26 2.36 4.72
C GLU F 270 81.86 3.76 4.78
N PHE F 271 81.01 4.78 4.81
CA PHE F 271 81.50 6.16 4.84
C PHE F 271 81.36 6.89 6.18
N GLY F 272 80.81 6.23 7.20
CA GLY F 272 80.64 6.91 8.47
C GLY F 272 81.48 6.46 9.66
N ILE F 273 82.48 5.63 9.44
CA ILE F 273 83.34 5.17 10.53
C ILE F 273 84.80 5.54 10.30
N MET F 274 85.55 5.72 11.38
CA MET F 274 86.97 6.11 11.38
C MET F 274 87.13 7.61 11.19
N ALA G 1 -60.60 -2.55 24.89
CA ALA G 1 -61.18 -2.48 23.52
C ALA G 1 -60.11 -2.93 22.54
N MET G 2 -60.44 -2.90 21.25
CA MET G 2 -59.55 -3.31 20.17
C MET G 2 -59.46 -4.83 20.05
N ARG G 3 -60.29 -5.36 19.16
CA ARG G 3 -60.32 -6.80 18.91
C ARG G 3 -60.06 -7.04 17.43
N GLN G 4 -58.92 -7.64 17.13
CA GLN G 4 -58.55 -7.95 15.76
C GLN G 4 -59.08 -9.34 15.43
N CYS G 5 -59.88 -9.43 14.38
CA CYS G 5 -60.48 -10.68 13.96
C CYS G 5 -60.11 -10.98 12.54
N ALA G 6 -60.08 -12.26 12.20
CA ALA G 6 -59.76 -12.69 10.84
C ALA G 6 -60.91 -13.58 10.35
N ILE G 7 -61.38 -13.31 9.14
CA ILE G 7 -62.47 -14.07 8.55
C ILE G 7 -61.91 -14.96 7.46
N TYR G 8 -62.24 -16.25 7.52
CA TYR G 8 -61.79 -17.22 6.54
C TYR G 8 -62.95 -18.13 6.16
N GLY G 9 -62.75 -18.95 5.14
CA GLY G 9 -63.80 -19.87 4.74
C GLY G 9 -63.70 -20.31 3.30
N LYS G 10 -64.56 -21.24 2.92
CA LYS G 10 -64.62 -21.78 1.56
C LYS G 10 -64.67 -20.62 0.57
N GLY G 11 -63.98 -20.77 -0.56
CA GLY G 11 -63.99 -19.72 -1.55
C GLY G 11 -65.42 -19.35 -1.92
N GLY G 12 -65.68 -18.06 -2.09
CA GLY G 12 -67.01 -17.61 -2.46
C GLY G 12 -68.14 -17.99 -1.52
N ILE G 13 -67.81 -18.42 -0.30
CA ILE G 13 -68.83 -18.79 0.68
C ILE G 13 -69.59 -17.58 1.21
N GLY G 14 -69.05 -16.40 0.94
CA GLY G 14 -69.70 -15.17 1.38
C GLY G 14 -68.99 -14.40 2.48
N LYS G 15 -67.74 -14.75 2.76
CA LYS G 15 -67.00 -14.06 3.82
C LYS G 15 -67.00 -12.53 3.65
N SER G 16 -66.55 -12.05 2.49
CA SER G 16 -66.50 -10.62 2.18
C SER G 16 -67.85 -9.95 2.46
N THR G 17 -68.89 -10.40 1.76
CA THR G 17 -70.23 -9.87 1.90
C THR G 17 -70.74 -9.90 3.34
N THR G 18 -70.58 -11.03 4.01
CA THR G 18 -71.03 -11.16 5.39
C THR G 18 -70.28 -10.18 6.27
N THR G 19 -68.96 -10.11 6.09
CA THR G 19 -68.11 -9.19 6.86
C THR G 19 -68.59 -7.77 6.65
N GLN G 20 -68.85 -7.41 5.40
CA GLN G 20 -69.33 -6.09 5.04
C GLN G 20 -70.58 -5.73 5.85
N ASN G 21 -71.60 -6.58 5.75
CA ASN G 21 -72.85 -6.37 6.47
C ASN G 21 -72.69 -6.43 7.98
N LEU G 22 -71.92 -7.41 8.45
CA LEU G 22 -71.63 -7.58 9.87
C LEU G 22 -71.08 -6.28 10.45
N VAL G 23 -70.04 -5.76 9.81
CA VAL G 23 -69.41 -4.53 10.26
C VAL G 23 -70.42 -3.38 10.27
N ALA G 24 -71.30 -3.33 9.28
CA ALA G 24 -72.32 -2.30 9.20
C ALA G 24 -73.12 -2.31 10.50
N ALA G 25 -73.52 -3.50 10.93
CA ALA G 25 -74.28 -3.66 12.17
C ALA G 25 -73.47 -3.17 13.36
N LEU G 26 -72.16 -3.44 13.34
CA LEU G 26 -71.26 -2.99 14.41
C LEU G 26 -71.21 -1.47 14.43
N ALA G 27 -71.08 -0.87 13.25
CA ALA G 27 -71.02 0.59 13.12
C ALA G 27 -72.32 1.20 13.62
N GLU G 28 -73.43 0.54 13.29
CA GLU G 28 -74.75 0.98 13.71
C GLU G 28 -74.84 0.93 15.23
N MET G 29 -74.07 0.03 15.84
CA MET G 29 -74.04 -0.10 17.29
C MET G 29 -73.04 0.89 17.91
N GLY G 30 -72.58 1.85 17.09
CA GLY G 30 -71.63 2.83 17.57
C GLY G 30 -70.22 2.28 17.77
N LYS G 31 -69.93 1.17 17.11
CA LYS G 31 -68.61 0.54 17.21
C LYS G 31 -67.70 0.98 16.07
N LYS G 32 -66.60 1.64 16.39
CA LYS G 32 -65.65 2.08 15.38
C LYS G 32 -64.89 0.84 14.90
N VAL G 33 -64.98 0.57 13.61
CA VAL G 33 -64.34 -0.61 13.03
C VAL G 33 -63.54 -0.31 11.76
N MET G 34 -62.50 -1.08 11.53
CA MET G 34 -61.69 -0.95 10.33
C MET G 34 -61.63 -2.33 9.67
N ILE G 35 -61.66 -2.36 8.35
CA ILE G 35 -61.62 -3.61 7.62
C ILE G 35 -60.45 -3.64 6.65
N VAL G 36 -59.58 -4.62 6.83
CA VAL G 36 -58.41 -4.79 5.98
C VAL G 36 -58.67 -5.92 4.98
N GLY G 37 -58.81 -5.55 3.72
CA GLY G 37 -59.06 -6.52 2.69
C GLY G 37 -57.78 -7.26 2.35
N CYS G 38 -57.83 -8.58 2.41
CA CYS G 38 -56.67 -9.41 2.10
C CYS G 38 -56.93 -10.30 0.89
N ASP G 39 -57.68 -9.78 -0.07
CA ASP G 39 -57.98 -10.51 -1.30
C ASP G 39 -57.43 -9.63 -2.41
N PRO G 40 -56.67 -10.24 -3.36
CA PRO G 40 -56.08 -9.52 -4.49
C PRO G 40 -57.12 -8.64 -5.20
N LYS G 41 -58.37 -9.10 -5.20
CA LYS G 41 -59.46 -8.34 -5.78
C LYS G 41 -59.89 -7.45 -4.63
N ALA G 42 -59.78 -6.14 -4.78
CA ALA G 42 -60.20 -5.24 -3.70
C ALA G 42 -61.72 -5.23 -3.61
N ASP G 43 -62.29 -6.35 -3.18
CA ASP G 43 -63.75 -6.48 -3.07
C ASP G 43 -64.24 -6.59 -1.63
N SER G 44 -63.30 -6.50 -0.70
CA SER G 44 -63.61 -6.59 0.72
C SER G 44 -64.28 -5.34 1.28
N THR G 45 -64.23 -4.24 0.55
CA THR G 45 -64.78 -2.98 1.04
C THR G 45 -65.84 -2.25 0.21
N ARG G 46 -66.25 -2.83 -0.91
CA ARG G 46 -67.23 -2.20 -1.80
C ARG G 46 -68.51 -1.69 -1.13
N LEU G 47 -69.16 -2.55 -0.34
CA LEU G 47 -70.42 -2.21 0.33
C LEU G 47 -70.32 -1.09 1.35
N ILE G 48 -69.12 -0.81 1.83
CA ILE G 48 -68.92 0.25 2.81
C ILE G 48 -68.59 1.56 2.09
N LEU G 49 -67.71 1.48 1.11
CA LEU G 49 -67.32 2.66 0.35
C LEU G 49 -68.34 3.03 -0.72
N HIS G 50 -69.28 2.12 -0.96
CA HIS G 50 -70.31 2.31 -1.99
C HIS G 50 -69.65 2.43 -3.36
N SER G 51 -68.43 1.91 -3.46
CA SER G 51 -67.67 1.97 -4.69
C SER G 51 -66.47 1.05 -4.54
N LYS G 52 -66.00 0.50 -5.66
CA LYS G 52 -64.84 -0.39 -5.63
C LYS G 52 -63.59 0.47 -5.53
N ALA G 53 -63.01 0.52 -4.34
CA ALA G 53 -61.81 1.30 -4.09
C ALA G 53 -60.67 0.92 -5.02
N GLN G 54 -59.99 1.91 -5.56
CA GLN G 54 -58.87 1.66 -6.47
C GLN G 54 -57.55 1.93 -5.78
N ASN G 55 -57.61 2.69 -4.69
CA ASN G 55 -56.43 3.03 -3.92
C ASN G 55 -56.01 1.87 -3.02
N THR G 56 -55.45 0.83 -3.63
CA THR G 56 -54.99 -0.33 -2.87
C THR G 56 -53.55 -0.10 -2.45
N ILE G 57 -53.15 -0.70 -1.33
CA ILE G 57 -51.81 -0.56 -0.80
C ILE G 57 -50.74 -0.88 -1.84
N MET G 58 -50.86 -2.03 -2.51
CA MET G 58 -49.87 -2.41 -3.50
C MET G 58 -49.83 -1.52 -4.73
N GLU G 59 -50.98 -1.30 -5.37
CA GLU G 59 -51.00 -0.45 -6.56
C GLU G 59 -50.49 0.94 -6.23
N MET G 60 -50.92 1.47 -5.08
CA MET G 60 -50.50 2.80 -4.66
C MET G 60 -48.99 2.84 -4.41
N ALA G 61 -48.47 1.82 -3.74
CA ALA G 61 -47.04 1.74 -3.45
C ALA G 61 -46.26 1.74 -4.76
N ALA G 62 -46.73 0.96 -5.73
CA ALA G 62 -46.10 0.88 -7.05
C ALA G 62 -46.00 2.26 -7.69
N GLU G 63 -47.06 3.05 -7.58
CA GLU G 63 -47.09 4.40 -8.13
C GLU G 63 -45.98 5.26 -7.52
N ALA G 64 -45.80 5.13 -6.20
CA ALA G 64 -44.77 5.90 -5.49
C ALA G 64 -43.44 5.15 -5.39
N GLY G 65 -43.28 4.10 -6.19
CA GLY G 65 -42.04 3.33 -6.17
C GLY G 65 -41.98 2.32 -5.04
N THR G 66 -41.31 2.67 -3.96
CA THR G 66 -41.18 1.77 -2.81
C THR G 66 -42.40 1.92 -1.91
N VAL G 67 -42.81 0.83 -1.28
CA VAL G 67 -43.94 0.87 -0.36
C VAL G 67 -43.61 1.83 0.77
N GLU G 68 -42.31 2.01 1.02
CA GLU G 68 -41.81 2.90 2.06
C GLU G 68 -42.21 4.36 1.79
N ASP G 69 -42.43 4.68 0.51
CA ASP G 69 -42.82 6.03 0.10
C ASP G 69 -44.32 6.26 0.21
N LEU G 70 -45.05 5.22 0.57
CA LEU G 70 -46.50 5.30 0.69
C LEU G 70 -46.93 5.89 2.03
N GLU G 71 -48.10 6.52 2.05
CA GLU G 71 -48.64 7.12 3.27
C GLU G 71 -50.10 6.77 3.44
N LEU G 72 -50.46 6.35 4.65
CA LEU G 72 -51.83 5.95 4.99
C LEU G 72 -52.94 6.76 4.36
N GLU G 73 -52.87 8.08 4.47
CA GLU G 73 -53.87 8.98 3.93
C GLU G 73 -54.31 8.56 2.51
N ASP G 74 -53.33 8.17 1.69
CA ASP G 74 -53.56 7.77 0.31
C ASP G 74 -54.31 6.44 0.09
N VAL G 75 -54.26 5.53 1.07
CA VAL G 75 -54.91 4.23 0.93
C VAL G 75 -56.05 3.95 1.89
N LEU G 76 -56.13 4.70 2.98
CA LEU G 76 -57.18 4.51 3.98
C LEU G 76 -58.34 5.49 3.78
N LYS G 77 -59.53 4.95 3.54
CA LYS G 77 -60.72 5.77 3.34
C LYS G 77 -61.87 5.25 4.19
N ALA G 78 -62.67 6.18 4.71
CA ALA G 78 -63.81 5.83 5.54
C ALA G 78 -65.08 5.86 4.69
N GLY G 79 -65.98 4.92 4.94
CA GLY G 79 -67.22 4.88 4.18
C GLY G 79 -68.41 4.92 5.12
N TYR G 80 -69.39 4.07 4.85
CA TYR G 80 -70.60 3.98 5.65
C TYR G 80 -70.26 3.84 7.14
N GLY G 81 -71.03 4.53 7.97
CA GLY G 81 -70.83 4.46 9.40
C GLY G 81 -69.43 4.80 9.89
N GLY G 82 -68.66 5.54 9.10
CA GLY G 82 -67.31 5.90 9.50
C GLY G 82 -66.36 4.73 9.57
N VAL G 83 -66.75 3.59 8.99
CA VAL G 83 -65.92 2.41 8.98
C VAL G 83 -64.73 2.67 8.07
N LYS G 84 -63.53 2.55 8.62
CA LYS G 84 -62.31 2.78 7.84
C LYS G 84 -62.01 1.52 7.03
N CYS G 85 -61.62 1.71 5.77
CA CYS G 85 -61.34 0.59 4.87
C CYS G 85 -59.98 0.70 4.19
N VAL G 86 -59.27 -0.42 4.09
CA VAL G 86 -57.97 -0.47 3.43
C VAL G 86 -57.95 -1.74 2.62
N GLU G 87 -57.29 -1.71 1.47
CA GLU G 87 -57.21 -2.89 0.62
C GLU G 87 -55.81 -3.25 0.20
N SER G 88 -55.38 -4.46 0.54
CA SER G 88 -54.06 -4.92 0.14
C SER G 88 -54.20 -5.01 -1.36
N GLY G 89 -53.22 -4.51 -2.10
CA GLY G 89 -53.32 -4.59 -3.54
C GLY G 89 -53.20 -6.03 -3.99
N GLY G 90 -53.07 -6.23 -5.29
CA GLY G 90 -52.93 -7.57 -5.79
C GLY G 90 -52.88 -7.59 -7.31
N PRO G 91 -52.16 -8.57 -7.87
CA PRO G 91 -52.05 -8.70 -9.31
C PRO G 91 -53.33 -9.29 -9.88
N GLU G 92 -53.54 -9.12 -11.18
CA GLU G 92 -54.71 -9.67 -11.83
C GLU G 92 -54.54 -11.18 -11.75
N PRO G 93 -55.63 -11.93 -11.92
CA PRO G 93 -55.54 -13.39 -11.86
C PRO G 93 -54.47 -13.97 -12.79
N GLY G 94 -53.81 -15.01 -12.33
CA GLY G 94 -52.80 -15.67 -13.13
C GLY G 94 -51.44 -15.03 -13.30
N VAL G 95 -51.09 -14.05 -12.46
CA VAL G 95 -49.78 -13.42 -12.58
C VAL G 95 -49.35 -12.89 -11.24
N GLY G 96 -48.04 -12.75 -11.06
CA GLY G 96 -47.51 -12.24 -9.81
C GLY G 96 -47.62 -13.21 -8.66
N CYS G 97 -47.55 -12.68 -7.45
CA CYS G 97 -47.63 -13.46 -6.23
C CYS G 97 -48.44 -12.64 -5.24
N ALA G 98 -49.75 -12.82 -5.29
CA ALA G 98 -50.68 -12.12 -4.42
C ALA G 98 -50.31 -12.28 -2.95
N GLY G 99 -49.83 -13.47 -2.58
CA GLY G 99 -49.43 -13.74 -1.21
C GLY G 99 -48.48 -12.70 -0.65
N ARG G 100 -47.42 -12.40 -1.40
CA ARG G 100 -46.45 -11.41 -0.96
C ARG G 100 -47.14 -10.06 -0.78
N GLY G 101 -48.07 -9.75 -1.68
CA GLY G 101 -48.80 -8.50 -1.60
C GLY G 101 -49.40 -8.30 -0.22
N VAL G 102 -50.12 -9.31 0.26
CA VAL G 102 -50.74 -9.27 1.57
C VAL G 102 -49.69 -9.09 2.66
N ILE G 103 -48.59 -9.83 2.57
CA ILE G 103 -47.51 -9.74 3.55
C ILE G 103 -47.03 -8.30 3.69
N THR G 104 -46.66 -7.69 2.56
CA THR G 104 -46.18 -6.31 2.56
C THR G 104 -47.24 -5.35 3.07
N ALA G 105 -48.47 -5.52 2.59
CA ALA G 105 -49.60 -4.67 2.99
C ALA G 105 -49.80 -4.67 4.50
N ILE G 106 -49.94 -5.85 5.10
CA ILE G 106 -50.14 -5.96 6.54
C ILE G 106 -48.99 -5.28 7.28
N ASN G 107 -47.76 -5.54 6.82
CA ASN G 107 -46.58 -4.95 7.44
C ASN G 107 -46.62 -3.43 7.35
N PHE G 108 -47.09 -2.93 6.21
CA PHE G 108 -47.21 -1.49 5.98
C PHE G 108 -48.12 -0.89 7.04
N LEU G 109 -49.35 -1.39 7.11
CA LEU G 109 -50.33 -0.91 8.08
C LEU G 109 -49.74 -0.94 9.49
N GLU G 110 -49.14 -2.07 9.84
CA GLU G 110 -48.53 -2.27 11.16
C GLU G 110 -47.57 -1.13 11.49
N GLU G 111 -46.66 -0.84 10.56
CA GLU G 111 -45.67 0.21 10.76
C GLU G 111 -46.23 1.63 10.77
N GLU G 112 -47.23 1.89 9.94
CA GLU G 112 -47.83 3.21 9.88
C GLU G 112 -48.91 3.40 10.95
N GLY G 113 -48.84 2.59 12.00
CA GLY G 113 -49.82 2.68 13.07
C GLY G 113 -51.12 2.01 12.67
N ALA G 114 -51.94 2.72 11.90
CA ALA G 114 -53.23 2.21 11.42
C ALA G 114 -54.09 1.62 12.54
N TYR G 115 -53.74 0.40 12.96
CA TYR G 115 -54.44 -0.29 14.03
C TYR G 115 -54.34 0.59 15.27
N GLU G 116 -53.16 1.15 15.48
CA GLU G 116 -52.87 2.05 16.60
C GLU G 116 -53.87 3.21 16.59
N ASP G 117 -54.99 3.01 17.25
CA ASP G 117 -56.05 4.02 17.30
C ASP G 117 -57.00 3.68 18.44
N ASP G 118 -58.29 3.94 18.23
CA ASP G 118 -59.33 3.68 19.22
C ASP G 118 -60.38 2.77 18.58
N LEU G 119 -59.92 1.90 17.68
CA LEU G 119 -60.78 0.98 16.98
C LEU G 119 -61.28 -0.12 17.90
N ASP G 120 -62.58 -0.41 17.81
CA ASP G 120 -63.17 -1.46 18.64
C ASP G 120 -62.90 -2.81 18.00
N PHE G 121 -62.94 -2.84 16.67
CA PHE G 121 -62.72 -4.06 15.91
C PHE G 121 -61.93 -3.81 14.64
N VAL G 122 -61.17 -4.82 14.22
CA VAL G 122 -60.39 -4.77 12.99
C VAL G 122 -60.68 -6.11 12.33
N PHE G 123 -61.17 -6.07 11.10
CA PHE G 123 -61.50 -7.31 10.41
C PHE G 123 -60.63 -7.58 9.19
N TYR G 124 -59.97 -8.73 9.20
CA TYR G 124 -59.15 -9.13 8.07
C TYR G 124 -60.01 -10.02 7.19
N ASP G 125 -60.43 -9.49 6.05
CA ASP G 125 -61.26 -10.26 5.11
C ASP G 125 -60.30 -10.95 4.15
N VAL G 126 -59.90 -12.16 4.51
CA VAL G 126 -58.96 -12.93 3.71
C VAL G 126 -59.70 -13.64 2.58
N LEU G 127 -58.97 -13.98 1.53
CA LEU G 127 -59.56 -14.68 0.38
C LEU G 127 -59.89 -16.12 0.79
N GLY G 128 -60.84 -16.72 0.07
CA GLY G 128 -61.25 -18.07 0.37
C GLY G 128 -60.20 -19.15 0.32
N ASP G 129 -59.41 -19.18 -0.76
CA ASP G 129 -58.38 -20.19 -0.91
C ASP G 129 -57.17 -20.26 0.03
N VAL G 130 -56.63 -19.11 0.42
CA VAL G 130 -55.47 -19.06 1.35
C VAL G 130 -54.41 -20.13 1.04
N VAL G 131 -53.79 -19.98 -0.11
CA VAL G 131 -52.78 -20.92 -0.61
C VAL G 131 -51.33 -20.79 -0.12
N CYS G 132 -51.05 -19.86 0.79
CA CYS G 132 -49.69 -19.68 1.28
C CYS G 132 -49.55 -19.04 2.63
N GLY G 133 -48.32 -18.97 3.11
CA GLY G 133 -48.05 -18.37 4.40
C GLY G 133 -48.46 -16.91 4.39
N GLY G 134 -48.33 -16.27 3.22
CA GLY G 134 -48.70 -14.88 3.10
C GLY G 134 -50.13 -14.60 3.53
N PHE G 135 -51.07 -15.41 3.06
CA PHE G 135 -52.48 -15.23 3.40
C PHE G 135 -52.79 -15.58 4.85
N ALA G 136 -51.79 -16.07 5.57
CA ALA G 136 -51.97 -16.40 6.97
C ALA G 136 -51.40 -15.25 7.81
N MET G 137 -50.96 -14.20 7.14
CA MET G 137 -50.40 -13.03 7.82
C MET G 137 -51.29 -12.55 8.96
N PRO G 138 -52.61 -12.41 8.71
CA PRO G 138 -53.52 -11.95 9.76
C PRO G 138 -53.59 -12.85 11.01
N ILE G 139 -53.10 -14.07 10.90
CA ILE G 139 -53.12 -15.01 12.02
C ILE G 139 -51.74 -15.13 12.69
N ARG G 140 -50.85 -14.20 12.37
CA ARG G 140 -49.50 -14.18 12.95
C ARG G 140 -49.48 -13.69 14.40
N GLU G 141 -48.33 -13.87 15.03
CA GLU G 141 -48.07 -13.49 16.43
C GLU G 141 -48.99 -12.43 17.07
N ASN G 142 -48.89 -11.18 16.62
CA ASN G 142 -49.70 -10.12 17.21
C ASN G 142 -50.65 -9.44 16.24
N LYS G 143 -51.50 -10.22 15.59
CA LYS G 143 -52.47 -9.69 14.66
C LYS G 143 -53.83 -10.13 15.22
N ALA G 144 -54.63 -10.82 14.41
CA ALA G 144 -55.94 -11.30 14.83
C ALA G 144 -55.80 -12.21 16.03
N GLN G 145 -56.74 -12.10 16.96
CA GLN G 145 -56.74 -12.91 18.16
C GLN G 145 -57.91 -13.88 18.12
N GLU G 146 -58.81 -13.64 17.18
CA GLU G 146 -59.98 -14.48 17.01
C GLU G 146 -60.37 -14.59 15.54
N ILE G 147 -60.50 -15.83 15.09
CA ILE G 147 -60.84 -16.13 13.71
C ILE G 147 -62.27 -16.65 13.66
N TYR G 148 -62.95 -16.37 12.56
CA TYR G 148 -64.32 -16.82 12.36
C TYR G 148 -64.37 -17.40 10.97
N ILE G 149 -64.74 -18.67 10.87
CA ILE G 149 -64.82 -19.35 9.59
C ILE G 149 -66.25 -19.35 9.09
N VAL G 150 -66.44 -18.86 7.87
CA VAL G 150 -67.77 -18.83 7.26
C VAL G 150 -67.89 -20.10 6.44
N CYS G 151 -69.09 -20.69 6.42
CA CYS G 151 -69.32 -21.90 5.66
C CYS G 151 -70.80 -22.19 5.53
N SER G 152 -71.12 -23.26 4.81
CA SER G 152 -72.51 -23.66 4.61
C SER G 152 -72.58 -25.17 4.78
N GLY G 153 -73.78 -25.73 4.78
CA GLY G 153 -73.94 -27.16 4.93
C GLY G 153 -73.60 -27.93 3.66
N GLU G 154 -72.68 -27.38 2.87
CA GLU G 154 -72.27 -28.02 1.64
C GLU G 154 -71.00 -28.80 1.92
N MET G 155 -70.96 -30.05 1.48
CA MET G 155 -69.80 -30.92 1.68
C MET G 155 -68.49 -30.18 1.46
N MET G 156 -68.33 -29.61 0.26
CA MET G 156 -67.12 -28.88 -0.09
C MET G 156 -66.82 -27.74 0.90
N ALA G 157 -67.84 -26.94 1.21
CA ALA G 157 -67.70 -25.82 2.14
C ALA G 157 -67.24 -26.28 3.51
N MET G 158 -67.75 -27.42 3.94
CA MET G 158 -67.41 -28.00 5.22
C MET G 158 -65.97 -28.50 5.20
N TYR G 159 -65.60 -29.19 4.12
CA TYR G 159 -64.25 -29.71 3.97
C TYR G 159 -63.30 -28.52 4.11
N ALA G 160 -63.57 -27.48 3.33
CA ALA G 160 -62.75 -26.27 3.32
C ALA G 160 -62.60 -25.74 4.73
N ALA G 161 -63.71 -25.67 5.46
CA ALA G 161 -63.71 -25.19 6.83
C ALA G 161 -62.77 -26.01 7.69
N ASN G 162 -62.89 -27.33 7.59
CA ASN G 162 -62.04 -28.25 8.36
C ASN G 162 -60.59 -28.13 7.92
N ASN G 163 -60.38 -28.07 6.61
CA ASN G 163 -59.04 -27.96 6.04
C ASN G 163 -58.38 -26.67 6.54
N ILE G 164 -59.13 -25.58 6.51
CA ILE G 164 -58.63 -24.29 6.98
C ILE G 164 -58.28 -24.39 8.47
N SER G 165 -59.11 -25.10 9.22
CA SER G 165 -58.89 -25.29 10.65
C SER G 165 -57.49 -25.85 10.88
N LYS G 166 -57.11 -26.85 10.07
CA LYS G 166 -55.81 -27.48 10.18
C LYS G 166 -54.70 -26.43 10.14
N GLY G 167 -54.74 -25.57 9.11
CA GLY G 167 -53.74 -24.54 8.97
C GLY G 167 -53.67 -23.63 10.19
N ILE G 168 -54.83 -23.29 10.72
CA ILE G 168 -54.93 -22.43 11.89
C ILE G 168 -54.16 -22.99 13.08
N VAL G 169 -54.27 -24.31 13.28
CA VAL G 169 -53.60 -24.99 14.39
C VAL G 169 -52.12 -24.60 14.52
N LYS G 170 -51.41 -24.59 13.39
CA LYS G 170 -49.99 -24.25 13.38
C LYS G 170 -49.73 -22.89 14.02
N TYR G 171 -50.64 -21.94 13.77
CA TYR G 171 -50.52 -20.59 14.31
C TYR G 171 -51.08 -20.43 15.72
N ALA G 172 -52.13 -21.19 16.02
CA ALA G 172 -52.75 -21.14 17.33
C ALA G 172 -51.73 -21.54 18.40
N ASN G 173 -51.02 -22.62 18.15
CA ASN G 173 -50.01 -23.12 19.08
C ASN G 173 -48.80 -22.22 19.22
N SER G 174 -48.45 -21.50 18.15
CA SER G 174 -47.30 -20.62 18.19
C SER G 174 -47.62 -19.23 18.72
N GLY G 175 -48.91 -18.95 18.92
CA GLY G 175 -49.30 -17.64 19.42
C GLY G 175 -50.49 -17.68 20.36
N SER G 176 -51.49 -16.87 20.07
CA SER G 176 -52.67 -16.79 20.91
C SER G 176 -53.96 -16.70 20.09
N VAL G 177 -53.81 -16.67 18.78
CA VAL G 177 -54.96 -16.57 17.88
C VAL G 177 -55.83 -17.81 18.10
N ARG G 178 -57.12 -17.59 18.28
CA ARG G 178 -58.05 -18.70 18.51
C ARG G 178 -59.26 -18.62 17.60
N LEU G 179 -59.88 -19.77 17.35
CA LEU G 179 -61.07 -19.86 16.52
C LEU G 179 -62.29 -19.52 17.37
N GLY G 180 -62.94 -18.41 17.05
CA GLY G 180 -64.12 -18.00 17.80
C GLY G 180 -65.31 -18.88 17.51
N GLY G 181 -65.50 -19.19 16.23
CA GLY G 181 -66.62 -20.03 15.85
C GLY G 181 -66.86 -20.05 14.35
N LEU G 182 -67.92 -20.74 13.96
CA LEU G 182 -68.31 -20.85 12.55
C LEU G 182 -69.57 -20.03 12.32
N ILE G 183 -69.61 -19.34 11.18
CA ILE G 183 -70.77 -18.53 10.81
C ILE G 183 -71.33 -19.23 9.58
N CYS G 184 -72.49 -19.84 9.72
CA CYS G 184 -73.12 -20.54 8.62
C CYS G 184 -73.91 -19.60 7.73
N ASN G 185 -73.38 -19.32 6.55
CA ASN G 185 -74.10 -18.47 5.61
C ASN G 185 -74.91 -19.47 4.80
N SER G 186 -76.17 -19.63 5.21
CA SER G 186 -77.10 -20.56 4.58
C SER G 186 -77.07 -20.57 3.06
N ARG G 187 -77.04 -21.78 2.51
CA ARG G 187 -77.06 -21.97 1.07
C ARG G 187 -78.13 -23.02 0.78
N ASN G 188 -79.14 -23.05 1.65
CA ASN G 188 -80.28 -23.93 1.57
C ASN G 188 -80.02 -25.42 1.39
N THR G 189 -79.09 -25.97 2.14
CA THR G 189 -78.78 -27.39 2.06
C THR G 189 -79.73 -28.07 3.04
N ASP G 190 -80.11 -29.30 2.74
CA ASP G 190 -81.06 -30.05 3.57
C ASP G 190 -80.99 -29.83 5.08
N ARG G 191 -80.15 -30.59 5.77
CA ARG G 191 -80.06 -30.45 7.21
C ARG G 191 -78.90 -29.52 7.59
N GLU G 192 -78.86 -28.38 6.92
CA GLU G 192 -77.82 -27.36 7.11
C GLU G 192 -77.46 -27.04 8.55
N ASP G 193 -78.43 -26.56 9.32
CA ASP G 193 -78.18 -26.21 10.72
C ASP G 193 -77.55 -27.36 11.51
N GLU G 194 -78.10 -28.56 11.37
CA GLU G 194 -77.60 -29.74 12.07
C GLU G 194 -76.16 -30.03 11.65
N LEU G 195 -75.92 -30.03 10.34
CA LEU G 195 -74.60 -30.30 9.78
C LEU G 195 -73.52 -29.40 10.39
N ILE G 196 -73.70 -28.09 10.24
CA ILE G 196 -72.73 -27.13 10.75
C ILE G 196 -72.53 -27.28 12.25
N ILE G 197 -73.63 -27.40 13.01
CA ILE G 197 -73.52 -27.56 14.45
C ILE G 197 -72.68 -28.81 14.76
N ALA G 198 -72.96 -29.89 14.04
CA ALA G 198 -72.25 -31.15 14.21
C ALA G 198 -70.75 -30.94 14.00
N LEU G 199 -70.40 -30.27 12.91
CA LEU G 199 -69.01 -29.99 12.59
C LEU G 199 -68.39 -29.10 13.66
N ALA G 200 -69.10 -28.02 14.01
CA ALA G 200 -68.63 -27.08 15.03
C ALA G 200 -68.23 -27.84 16.28
N ASN G 201 -69.12 -28.70 16.76
CA ASN G 201 -68.85 -29.48 17.95
C ASN G 201 -67.62 -30.35 17.74
N LYS G 202 -67.59 -31.07 16.62
CA LYS G 202 -66.46 -31.95 16.30
C LYS G 202 -65.12 -31.20 16.34
N LEU G 203 -65.13 -29.96 15.87
CA LEU G 203 -63.93 -29.12 15.86
C LEU G 203 -63.61 -28.61 17.26
N GLY G 204 -64.66 -28.48 18.08
CA GLY G 204 -64.47 -27.99 19.43
C GLY G 204 -64.88 -26.52 19.55
N THR G 205 -65.62 -26.03 18.57
CA THR G 205 -66.07 -24.66 18.58
C THR G 205 -67.60 -24.59 18.58
N GLN G 206 -68.15 -23.49 18.11
CA GLN G 206 -69.60 -23.29 18.09
C GLN G 206 -70.03 -22.72 16.75
N MET G 207 -71.33 -22.72 16.51
CA MET G 207 -71.89 -22.15 15.30
C MET G 207 -72.43 -20.80 15.76
N ILE G 208 -71.57 -19.79 15.74
CA ILE G 208 -71.92 -18.44 16.18
C ILE G 208 -73.28 -17.96 15.69
N HIS G 209 -73.60 -18.25 14.43
CA HIS G 209 -74.88 -17.82 13.89
C HIS G 209 -75.20 -18.49 12.55
N PHE G 210 -76.49 -18.50 12.24
CA PHE G 210 -76.98 -19.07 10.99
C PHE G 210 -77.59 -17.91 10.20
N VAL G 211 -76.87 -17.46 9.18
CA VAL G 211 -77.31 -16.37 8.33
C VAL G 211 -78.18 -16.95 7.23
N PRO G 212 -79.48 -16.61 7.22
CA PRO G 212 -80.40 -17.12 6.20
C PRO G 212 -80.06 -16.58 4.82
N ARG G 213 -80.29 -17.37 3.79
CA ARG G 213 -80.04 -16.91 2.43
C ARG G 213 -81.24 -16.05 2.03
N ASP G 214 -80.99 -14.77 1.82
CA ASP G 214 -82.04 -13.84 1.45
C ASP G 214 -81.57 -13.00 0.28
N ASN G 215 -82.32 -13.03 -0.82
CA ASN G 215 -81.95 -12.25 -2.00
C ASN G 215 -81.84 -10.75 -1.76
N VAL G 216 -82.26 -10.31 -0.58
CA VAL G 216 -82.17 -8.90 -0.21
C VAL G 216 -80.69 -8.53 -0.22
N VAL G 217 -79.87 -9.47 0.25
CA VAL G 217 -78.42 -9.29 0.30
C VAL G 217 -77.92 -8.87 -1.06
N GLN G 218 -78.41 -9.56 -2.09
CA GLN G 218 -78.03 -9.28 -3.47
C GLN G 218 -78.56 -7.93 -3.91
N ARG G 219 -79.85 -7.69 -3.67
CA ARG G 219 -80.48 -6.43 -4.05
C ARG G 219 -79.72 -5.23 -3.50
N ALA G 220 -79.26 -5.34 -2.26
CA ALA G 220 -78.50 -4.29 -1.61
C ALA G 220 -77.10 -4.25 -2.23
N GLU G 221 -76.53 -5.42 -2.42
CA GLU G 221 -75.21 -5.59 -3.03
C GLU G 221 -75.16 -4.84 -4.35
N ILE G 222 -76.18 -5.03 -5.18
CA ILE G 222 -76.27 -4.38 -6.49
C ILE G 222 -76.15 -2.87 -6.31
N ARG G 223 -76.87 -2.33 -5.33
CA ARG G 223 -76.82 -0.89 -5.10
C ARG G 223 -75.64 -0.42 -4.26
N ARG G 224 -74.53 -1.17 -4.34
CA ARG G 224 -73.29 -0.86 -3.62
C ARG G 224 -73.39 -0.69 -2.11
N MET G 225 -74.35 -1.35 -1.46
CA MET G 225 -74.47 -1.18 -0.03
C MET G 225 -74.94 -2.38 0.78
N THR G 226 -74.68 -2.31 2.08
CA THR G 226 -75.05 -3.35 3.04
C THR G 226 -76.55 -3.33 3.26
N VAL G 227 -77.12 -4.49 3.56
CA VAL G 227 -78.55 -4.63 3.82
C VAL G 227 -79.03 -3.63 4.86
N ILE G 228 -78.20 -3.39 5.88
CA ILE G 228 -78.53 -2.43 6.94
C ILE G 228 -78.84 -1.06 6.32
N GLU G 229 -77.92 -0.55 5.51
CA GLU G 229 -78.09 0.74 4.87
C GLU G 229 -79.23 0.74 3.85
N TYR G 230 -79.32 -0.32 3.07
CA TYR G 230 -80.34 -0.45 2.04
C TYR G 230 -81.76 -0.58 2.57
N ASP G 231 -81.93 -1.30 3.67
CA ASP G 231 -83.26 -1.51 4.25
C ASP G 231 -83.10 -1.95 5.70
N PRO G 232 -83.01 -0.97 6.63
CA PRO G 232 -82.85 -1.25 8.06
C PRO G 232 -83.99 -2.11 8.62
N LYS G 233 -85.17 -2.02 8.00
CA LYS G 233 -86.33 -2.77 8.45
C LYS G 233 -86.42 -4.17 7.85
N ALA G 234 -85.47 -4.51 6.98
CA ALA G 234 -85.46 -5.82 6.35
C ALA G 234 -85.15 -6.89 7.37
N LYS G 235 -85.85 -8.01 7.28
CA LYS G 235 -85.64 -9.11 8.21
C LYS G 235 -84.17 -9.51 8.29
N GLN G 236 -83.52 -9.61 7.13
CA GLN G 236 -82.10 -9.97 7.04
C GLN G 236 -81.21 -9.02 7.85
N ALA G 237 -81.60 -7.75 7.88
CA ALA G 237 -80.83 -6.76 8.63
C ALA G 237 -80.77 -7.17 10.09
N ASP G 238 -81.91 -7.54 10.68
CA ASP G 238 -81.94 -7.97 12.07
C ASP G 238 -81.05 -9.18 12.26
N GLU G 239 -81.01 -10.05 11.27
CA GLU G 239 -80.16 -11.24 11.31
C GLU G 239 -78.69 -10.85 11.46
N TYR G 240 -78.26 -9.86 10.69
CA TYR G 240 -76.89 -9.37 10.75
C TYR G 240 -76.62 -8.70 12.09
N ARG G 241 -77.59 -7.93 12.56
CA ARG G 241 -77.47 -7.25 13.85
C ARG G 241 -77.29 -8.31 14.93
N ALA G 242 -78.00 -9.42 14.79
CA ALA G 242 -77.93 -10.53 15.74
C ALA G 242 -76.51 -11.08 15.73
N LEU G 243 -76.01 -11.39 14.54
CA LEU G 243 -74.66 -11.91 14.38
C LEU G 243 -73.65 -10.96 15.01
N ALA G 244 -73.82 -9.67 14.78
CA ALA G 244 -72.94 -8.66 15.34
C ALA G 244 -72.87 -8.80 16.85
N ARG G 245 -74.05 -8.81 17.49
CA ARG G 245 -74.11 -8.94 18.94
C ARG G 245 -73.41 -10.23 19.36
N LYS G 246 -73.69 -11.31 18.64
CA LYS G 246 -73.07 -12.61 18.94
C LYS G 246 -71.55 -12.51 18.97
N VAL G 247 -70.97 -11.87 17.96
CA VAL G 247 -69.53 -11.68 17.87
C VAL G 247 -69.02 -10.82 19.02
N VAL G 248 -69.75 -9.74 19.30
CA VAL G 248 -69.37 -8.83 20.38
C VAL G 248 -69.37 -9.54 21.74
N ASP G 249 -70.37 -10.38 21.95
CA ASP G 249 -70.51 -11.11 23.21
C ASP G 249 -69.74 -12.42 23.26
N ASN G 250 -69.18 -12.84 22.13
CA ASN G 250 -68.45 -14.10 22.10
C ASN G 250 -67.22 -14.11 22.99
N LYS G 251 -67.14 -15.13 23.85
CA LYS G 251 -66.03 -15.30 24.76
C LYS G 251 -65.38 -16.65 24.50
N LEU G 252 -65.98 -17.44 23.62
CA LEU G 252 -65.48 -18.75 23.26
C LEU G 252 -64.41 -18.70 22.16
N LEU G 253 -63.17 -18.92 22.57
CA LEU G 253 -62.03 -18.92 21.65
C LEU G 253 -61.28 -20.22 21.90
N VAL G 254 -61.18 -21.07 20.89
CA VAL G 254 -60.51 -22.35 21.04
C VAL G 254 -59.51 -22.65 19.94
N ILE G 255 -58.72 -23.70 20.17
CA ILE G 255 -57.74 -24.15 19.19
C ILE G 255 -58.50 -25.24 18.45
N PRO G 256 -58.72 -25.07 17.14
CA PRO G 256 -59.43 -26.04 16.29
C PRO G 256 -58.92 -27.45 16.48
N ASN G 257 -59.85 -28.38 16.60
CA ASN G 257 -59.50 -29.79 16.75
C ASN G 257 -60.04 -30.49 15.50
N PRO G 258 -59.27 -30.46 14.40
CA PRO G 258 -59.62 -31.07 13.11
C PRO G 258 -59.96 -32.55 13.16
N ILE G 259 -60.69 -32.99 12.14
CA ILE G 259 -61.11 -34.38 12.01
C ILE G 259 -60.54 -34.95 10.71
N THR G 260 -60.45 -36.27 10.63
CA THR G 260 -59.94 -36.93 9.45
C THR G 260 -60.98 -36.89 8.36
N MET G 261 -60.54 -37.07 7.12
CA MET G 261 -61.45 -37.05 5.98
C MET G 261 -62.57 -38.08 6.20
N ASP G 262 -62.21 -39.27 6.65
CA ASP G 262 -63.18 -40.33 6.92
C ASP G 262 -64.21 -39.86 7.93
N GLU G 263 -63.75 -39.21 8.98
CA GLU G 263 -64.65 -38.69 10.02
C GLU G 263 -65.63 -37.70 9.41
N LEU G 264 -65.16 -36.87 8.49
CA LEU G 264 -66.01 -35.89 7.83
C LEU G 264 -67.11 -36.62 7.04
N GLU G 265 -66.72 -37.59 6.22
CA GLU G 265 -67.66 -38.37 5.43
C GLU G 265 -68.73 -38.93 6.36
N GLU G 266 -68.29 -39.58 7.43
CA GLU G 266 -69.17 -40.17 8.43
C GLU G 266 -70.19 -39.16 8.93
N LEU G 267 -69.70 -37.95 9.25
CA LEU G 267 -70.55 -36.87 9.73
C LEU G 267 -71.60 -36.49 8.67
N LEU G 268 -71.16 -36.37 7.42
CA LEU G 268 -72.05 -36.01 6.32
C LEU G 268 -73.18 -37.03 6.16
N MET G 269 -72.85 -38.31 6.24
CA MET G 269 -73.84 -39.37 6.10
C MET G 269 -74.88 -39.32 7.20
N GLU G 270 -74.44 -39.11 8.43
CA GLU G 270 -75.35 -39.07 9.56
C GLU G 270 -76.21 -37.81 9.67
N PHE G 271 -75.64 -36.66 9.36
CA PHE G 271 -76.38 -35.41 9.47
C PHE G 271 -76.80 -34.76 8.15
N GLY G 272 -76.47 -35.38 7.02
CA GLY G 272 -76.81 -34.79 5.74
C GLY G 272 -77.87 -35.46 4.88
N ILE G 273 -78.56 -36.45 5.41
CA ILE G 273 -79.59 -37.15 4.63
C ILE G 273 -80.96 -37.05 5.31
N MET G 274 -82.02 -37.09 4.50
CA MET G 274 -83.42 -36.99 4.94
C MET G 274 -83.82 -35.52 5.15
N ALA H 1 -59.18 -35.46 -32.17
CA ALA H 1 -59.66 -35.64 -30.77
C ALA H 1 -58.63 -34.98 -29.85
N MET H 2 -58.88 -35.06 -28.55
CA MET H 2 -58.02 -34.47 -27.53
C MET H 2 -58.23 -32.97 -27.39
N ARG H 3 -59.09 -32.60 -26.46
CA ARG H 3 -59.40 -31.20 -26.20
C ARG H 3 -59.10 -30.91 -24.74
N GLN H 4 -58.08 -30.09 -24.52
CA GLN H 4 -57.71 -29.70 -23.16
C GLN H 4 -58.49 -28.45 -22.80
N CYS H 5 -59.22 -28.51 -21.69
CA CYS H 5 -60.03 -27.40 -21.23
C CYS H 5 -59.64 -27.02 -19.83
N ALA H 6 -59.85 -25.75 -19.48
CA ALA H 6 -59.53 -25.27 -18.14
C ALA H 6 -60.79 -24.63 -17.59
N ILE H 7 -61.12 -24.97 -16.35
CA ILE H 7 -62.30 -24.45 -15.68
C ILE H 7 -61.88 -23.44 -14.61
N TYR H 8 -62.46 -22.26 -14.65
CA TYR H 8 -62.16 -21.19 -13.69
C TYR H 8 -63.45 -20.54 -13.25
N GLY H 9 -63.37 -19.69 -12.23
CA GLY H 9 -64.55 -19.01 -11.77
C GLY H 9 -64.45 -18.54 -10.33
N LYS H 10 -65.46 -17.78 -9.89
CA LYS H 10 -65.53 -17.27 -8.53
C LYS H 10 -65.29 -18.41 -7.54
N GLY H 11 -64.57 -18.12 -6.46
CA GLY H 11 -64.31 -19.15 -5.47
C GLY H 11 -65.61 -19.79 -5.04
N GLY H 12 -65.60 -21.11 -4.86
CA GLY H 12 -66.79 -21.81 -4.40
C GLY H 12 -68.03 -21.68 -5.27
N ILE H 13 -67.87 -21.19 -6.49
CA ILE H 13 -69.01 -21.03 -7.40
C ILE H 13 -69.53 -22.39 -7.91
N GLY H 14 -68.75 -23.44 -7.67
CA GLY H 14 -69.17 -24.76 -8.07
C GLY H 14 -68.39 -25.38 -9.23
N LYS H 15 -67.25 -24.79 -9.58
CA LYS H 15 -66.45 -25.33 -10.69
C LYS H 15 -66.14 -26.82 -10.51
N SER H 16 -65.53 -27.19 -9.39
CA SER H 16 -65.19 -28.58 -9.10
C SER H 16 -66.38 -29.51 -9.30
N THR H 17 -67.44 -29.27 -8.53
CA THR H 17 -68.66 -30.06 -8.59
C THR H 17 -69.26 -30.16 -10.00
N THR H 18 -69.38 -29.02 -10.67
CA THR H 18 -69.91 -28.98 -12.02
C THR H 18 -69.03 -29.80 -12.95
N THR H 19 -67.71 -29.60 -12.86
CA THR H 19 -66.75 -30.33 -13.68
C THR H 19 -66.92 -31.83 -13.45
N GLN H 20 -67.03 -32.22 -12.18
CA GLN H 20 -67.21 -33.62 -11.80
C GLN H 20 -68.40 -34.21 -12.54
N ASN H 21 -69.57 -33.60 -12.38
CA ASN H 21 -70.80 -34.04 -13.01
C ASN H 21 -70.74 -33.97 -14.53
N LEU H 22 -70.20 -32.87 -15.04
CA LEU H 22 -70.06 -32.65 -16.47
C LEU H 22 -69.30 -33.81 -17.10
N VAL H 23 -68.13 -34.11 -16.54
CA VAL H 23 -67.29 -35.20 -17.03
C VAL H 23 -68.06 -36.52 -16.99
N ALA H 24 -68.83 -36.73 -15.93
CA ALA H 24 -69.63 -37.95 -15.81
C ALA H 24 -70.50 -38.11 -17.05
N ALA H 25 -71.16 -37.03 -17.44
CA ALA H 25 -72.01 -37.03 -18.63
C ALA H 25 -71.18 -37.36 -19.88
N LEU H 26 -69.96 -36.84 -19.93
CA LEU H 26 -69.06 -37.09 -21.05
C LEU H 26 -68.71 -38.58 -21.09
N ALA H 27 -68.38 -39.14 -19.93
CA ALA H 27 -68.02 -40.55 -19.80
C ALA H 27 -69.20 -41.40 -20.23
N GLU H 28 -70.39 -40.98 -19.83
CA GLU H 28 -71.63 -41.68 -20.17
C GLU H 28 -71.82 -41.66 -21.68
N MET H 29 -71.28 -40.63 -22.33
CA MET H 29 -71.36 -40.51 -23.79
C MET H 29 -70.23 -41.28 -24.47
N GLY H 30 -69.54 -42.13 -23.69
CA GLY H 30 -68.44 -42.90 -24.23
C GLY H 30 -67.20 -42.07 -24.51
N LYS H 31 -67.08 -40.93 -23.85
CA LYS H 31 -65.94 -40.05 -24.03
C LYS H 31 -64.89 -40.28 -22.95
N LYS H 32 -63.69 -40.72 -23.36
CA LYS H 32 -62.60 -40.95 -22.40
C LYS H 32 -62.09 -39.58 -21.97
N VAL H 33 -62.15 -39.31 -20.66
CA VAL H 33 -61.73 -38.03 -20.12
C VAL H 33 -60.81 -38.16 -18.91
N MET H 34 -59.92 -37.19 -18.74
CA MET H 34 -59.03 -37.14 -17.58
C MET H 34 -59.21 -35.79 -16.93
N ILE H 35 -59.18 -35.76 -15.61
CA ILE H 35 -59.34 -34.52 -14.87
C ILE H 35 -58.14 -34.25 -13.96
N VAL H 36 -57.49 -33.11 -14.19
CA VAL H 36 -56.32 -32.70 -13.42
C VAL H 36 -56.75 -31.65 -12.40
N GLY H 37 -56.74 -32.04 -11.14
CA GLY H 37 -57.11 -31.12 -10.09
C GLY H 37 -55.99 -30.14 -9.81
N CYS H 38 -56.31 -28.85 -9.85
CA CYS H 38 -55.32 -27.82 -9.63
C CYS H 38 -55.67 -26.98 -8.40
N ASP H 39 -56.24 -27.64 -7.40
CA ASP H 39 -56.62 -26.98 -6.15
C ASP H 39 -55.82 -27.71 -5.07
N PRO H 40 -55.15 -26.97 -4.17
CA PRO H 40 -54.36 -27.54 -3.08
C PRO H 40 -55.16 -28.61 -2.32
N LYS H 41 -56.46 -28.40 -2.25
CA LYS H 41 -57.34 -29.36 -1.61
C LYS H 41 -57.66 -30.33 -2.73
N ALA H 42 -57.28 -31.59 -2.60
CA ALA H 42 -57.57 -32.56 -3.65
C ALA H 42 -59.07 -32.87 -3.65
N ASP H 43 -59.88 -31.89 -4.03
CA ASP H 43 -61.33 -32.05 -4.04
C ASP H 43 -61.92 -32.06 -5.46
N SER H 44 -61.04 -31.97 -6.44
CA SER H 44 -61.45 -31.94 -7.84
C SER H 44 -61.89 -33.30 -8.36
N THR H 45 -61.57 -34.37 -7.63
CA THR H 45 -61.89 -35.72 -8.10
C THR H 45 -62.73 -36.64 -7.21
N ARG H 46 -63.18 -36.13 -6.06
CA ARG H 46 -63.96 -36.94 -5.13
C ARG H 46 -65.16 -37.70 -5.72
N LEU H 47 -66.01 -36.99 -6.46
CA LEU H 47 -67.21 -37.59 -7.05
C LEU H 47 -66.96 -38.68 -8.09
N ILE H 48 -65.75 -38.72 -8.65
CA ILE H 48 -65.40 -39.73 -9.65
C ILE H 48 -64.77 -40.93 -8.96
N LEU H 49 -63.86 -40.68 -8.03
CA LEU H 49 -63.20 -41.76 -7.31
C LEU H 49 -64.07 -42.30 -6.17
N HIS H 50 -65.15 -41.60 -5.86
CA HIS H 50 -66.06 -41.99 -4.78
C HIS H 50 -65.31 -41.96 -3.46
N SER H 51 -64.21 -41.22 -3.43
CA SER H 51 -63.38 -41.12 -2.24
C SER H 51 -62.40 -39.97 -2.46
N LYS H 52 -61.98 -39.32 -1.38
CA LYS H 52 -61.03 -38.22 -1.46
C LYS H 52 -59.64 -38.81 -1.65
N ALA H 53 -59.14 -38.76 -2.88
CA ALA H 53 -57.81 -39.29 -3.20
C ALA H 53 -56.72 -38.66 -2.33
N GLN H 54 -55.82 -39.51 -1.83
CA GLN H 54 -54.72 -39.03 -1.00
C GLN H 54 -53.42 -39.04 -1.78
N ASN H 55 -53.40 -39.81 -2.87
CA ASN H 55 -52.22 -39.91 -3.71
C ASN H 55 -52.10 -38.69 -4.63
N THR H 56 -51.71 -37.57 -4.06
CA THR H 56 -51.56 -36.34 -4.83
C THR H 56 -50.13 -36.26 -5.34
N ILE H 57 -49.93 -35.61 -6.48
CA ILE H 57 -48.61 -35.48 -7.08
C ILE H 57 -47.57 -34.95 -6.10
N MET H 58 -47.88 -33.85 -5.43
CA MET H 58 -46.93 -33.26 -4.50
C MET H 58 -46.63 -34.12 -3.27
N GLU H 59 -47.67 -34.56 -2.58
CA GLU H 59 -47.46 -35.40 -1.39
C GLU H 59 -46.69 -36.66 -1.75
N MET H 60 -47.06 -37.28 -2.87
CA MET H 60 -46.43 -38.49 -3.34
C MET H 60 -44.96 -38.24 -3.67
N ALA H 61 -44.70 -37.14 -4.37
CA ALA H 61 -43.34 -36.77 -4.73
C ALA H 61 -42.50 -36.61 -3.48
N ALA H 62 -43.05 -35.94 -2.47
CA ALA H 62 -42.36 -35.71 -1.21
C ALA H 62 -41.96 -37.04 -0.58
N GLU H 63 -42.84 -38.03 -0.64
CA GLU H 63 -42.56 -39.36 -0.08
C GLU H 63 -41.35 -39.98 -0.77
N ALA H 64 -41.27 -39.84 -2.09
CA ALA H 64 -40.16 -40.38 -2.87
C ALA H 64 -39.01 -39.39 -3.05
N GLY H 65 -39.01 -38.31 -2.25
CA GLY H 65 -37.96 -37.31 -2.35
C GLY H 65 -38.17 -36.30 -3.47
N THR H 66 -37.50 -36.53 -4.59
CA THR H 66 -37.62 -35.63 -5.74
C THR H 66 -38.84 -36.03 -6.57
N VAL H 67 -39.51 -35.05 -7.17
CA VAL H 67 -40.66 -35.30 -8.01
C VAL H 67 -40.20 -36.20 -9.16
N GLU H 68 -38.92 -36.11 -9.48
CA GLU H 68 -38.32 -36.89 -10.56
C GLU H 68 -38.40 -38.40 -10.27
N ASP H 69 -38.47 -38.75 -9.00
CA ASP H 69 -38.55 -40.15 -8.58
C ASP H 69 -39.99 -40.67 -8.59
N LEU H 70 -40.94 -39.80 -8.90
CA LEU H 70 -42.34 -40.17 -8.93
C LEU H 70 -42.73 -40.85 -10.25
N GLU H 71 -43.75 -41.70 -10.20
CA GLU H 71 -44.22 -42.40 -11.37
C GLU H 71 -45.74 -42.35 -11.45
N LEU H 72 -46.25 -42.01 -12.64
CA LEU H 72 -47.69 -41.89 -12.90
C LEU H 72 -48.58 -42.91 -12.20
N GLU H 73 -48.23 -44.19 -12.33
CA GLU H 73 -49.01 -45.27 -11.73
C GLU H 73 -49.43 -44.95 -10.29
N ASP H 74 -48.51 -44.36 -9.53
CA ASP H 74 -48.73 -44.00 -8.13
C ASP H 74 -49.70 -42.84 -7.86
N VAL H 75 -49.90 -41.95 -8.83
CA VAL H 75 -50.78 -40.81 -8.65
C VAL H 75 -52.03 -40.77 -9.53
N LEU H 76 -52.02 -41.53 -10.62
CA LEU H 76 -53.15 -41.56 -11.55
C LEU H 76 -54.07 -42.74 -11.28
N LYS H 77 -55.33 -42.45 -10.97
CA LYS H 77 -56.32 -43.48 -10.69
C LYS H 77 -57.60 -43.22 -11.48
N ALA H 78 -58.22 -44.30 -11.96
CA ALA H 78 -59.46 -44.18 -12.72
C ALA H 78 -60.64 -44.47 -11.79
N GLY H 79 -61.72 -43.72 -11.98
CA GLY H 79 -62.91 -43.92 -11.15
C GLY H 79 -64.12 -44.20 -12.02
N TYR H 80 -65.24 -43.57 -11.66
CA TYR H 80 -66.48 -43.74 -12.40
C TYR H 80 -66.27 -43.55 -13.89
N GLY H 81 -66.93 -44.38 -14.68
CA GLY H 81 -66.84 -44.29 -16.13
C GLY H 81 -65.43 -44.33 -16.70
N GLY H 82 -64.48 -44.91 -15.96
CA GLY H 82 -63.11 -44.99 -16.43
C GLY H 82 -62.42 -43.64 -16.57
N VAL H 83 -62.99 -42.62 -15.96
CA VAL H 83 -62.42 -41.27 -16.00
C VAL H 83 -61.15 -41.29 -15.16
N LYS H 84 -60.03 -40.94 -15.78
CA LYS H 84 -58.74 -40.92 -15.08
C LYS H 84 -58.65 -39.62 -14.28
N CYS H 85 -58.16 -39.72 -13.05
CA CYS H 85 -58.05 -38.56 -12.17
C CYS H 85 -56.66 -38.38 -11.56
N VAL H 86 -56.18 -37.15 -11.52
CA VAL H 86 -54.88 -36.83 -10.94
C VAL H 86 -55.06 -35.57 -10.11
N GLU H 87 -54.34 -35.46 -9.00
CA GLU H 87 -54.46 -34.29 -8.16
C GLU H 87 -53.12 -33.65 -7.83
N SER H 88 -52.97 -32.39 -8.19
CA SER H 88 -51.75 -31.66 -7.87
C SER H 88 -51.81 -31.60 -6.35
N GLY H 89 -50.70 -31.89 -5.68
CA GLY H 89 -50.73 -31.82 -4.23
C GLY H 89 -50.87 -30.38 -3.78
N GLY H 90 -50.72 -30.15 -2.49
CA GLY H 90 -50.82 -28.79 -1.99
C GLY H 90 -50.69 -28.75 -0.50
N PRO H 91 -50.15 -27.66 0.04
CA PRO H 91 -49.97 -27.49 1.48
C PRO H 91 -51.30 -27.17 2.13
N GLU H 92 -51.39 -27.38 3.43
CA GLU H 92 -52.60 -27.07 4.16
C GLU H 92 -52.74 -25.55 4.08
N PRO H 93 -53.95 -25.03 4.31
CA PRO H 93 -54.16 -23.59 4.26
C PRO H 93 -53.18 -22.80 5.12
N GLY H 94 -52.76 -21.64 4.62
CA GLY H 94 -51.86 -20.78 5.37
C GLY H 94 -50.38 -21.15 5.46
N VAL H 95 -49.90 -22.04 4.59
CA VAL H 95 -48.49 -22.40 4.63
C VAL H 95 -48.04 -22.85 3.26
N GLY H 96 -46.74 -22.72 3.00
CA GLY H 96 -46.21 -23.12 1.72
C GLY H 96 -46.58 -22.20 0.58
N CYS H 97 -46.48 -22.72 -0.63
CA CYS H 97 -46.79 -21.98 -1.85
C CYS H 97 -47.48 -22.94 -2.80
N ALA H 98 -48.79 -23.04 -2.65
CA ALA H 98 -49.61 -23.91 -3.48
C ALA H 98 -49.36 -23.68 -4.96
N GLY H 99 -49.16 -22.42 -5.34
CA GLY H 99 -48.90 -22.09 -6.73
C GLY H 99 -47.79 -22.92 -7.36
N ARG H 100 -46.65 -23.00 -6.67
CA ARG H 100 -45.53 -23.78 -7.17
C ARG H 100 -45.95 -25.24 -7.33
N GLY H 101 -46.74 -25.72 -6.38
CA GLY H 101 -47.22 -27.10 -6.42
C GLY H 101 -47.85 -27.42 -7.75
N VAL H 102 -48.78 -26.58 -8.19
CA VAL H 102 -49.46 -26.75 -9.47
C VAL H 102 -48.45 -26.74 -10.62
N ILE H 103 -47.53 -25.77 -10.58
CA ILE H 103 -46.51 -25.65 -11.61
C ILE H 103 -45.76 -26.97 -11.80
N THR H 104 -45.22 -27.50 -10.69
CA THR H 104 -44.47 -28.74 -10.72
C THR H 104 -45.35 -29.91 -11.18
N ALA H 105 -46.56 -29.98 -10.63
CA ALA H 105 -47.50 -31.03 -10.97
C ALA H 105 -47.79 -31.09 -12.47
N ILE H 106 -48.20 -29.97 -13.05
CA ILE H 106 -48.50 -29.90 -14.48
C ILE H 106 -47.29 -30.34 -15.28
N ASN H 107 -46.11 -29.84 -14.90
CA ASN H 107 -44.87 -30.19 -15.59
C ASN H 107 -44.61 -31.69 -15.51
N PHE H 108 -44.89 -32.27 -14.34
CA PHE H 108 -44.71 -33.70 -14.12
C PHE H 108 -45.55 -34.48 -15.13
N LEU H 109 -46.86 -34.22 -15.13
CA LEU H 109 -47.78 -34.89 -16.04
C LEU H 109 -47.30 -34.76 -17.48
N GLU H 110 -46.95 -33.53 -17.86
CA GLU H 110 -46.47 -33.22 -19.20
C GLU H 110 -45.32 -34.15 -19.59
N GLU H 111 -44.32 -34.25 -18.73
CA GLU H 111 -43.16 -35.09 -18.99
C GLU H 111 -43.43 -36.58 -18.98
N GLU H 112 -44.30 -37.03 -18.08
CA GLU H 112 -44.62 -38.46 -18.01
C GLU H 112 -45.70 -38.85 -19.01
N GLY H 113 -45.86 -38.05 -20.06
CA GLY H 113 -46.87 -38.35 -21.07
C GLY H 113 -48.24 -37.95 -20.58
N ALA H 114 -48.86 -38.80 -19.77
CA ALA H 114 -50.20 -38.57 -19.21
C ALA H 114 -51.22 -38.15 -20.26
N TYR H 115 -51.15 -36.90 -20.70
CA TYR H 115 -52.05 -36.37 -21.73
C TYR H 115 -51.85 -37.23 -22.97
N GLU H 116 -50.59 -37.54 -23.26
CA GLU H 116 -50.19 -38.37 -24.40
C GLU H 116 -50.94 -39.70 -24.33
N ASP H 117 -52.12 -39.73 -24.92
CA ASP H 117 -52.94 -40.93 -24.92
C ASP H 117 -54.02 -40.81 -26.00
N ASP H 118 -55.21 -41.32 -25.72
CA ASP H 118 -56.35 -41.27 -26.63
C ASP H 118 -57.52 -40.58 -25.92
N LEU H 119 -57.18 -39.65 -25.05
CA LEU H 119 -58.17 -38.91 -24.28
C LEU H 119 -58.94 -37.94 -25.18
N ASP H 120 -60.25 -37.90 -25.00
CA ASP H 120 -61.10 -37.01 -25.78
C ASP H 120 -61.07 -35.62 -25.15
N PHE H 121 -61.03 -35.59 -23.82
CA PHE H 121 -61.01 -34.34 -23.08
C PHE H 121 -60.10 -34.43 -21.85
N VAL H 122 -59.55 -33.29 -21.48
CA VAL H 122 -58.69 -33.16 -20.30
C VAL H 122 -59.20 -31.90 -19.61
N PHE H 123 -59.61 -32.03 -18.35
CA PHE H 123 -60.13 -30.88 -17.63
C PHE H 123 -59.26 -30.44 -16.47
N TYR H 124 -58.84 -29.19 -16.51
CA TYR H 124 -58.04 -28.61 -15.45
C TYR H 124 -59.02 -27.91 -14.49
N ASP H 125 -59.26 -28.51 -13.33
CA ASP H 125 -60.17 -27.91 -12.36
C ASP H 125 -59.30 -27.04 -11.45
N VAL H 126 -59.18 -25.77 -11.83
CA VAL H 126 -58.36 -24.83 -11.07
C VAL H 126 -59.15 -24.26 -9.89
N LEU H 127 -58.44 -23.78 -8.88
CA LEU H 127 -59.09 -23.21 -7.70
C LEU H 127 -59.74 -21.88 -8.08
N GLY H 128 -60.73 -21.48 -7.29
CA GLY H 128 -61.43 -20.24 -7.56
C GLY H 128 -60.60 -18.96 -7.58
N ASP H 129 -59.77 -18.78 -6.56
CA ASP H 129 -58.96 -17.56 -6.45
C ASP H 129 -57.86 -17.27 -7.46
N VAL H 130 -57.11 -18.29 -7.90
CA VAL H 130 -56.03 -18.11 -8.90
C VAL H 130 -55.19 -16.84 -8.65
N VAL H 131 -54.47 -16.86 -7.54
CA VAL H 131 -53.65 -15.73 -7.11
C VAL H 131 -52.24 -15.55 -7.68
N CYS H 132 -51.83 -16.42 -8.60
CA CYS H 132 -50.50 -16.31 -9.17
C CYS H 132 -50.31 -16.95 -10.54
N GLY H 133 -49.12 -16.77 -11.10
CA GLY H 133 -48.81 -17.31 -12.40
C GLY H 133 -48.91 -18.82 -12.38
N GLY H 134 -48.60 -19.41 -11.22
CA GLY H 134 -48.69 -20.84 -11.07
C GLY H 134 -50.04 -21.43 -11.42
N PHE H 135 -51.09 -20.81 -10.90
CA PHE H 135 -52.45 -21.28 -11.14
C PHE H 135 -52.92 -21.01 -12.57
N ALA H 136 -52.08 -20.34 -13.35
CA ALA H 136 -52.41 -20.05 -14.73
C ALA H 136 -51.68 -21.07 -15.62
N MET H 137 -51.00 -22.01 -14.98
CA MET H 137 -50.25 -23.03 -15.70
C MET H 137 -51.10 -23.69 -16.79
N PRO H 138 -52.35 -24.09 -16.47
CA PRO H 138 -53.22 -24.73 -17.46
C PRO H 138 -53.53 -23.88 -18.69
N ILE H 139 -53.30 -22.59 -18.61
CA ILE H 139 -53.58 -21.67 -19.70
C ILE H 139 -52.29 -21.28 -20.47
N ARG H 140 -51.22 -22.01 -20.21
CA ARG H 140 -49.93 -21.76 -20.86
C ARG H 140 -49.90 -22.25 -22.32
N GLU H 141 -48.85 -21.85 -23.03
CA GLU H 141 -48.60 -22.19 -24.43
C GLU H 141 -49.32 -23.41 -25.02
N ASN H 142 -48.95 -24.61 -24.59
CA ASN H 142 -49.57 -25.81 -25.12
C ASN H 142 -50.30 -26.67 -24.11
N LYS H 143 -51.25 -26.07 -23.42
CA LYS H 143 -52.04 -26.78 -22.43
C LYS H 143 -53.50 -26.61 -22.90
N ALA H 144 -54.37 -26.10 -22.03
CA ALA H 144 -55.77 -25.90 -22.36
C ALA H 144 -55.89 -24.98 -23.57
N GLN H 145 -56.83 -25.30 -24.44
CA GLN H 145 -57.08 -24.51 -25.65
C GLN H 145 -58.40 -23.78 -25.51
N GLU H 146 -59.18 -24.20 -24.52
CA GLU H 146 -60.48 -23.60 -24.27
C GLU H 146 -60.80 -23.56 -22.78
N ILE H 147 -61.14 -22.36 -22.32
CA ILE H 147 -61.46 -22.12 -20.93
C ILE H 147 -62.96 -21.91 -20.78
N TYR H 148 -63.50 -22.31 -19.64
CA TYR H 148 -64.91 -22.14 -19.36
C TYR H 148 -64.98 -21.58 -17.96
N ILE H 149 -65.60 -20.41 -17.84
CA ILE H 149 -65.74 -19.75 -16.55
C ILE H 149 -67.11 -20.03 -15.96
N VAL H 150 -67.13 -20.55 -14.74
CA VAL H 150 -68.37 -20.84 -14.04
C VAL H 150 -68.69 -19.61 -13.20
N CYS H 151 -69.97 -19.26 -13.11
CA CYS H 151 -70.39 -18.11 -12.32
C CYS H 151 -71.90 -18.13 -12.10
N SER H 152 -72.40 -17.15 -11.37
CA SER H 152 -73.81 -17.03 -11.08
C SER H 152 -74.19 -15.57 -11.22
N GLY H 153 -75.48 -15.26 -11.16
CA GLY H 153 -75.93 -13.89 -11.29
C GLY H 153 -75.68 -13.07 -10.04
N GLU H 154 -74.61 -13.40 -9.32
CA GLU H 154 -74.26 -12.69 -8.11
C GLU H 154 -73.19 -11.68 -8.44
N MET H 155 -73.38 -10.44 -8.01
CA MET H 155 -72.44 -9.36 -8.28
C MET H 155 -70.99 -9.82 -8.14
N MET H 156 -70.65 -10.33 -6.96
CA MET H 156 -69.29 -10.81 -6.69
C MET H 156 -68.83 -11.87 -7.69
N ALA H 157 -69.70 -12.85 -7.96
CA ALA H 157 -69.38 -13.94 -8.89
C ALA H 157 -69.10 -13.39 -10.29
N MET H 158 -69.88 -12.39 -10.67
CA MET H 158 -69.72 -11.76 -11.98
C MET H 158 -68.43 -10.97 -12.04
N TYR H 159 -68.13 -10.22 -10.98
CA TYR H 159 -66.90 -9.45 -10.91
C TYR H 159 -65.74 -10.42 -11.11
N ALA H 160 -65.74 -11.48 -10.31
CA ALA H 160 -64.70 -12.50 -10.38
C ALA H 160 -64.54 -13.01 -11.80
N ALA H 161 -65.66 -13.30 -12.46
CA ALA H 161 -65.64 -13.79 -13.83
C ALA H 161 -64.94 -12.79 -14.74
N ASN H 162 -65.32 -11.52 -14.63
CA ASN H 162 -64.72 -10.47 -15.44
C ASN H 162 -63.25 -10.29 -15.08
N ASN H 163 -62.95 -10.30 -13.79
CA ASN H 163 -61.59 -10.14 -13.31
C ASN H 163 -60.71 -11.27 -13.85
N ILE H 164 -61.21 -12.49 -13.79
CA ILE H 164 -60.50 -13.66 -14.29
C ILE H 164 -60.27 -13.49 -15.79
N SER H 165 -61.27 -12.97 -16.49
CA SER H 165 -61.18 -12.75 -17.93
C SER H 165 -59.94 -11.91 -18.25
N LYS H 166 -59.73 -10.87 -17.45
CA LYS H 166 -58.58 -9.98 -17.64
C LYS H 166 -57.28 -10.79 -17.66
N GLY H 167 -57.09 -11.63 -16.65
CA GLY H 167 -55.90 -12.46 -16.57
C GLY H 167 -55.73 -13.33 -17.79
N ILE H 168 -56.83 -13.90 -18.26
CA ILE H 168 -56.84 -14.77 -19.44
C ILE H 168 -56.26 -14.06 -20.67
N VAL H 169 -56.63 -12.80 -20.85
CA VAL H 169 -56.18 -12.01 -21.99
C VAL H 169 -54.67 -12.10 -22.21
N LYS H 170 -53.91 -11.97 -21.13
CA LYS H 170 -52.44 -12.00 -21.21
C LYS H 170 -51.96 -13.29 -21.87
N TYR H 171 -52.63 -14.40 -21.58
CA TYR H 171 -52.29 -15.70 -22.12
C TYR H 171 -52.89 -15.98 -23.50
N ALA H 172 -54.09 -15.45 -23.73
CA ALA H 172 -54.77 -15.64 -25.01
C ALA H 172 -53.93 -15.05 -26.13
N ASN H 173 -53.42 -13.84 -25.92
CA ASN H 173 -52.59 -13.15 -26.90
C ASN H 173 -51.23 -13.79 -27.13
N SER H 174 -50.69 -14.40 -26.08
CA SER H 174 -49.38 -15.05 -26.19
C SER H 174 -49.45 -16.48 -26.71
N GLY H 175 -50.67 -17.02 -26.82
CA GLY H 175 -50.83 -18.38 -27.29
C GLY H 175 -52.05 -18.57 -28.17
N SER H 176 -52.84 -19.58 -27.84
CA SER H 176 -54.04 -19.90 -28.60
C SER H 176 -55.23 -20.25 -27.71
N VAL H 177 -55.00 -20.24 -26.40
CA VAL H 177 -56.05 -20.55 -25.44
C VAL H 177 -57.15 -19.52 -25.59
N ARG H 178 -58.40 -19.99 -25.70
CA ARG H 178 -59.54 -19.09 -25.86
C ARG H 178 -60.65 -19.41 -24.88
N LEU H 179 -61.46 -18.40 -24.59
CA LEU H 179 -62.60 -18.55 -23.68
C LEU H 179 -63.77 -19.13 -24.47
N GLY H 180 -64.17 -20.34 -24.12
CA GLY H 180 -65.28 -20.98 -24.78
C GLY H 180 -66.60 -20.36 -24.42
N GLY H 181 -66.79 -20.08 -23.13
CA GLY H 181 -68.02 -19.47 -22.68
C GLY H 181 -68.16 -19.50 -21.18
N LEU H 182 -69.33 -19.05 -20.71
CA LEU H 182 -69.63 -19.00 -19.28
C LEU H 182 -70.68 -20.05 -18.97
N ILE H 183 -70.52 -20.72 -17.84
CA ILE H 183 -71.47 -21.75 -17.41
C ILE H 183 -72.08 -21.18 -16.15
N CYS H 184 -73.35 -20.81 -16.22
CA CYS H 184 -74.02 -20.24 -15.06
C CYS H 184 -74.55 -21.30 -14.13
N ASN H 185 -73.91 -21.47 -12.98
CA ASN H 185 -74.39 -22.43 -12.01
C ASN H 185 -75.33 -21.62 -11.15
N SER H 186 -76.62 -21.71 -11.48
CA SER H 186 -77.67 -20.98 -10.80
C SER H 186 -77.55 -20.95 -9.28
N ARG H 187 -77.74 -19.76 -8.72
CA ARG H 187 -77.70 -19.58 -7.28
C ARG H 187 -78.94 -18.75 -6.91
N ASN H 188 -79.98 -18.94 -7.73
CA ASN H 188 -81.29 -18.30 -7.57
C ASN H 188 -81.31 -16.79 -7.39
N THR H 189 -80.55 -16.06 -8.20
CA THR H 189 -80.53 -14.61 -8.13
C THR H 189 -81.66 -14.14 -9.04
N ASP H 190 -82.27 -13.01 -8.71
CA ASP H 190 -83.40 -12.47 -9.48
C ASP H 190 -83.39 -12.68 -10.99
N ARG H 191 -82.75 -11.76 -11.73
CA ARG H 191 -82.71 -11.91 -13.18
C ARG H 191 -81.42 -12.58 -13.63
N GLU H 192 -81.10 -13.69 -12.97
CA GLU H 192 -79.89 -14.47 -13.23
C GLU H 192 -79.58 -14.73 -14.69
N ASP H 193 -80.47 -15.40 -15.40
CA ASP H 193 -80.25 -15.71 -16.81
C ASP H 193 -79.91 -14.46 -17.64
N GLU H 194 -80.68 -13.40 -17.45
CA GLU H 194 -80.46 -12.15 -18.17
C GLU H 194 -79.09 -11.57 -17.85
N LEU H 195 -78.77 -11.51 -16.56
CA LEU H 195 -77.50 -10.99 -16.08
C LEU H 195 -76.31 -11.65 -16.75
N ILE H 196 -76.21 -12.96 -16.60
CA ILE H 196 -75.10 -13.71 -17.18
C ILE H 196 -75.03 -13.54 -18.69
N ILE H 197 -76.16 -13.64 -19.37
CA ILE H 197 -76.18 -13.47 -20.82
C ILE H 197 -75.64 -12.09 -21.17
N ALA H 198 -76.08 -11.08 -20.43
CA ALA H 198 -75.64 -9.70 -20.64
C ALA H 198 -74.13 -9.60 -20.53
N LEU H 199 -73.58 -10.18 -19.45
CA LEU H 199 -72.14 -10.17 -19.23
C LEU H 199 -71.42 -10.93 -20.34
N ALA H 200 -71.92 -12.13 -20.65
CA ALA H 200 -71.33 -12.97 -21.68
C ALA H 200 -71.17 -12.16 -22.97
N ASN H 201 -72.24 -11.50 -23.38
CA ASN H 201 -72.21 -10.68 -24.59
C ASN H 201 -71.17 -9.59 -24.45
N LYS H 202 -71.22 -8.86 -23.33
CA LYS H 202 -70.27 -7.78 -23.07
C LYS H 202 -68.83 -8.24 -23.20
N LEU H 203 -68.55 -9.46 -22.74
CA LEU H 203 -67.20 -10.03 -22.80
C LEU H 203 -66.87 -10.48 -24.22
N GLY H 204 -67.91 -10.83 -24.98
CA GLY H 204 -67.71 -11.28 -26.33
C GLY H 204 -67.84 -12.78 -26.45
N THR H 205 -68.40 -13.41 -25.42
CA THR H 205 -68.57 -14.86 -25.42
C THR H 205 -70.06 -15.22 -25.31
N GLN H 206 -70.35 -16.42 -24.83
CA GLN H 206 -71.72 -16.90 -24.72
C GLN H 206 -71.94 -17.54 -23.36
N MET H 207 -73.21 -17.81 -23.05
CA MET H 207 -73.56 -18.46 -21.80
C MET H 207 -73.85 -19.88 -22.24
N ILE H 208 -72.80 -20.70 -22.29
CA ILE H 208 -72.90 -22.10 -22.70
C ILE H 208 -74.11 -22.84 -22.13
N HIS H 209 -74.39 -22.62 -20.85
CA HIS H 209 -75.52 -23.29 -20.23
C HIS H 209 -75.90 -22.69 -18.89
N PHE H 210 -77.13 -22.94 -18.49
CA PHE H 210 -77.66 -22.47 -17.21
C PHE H 210 -77.96 -23.72 -16.38
N VAL H 211 -77.10 -24.01 -15.41
CA VAL H 211 -77.27 -25.17 -14.54
C VAL H 211 -78.18 -24.76 -13.38
N PRO H 212 -79.38 -25.35 -13.31
CA PRO H 212 -80.32 -25.02 -12.23
C PRO H 212 -79.79 -25.48 -10.87
N ARG H 213 -80.11 -24.74 -9.81
CA ARG H 213 -79.69 -25.13 -8.48
C ARG H 213 -80.67 -26.21 -8.02
N ASP H 214 -80.16 -27.41 -7.82
CA ASP H 214 -80.98 -28.53 -7.40
C ASP H 214 -80.27 -29.25 -6.26
N ASN H 215 -80.94 -29.37 -5.12
CA ASN H 215 -80.36 -30.05 -3.97
C ASN H 215 -79.96 -31.49 -4.23
N VAL H 216 -80.35 -32.02 -5.39
CA VAL H 216 -80.00 -33.39 -5.76
C VAL H 216 -78.49 -33.46 -5.84
N VAL H 217 -77.89 -32.38 -6.36
CA VAL H 217 -76.45 -32.26 -6.50
C VAL H 217 -75.79 -32.55 -5.17
N GLN H 218 -76.34 -31.97 -4.10
CA GLN H 218 -75.82 -32.16 -2.76
C GLN H 218 -76.06 -33.59 -2.29
N ARG H 219 -77.28 -34.09 -2.45
CA ARG H 219 -77.63 -35.45 -2.04
C ARG H 219 -76.68 -36.48 -2.65
N ALA H 220 -76.33 -36.27 -3.91
CA ALA H 220 -75.41 -37.16 -4.63
C ALA H 220 -74.00 -36.93 -4.09
N GLU H 221 -73.66 -35.65 -3.92
CA GLU H 221 -72.37 -35.23 -3.41
C GLU H 221 -72.08 -35.94 -2.08
N ILE H 222 -73.07 -35.95 -1.19
CA ILE H 222 -72.95 -36.59 0.12
C ILE H 222 -72.53 -38.05 -0.08
N ARG H 223 -73.19 -38.74 -1.00
CA ARG H 223 -72.88 -40.14 -1.25
C ARG H 223 -71.68 -40.36 -2.19
N ARG H 224 -70.74 -39.41 -2.15
CA ARG H 224 -69.51 -39.46 -2.95
C ARG H 224 -69.67 -39.66 -4.44
N MET H 225 -70.78 -39.22 -5.03
CA MET H 225 -70.95 -39.41 -6.46
C MET H 225 -71.70 -38.34 -7.23
N THR H 226 -71.50 -38.37 -8.55
CA THR H 226 -72.13 -37.43 -9.47
C THR H 226 -73.61 -37.74 -9.61
N VAL H 227 -74.42 -36.72 -9.87
CA VAL H 227 -75.87 -36.88 -10.04
C VAL H 227 -76.19 -37.96 -11.06
N ILE H 228 -75.39 -38.04 -12.11
CA ILE H 228 -75.59 -39.05 -13.15
C ILE H 228 -75.59 -40.45 -12.54
N GLU H 229 -74.54 -40.75 -11.78
CA GLU H 229 -74.40 -42.06 -11.14
C GLU H 229 -75.45 -42.28 -10.05
N TYR H 230 -75.71 -41.24 -9.27
CA TYR H 230 -76.66 -41.31 -8.17
C TYR H 230 -78.12 -41.48 -8.60
N ASP H 231 -78.50 -40.81 -9.69
CA ASP H 231 -79.87 -40.88 -10.19
C ASP H 231 -79.90 -40.43 -11.65
N PRO H 232 -79.66 -41.37 -12.58
CA PRO H 232 -79.65 -41.08 -14.02
C PRO H 232 -80.97 -40.48 -14.51
N LYS H 233 -82.07 -40.79 -13.81
CA LYS H 233 -83.38 -40.29 -14.19
C LYS H 233 -83.71 -38.93 -13.58
N ALA H 234 -82.79 -38.41 -12.77
CA ALA H 234 -82.99 -37.11 -12.12
C ALA H 234 -82.97 -36.00 -13.15
N LYS H 235 -83.88 -35.05 -13.01
CA LYS H 235 -83.95 -33.93 -13.96
C LYS H 235 -82.60 -33.24 -14.12
N GLN H 236 -81.92 -33.02 -13.00
CA GLN H 236 -80.60 -32.37 -13.00
C GLN H 236 -79.60 -33.14 -13.86
N ALA H 237 -79.71 -34.46 -13.88
CA ALA H 237 -78.81 -35.29 -14.68
C ALA H 237 -78.92 -34.88 -16.15
N ASP H 238 -80.14 -34.76 -16.65
CA ASP H 238 -80.35 -34.35 -18.04
C ASP H 238 -79.73 -32.97 -18.28
N GLU H 239 -79.80 -32.11 -17.27
CA GLU H 239 -79.22 -30.77 -17.37
C GLU H 239 -77.71 -30.86 -17.61
N TYR H 240 -77.05 -31.75 -16.87
CA TYR H 240 -75.61 -31.94 -17.02
C TYR H 240 -75.30 -32.56 -18.37
N ARG H 241 -76.13 -33.52 -18.80
CA ARG H 241 -75.95 -34.16 -20.10
C ARG H 241 -76.05 -33.11 -21.19
N ALA H 242 -76.96 -32.15 -20.98
CA ALA H 242 -77.16 -31.06 -21.94
C ALA H 242 -75.88 -30.24 -22.01
N LEU H 243 -75.39 -29.81 -20.85
CA LEU H 243 -74.17 -29.03 -20.77
C LEU H 243 -73.02 -29.76 -21.47
N ALA H 244 -72.92 -31.07 -21.23
CA ALA H 244 -71.89 -31.89 -21.85
C ALA H 244 -71.95 -31.75 -23.36
N ARG H 245 -73.13 -31.99 -23.93
CA ARG H 245 -73.31 -31.86 -25.38
C ARG H 245 -72.90 -30.47 -25.83
N LYS H 246 -73.35 -29.45 -25.09
CA LYS H 246 -73.03 -28.06 -25.41
C LYS H 246 -71.52 -27.87 -25.54
N VAL H 247 -70.77 -28.36 -24.56
CA VAL H 247 -69.31 -28.25 -24.56
C VAL H 247 -68.71 -29.01 -25.75
N VAL H 248 -69.22 -30.20 -26.00
CA VAL H 248 -68.74 -31.04 -27.10
C VAL H 248 -68.97 -30.36 -28.45
N ASP H 249 -70.12 -29.72 -28.60
CA ASP H 249 -70.47 -29.06 -29.84
C ASP H 249 -69.99 -27.61 -29.92
N ASN H 250 -69.46 -27.09 -28.83
CA ASN H 250 -69.00 -25.70 -28.83
C ASN H 250 -67.85 -25.45 -29.80
N LYS H 251 -68.03 -24.45 -30.66
CA LYS H 251 -67.02 -24.07 -31.64
C LYS H 251 -66.64 -22.61 -31.41
N LEU H 252 -67.35 -21.96 -30.48
CA LEU H 252 -67.10 -20.56 -30.15
C LEU H 252 -65.98 -20.40 -29.12
N LEU H 253 -64.82 -19.93 -29.60
CA LEU H 253 -63.66 -19.69 -28.76
C LEU H 253 -63.20 -18.27 -29.04
N VAL H 254 -63.22 -17.41 -28.03
CA VAL H 254 -62.83 -16.01 -28.22
C VAL H 254 -61.84 -15.52 -27.19
N ILE H 255 -61.29 -14.33 -27.45
CA ILE H 255 -60.37 -13.70 -26.53
C ILE H 255 -61.28 -12.76 -25.74
N PRO H 256 -61.37 -12.97 -24.42
CA PRO H 256 -62.21 -12.16 -23.53
C PRO H 256 -62.01 -10.68 -23.74
N ASN H 257 -63.12 -9.95 -23.79
CA ASN H 257 -63.07 -8.51 -23.96
C ASN H 257 -63.66 -7.93 -22.67
N PRO H 258 -62.83 -7.79 -21.62
CA PRO H 258 -63.22 -7.25 -20.31
C PRO H 258 -63.84 -5.86 -20.32
N ILE H 259 -64.58 -5.58 -19.26
CA ILE H 259 -65.25 -4.29 -19.10
C ILE H 259 -64.74 -3.61 -17.84
N THR H 260 -64.91 -2.30 -17.77
CA THR H 260 -64.47 -1.54 -16.61
C THR H 260 -65.41 -1.79 -15.44
N MET H 261 -64.95 -1.52 -14.24
CA MET H 261 -65.78 -1.70 -13.04
C MET H 261 -67.07 -0.93 -13.18
N ASP H 262 -66.99 0.32 -13.67
CA ASP H 262 -68.16 1.16 -13.86
C ASP H 262 -69.15 0.49 -14.81
N GLU H 263 -68.62 -0.08 -15.90
CA GLU H 263 -69.46 -0.76 -16.88
C GLU H 263 -70.19 -1.93 -16.21
N LEU H 264 -69.50 -2.64 -15.32
CA LEU H 264 -70.10 -3.77 -14.62
C LEU H 264 -71.27 -3.27 -13.77
N GLU H 265 -71.03 -2.23 -12.97
CA GLU H 265 -72.06 -1.65 -12.11
C GLU H 265 -73.29 -1.31 -12.97
N GLU H 266 -73.04 -0.61 -14.06
CA GLU H 266 -74.08 -0.21 -15.00
C GLU H 266 -74.90 -1.41 -15.44
N LEU H 267 -74.21 -2.50 -15.79
CA LEU H 267 -74.85 -3.73 -16.23
C LEU H 267 -75.73 -4.30 -15.12
N LEU H 268 -75.20 -4.32 -13.89
CA LEU H 268 -75.93 -4.84 -12.75
C LEU H 268 -77.23 -4.08 -12.51
N MET H 269 -77.17 -2.76 -12.59
CA MET H 269 -78.34 -1.91 -12.39
C MET H 269 -79.43 -2.17 -13.43
N GLU H 270 -79.03 -2.31 -14.69
CA GLU H 270 -79.99 -2.53 -15.77
C GLU H 270 -80.58 -3.93 -15.83
N PHE H 271 -79.77 -4.95 -15.56
CA PHE H 271 -80.25 -6.34 -15.62
C PHE H 271 -80.45 -7.05 -14.29
N GLY H 272 -80.18 -6.36 -13.18
CA GLY H 272 -80.32 -7.00 -11.88
C GLY H 272 -81.43 -6.54 -10.95
N ILE H 273 -82.35 -5.71 -11.43
CA ILE H 273 -83.44 -5.22 -10.59
C ILE H 273 -84.79 -5.61 -11.18
N MET H 274 -85.79 -5.77 -10.31
CA MET H 274 -87.16 -6.17 -10.67
C MET H 274 -87.28 -7.68 -10.85
C1 HCA I . 21.50 23.90 -2.75
C2 HCA I . 20.32 23.42 -3.57
C3 HCA I . 19.00 24.12 -3.28
C4 HCA I . 18.51 23.71 -1.89
C5 HCA I . 17.26 24.48 -1.53
C6 HCA I . 16.33 23.72 -0.60
C7 HCA I . 17.96 23.73 -4.34
O1 HCA I . 21.89 25.15 -2.75
O2 HCA I . 22.39 23.03 -2.36
O3 HCA I . 15.20 23.24 -1.05
O4 HCA I . 16.39 24.07 0.65
O5 HCA I . 17.55 24.74 -5.29
O6 HCA I . 17.50 22.62 -4.41
O7 HCA I . 19.27 25.52 -3.30
FE1 CFM J . 20.87 31.31 -9.14
FE2 CFM J . 21.35 29.63 -7.18
FE3 CFM J . 19.61 29.13 -8.97
FE4 CFM J . 19.14 31.01 -7.25
FE5 CFM J . 18.32 29.23 -5.74
FE6 CFM J . 20.47 27.94 -5.62
FE7 CFM J . 18.63 27.42 -7.42
MO1 CFM J . 18.28 26.73 -4.83
S1A CFM J . 21.20 31.93 -6.92
S4A CFM J . 18.63 31.13 -9.50
S3A CFM J . 17.53 31.37 -5.70
S2A CFM J . 21.81 29.25 -9.40
S1B CFM J . 19.37 28.56 -3.76
S2B CFM J . 22.65 28.44 -5.73
S3B CFM J . 19.80 25.82 -6.28
S4B CFM J . 16.72 27.69 -6.28
S5 CFM J . 18.47 27.30 -9.69
CA CA K . -7.03 -16.74 7.38
FE1 CLF L . 30.12 19.05 3.89
FE2 CLF L . 32.29 19.99 2.90
FE3 CLF L . 29.98 20.35 1.55
FE4 CLF L . 30.94 17.99 1.69
S1 CLF L . 32.00 17.82 3.71
S2A CLF L . 30.55 21.28 3.54
S4A CLF L . 31.98 19.74 0.66
S3A CLF L . 28.74 18.48 2.13
FE5 CLF L . 30.35 15.02 2.81
FE6 CLF L . 32.01 14.68 4.89
FE7 CLF L . 29.41 13.80 4.94
FE8 CLF L . 30.32 16.37 4.97
S2B CLF L . 31.10 13.02 3.57
S3B CLF L . 30.56 14.81 6.62
S4B CLF L . 28.42 15.63 3.89
C1 HCA M . -20.22 -24.02 -7.20
C2 HCA M . -18.86 -23.56 -7.72
C3 HCA M . -17.66 -24.24 -7.06
C4 HCA M . -17.52 -23.77 -5.61
C5 HCA M . -16.41 -24.52 -4.92
C6 HCA M . -15.76 -23.72 -3.82
C7 HCA M . -16.37 -23.90 -7.85
O1 HCA M . -20.60 -25.27 -7.24
O2 HCA M . -21.18 -23.15 -7.09
O3 HCA M . -14.54 -23.27 -3.97
O4 HCA M . -16.13 -24.03 -2.62
O5 HCA M . -15.74 -24.93 -8.62
O6 HCA M . -15.93 -22.78 -7.84
O7 HCA M . -17.91 -25.66 -7.10
FE1 CFM N . -18.02 -31.67 -12.94
FE2 CFM N . -18.98 -29.92 -11.23
FE3 CFM N . -16.80 -29.46 -12.52
FE4 CFM N . -16.81 -31.24 -10.70
FE5 CFM N . -16.41 -29.41 -9.08
FE6 CFM N . -18.49 -28.15 -9.56
FE7 CFM N . -16.27 -27.71 -10.86
MO1 CFM N . -16.57 -26.93 -8.24
S1A CFM N . -18.89 -32.18 -10.87
S4A CFM N . -15.74 -31.49 -12.71
S3A CFM N . -15.64 -31.56 -8.77
S2A CFM N . -18.86 -29.63 -13.50
S1B CFM N . -17.90 -28.70 -7.45
S2B CFM N . -20.60 -28.69 -10.22
S3B CFM N . -17.70 -26.07 -10.10
S4B CFM N . -14.68 -27.90 -9.24
S5 CFM N . -15.54 -27.66 -13.02
CA CA O . 5.00 17.12 8.25
FE1 CLF P . -30.20 -18.97 -3.13
FE2 CLF P . -32.07 -19.96 -4.59
FE3 CLF P . -29.48 -20.38 -5.33
FE4 CLF P . -30.44 -18.01 -5.49
S1 CLF P . -31.97 -17.76 -3.82
S2A CLF P . -30.53 -21.23 -3.49
S4A CLF P . -31.22 -19.81 -6.70
S3A CLF P . -28.43 -18.47 -4.49
FE5 CLF P . -30.18 -15.03 -4.39
FE6 CLF P . -32.26 -14.63 -2.86
FE7 CLF P . -29.78 -13.69 -2.16
FE8 CLF P . -30.67 -16.30 -2.28
S2B CLF P . -31.08 -12.99 -3.93
S3B CLF P . -31.29 -14.66 -0.78
S4B CLF P . -28.56 -15.57 -2.85
MG MG Q . 60.98 11.92 15.24
AL ALF R . 62.10 14.85 14.11
F1 ALF R . 61.97 16.40 15.06
F2 ALF R . 62.23 13.35 13.13
F3 ALF R . 62.36 15.82 12.61
F4 ALF R . 61.86 13.85 15.62
PB ADP S . 64.52 14.65 15.77
O1B ADP S . 63.71 14.11 14.66
O2B ADP S . 64.16 14.10 17.06
O3B ADP S . 64.16 16.04 16.14
PA ADP S . 66.70 13.25 15.66
O1A ADP S . 66.40 12.66 16.98
O2A ADP S . 66.31 12.30 14.58
O3A ADP S . 65.98 14.55 15.54
O5' ADP S . 68.28 13.49 15.65
C5' ADP S . 68.84 14.09 14.48
C4' ADP S . 70.39 14.06 14.34
O4' ADP S . 71.00 14.75 15.49
C3' ADP S . 70.95 12.60 14.34
O3' ADP S . 72.29 12.42 13.88
C2' ADP S . 71.12 12.58 15.86
O2' ADP S . 71.87 11.42 16.26
C1' ADP S . 71.94 13.84 16.08
N9 ADP S . 72.15 14.01 17.55
C8 ADP S . 71.19 14.10 18.52
N7 ADP S . 71.66 14.35 19.70
C5 ADP S . 73.04 14.43 19.53
C6 ADP S . 74.09 14.67 20.43
N6 ADP S . 73.90 14.95 21.72
N1 ADP S . 75.35 14.65 19.95
C2 ADP S . 75.51 14.41 18.67
N3 ADP S . 74.61 14.18 17.70
C4 ADP S . 73.35 14.21 18.22
MG MG T . 61.42 26.72 8.33
AL ALF U . 62.33 23.97 10.07
F1 ALF U . 63.05 22.49 9.27
F2 ALF U . 61.63 25.41 10.87
F3 ALF U . 61.94 23.00 11.51
F4 ALF U . 62.74 25.00 8.60
FE1 SF4 V . 46.50 18.96 7.53
FE2 SF4 V . 47.88 17.92 9.21
FE3 SF4 V . 46.72 16.54 7.61
FE4 SF4 V . 48.57 17.92 6.89
S1 SF4 V . 48.86 16.14 8.24
S2 SF4 V . 46.68 17.68 5.69
S3 SF4 V . 48.52 19.80 8.13
S4 SF4 V . 45.66 17.72 9.18
PB ADP W . 65.18 24.74 9.91
O1B ADP W . 63.83 25.05 10.39
O2B ADP W . 65.45 25.26 8.59
O3B ADP W . 65.34 23.33 9.48
PA ADP W . 66.65 26.52 11.07
O1A ADP W . 66.97 27.14 9.78
O2A ADP W . 65.57 27.32 11.70
O3A ADP W . 66.25 25.11 10.85
O5' ADP W . 68.01 26.59 11.93
C5' ADP W . 67.98 26.06 13.23
C4' ADP W . 69.16 26.38 14.17
O4' ADP W . 70.41 25.88 13.56
C3' ADP W . 69.34 27.92 14.39
O3' ADP W . 70.18 28.33 15.48
C2' ADP W . 70.29 28.05 13.20
O2' ADP W . 70.88 29.35 13.18
C1' ADP W . 71.32 27.00 13.51
N9 ADP W . 72.30 26.95 12.38
C8 ADP W . 72.03 26.73 11.05
N7 ADP W . 73.10 26.64 10.30
C5 ADP W . 74.16 26.84 11.18
C6 ADP W . 75.55 26.85 10.99
N6 ADP W . 76.14 26.62 9.81
N1 ADP W . 76.33 27.09 12.06
C2 ADP W . 75.74 27.29 13.23
N3 ADP W . 74.46 27.27 13.56
C4 ADP W . 73.69 27.04 12.46
MG MG X . -62.87 -11.79 -0.34
AL ALF Y . -63.70 -14.75 -1.67
F1 ALF Y . -63.81 -16.27 -0.68
F2 ALF Y . -63.55 -13.27 -2.68
F3 ALF Y . -63.56 -15.73 -3.15
F4 ALF Y . -63.84 -13.70 -0.16
FE1 SF4 Z . -47.02 -18.90 -4.01
FE2 SF4 Z . -48.74 -17.83 -2.77
FE3 SF4 Z . -47.21 -16.48 -4.04
FE4 SF4 Z . -48.85 -17.88 -5.17
S1 SF4 Z . -49.44 -16.06 -3.97
S2 SF4 Z . -46.73 -17.68 -5.86
S3 SF4 Z . -49.13 -19.72 -3.92
S4 SF4 Z . -46.58 -17.65 -2.24
PB ADP AA . -66.43 -14.53 -0.64
O1B ADP AA . -65.37 -14.00 -1.53
O2B ADP AA . -66.40 -13.95 0.68
O3B ADP AA . -66.18 -15.90 -0.16
PA ADP AA . -68.53 -13.13 -1.32
O1A ADP AA . -68.57 -12.50 0.01
O2A ADP AA . -67.88 -12.19 -2.27
O3A ADP AA . -67.80 -14.43 -1.23
O5' ADP AA . -70.06 -13.38 -1.74
C5' ADP AA . -70.32 -14.00 -2.99
C4' ADP AA . -71.77 -13.98 -3.51
O4' ADP AA . -72.65 -14.66 -2.53
C3' ADP AA . -72.31 -12.54 -3.67
O3' ADP AA . -73.50 -12.36 -4.46
C2' ADP AA . -72.87 -12.49 -2.26
O2' ADP AA . -73.69 -11.32 -2.08
C1' ADP AA . -73.70 -13.74 -2.22
N9 ADP AA . -74.28 -13.87 -0.84
C8 ADP AA . -73.59 -13.94 0.34
N7 ADP AA . -74.33 -14.17 1.38
C5 ADP AA . -75.62 -14.26 0.87
C6 ADP AA . -76.87 -14.49 1.48
N6 ADP AA . -77.02 -14.74 2.79
N1 ADP AA . -77.96 -14.48 0.70
C2 ADP AA . -77.80 -14.27 -0.60
N3 ADP AA . -76.69 -14.06 -1.31
C4 ADP AA . -75.61 -14.06 -0.49
MG MG BA . -61.72 -26.72 -6.79
AL ALF CA . -63.02 -23.96 -5.41
F1 ALF CA . -63.49 -22.51 -6.38
F2 ALF CA . -62.54 -25.38 -4.42
F3 ALF CA . -63.00 -22.96 -3.93
F4 ALF CA . -63.03 -25.02 -6.90
PB ADP DA . -65.73 -24.74 -6.25
O1B ADP DA . -64.54 -25.03 -5.43
O2B ADP DA . -65.66 -25.29 -7.59
O3B ADP DA . -65.79 -23.33 -6.74
PA ADP DA . -67.45 -26.50 -5.47
O1A ADP DA . -67.45 -27.15 -6.80
O2A ADP DA . -66.56 -27.29 -4.56
O3A ADP DA . -67.01 -25.10 -5.59
O5' ADP DA . -68.98 -26.56 -4.96
C5' ADP DA . -69.27 -26.00 -3.69
C4' ADP DA . -70.64 -26.31 -3.08
O4' ADP DA . -71.69 -25.82 -4.00
C3' ADP DA . -70.88 -27.84 -2.89
O3' ADP DA . -71.97 -28.25 -2.02
C2' ADP DA . -71.50 -28.00 -4.27
O2' ADP DA . -72.08 -29.30 -4.40
C1' ADP DA . -72.57 -26.95 -4.25
N9 ADP DA . -73.24 -26.94 -5.58
C8 ADP DA . -72.65 -26.74 -6.81
N7 ADP DA . -73.50 -26.67 -7.80
C5 ADP DA . -74.74 -26.84 -7.21
C6 ADP DA . -76.04 -26.86 -7.74
N6 ADP DA . -76.31 -26.66 -9.03
N1 ADP DA . -77.04 -27.10 -6.89
C2 ADP DA . -76.78 -27.26 -5.61
N3 ADP DA . -75.62 -27.24 -4.98
C4 ADP DA . -74.61 -27.03 -5.86
#